data_7WGX
#
_entry.id   7WGX
#
_cell.length_a   1.00
_cell.length_b   1.00
_cell.length_c   1.00
_cell.angle_alpha   90.00
_cell.angle_beta   90.00
_cell.angle_gamma   90.00
#
_symmetry.space_group_name_H-M   'P 1'
#
loop_
_entity.id
_entity.type
_entity.pdbx_description
1 polymer 'Spike glycoprotein'
2 branched 2-acetamido-2-deoxy-beta-D-glucopyranose-(1-4)-2-acetamido-2-deoxy-beta-D-glucopyranose
3 non-polymer 2-acetamido-2-deoxy-beta-D-glucopyranose
4 non-polymer '3-[5-[(Z)-(4-ethenyl-3-methyl-5-oxidanylidene-pyrrol-2-ylidene)methyl]-2-[[5-[(Z)-(3-ethenyl-4-methyl-5-oxidanylidene-pyrrol-2-ylidene)methyl]-3-(3-hydroxy-3-oxopropyl)-4-methyl-1H-pyrrol-2-yl]methyl]-4-methyl-1H-pyrrol-3-yl]propanoic acid'
#
_entity_poly.entity_id   1
_entity_poly.type   'polypeptide(L)'
_entity_poly.pdbx_seq_one_letter_code
;QCVNLTTRTQLPPAYTNSFTRGVYYPDKVFRSSVLHSTQDLFLPFFSNVTWFHAIHVSGTNGTKRFDNPVLPFNDGVYFA
STEKSNIIRGWIFGTTLDSKTQSLLIVNNATNVVIKVCEFQFCNDPFLGVYYHKNNKSWMESEFRVYSSANNCTFEYVSQ
PFLMDLEGKQGNFKNLREFVFKNIDGYFKIYSKHTPINLVRDLPQGFSALEPLVDLPIGINITRFQTLLALHRSYLTPGD
SSSGWTAGAAAYYVGYLQPRTFLLKYNENGTITDAVDCALDPLSETKCTLKSFTVEKGIYQTSNFRVQPTESIVRFPNIT
NLCPFGEVFNATRFASVYAWNRKRISNCVADYSVLYNSASFSTFKCYGVSPTKLNDLCFTNVYADSFVIRGDEVRQIAPG
QTGKIADYNYKLPDDFTGCVIAWNSNNLDSKVGGNYNYLYRLFRKSNLKPFERDISTEIYQAGSTPCNGVEGFNCYFPLQ
SYGFQPTNGVGYQPYRVVVLSFELLHAPATVCGPKKSTNLVKNKCVNFNFNGLTGTGVLTESNKKFLPFQQFGRDIADTT
DAVRDPQTLEILDITPCSFGGVSVITPGTNTSNQVAVLYQDVNCTEVPVAIHADQLTPTWRVYSTGSNVFQTRAGCLIGA
EHVNNSYECDIPIGAGICASYQTQTNSRSVASQSIIAYTMSLGAENSVAYSNNSIAIPTNFTISVTTEILPVSMTKTSVD
CTMYICGDSTECSNLLLQYGSFCTQLNRALTGIAVEQDKNTQEVFAQVKQIYKTPPIKDFGGFNFSQILPDPSKPSKRSF
IEDLLFNKVTLADAGFIKQYGDCLGDIAARDLICAQKFNGLTVLPPLLTDEMIAQYTSALLAGTITSGWTFGAGAALQIP
FAMQMAYRFNGIGVTQNVLYENQKLIANQFNSAIGKIQDSLSSTASALGKLQDVVNQNAQALNTLVKQLSSNFGAISSVL
NDILSRLDKVEAEVQIDRLITGRLQSLQTYVTQQLIRAAEIRASANLAATKMSECVLGQSKRVDFCGKGYHLMSFPQSAP
HGVVFLHVTYVPAQEKNFTTAPAICHDGKAHFPREGVFVSNGTHWFVTQRNFYEPQIITTDNTFVSGNCDVVIGIVNNTV
YDPLQPELDSFKEELDKYFKNHTSPDVDLGDISGINASVVNIQKEIDRLNEVAKNLNESLIDLQELGKYEQYIKGSGREN
LYFQ
;
_entity_poly.pdbx_strand_id   A,B,C
#
# COMPACT_ATOMS: atom_id res chain seq x y z
N GLN A 1 61.33 35.43 20.17
CA GLN A 1 61.51 36.17 21.41
C GLN A 1 60.74 35.52 22.56
N CYS A 2 59.42 35.70 22.54
CA CYS A 2 58.49 35.15 23.54
C CYS A 2 58.73 35.73 24.92
N VAL A 3 57.73 35.62 25.79
CA VAL A 3 57.81 36.14 27.15
C VAL A 3 56.70 35.49 27.97
N ASN A 4 56.91 35.43 29.28
CA ASN A 4 55.92 34.89 30.22
C ASN A 4 55.29 36.05 30.97
N LEU A 5 53.97 36.13 30.92
CA LEU A 5 53.25 37.21 31.59
C LEU A 5 52.08 36.67 32.42
N PRO A 13 34.79 30.53 38.26
CA PRO A 13 34.30 30.67 36.89
C PRO A 13 32.96 31.39 36.81
N ALA A 14 32.63 31.91 35.64
CA ALA A 14 31.38 32.62 35.41
C ALA A 14 30.55 31.88 34.38
N TYR A 15 29.27 31.69 34.66
CA TYR A 15 28.38 30.96 33.79
C TYR A 15 27.25 31.86 33.30
N THR A 16 26.73 31.56 32.12
CA THR A 16 25.70 32.38 31.51
C THR A 16 24.75 31.47 30.73
N ASN A 17 23.50 31.91 30.62
CA ASN A 17 22.52 31.23 29.79
C ASN A 17 22.67 31.64 28.33
N SER A 18 22.43 30.70 27.42
CA SER A 18 22.42 30.98 25.99
C SER A 18 21.00 31.33 25.59
N PHE A 19 20.70 32.63 25.52
CA PHE A 19 19.34 33.11 25.28
C PHE A 19 18.99 32.91 23.81
N THR A 20 18.70 31.65 23.47
CA THR A 20 18.24 31.27 22.13
C THR A 20 19.22 31.68 21.04
N ARG A 21 20.51 31.70 21.36
CA ARG A 21 21.54 32.08 20.41
C ARG A 21 22.27 30.84 19.88
N GLY A 22 22.70 30.92 18.63
CA GLY A 22 23.43 29.83 18.01
C GLY A 22 22.83 29.37 16.69
N VAL A 23 21.94 30.16 16.13
CA VAL A 23 21.27 29.83 14.88
C VAL A 23 22.03 30.47 13.72
N TYR A 24 22.27 29.69 12.68
CA TYR A 24 22.95 30.17 11.48
C TYR A 24 22.29 29.55 10.26
N TYR A 25 22.55 30.14 9.10
CA TYR A 25 21.99 29.63 7.85
C TYR A 25 22.59 28.28 7.52
N PRO A 26 21.77 27.24 7.33
CA PRO A 26 22.33 25.90 7.13
C PRO A 26 22.86 25.68 5.72
N ASP A 27 22.26 26.33 4.72
CA ASP A 27 22.64 26.11 3.34
C ASP A 27 22.26 27.34 2.52
N LYS A 28 22.80 27.41 1.31
CA LYS A 28 22.70 28.61 0.47
C LYS A 28 21.57 28.45 -0.55
N VAL A 29 20.33 28.53 -0.05
CA VAL A 29 19.14 28.64 -0.88
C VAL A 29 18.25 29.71 -0.30
N PHE A 30 17.23 30.10 -1.06
CA PHE A 30 16.30 31.14 -0.67
C PHE A 30 14.95 30.52 -0.36
N ARG A 31 14.45 30.77 0.85
CA ARG A 31 13.13 30.33 1.27
C ARG A 31 12.41 31.48 1.95
N SER A 32 11.08 31.48 1.84
CA SER A 32 10.27 32.55 2.42
C SER A 32 8.96 31.97 2.92
N SER A 33 8.59 32.35 4.15
CA SER A 33 7.30 31.97 4.75
C SER A 33 7.14 30.45 4.84
N VAL A 34 8.24 29.73 4.98
CA VAL A 34 8.21 28.28 5.08
C VAL A 34 8.97 27.87 6.34
N LEU A 35 8.34 27.02 7.15
CA LEU A 35 8.98 26.46 8.34
C LEU A 35 9.78 25.24 7.92
N HIS A 36 11.07 25.22 8.26
CA HIS A 36 11.97 24.17 7.79
C HIS A 36 12.66 23.50 8.97
N SER A 37 12.79 22.18 8.88
CA SER A 37 13.47 21.39 9.91
C SER A 37 14.87 21.02 9.44
N THR A 38 15.84 21.17 10.34
CA THR A 38 17.24 20.90 10.04
C THR A 38 17.83 20.02 11.14
N GLN A 39 18.80 19.20 10.76
CA GLN A 39 19.51 18.31 11.67
C GLN A 39 20.99 18.61 11.55
N ASP A 40 21.55 19.33 12.52
CA ASP A 40 22.93 19.79 12.38
C ASP A 40 23.47 20.16 13.77
N LEU A 41 24.73 20.58 13.80
CA LEU A 41 25.36 20.98 15.05
C LEU A 41 24.95 22.39 15.40
N PHE A 42 24.26 22.55 16.54
CA PHE A 42 23.79 23.84 17.00
C PHE A 42 24.10 24.00 18.48
N LEU A 43 24.12 25.25 18.93
CA LEU A 43 24.24 25.53 20.34
C LEU A 43 22.88 25.35 21.01
N PRO A 44 22.77 24.50 22.04
CA PRO A 44 21.46 24.26 22.65
C PRO A 44 20.87 25.51 23.28
N PHE A 45 19.55 25.61 23.23
CA PHE A 45 18.87 26.74 23.85
C PHE A 45 19.05 26.70 25.37
N PHE A 46 19.31 27.87 25.94
CA PHE A 46 19.53 28.01 27.39
C PHE A 46 20.64 27.07 27.87
N SER A 47 21.75 27.09 27.13
CA SER A 47 22.90 26.26 27.47
C SER A 47 23.70 26.90 28.60
N ASN A 48 24.89 26.38 28.86
CA ASN A 48 25.72 26.80 29.99
C ASN A 48 27.04 27.31 29.42
N VAL A 49 27.07 28.58 29.02
CA VAL A 49 28.21 29.16 28.32
C VAL A 49 29.14 29.79 29.34
N THR A 50 30.45 29.58 29.16
CA THR A 50 31.44 30.05 30.11
C THR A 50 31.88 31.47 29.76
N TRP A 51 32.16 32.28 30.79
CA TRP A 51 32.33 33.71 30.63
C TRP A 51 33.67 34.14 31.21
N PHE A 52 34.47 34.84 30.40
CA PHE A 52 35.78 35.35 30.81
C PHE A 52 35.83 36.86 30.60
N HIS A 53 36.68 37.50 31.40
CA HIS A 53 36.87 38.96 31.38
C HIS A 53 38.30 39.29 30.97
N ALA A 54 38.47 40.48 30.40
CA ALA A 54 39.78 41.11 30.25
C ALA A 54 39.55 42.59 30.56
N ILE A 55 39.66 42.92 31.84
CA ILE A 55 39.32 44.26 32.32
C ILE A 55 40.36 44.74 33.33
N ARG A 65 41.22 40.31 36.61
CA ARG A 65 40.43 39.60 35.61
C ARG A 65 41.05 39.73 34.22
N PHE A 66 41.99 38.81 33.92
CA PHE A 66 42.64 38.80 32.62
C PHE A 66 43.13 37.37 32.38
N ASP A 67 42.44 36.66 31.48
CA ASP A 67 42.74 35.25 31.25
C ASP A 67 42.55 34.91 29.78
N ASN A 68 43.27 33.89 29.33
CA ASN A 68 43.14 33.32 28.00
C ASN A 68 43.66 31.88 27.99
N PRO A 69 43.02 30.97 28.73
CA PRO A 69 43.54 29.61 28.87
C PRO A 69 43.26 28.78 27.63
N VAL A 70 43.91 27.62 27.59
CA VAL A 70 43.73 26.66 26.51
C VAL A 70 42.42 25.92 26.72
N LEU A 71 41.49 26.06 25.78
CA LEU A 71 40.19 25.44 25.89
C LEU A 71 40.05 24.29 24.89
N PRO A 72 39.48 23.17 25.31
CA PRO A 72 39.33 22.03 24.39
C PRO A 72 38.40 22.37 23.23
N PHE A 73 38.64 21.71 22.09
CA PHE A 73 37.86 21.87 20.88
C PHE A 73 37.23 20.51 20.57
N ASN A 74 36.02 20.29 21.06
CA ASN A 74 35.42 18.96 20.96
C ASN A 74 34.80 18.73 19.58
N ASP A 75 33.73 19.46 19.26
CA ASP A 75 33.05 19.27 17.99
C ASP A 75 32.67 20.56 17.28
N GLY A 76 32.96 21.72 17.87
CA GLY A 76 32.55 22.99 17.28
C GLY A 76 32.35 24.02 18.37
N VAL A 77 32.75 25.26 18.13
CA VAL A 77 32.84 26.27 19.18
C VAL A 77 32.02 27.50 18.80
N TYR A 78 31.18 27.95 19.72
CA TYR A 78 30.51 29.24 19.61
C TYR A 78 31.23 30.23 20.51
N PHE A 79 31.71 31.33 19.92
CA PHE A 79 32.52 32.31 20.63
C PHE A 79 31.91 33.69 20.46
N ALA A 80 31.47 34.29 21.56
CA ALA A 80 30.91 35.63 21.54
C ALA A 80 31.86 36.57 22.26
N SER A 81 31.88 37.83 21.84
CA SER A 81 32.76 38.83 22.44
C SER A 81 32.05 40.17 22.52
N THR A 82 32.01 40.74 23.71
CA THR A 82 31.48 42.08 23.94
C THR A 82 32.65 43.00 24.24
N GLU A 83 32.82 44.03 23.43
CA GLU A 83 34.01 44.87 23.52
C GLU A 83 33.70 46.26 22.98
N LYS A 84 34.64 47.17 23.22
CA LYS A 84 34.56 48.56 22.79
C LYS A 84 35.74 48.99 21.92
N SER A 85 36.95 48.55 22.24
CA SER A 85 38.15 49.02 21.55
C SER A 85 38.99 47.85 21.06
N ASN A 86 38.35 46.78 20.60
CA ASN A 86 38.98 45.68 19.87
C ASN A 86 40.08 45.02 20.71
N ILE A 87 39.64 44.41 21.82
CA ILE A 87 40.57 43.64 22.66
C ILE A 87 40.88 42.29 22.02
N ILE A 88 39.86 41.58 21.56
CA ILE A 88 40.06 40.30 20.90
C ILE A 88 40.77 40.53 19.57
N ARG A 89 41.80 39.71 19.28
CA ARG A 89 42.57 39.88 18.06
C ARG A 89 42.63 38.64 17.18
N GLY A 90 42.44 37.44 17.72
CA GLY A 90 42.48 36.25 16.90
C GLY A 90 42.46 35.00 17.74
N TRP A 91 42.73 33.89 17.06
CA TRP A 91 42.70 32.57 17.69
C TRP A 91 43.81 31.68 17.14
N ILE A 92 44.16 30.67 17.93
CA ILE A 92 45.16 29.67 17.58
C ILE A 92 44.55 28.30 17.79
N PHE A 93 44.60 27.45 16.77
CA PHE A 93 44.03 26.11 16.82
C PHE A 93 45.12 25.08 16.57
N GLY A 94 45.01 23.94 17.25
CA GLY A 94 45.96 22.87 17.07
C GLY A 94 45.67 21.74 18.03
N THR A 95 46.54 20.72 17.98
CA THR A 95 46.43 19.57 18.86
C THR A 95 47.56 19.50 19.89
N THR A 96 48.70 20.12 19.63
CA THR A 96 49.80 20.18 20.58
C THR A 96 50.37 21.57 20.77
N LEU A 97 50.18 22.47 19.80
CA LEU A 97 50.61 23.88 19.90
C LEU A 97 52.12 24.00 20.06
N ASP A 98 52.86 23.23 19.26
CA ASP A 98 54.31 23.35 19.19
C ASP A 98 54.75 23.02 17.77
N SER A 99 56.07 23.00 17.56
CA SER A 99 56.62 22.74 16.23
C SER A 99 56.45 21.30 15.79
N LYS A 100 56.04 20.39 16.69
CA LYS A 100 55.93 18.99 16.33
C LYS A 100 54.71 18.73 15.44
N THR A 101 53.67 19.55 15.55
CA THR A 101 52.45 19.36 14.78
C THR A 101 52.05 20.67 14.12
N GLN A 102 51.35 20.56 12.99
CA GLN A 102 50.85 21.72 12.28
C GLN A 102 49.77 22.42 13.10
N SER A 103 49.74 23.75 13.01
CA SER A 103 48.79 24.55 13.76
C SER A 103 48.27 25.69 12.90
N LEU A 104 47.05 26.12 13.18
CA LEU A 104 46.38 27.18 12.44
C LEU A 104 46.33 28.44 13.28
N LEU A 105 46.61 29.58 12.66
CA LEU A 105 46.61 30.88 13.34
C LEU A 105 45.79 31.87 12.53
N ILE A 106 44.82 32.51 13.20
CA ILE A 106 44.05 33.60 12.60
C ILE A 106 44.29 34.83 13.47
N VAL A 107 44.71 35.93 12.84
CA VAL A 107 45.11 37.12 13.59
C VAL A 107 44.65 38.36 12.83
N ASN A 108 44.35 39.42 13.59
CA ASN A 108 43.96 40.73 13.06
C ASN A 108 44.91 41.75 13.67
N ASN A 109 45.95 42.15 12.93
CA ASN A 109 47.03 42.96 13.48
C ASN A 109 46.85 44.44 13.17
N ALA A 110 45.59 44.91 13.17
CA ALA A 110 45.21 46.32 13.15
C ALA A 110 45.39 46.95 11.77
N THR A 111 45.94 46.19 10.82
CA THR A 111 46.01 46.62 9.42
C THR A 111 45.65 45.54 8.43
N ASN A 112 45.76 44.26 8.79
CA ASN A 112 45.45 43.16 7.91
C ASN A 112 44.95 41.98 8.74
N VAL A 113 44.26 41.05 8.07
CA VAL A 113 43.87 39.78 8.66
C VAL A 113 44.72 38.70 8.02
N VAL A 114 45.33 37.86 8.86
CA VAL A 114 46.27 36.84 8.40
C VAL A 114 45.78 35.48 8.90
N ILE A 115 45.69 34.53 7.98
CA ILE A 115 45.35 33.15 8.29
C ILE A 115 46.47 32.27 7.78
N LYS A 116 47.14 31.55 8.68
CA LYS A 116 48.28 30.73 8.33
C LYS A 116 48.13 29.33 8.91
N VAL A 117 48.68 28.35 8.20
CA VAL A 117 48.72 26.97 8.66
C VAL A 117 50.18 26.54 8.64
N CYS A 118 50.83 26.59 9.80
CA CYS A 118 52.27 26.34 9.86
C CYS A 118 52.57 25.59 11.15
N GLU A 119 53.74 24.96 11.19
CA GLU A 119 54.22 24.29 12.40
C GLU A 119 54.84 25.35 13.33
N PHE A 120 53.97 26.20 13.86
CA PHE A 120 54.42 27.28 14.72
C PHE A 120 54.95 26.74 16.04
N GLN A 121 55.97 27.42 16.56
CA GLN A 121 56.44 27.19 17.93
C GLN A 121 55.90 28.33 18.79
N PHE A 122 54.66 28.17 19.23
CA PHE A 122 53.96 29.24 19.93
C PHE A 122 54.60 29.53 21.28
N CYS A 123 54.61 30.80 21.66
CA CYS A 123 55.08 31.20 22.97
C CYS A 123 54.12 30.72 24.05
N ASN A 124 54.63 30.65 25.28
CA ASN A 124 53.83 30.16 26.40
C ASN A 124 52.65 31.10 26.67
N ASP A 125 52.87 32.40 26.57
CA ASP A 125 51.84 33.42 26.82
C ASP A 125 51.76 34.36 25.64
N PRO A 126 51.08 33.96 24.57
CA PRO A 126 50.97 34.85 23.40
C PRO A 126 50.15 36.08 23.68
N PHE A 127 50.52 37.18 23.04
CA PHE A 127 49.81 38.44 23.16
C PHE A 127 50.28 39.38 22.06
N LEU A 128 49.51 40.45 21.83
CA LEU A 128 49.86 41.50 20.90
C LEU A 128 49.95 42.81 21.66
N GLY A 129 51.08 43.49 21.54
CA GLY A 129 51.33 44.69 22.33
C GLY A 129 50.88 45.95 21.61
N VAL A 130 50.16 46.80 22.35
CA VAL A 130 49.72 48.10 21.85
C VAL A 130 50.21 49.16 22.82
N TYR A 131 50.89 50.17 22.29
CA TYR A 131 51.42 51.25 23.13
C TYR A 131 50.36 52.32 23.37
N MET A 140 52.42 52.29 17.90
CA MET A 140 51.14 51.60 17.79
C MET A 140 51.31 50.13 18.16
N GLU A 141 51.07 49.25 17.19
CA GLU A 141 51.31 47.83 17.39
C GLU A 141 52.82 47.59 17.46
N SER A 142 53.32 47.23 18.64
CA SER A 142 54.75 47.19 18.89
C SER A 142 55.32 45.81 19.18
N GLU A 143 54.49 44.84 19.59
CA GLU A 143 54.97 43.53 19.99
C GLU A 143 54.21 42.44 19.26
N PHE A 144 54.93 41.37 18.92
CA PHE A 144 54.38 40.21 18.23
C PHE A 144 54.85 38.93 18.88
N ARG A 145 54.74 38.87 20.21
CA ARG A 145 55.17 37.71 20.99
C ARG A 145 54.09 36.62 20.90
N VAL A 146 53.97 36.05 19.70
CA VAL A 146 52.98 35.02 19.42
C VAL A 146 53.66 33.67 19.33
N TYR A 147 54.61 33.53 18.41
CA TYR A 147 55.33 32.29 18.19
C TYR A 147 56.83 32.55 18.13
N SER A 148 57.60 31.56 18.57
CA SER A 148 59.05 31.68 18.54
C SER A 148 59.58 31.55 17.11
N SER A 149 59.03 30.61 16.34
CA SER A 149 59.48 30.40 14.97
C SER A 149 58.33 29.86 14.14
N ALA A 150 58.45 30.02 12.82
CA ALA A 150 57.44 29.56 11.88
C ALA A 150 58.13 28.93 10.68
N ASN A 151 57.60 27.79 10.23
CA ASN A 151 58.16 27.07 9.10
C ASN A 151 57.12 26.08 8.60
N ASN A 152 57.43 25.45 7.45
CA ASN A 152 56.55 24.45 6.82
C ASN A 152 55.15 25.01 6.58
N CYS A 153 55.10 26.22 6.01
CA CYS A 153 53.83 26.91 5.80
C CYS A 153 53.18 26.43 4.51
N THR A 154 52.15 25.60 4.63
CA THR A 154 51.46 25.05 3.48
C THR A 154 50.24 25.87 3.06
N PHE A 155 49.86 26.88 3.82
CA PHE A 155 48.69 27.69 3.50
C PHE A 155 48.81 29.03 4.20
N GLU A 156 48.63 30.11 3.44
CA GLU A 156 48.70 31.46 3.99
C GLU A 156 47.80 32.37 3.18
N TYR A 157 47.01 33.19 3.88
CA TYR A 157 46.12 34.16 3.24
C TYR A 157 46.16 35.47 4.00
N VAL A 158 46.28 36.57 3.25
CA VAL A 158 46.26 37.91 3.80
C VAL A 158 45.33 38.77 2.97
N SER A 159 44.59 39.67 3.62
CA SER A 159 43.65 40.53 2.93
C SER A 159 44.29 41.88 2.62
N GLN A 160 43.52 42.75 1.97
CA GLN A 160 44.01 44.08 1.63
C GLN A 160 44.21 44.91 2.89
N PRO A 161 45.21 45.80 2.88
CA PRO A 161 45.46 46.63 4.07
C PRO A 161 44.29 47.57 4.35
N PHE A 162 44.09 47.87 5.62
CA PHE A 162 43.05 48.80 6.04
C PHE A 162 43.52 49.64 7.22
N PHE A 173 31.17 49.18 26.55
CA PHE A 173 30.62 48.12 25.70
C PHE A 173 29.74 48.69 24.61
N LYS A 174 30.17 48.54 23.36
CA LYS A 174 29.42 49.04 22.21
C LYS A 174 29.31 48.05 21.06
N ASN A 175 30.09 46.97 21.05
CA ASN A 175 30.05 46.01 19.96
C ASN A 175 29.99 44.59 20.51
N LEU A 176 29.23 43.73 19.84
CA LEU A 176 29.15 42.32 20.15
C LEU A 176 29.33 41.52 18.87
N ARG A 177 30.25 40.55 18.90
CA ARG A 177 30.58 39.75 17.74
C ARG A 177 30.44 38.28 18.09
N GLU A 178 29.73 37.53 17.23
CA GLU A 178 29.49 36.11 17.43
C GLU A 178 30.13 35.32 16.28
N PHE A 179 30.84 34.26 16.64
CA PHE A 179 31.51 33.40 15.67
C PHE A 179 31.19 31.95 15.96
N VAL A 180 31.08 31.17 14.90
CA VAL A 180 30.83 29.73 14.99
C VAL A 180 31.92 29.03 14.18
N PHE A 181 32.67 28.14 14.83
CA PHE A 181 33.74 27.39 14.20
C PHE A 181 33.36 25.92 14.16
N LYS A 182 33.45 25.32 12.97
CA LYS A 182 33.22 23.90 12.78
C LYS A 182 34.35 23.31 11.96
N ASN A 183 34.64 22.03 12.20
CA ASN A 183 35.69 21.30 11.49
C ASN A 183 35.10 20.00 10.97
N ILE A 184 34.81 19.94 9.67
CA ILE A 184 34.16 18.78 9.06
C ILE A 184 34.98 18.34 7.85
N ASP A 185 35.35 17.06 7.84
CA ASP A 185 36.14 16.41 6.79
C ASP A 185 37.25 17.33 6.26
N GLY A 186 38.07 17.81 7.19
CA GLY A 186 39.21 18.64 6.83
C GLY A 186 38.88 20.09 6.63
N TYR A 187 37.69 20.37 6.08
CA TYR A 187 37.25 21.73 5.87
C TYR A 187 36.97 22.41 7.21
N PHE A 188 37.30 23.70 7.28
CA PHE A 188 37.06 24.53 8.46
C PHE A 188 36.07 25.61 8.08
N LYS A 189 34.93 25.63 8.77
CA LYS A 189 33.84 26.55 8.46
C LYS A 189 33.72 27.58 9.55
N ILE A 190 33.71 28.86 9.17
CA ILE A 190 33.59 29.98 10.09
C ILE A 190 32.36 30.79 9.70
N TYR A 191 31.45 30.97 10.66
CA TYR A 191 30.28 31.81 10.52
C TYR A 191 30.42 33.01 11.46
N SER A 192 29.98 34.18 11.00
CA SER A 192 30.20 35.41 11.75
C SER A 192 28.95 36.27 11.77
N LYS A 193 28.82 37.07 12.83
CA LYS A 193 27.76 38.07 12.95
C LYS A 193 28.22 39.14 13.92
N HIS A 194 27.62 40.32 13.80
CA HIS A 194 28.01 41.46 14.62
C HIS A 194 26.80 42.36 14.84
N THR A 195 26.72 42.96 16.03
CA THR A 195 25.62 43.86 16.36
C THR A 195 26.05 44.81 17.46
N PRO A 196 25.56 46.05 17.45
CA PRO A 196 25.87 46.98 18.55
C PRO A 196 25.05 46.67 19.79
N ILE A 197 25.73 46.49 20.91
CA ILE A 197 25.08 46.21 22.20
C ILE A 197 25.71 47.13 23.24
N ASN A 198 24.86 47.82 24.01
CA ASN A 198 25.32 48.82 24.96
C ASN A 198 25.15 48.43 26.42
N LEU A 199 24.56 47.27 26.71
CA LEU A 199 24.41 46.84 28.09
C LEU A 199 25.76 46.38 28.65
N VAL A 200 25.82 46.23 29.97
CA VAL A 200 27.11 46.21 30.68
C VAL A 200 27.72 44.82 30.80
N ARG A 201 26.98 43.84 31.33
CA ARG A 201 27.60 42.59 31.77
C ARG A 201 27.12 41.37 30.99
N ASP A 202 25.81 41.10 30.97
CA ASP A 202 25.34 39.80 30.54
C ASP A 202 25.29 39.70 29.01
N LEU A 203 24.94 38.52 28.53
CA LEU A 203 24.68 38.33 27.10
C LEU A 203 23.28 38.85 26.78
N PRO A 204 23.13 39.77 25.84
CA PRO A 204 21.79 40.29 25.52
C PRO A 204 20.89 39.18 25.00
N GLN A 205 19.61 39.25 25.38
CA GLN A 205 18.61 38.30 24.94
C GLN A 205 17.97 38.78 23.65
N GLY A 206 17.93 37.90 22.66
CA GLY A 206 17.36 38.25 21.37
C GLY A 206 17.82 37.28 20.30
N PHE A 207 17.01 37.19 19.24
CA PHE A 207 17.31 36.29 18.15
C PHE A 207 18.45 36.83 17.30
N SER A 208 19.33 35.93 16.86
CA SER A 208 20.46 36.29 16.02
C SER A 208 20.77 35.14 15.09
N ALA A 209 20.84 35.42 13.79
CA ALA A 209 21.10 34.41 12.77
C ALA A 209 22.44 34.71 12.12
N LEU A 210 23.42 33.83 12.36
CA LEU A 210 24.74 34.00 11.77
C LEU A 210 24.70 33.61 10.29
N GLU A 211 25.73 34.05 9.57
CA GLU A 211 25.81 33.82 8.13
C GLU A 211 27.12 33.14 7.78
N PRO A 212 27.15 32.35 6.70
CA PRO A 212 28.39 31.67 6.30
C PRO A 212 29.44 32.68 5.85
N LEU A 213 30.58 32.68 6.53
CA LEU A 213 31.64 33.64 6.25
C LEU A 213 32.77 33.03 5.42
N VAL A 214 33.42 31.98 5.94
CA VAL A 214 34.63 31.45 5.33
C VAL A 214 34.63 29.93 5.38
N ASP A 215 35.11 29.30 4.32
CA ASP A 215 35.37 27.86 4.30
C ASP A 215 36.80 27.64 3.81
N LEU A 216 37.63 27.01 4.64
CA LEU A 216 39.04 26.84 4.32
C LEU A 216 39.42 25.36 4.27
N PRO A 217 40.23 24.95 3.29
CA PRO A 217 40.69 23.55 3.24
C PRO A 217 42.00 23.33 3.98
N ILE A 218 41.98 23.55 5.30
CA ILE A 218 43.19 23.40 6.10
C ILE A 218 43.57 21.92 6.21
N GLY A 219 42.60 21.05 6.47
CA GLY A 219 42.85 19.63 6.56
C GLY A 219 43.83 19.22 7.65
N ILE A 220 43.65 19.74 8.86
CA ILE A 220 44.55 19.47 9.98
C ILE A 220 43.74 18.92 11.14
N ASN A 221 44.47 18.48 12.17
CA ASN A 221 43.86 17.99 13.41
C ASN A 221 43.75 19.15 14.39
N ILE A 222 42.54 19.38 14.90
CA ILE A 222 42.28 20.44 15.86
C ILE A 222 41.57 19.84 17.07
N THR A 223 42.18 19.97 18.25
CA THR A 223 41.57 19.54 19.49
C THR A 223 41.60 20.57 20.60
N ARG A 224 42.49 21.57 20.53
CA ARG A 224 42.58 22.62 21.53
C ARG A 224 42.69 23.97 20.82
N PHE A 225 42.23 25.02 21.48
CA PHE A 225 42.30 26.36 20.91
C PHE A 225 42.53 27.38 22.02
N GLN A 226 43.13 28.50 21.64
CA GLN A 226 43.40 29.60 22.56
C GLN A 226 43.12 30.91 21.85
N THR A 227 42.72 31.91 22.62
CA THR A 227 42.36 33.22 22.08
C THR A 227 43.54 34.20 22.22
N LEU A 228 43.49 35.25 21.42
CA LEU A 228 44.54 36.26 21.38
C LEU A 228 44.00 37.58 21.89
N LEU A 229 44.69 38.16 22.87
CA LEU A 229 44.28 39.39 23.51
C LEU A 229 45.26 40.51 23.17
N ALA A 230 44.74 41.74 23.10
CA ALA A 230 45.55 42.92 22.81
C ALA A 230 45.93 43.58 24.13
N LEU A 231 47.16 43.35 24.57
CA LEU A 231 47.64 43.92 25.81
C LEU A 231 48.13 45.35 25.57
N HIS A 232 47.61 46.29 26.36
CA HIS A 232 47.90 47.70 26.21
C HIS A 232 48.88 48.14 27.30
N ARG A 233 49.91 48.87 26.90
CA ARG A 233 50.90 49.40 27.84
C ARG A 233 50.91 50.92 27.81
N GLY A 248 42.77 45.84 29.33
CA GLY A 248 41.59 45.75 28.48
C GLY A 248 40.32 46.16 29.19
N ALA A 249 39.21 46.20 28.45
CA ALA A 249 37.91 46.52 29.03
C ALA A 249 36.80 45.67 28.41
N ALA A 250 37.10 44.44 28.04
CA ALA A 250 36.17 43.62 27.26
C ALA A 250 35.85 42.31 27.99
N ALA A 251 34.95 41.54 27.39
CA ALA A 251 34.59 40.24 27.93
C ALA A 251 34.21 39.32 26.78
N TYR A 252 34.22 38.02 27.03
CA TYR A 252 33.84 37.07 26.00
C TYR A 252 33.26 35.81 26.63
N TYR A 253 32.60 35.02 25.78
CA TYR A 253 31.87 33.83 26.18
C TYR A 253 32.19 32.70 25.21
N VAL A 254 32.35 31.49 25.75
CA VAL A 254 32.70 30.32 24.97
C VAL A 254 31.72 29.20 25.28
N GLY A 255 31.21 28.55 24.24
CA GLY A 255 30.30 27.44 24.40
C GLY A 255 30.52 26.38 23.34
N TYR A 256 29.96 25.20 23.59
CA TYR A 256 30.18 24.03 22.76
C TYR A 256 28.88 23.65 22.04
N LEU A 257 29.01 23.37 20.74
CA LEU A 257 27.88 22.95 19.94
C LEU A 257 27.62 21.45 20.12
N GLN A 258 26.38 21.05 19.88
CA GLN A 258 25.97 19.66 19.96
C GLN A 258 25.00 19.35 18.82
N PRO A 259 24.90 18.10 18.40
CA PRO A 259 23.94 17.75 17.34
C PRO A 259 22.51 17.92 17.83
N ARG A 260 21.71 18.64 17.03
CA ARG A 260 20.35 18.98 17.41
C ARG A 260 19.48 19.09 16.17
N THR A 261 18.18 18.95 16.38
CA THR A 261 17.17 19.19 15.36
C THR A 261 16.50 20.53 15.67
N PHE A 262 16.53 21.43 14.69
CA PHE A 262 16.01 22.79 14.86
C PHE A 262 14.93 23.06 13.85
N LEU A 263 13.83 23.67 14.30
CA LEU A 263 12.75 24.09 13.41
C LEU A 263 12.83 25.61 13.27
N LEU A 264 13.13 26.08 12.06
CA LEU A 264 13.36 27.49 11.79
C LEU A 264 12.17 28.05 11.02
N LYS A 265 11.68 29.21 11.45
CA LYS A 265 10.58 29.90 10.80
C LYS A 265 11.15 31.02 9.94
N TYR A 266 10.89 30.96 8.64
CA TYR A 266 11.40 31.95 7.70
C TYR A 266 10.42 33.09 7.53
N ASN A 267 10.93 34.32 7.55
CA ASN A 267 10.11 35.49 7.39
C ASN A 267 9.64 35.64 5.93
N GLU A 268 8.75 36.61 5.70
CA GLU A 268 8.31 36.88 4.34
C GLU A 268 9.48 37.36 3.48
N ASN A 269 10.36 38.17 4.04
CA ASN A 269 11.61 38.54 3.40
C ASN A 269 12.68 37.50 3.72
N GLY A 270 13.81 37.60 3.03
CA GLY A 270 14.82 36.56 3.11
C GLY A 270 15.62 36.51 4.40
N THR A 271 14.98 36.15 5.51
CA THR A 271 15.67 36.00 6.78
C THR A 271 14.86 35.08 7.69
N ILE A 272 15.51 34.62 8.75
CA ILE A 272 14.89 33.77 9.76
C ILE A 272 14.54 34.64 10.95
N THR A 273 13.39 34.35 11.59
CA THR A 273 12.91 35.15 12.70
C THR A 273 12.73 34.37 14.00
N ASP A 274 12.62 33.04 13.95
CA ASP A 274 12.40 32.27 15.16
C ASP A 274 12.89 30.84 14.96
N ALA A 275 13.26 30.21 16.07
CA ALA A 275 13.76 28.84 16.05
C ALA A 275 13.21 28.07 17.25
N VAL A 276 13.05 26.76 17.06
CA VAL A 276 12.56 25.87 18.10
C VAL A 276 13.52 24.69 18.20
N ASP A 277 13.95 24.37 19.43
CA ASP A 277 14.79 23.22 19.70
C ASP A 277 13.90 22.06 20.12
N CYS A 278 13.95 20.96 19.39
CA CYS A 278 13.08 19.82 19.63
C CYS A 278 13.47 18.99 20.84
N ALA A 279 14.40 19.43 21.71
CA ALA A 279 14.79 18.65 22.87
C ALA A 279 14.90 19.50 24.13
N LEU A 280 14.47 20.77 24.09
CA LEU A 280 14.58 21.63 25.27
C LEU A 280 13.64 21.18 26.38
N ASP A 281 12.37 20.94 26.04
CA ASP A 281 11.36 20.58 27.01
C ASP A 281 10.22 19.88 26.29
N PRO A 282 9.33 19.18 27.01
CA PRO A 282 8.24 18.46 26.33
C PRO A 282 7.37 19.34 25.46
N LEU A 283 7.14 20.60 25.83
CA LEU A 283 6.34 21.48 24.99
C LEU A 283 7.00 21.69 23.63
N SER A 284 8.33 21.86 23.60
CA SER A 284 9.03 21.98 22.33
C SER A 284 8.94 20.69 21.53
N GLU A 285 8.95 19.53 22.20
CA GLU A 285 8.74 18.27 21.50
C GLU A 285 7.37 18.23 20.84
N THR A 286 6.34 18.68 21.56
CA THR A 286 4.99 18.73 20.99
C THR A 286 4.93 19.71 19.82
N LYS A 287 5.60 20.85 19.95
CA LYS A 287 5.62 21.84 18.87
C LYS A 287 6.28 21.26 17.62
N CYS A 288 7.41 20.56 17.79
CA CYS A 288 8.08 19.93 16.67
C CYS A 288 7.22 18.83 16.04
N THR A 289 6.55 18.04 16.88
CA THR A 289 5.68 16.98 16.37
C THR A 289 4.53 17.56 15.55
N LEU A 290 3.91 18.63 16.05
CA LEU A 290 2.85 19.31 15.31
C LEU A 290 3.41 20.20 14.20
N LYS A 291 4.72 20.45 14.20
CA LYS A 291 5.38 21.29 13.20
C LYS A 291 4.73 22.67 13.13
N SER A 292 4.48 23.25 14.29
CA SER A 292 3.92 24.59 14.39
C SER A 292 4.42 25.25 15.66
N PHE A 293 4.40 26.58 15.67
CA PHE A 293 4.88 27.35 16.82
C PHE A 293 3.80 27.57 17.88
N THR A 294 2.55 27.22 17.59
CA THR A 294 1.45 27.37 18.53
C THR A 294 0.74 26.04 18.70
N VAL A 295 0.34 25.75 19.93
CA VAL A 295 -0.30 24.48 20.27
C VAL A 295 -1.64 24.77 20.93
N GLU A 296 -2.70 24.14 20.44
CA GLU A 296 -4.03 24.31 21.00
C GLU A 296 -4.19 23.45 22.25
N LYS A 297 -5.27 23.72 22.99
CA LYS A 297 -5.52 23.01 24.24
C LYS A 297 -5.80 21.53 23.98
N GLY A 298 -5.16 20.67 24.77
CA GLY A 298 -5.45 19.26 24.70
C GLY A 298 -4.29 18.42 25.25
N ILE A 299 -4.23 17.19 24.74
CA ILE A 299 -3.22 16.20 25.09
C ILE A 299 -2.58 15.68 23.81
N TYR A 300 -1.26 15.50 23.83
CA TYR A 300 -0.54 14.99 22.67
C TYR A 300 0.48 13.95 23.09
N GLN A 301 0.81 13.07 22.15
CA GLN A 301 1.79 12.02 22.37
C GLN A 301 3.17 12.46 21.90
N THR A 302 4.20 11.91 22.54
CA THR A 302 5.58 12.21 22.18
C THR A 302 6.40 10.93 22.01
N SER A 303 7.70 11.06 21.83
CA SER A 303 8.55 9.92 21.58
C SER A 303 8.75 9.10 22.86
N ASN A 304 9.28 7.89 22.69
CA ASN A 304 9.51 6.98 23.79
C ASN A 304 10.63 7.49 24.70
N PHE A 305 10.63 7.00 25.94
CA PHE A 305 11.69 7.35 26.87
C PHE A 305 13.01 6.75 26.41
N ARG A 306 14.10 7.48 26.64
CA ARG A 306 15.38 7.18 26.00
C ARG A 306 16.19 6.12 26.75
N VAL A 307 16.54 6.40 28.01
CA VAL A 307 17.45 5.56 28.79
C VAL A 307 18.77 5.41 28.05
N GLN A 308 19.62 6.44 28.11
CA GLN A 308 20.90 6.38 27.42
C GLN A 308 21.84 5.42 28.14
N PRO A 309 22.61 4.61 27.40
CA PRO A 309 23.52 3.66 28.07
C PRO A 309 24.72 4.33 28.71
N THR A 310 25.36 5.27 28.01
CA THR A 310 26.49 6.05 28.53
C THR A 310 27.65 5.15 28.95
N GLU A 311 27.81 3.99 28.31
CA GLU A 311 28.92 3.10 28.62
C GLU A 311 29.11 2.12 27.47
N SER A 312 30.37 1.82 27.17
CA SER A 312 30.74 0.88 26.11
C SER A 312 31.51 -0.29 26.72
N ILE A 313 31.10 -1.50 26.39
CA ILE A 313 31.73 -2.72 26.92
C ILE A 313 32.11 -3.60 25.74
N VAL A 314 33.32 -4.15 25.79
CA VAL A 314 33.83 -5.03 24.74
C VAL A 314 34.22 -6.37 25.38
N ARG A 315 33.72 -7.46 24.80
CA ARG A 315 34.03 -8.81 25.28
C ARG A 315 34.54 -9.63 24.10
N PHE A 316 35.80 -10.06 24.19
CA PHE A 316 36.43 -10.89 23.18
C PHE A 316 37.16 -12.06 23.84
N PRO A 317 37.28 -13.18 23.13
CA PRO A 317 38.10 -14.29 23.67
C PRO A 317 39.54 -13.86 23.84
N ASN A 318 40.17 -14.34 24.90
CA ASN A 318 41.54 -13.93 25.24
C ASN A 318 42.55 -14.81 24.49
N ILE A 319 42.61 -14.59 23.19
CA ILE A 319 43.58 -15.27 22.33
C ILE A 319 44.81 -14.38 22.18
N THR A 320 45.99 -14.95 22.43
CA THR A 320 47.22 -14.19 22.44
C THR A 320 48.17 -14.52 21.31
N ASN A 321 47.93 -15.59 20.56
CA ASN A 321 48.82 -16.01 19.49
C ASN A 321 48.51 -15.26 18.19
N LEU A 322 49.47 -15.27 17.28
CA LEU A 322 49.34 -14.61 15.99
C LEU A 322 48.98 -15.64 14.91
N CYS A 323 48.27 -15.16 13.89
CA CYS A 323 47.80 -16.04 12.83
C CYS A 323 48.95 -16.48 11.94
N PRO A 324 48.79 -17.59 11.22
CA PRO A 324 49.87 -18.07 10.34
C PRO A 324 50.04 -17.17 9.12
N PHE A 325 50.73 -16.05 9.30
CA PHE A 325 51.02 -15.15 8.20
C PHE A 325 52.30 -15.51 7.47
N GLY A 326 53.32 -15.93 8.21
CA GLY A 326 54.59 -16.30 7.62
C GLY A 326 54.55 -17.57 6.81
N GLU A 327 54.29 -18.69 7.47
CA GLU A 327 54.34 -20.00 6.81
C GLU A 327 53.16 -20.26 5.88
N VAL A 328 52.36 -19.25 5.56
CA VAL A 328 51.30 -19.37 4.58
C VAL A 328 51.57 -18.47 3.37
N PHE A 329 51.86 -17.20 3.61
CA PHE A 329 52.18 -16.27 2.53
C PHE A 329 53.61 -16.40 2.03
N ASN A 330 54.53 -16.86 2.88
CA ASN A 330 55.91 -17.09 2.49
C ASN A 330 56.19 -18.56 2.16
N ALA A 331 55.18 -19.30 1.74
CA ALA A 331 55.37 -20.69 1.38
C ALA A 331 56.25 -20.78 0.13
N THR A 332 57.31 -21.58 0.21
CA THR A 332 58.24 -21.69 -0.91
C THR A 332 57.57 -22.29 -2.14
N ARG A 333 56.76 -23.33 -1.94
CA ARG A 333 56.09 -24.02 -3.03
C ARG A 333 54.58 -23.88 -2.87
N PHE A 334 53.91 -23.51 -3.96
CA PHE A 334 52.46 -23.43 -4.00
C PHE A 334 51.91 -24.56 -4.86
N ALA A 335 50.85 -25.20 -4.38
CA ALA A 335 50.24 -26.30 -5.10
C ALA A 335 49.63 -25.83 -6.41
N SER A 336 49.56 -26.73 -7.37
CA SER A 336 49.01 -26.39 -8.68
C SER A 336 47.51 -26.18 -8.60
N VAL A 337 46.96 -25.59 -9.65
CA VAL A 337 45.55 -25.19 -9.63
C VAL A 337 44.64 -26.42 -9.59
N TYR A 338 45.00 -27.48 -10.31
CA TYR A 338 44.16 -28.68 -10.29
C TYR A 338 44.25 -29.42 -8.97
N ALA A 339 45.24 -29.13 -8.14
CA ALA A 339 45.41 -29.72 -6.81
C ALA A 339 45.64 -28.63 -5.78
N TRP A 340 44.76 -27.62 -5.81
CA TRP A 340 44.90 -26.47 -4.94
C TRP A 340 44.93 -26.88 -3.47
N ASN A 341 45.79 -26.22 -2.69
CA ASN A 341 46.01 -26.62 -1.31
C ASN A 341 45.02 -25.95 -0.38
N ARG A 342 44.56 -26.68 0.63
CA ARG A 342 43.60 -26.19 1.60
C ARG A 342 44.16 -26.33 3.00
N LYS A 343 43.95 -25.30 3.83
CA LYS A 343 44.46 -25.26 5.19
C LYS A 343 43.39 -24.69 6.11
N ARG A 344 43.41 -25.14 7.37
CA ARG A 344 42.47 -24.71 8.39
C ARG A 344 43.20 -23.86 9.42
N ILE A 345 42.58 -22.74 9.82
CA ILE A 345 43.18 -21.79 10.76
C ILE A 345 42.26 -21.63 11.95
N SER A 346 42.84 -21.66 13.15
CA SER A 346 42.06 -21.48 14.37
C SER A 346 42.96 -20.94 15.47
N ASN A 347 42.33 -20.28 16.45
CA ASN A 347 42.98 -19.81 17.66
C ASN A 347 44.14 -18.86 17.36
N CYS A 348 43.81 -17.72 16.77
CA CYS A 348 44.82 -16.72 16.45
C CYS A 348 44.15 -15.35 16.29
N VAL A 349 44.98 -14.31 16.30
CA VAL A 349 44.53 -12.93 16.18
C VAL A 349 44.86 -12.43 14.79
N ALA A 350 43.83 -12.06 14.03
CA ALA A 350 43.99 -11.67 12.63
C ALA A 350 44.35 -10.19 12.56
N ASP A 351 45.64 -9.91 12.75
CA ASP A 351 46.19 -8.56 12.65
C ASP A 351 47.03 -8.47 11.38
N TYR A 352 46.44 -7.91 10.33
CA TYR A 352 47.12 -7.82 9.04
C TYR A 352 48.03 -6.61 8.93
N SER A 353 48.12 -5.78 9.97
CA SER A 353 48.94 -4.59 9.92
C SER A 353 50.42 -4.90 9.72
N VAL A 354 50.84 -6.15 9.99
CA VAL A 354 52.23 -6.54 9.77
C VAL A 354 52.54 -6.84 8.32
N LEU A 355 51.52 -6.83 7.45
CA LEU A 355 51.73 -7.14 6.04
C LEU A 355 52.17 -5.94 5.21
N TYR A 356 52.11 -4.73 5.74
CA TYR A 356 52.45 -3.56 4.95
C TYR A 356 53.94 -3.44 4.70
N ASN A 357 54.76 -4.00 5.58
CA ASN A 357 56.20 -3.77 5.48
C ASN A 357 56.83 -4.49 4.29
N SER A 358 56.41 -5.73 4.03
CA SER A 358 57.10 -6.54 3.02
C SER A 358 56.14 -7.33 2.13
N ALA A 359 54.91 -6.87 1.95
CA ALA A 359 53.96 -7.53 1.07
C ALA A 359 53.25 -6.51 0.21
N SER A 360 53.02 -6.87 -1.06
CA SER A 360 52.34 -6.00 -2.01
C SER A 360 51.48 -6.86 -2.91
N PHE A 361 50.17 -6.62 -2.89
CA PHE A 361 49.21 -7.45 -3.61
C PHE A 361 48.58 -6.64 -4.74
N SER A 362 48.60 -7.21 -5.94
CA SER A 362 48.04 -6.54 -7.11
C SER A 362 46.54 -6.74 -7.27
N THR A 363 45.95 -7.68 -6.52
CA THR A 363 44.51 -7.93 -6.61
C THR A 363 43.99 -8.30 -5.22
N PHE A 364 42.99 -7.56 -4.76
CA PHE A 364 42.40 -7.80 -3.45
C PHE A 364 40.90 -7.51 -3.53
N LYS A 365 40.08 -8.48 -3.12
CA LYS A 365 38.64 -8.31 -3.15
C LYS A 365 38.03 -9.05 -1.97
N CYS A 366 36.87 -8.59 -1.52
CA CYS A 366 36.15 -9.26 -0.45
C CYS A 366 34.66 -9.22 -0.73
N TYR A 367 33.99 -10.35 -0.46
CA TYR A 367 32.56 -10.50 -0.68
C TYR A 367 31.89 -10.85 0.65
N GLY A 368 30.79 -10.16 0.95
CA GLY A 368 30.02 -10.42 2.14
C GLY A 368 30.42 -9.60 3.36
N VAL A 369 31.50 -8.84 3.29
CA VAL A 369 31.96 -8.03 4.42
C VAL A 369 32.84 -6.92 3.89
N SER A 370 32.63 -5.72 4.42
CA SER A 370 33.47 -4.59 4.05
C SER A 370 34.86 -4.75 4.67
N PRO A 371 35.92 -4.40 3.94
CA PRO A 371 37.28 -4.57 4.49
C PRO A 371 37.51 -3.76 5.77
N THR A 372 36.95 -2.56 5.86
CA THR A 372 37.22 -1.69 7.00
C THR A 372 36.74 -2.29 8.32
N LYS A 373 35.77 -3.20 8.28
CA LYS A 373 35.28 -3.84 9.48
C LYS A 373 36.08 -5.08 9.87
N LEU A 374 37.04 -5.50 9.04
CA LEU A 374 37.76 -6.74 9.29
C LEU A 374 38.53 -6.71 10.61
N ASN A 375 38.83 -5.53 11.15
CA ASN A 375 39.54 -5.43 12.41
C ASN A 375 38.64 -5.61 13.62
N ASP A 376 37.33 -5.61 13.45
CA ASP A 376 36.38 -5.67 14.57
C ASP A 376 35.38 -6.80 14.37
N LEU A 377 35.89 -7.98 14.02
CA LEU A 377 35.03 -9.13 13.76
C LEU A 377 35.71 -10.41 14.21
N CYS A 378 34.91 -11.45 14.41
CA CYS A 378 35.38 -12.77 14.75
C CYS A 378 34.88 -13.77 13.72
N PHE A 379 35.75 -14.70 13.34
CA PHE A 379 35.47 -15.67 12.29
C PHE A 379 35.36 -17.06 12.88
N THR A 380 34.30 -17.78 12.52
CA THR A 380 34.03 -19.09 13.11
C THR A 380 34.93 -20.16 12.49
N ASN A 381 34.79 -20.39 11.19
CA ASN A 381 35.60 -21.36 10.47
C ASN A 381 36.46 -20.61 9.44
N VAL A 382 37.78 -20.79 9.53
CA VAL A 382 38.71 -20.07 8.68
C VAL A 382 39.45 -21.09 7.81
N TYR A 383 39.26 -20.99 6.49
CA TYR A 383 39.93 -21.88 5.55
C TYR A 383 40.68 -21.05 4.53
N ALA A 384 41.85 -21.54 4.12
CA ALA A 384 42.71 -20.85 3.17
C ALA A 384 43.04 -21.80 2.03
N ASP A 385 42.77 -21.36 0.80
CA ASP A 385 43.10 -22.11 -0.41
C ASP A 385 44.21 -21.38 -1.15
N SER A 386 45.23 -22.13 -1.56
CA SER A 386 46.40 -21.54 -2.22
C SER A 386 46.68 -22.26 -3.52
N PHE A 387 47.03 -21.49 -4.55
CA PHE A 387 47.46 -22.06 -5.82
C PHE A 387 48.18 -21.00 -6.64
N VAL A 388 48.66 -21.40 -7.81
CA VAL A 388 49.36 -20.53 -8.75
C VAL A 388 48.73 -20.71 -10.13
N ILE A 389 48.49 -19.60 -10.82
CA ILE A 389 47.79 -19.60 -12.10
C ILE A 389 48.49 -18.62 -13.05
N ARG A 390 47.93 -18.51 -14.26
CA ARG A 390 48.36 -17.51 -15.22
C ARG A 390 47.69 -16.19 -14.91
N GLY A 391 48.35 -15.09 -15.28
CA GLY A 391 47.87 -13.77 -14.91
C GLY A 391 46.48 -13.45 -15.46
N ASP A 392 46.27 -13.68 -16.75
CA ASP A 392 44.98 -13.34 -17.35
C ASP A 392 43.84 -14.18 -16.81
N GLU A 393 44.13 -15.31 -16.15
CA GLU A 393 43.11 -16.13 -15.53
C GLU A 393 42.75 -15.68 -14.12
N VAL A 394 43.45 -14.68 -13.58
CA VAL A 394 43.17 -14.24 -12.21
C VAL A 394 41.74 -13.74 -12.08
N ARG A 395 41.23 -13.07 -13.11
CA ARG A 395 39.86 -12.58 -13.10
C ARG A 395 38.83 -13.70 -13.08
N GLN A 396 39.23 -14.93 -13.38
CA GLN A 396 38.29 -16.05 -13.43
C GLN A 396 37.88 -16.54 -12.05
N ILE A 397 38.57 -16.13 -10.99
CA ILE A 397 38.24 -16.57 -9.63
C ILE A 397 37.29 -15.52 -9.05
N ALA A 398 35.99 -15.76 -9.24
CA ALA A 398 34.94 -14.90 -8.74
C ALA A 398 33.61 -15.64 -8.86
N PRO A 399 32.64 -15.36 -7.99
CA PRO A 399 31.34 -16.04 -8.10
C PRO A 399 30.67 -15.75 -9.43
N GLY A 400 30.04 -16.78 -10.00
CA GLY A 400 29.32 -16.64 -11.25
C GLY A 400 30.18 -16.63 -12.50
N GLN A 401 31.50 -16.80 -12.36
CA GLN A 401 32.38 -16.74 -13.51
C GLN A 401 32.41 -18.08 -14.25
N THR A 402 33.00 -18.06 -15.45
CA THR A 402 33.18 -19.25 -16.26
C THR A 402 34.54 -19.17 -16.94
N GLY A 403 34.87 -20.22 -17.70
CA GLY A 403 36.12 -20.29 -18.41
C GLY A 403 36.82 -21.60 -18.14
N LYS A 404 38.14 -21.60 -18.34
CA LYS A 404 38.93 -22.80 -18.14
C LYS A 404 39.10 -23.11 -16.65
N ILE A 405 39.69 -22.17 -15.90
CA ILE A 405 39.93 -22.38 -14.49
C ILE A 405 38.62 -22.51 -13.72
N ALA A 406 37.65 -21.66 -14.04
CA ALA A 406 36.41 -21.61 -13.26
C ALA A 406 35.60 -22.90 -13.41
N ASP A 407 35.72 -23.59 -14.54
CA ASP A 407 34.90 -24.76 -14.82
C ASP A 407 35.62 -26.09 -14.65
N TYR A 408 36.91 -26.15 -15.02
CA TYR A 408 37.62 -27.42 -15.01
C TYR A 408 38.59 -27.57 -13.83
N ASN A 409 38.95 -26.49 -13.16
CA ASN A 409 39.98 -26.56 -12.12
C ASN A 409 39.47 -26.15 -10.74
N TYR A 410 38.80 -25.01 -10.64
CA TYR A 410 38.42 -24.48 -9.33
C TYR A 410 37.23 -23.55 -9.49
N LYS A 411 36.18 -23.79 -8.71
CA LYS A 411 34.95 -23.02 -8.80
C LYS A 411 34.53 -22.54 -7.42
N LEU A 412 33.86 -21.39 -7.39
CA LEU A 412 33.37 -20.78 -6.15
C LEU A 412 31.84 -20.77 -6.13
N PRO A 413 31.23 -20.91 -4.96
CA PRO A 413 29.76 -20.87 -4.88
C PRO A 413 29.22 -19.47 -5.14
N ASP A 414 27.95 -19.45 -5.57
CA ASP A 414 27.30 -18.16 -5.84
C ASP A 414 27.11 -17.34 -4.56
N ASP A 415 26.86 -18.02 -3.44
CA ASP A 415 26.70 -17.35 -2.14
C ASP A 415 28.01 -17.27 -1.37
N PHE A 416 29.15 -17.22 -2.06
CA PHE A 416 30.43 -17.22 -1.41
C PHE A 416 30.65 -15.95 -0.59
N THR A 417 31.17 -16.12 0.61
CA THR A 417 31.60 -15.02 1.47
C THR A 417 33.04 -15.26 1.90
N GLY A 418 33.83 -14.20 1.86
CA GLY A 418 35.24 -14.32 2.17
C GLY A 418 36.03 -13.26 1.42
N CYS A 419 37.28 -13.59 1.09
CA CYS A 419 38.15 -12.67 0.39
C CYS A 419 39.06 -13.43 -0.57
N VAL A 420 39.52 -12.72 -1.60
CA VAL A 420 40.42 -13.26 -2.61
C VAL A 420 41.60 -12.30 -2.72
N ILE A 421 42.81 -12.87 -2.69
CA ILE A 421 44.05 -12.11 -2.80
C ILE A 421 44.91 -12.75 -3.88
N ALA A 422 45.54 -11.93 -4.71
CA ALA A 422 46.39 -12.44 -5.78
C ALA A 422 47.51 -11.44 -6.02
N TRP A 423 48.73 -11.97 -6.20
CA TRP A 423 49.89 -11.11 -6.43
C TRP A 423 50.85 -11.77 -7.40
N ASN A 424 51.60 -10.93 -8.11
CA ASN A 424 52.57 -11.41 -9.09
C ASN A 424 53.75 -12.07 -8.41
N SER A 425 54.24 -13.16 -9.01
CA SER A 425 55.40 -13.89 -8.50
C SER A 425 56.31 -14.28 -9.66
N ASN A 426 56.56 -13.33 -10.57
CA ASN A 426 57.37 -13.63 -11.75
C ASN A 426 58.81 -13.96 -11.37
N ASN A 427 59.36 -13.27 -10.38
CA ASN A 427 60.76 -13.45 -10.01
C ASN A 427 60.97 -14.61 -9.05
N LEU A 428 59.93 -15.33 -8.68
CA LEU A 428 60.05 -16.46 -7.75
C LEU A 428 59.64 -17.79 -8.36
N ASP A 429 58.57 -17.82 -9.15
CA ASP A 429 58.09 -19.07 -9.72
C ASP A 429 58.68 -19.38 -11.09
N SER A 430 59.09 -18.37 -11.84
CA SER A 430 59.66 -18.57 -13.16
C SER A 430 61.17 -18.74 -13.08
N LYS A 431 61.73 -19.35 -14.13
CA LYS A 431 63.17 -19.59 -14.19
C LYS A 431 63.60 -19.61 -15.64
N VAL A 432 64.91 -19.43 -15.86
CA VAL A 432 65.45 -19.45 -17.21
C VAL A 432 65.28 -20.85 -17.80
N GLY A 433 64.89 -20.91 -19.07
CA GLY A 433 64.61 -22.16 -19.73
C GLY A 433 63.20 -22.68 -19.54
N GLY A 434 62.38 -22.00 -18.75
CA GLY A 434 61.00 -22.40 -18.55
C GLY A 434 60.79 -23.34 -17.38
N ASN A 435 59.83 -23.01 -16.51
CA ASN A 435 59.45 -23.86 -15.40
C ASN A 435 58.17 -24.59 -15.76
N TYR A 436 58.20 -25.92 -15.71
CA TYR A 436 57.07 -26.75 -16.12
C TYR A 436 56.57 -27.62 -14.99
N ASN A 437 56.78 -27.20 -13.74
CA ASN A 437 56.33 -27.95 -12.58
C ASN A 437 54.89 -27.64 -12.20
N TYR A 438 54.26 -26.64 -12.82
CA TYR A 438 52.87 -26.29 -12.55
C TYR A 438 51.99 -26.78 -13.69
N LEU A 439 50.91 -27.47 -13.34
CA LEU A 439 50.02 -28.07 -14.33
C LEU A 439 48.60 -27.59 -14.10
N TYR A 440 47.76 -27.83 -15.12
CA TYR A 440 46.34 -27.52 -15.05
C TYR A 440 45.59 -28.54 -15.90
N ARG A 441 44.27 -28.57 -15.72
CA ARG A 441 43.40 -29.50 -16.44
C ARG A 441 42.79 -28.81 -17.66
N LEU A 442 42.83 -29.49 -18.79
CA LEU A 442 42.33 -28.94 -20.05
C LEU A 442 41.01 -29.55 -20.50
N PHE A 443 40.81 -30.85 -20.28
CA PHE A 443 39.62 -31.55 -20.75
C PHE A 443 38.89 -32.20 -19.59
N ARG A 444 37.56 -32.12 -19.62
CA ARG A 444 36.72 -32.77 -18.64
C ARG A 444 35.35 -33.03 -19.26
N LYS A 445 34.64 -34.01 -18.70
CA LYS A 445 33.34 -34.41 -19.20
C LYS A 445 32.19 -33.64 -18.59
N SER A 446 32.45 -32.76 -17.61
CA SER A 446 31.41 -32.00 -16.95
C SER A 446 32.03 -30.79 -16.27
N ASN A 447 31.21 -30.03 -15.57
CA ASN A 447 31.64 -28.84 -14.85
C ASN A 447 31.73 -29.14 -13.36
N LEU A 448 32.78 -28.63 -12.73
CA LEU A 448 33.01 -28.92 -11.31
C LEU A 448 31.99 -28.23 -10.43
N LYS A 449 31.61 -28.90 -9.35
CA LYS A 449 30.80 -28.29 -8.32
C LYS A 449 31.65 -27.33 -7.50
N PRO A 450 31.03 -26.42 -6.75
CA PRO A 450 31.81 -25.51 -5.91
C PRO A 450 32.68 -26.27 -4.92
N PHE A 451 33.93 -25.81 -4.78
CA PHE A 451 34.91 -26.42 -3.88
C PHE A 451 35.07 -27.92 -4.14
N GLU A 452 35.17 -28.28 -5.41
CA GLU A 452 35.38 -29.66 -5.81
C GLU A 452 36.78 -29.84 -6.38
N ARG A 453 37.44 -30.93 -5.99
CA ARG A 453 38.79 -31.23 -6.44
C ARG A 453 38.80 -32.62 -7.08
N ASP A 454 39.36 -32.70 -8.29
CA ASP A 454 39.49 -33.95 -9.01
C ASP A 454 40.93 -34.10 -9.49
N ILE A 455 41.54 -35.24 -9.18
CA ILE A 455 42.93 -35.51 -9.54
C ILE A 455 43.05 -36.74 -10.44
N SER A 456 41.95 -37.24 -10.98
CA SER A 456 42.00 -38.37 -11.88
C SER A 456 42.69 -37.99 -13.18
N THR A 457 43.56 -38.87 -13.67
CA THR A 457 44.35 -38.62 -14.87
C THR A 457 44.04 -39.64 -15.96
N GLU A 458 42.76 -39.99 -16.10
CA GLU A 458 42.37 -40.90 -17.16
C GLU A 458 42.45 -40.21 -18.52
N ILE A 459 42.70 -41.00 -19.55
CA ILE A 459 42.83 -40.47 -20.90
C ILE A 459 41.48 -39.96 -21.38
N TYR A 460 41.40 -38.67 -21.68
CA TYR A 460 40.15 -38.10 -22.15
C TYR A 460 39.87 -38.53 -23.58
N GLN A 461 38.61 -38.88 -23.83
CA GLN A 461 38.15 -39.35 -25.13
C GLN A 461 37.30 -38.28 -25.79
N ALA A 462 37.65 -37.91 -27.02
CA ALA A 462 36.91 -36.91 -27.77
C ALA A 462 36.00 -37.49 -28.84
N GLY A 463 36.40 -38.61 -29.45
CA GLY A 463 35.61 -39.25 -30.48
C GLY A 463 34.79 -40.42 -29.95
N SER A 464 34.23 -41.18 -30.88
CA SER A 464 33.42 -42.33 -30.51
C SER A 464 34.27 -43.51 -30.07
N THR A 465 35.45 -43.68 -30.67
CA THR A 465 36.29 -44.82 -30.34
C THR A 465 36.85 -44.67 -28.93
N PRO A 466 36.86 -45.75 -28.14
CA PRO A 466 37.43 -45.68 -26.80
C PRO A 466 38.94 -45.52 -26.84
N CYS A 467 39.47 -44.87 -25.80
CA CYS A 467 40.91 -44.71 -25.63
C CYS A 467 41.36 -45.76 -24.61
N ASN A 468 42.02 -46.81 -25.10
CA ASN A 468 42.44 -47.94 -24.26
C ASN A 468 43.75 -47.63 -23.54
N GLY A 469 43.72 -46.55 -22.76
CA GLY A 469 44.87 -46.16 -21.98
C GLY A 469 46.07 -45.73 -22.78
N VAL A 470 45.88 -45.29 -24.02
CA VAL A 470 46.97 -44.89 -24.90
C VAL A 470 46.55 -43.64 -25.65
N GLU A 471 47.54 -42.81 -25.98
CA GLU A 471 47.28 -41.61 -26.77
C GLU A 471 46.95 -41.97 -28.21
N GLY A 472 46.17 -41.10 -28.85
CA GLY A 472 45.79 -41.34 -30.22
C GLY A 472 44.89 -40.23 -30.72
N PHE A 473 44.35 -40.43 -31.92
CA PHE A 473 43.42 -39.46 -32.49
C PHE A 473 42.17 -39.37 -31.63
N ASN A 474 41.77 -38.15 -31.30
CA ASN A 474 40.65 -37.87 -30.41
C ASN A 474 40.83 -38.52 -29.04
N CYS A 475 42.09 -38.69 -28.63
CA CYS A 475 42.43 -39.21 -27.31
C CYS A 475 43.56 -38.36 -26.76
N TYR A 476 43.35 -37.77 -25.59
CA TYR A 476 44.30 -36.78 -25.07
C TYR A 476 44.58 -37.03 -23.59
N PHE A 477 45.70 -36.48 -23.14
CA PHE A 477 46.01 -36.42 -21.71
C PHE A 477 45.44 -35.13 -21.15
N PRO A 478 44.55 -35.18 -20.17
CA PRO A 478 43.83 -33.96 -19.75
C PRO A 478 44.73 -32.89 -19.16
N LEU A 479 45.93 -33.23 -18.70
CA LEU A 479 46.77 -32.28 -18.00
C LEU A 479 47.75 -31.59 -18.96
N GLN A 480 47.98 -30.31 -18.71
CA GLN A 480 48.93 -29.50 -19.45
C GLN A 480 49.81 -28.74 -18.47
N SER A 481 50.92 -28.20 -18.97
CA SER A 481 51.91 -27.54 -18.15
C SER A 481 52.00 -26.06 -18.50
N TYR A 482 52.11 -25.22 -17.47
CA TYR A 482 52.35 -23.80 -17.68
C TYR A 482 53.80 -23.58 -18.12
N GLY A 483 53.98 -22.81 -19.18
CA GLY A 483 55.30 -22.48 -19.65
C GLY A 483 55.82 -21.16 -19.12
N PHE A 484 55.98 -21.07 -17.81
CA PHE A 484 56.40 -19.82 -17.19
C PHE A 484 57.86 -19.51 -17.54
N GLN A 485 58.10 -18.29 -18.00
CA GLN A 485 59.43 -17.82 -18.33
C GLN A 485 59.59 -16.38 -17.84
N PRO A 486 60.81 -15.98 -17.46
CA PRO A 486 61.00 -14.60 -16.97
C PRO A 486 60.71 -13.54 -18.03
N THR A 487 60.90 -13.86 -19.31
CA THR A 487 60.72 -12.88 -20.37
C THR A 487 59.31 -12.84 -20.93
N ASN A 488 58.39 -13.61 -20.37
CA ASN A 488 57.02 -13.63 -20.85
C ASN A 488 56.33 -12.31 -20.54
N GLY A 489 55.21 -12.07 -21.22
CA GLY A 489 54.44 -10.87 -21.01
C GLY A 489 53.75 -10.87 -19.66
N VAL A 490 53.22 -9.70 -19.30
CA VAL A 490 52.57 -9.54 -18.00
C VAL A 490 51.36 -10.45 -17.88
N GLY A 491 50.68 -10.74 -19.00
CA GLY A 491 49.56 -11.66 -18.96
C GLY A 491 49.94 -13.11 -18.83
N TYR A 492 51.17 -13.45 -19.19
CA TYR A 492 51.66 -14.83 -19.13
C TYR A 492 52.54 -15.08 -17.91
N GLN A 493 52.72 -14.09 -17.03
CA GLN A 493 53.54 -14.32 -15.85
C GLN A 493 52.74 -15.04 -14.76
N PRO A 494 53.39 -15.85 -13.94
CA PRO A 494 52.68 -16.56 -12.89
C PRO A 494 52.13 -15.61 -11.83
N TYR A 495 51.00 -16.00 -11.24
CA TYR A 495 50.36 -15.25 -10.18
C TYR A 495 49.98 -16.19 -9.05
N ARG A 496 50.29 -15.81 -7.82
CA ARG A 496 49.96 -16.60 -6.65
C ARG A 496 48.64 -16.10 -6.08
N VAL A 497 47.70 -17.03 -5.84
CA VAL A 497 46.34 -16.70 -5.44
C VAL A 497 46.02 -17.44 -4.14
N VAL A 498 45.48 -16.71 -3.18
CA VAL A 498 45.01 -17.24 -1.90
C VAL A 498 43.59 -16.77 -1.66
N VAL A 499 42.70 -17.71 -1.37
CA VAL A 499 41.28 -17.42 -1.12
C VAL A 499 41.00 -17.78 0.34
N LEU A 500 40.46 -16.81 1.09
CA LEU A 500 40.11 -17.00 2.48
C LEU A 500 38.59 -17.12 2.61
N SER A 501 38.13 -18.18 3.27
CA SER A 501 36.72 -18.45 3.47
C SER A 501 36.42 -18.46 4.96
N PHE A 502 35.35 -17.74 5.34
CA PHE A 502 34.95 -17.63 6.73
C PHE A 502 33.46 -17.37 6.82
N GLU A 503 32.88 -17.65 7.98
CA GLU A 503 31.47 -17.42 8.26
C GLU A 503 31.36 -16.58 9.52
N LEU A 504 30.34 -15.72 9.57
CA LEU A 504 30.28 -14.64 10.54
C LEU A 504 29.02 -14.70 11.39
N LEU A 505 29.19 -14.48 12.70
CA LEU A 505 28.12 -14.10 13.63
C LEU A 505 27.03 -15.16 13.78
N HIS A 506 27.33 -16.43 13.48
CA HIS A 506 26.35 -17.49 13.66
C HIS A 506 26.85 -18.67 14.49
N ALA A 507 28.14 -18.79 14.73
CA ALA A 507 28.72 -19.91 15.45
C ALA A 507 29.80 -19.39 16.38
N PRO A 508 30.18 -20.16 17.39
CA PRO A 508 31.33 -19.78 18.22
C PRO A 508 32.58 -19.65 17.36
N ALA A 509 33.40 -18.65 17.69
CA ALA A 509 34.56 -18.29 16.88
C ALA A 509 35.83 -18.36 17.71
N THR A 510 36.93 -18.76 17.06
CA THR A 510 38.24 -18.80 17.69
C THR A 510 39.25 -17.87 17.05
N VAL A 511 38.93 -17.27 15.91
CA VAL A 511 39.81 -16.30 15.25
C VAL A 511 39.13 -14.94 15.31
N CYS A 512 39.80 -13.97 15.93
CA CYS A 512 39.25 -12.65 16.12
C CYS A 512 40.30 -11.60 15.77
N GLY A 513 39.86 -10.34 15.74
CA GLY A 513 40.74 -9.24 15.41
C GLY A 513 41.57 -8.80 16.59
N PRO A 514 42.30 -7.69 16.43
CA PRO A 514 43.16 -7.19 17.50
C PRO A 514 42.43 -6.41 18.59
N LYS A 515 41.11 -6.49 18.65
CA LYS A 515 40.36 -5.76 19.67
C LYS A 515 40.65 -6.30 21.06
N LYS A 516 40.56 -5.43 22.06
CA LYS A 516 40.87 -5.77 23.43
C LYS A 516 39.60 -5.78 24.28
N SER A 517 39.51 -6.73 25.19
CA SER A 517 38.30 -6.93 25.98
C SER A 517 38.22 -5.92 27.11
N THR A 518 37.09 -5.97 27.83
CA THR A 518 36.81 -5.05 28.92
C THR A 518 35.98 -5.79 29.95
N ASN A 519 36.02 -5.31 31.20
CA ASN A 519 35.29 -5.96 32.28
C ASN A 519 33.79 -5.94 32.04
N LEU A 520 33.10 -6.94 32.57
CA LEU A 520 31.67 -7.09 32.37
C LEU A 520 30.88 -6.23 33.35
N VAL A 521 29.76 -5.71 32.88
CA VAL A 521 28.87 -4.88 33.70
C VAL A 521 27.47 -5.48 33.63
N LYS A 522 26.83 -5.62 34.79
CA LYS A 522 25.50 -6.21 34.89
C LYS A 522 24.53 -5.23 35.53
N ASN A 523 23.24 -5.48 35.30
CA ASN A 523 22.15 -4.65 35.83
C ASN A 523 22.28 -3.20 35.39
N LYS A 524 22.87 -2.97 34.22
CA LYS A 524 23.09 -1.63 33.71
C LYS A 524 22.91 -1.63 32.20
N CYS A 525 22.49 -0.48 31.68
CA CYS A 525 22.34 -0.30 30.24
C CYS A 525 23.68 0.14 29.66
N VAL A 526 24.23 -0.68 28.75
CA VAL A 526 25.54 -0.43 28.16
C VAL A 526 25.50 -0.73 26.67
N ASN A 527 26.47 -0.16 25.96
CA ASN A 527 26.78 -0.59 24.60
C ASN A 527 27.75 -1.76 24.67
N PHE A 528 27.46 -2.82 23.92
CA PHE A 528 28.27 -4.03 23.97
C PHE A 528 28.66 -4.48 22.57
N ASN A 529 29.84 -5.09 22.49
CA ASN A 529 30.37 -5.67 21.26
C ASN A 529 30.78 -7.10 21.58
N PHE A 530 29.88 -8.05 21.35
CA PHE A 530 30.10 -9.45 21.67
C PHE A 530 30.51 -10.19 20.40
N ASN A 531 31.81 -10.48 20.27
CA ASN A 531 32.34 -11.28 19.18
C ASN A 531 31.96 -10.70 17.82
N GLY A 532 31.98 -9.37 17.71
CA GLY A 532 31.63 -8.69 16.49
C GLY A 532 30.19 -8.22 16.40
N LEU A 533 29.33 -8.65 17.31
CA LEU A 533 27.93 -8.24 17.30
C LEU A 533 27.79 -6.97 18.16
N THR A 534 27.37 -5.89 17.53
CA THR A 534 27.19 -4.62 18.21
C THR A 534 25.75 -4.48 18.68
N GLY A 535 25.57 -4.01 19.91
CA GLY A 535 24.23 -3.82 20.43
C GLY A 535 24.23 -2.90 21.63
N THR A 536 23.03 -2.65 22.14
CA THR A 536 22.83 -1.81 23.30
C THR A 536 21.71 -2.40 24.15
N GLY A 537 21.94 -2.47 25.47
CA GLY A 537 20.89 -2.96 26.34
C GLY A 537 21.41 -3.25 27.73
N VAL A 538 20.55 -3.90 28.52
CA VAL A 538 20.83 -4.25 29.90
C VAL A 538 21.13 -5.74 29.97
N LEU A 539 22.22 -6.10 30.66
CA LEU A 539 22.68 -7.47 30.77
C LEU A 539 22.34 -8.01 32.16
N THR A 540 21.73 -9.20 32.20
CA THR A 540 21.45 -9.89 33.45
C THR A 540 21.87 -11.35 33.32
N GLU A 541 21.98 -12.03 34.45
CA GLU A 541 22.21 -13.47 34.43
C GLU A 541 20.93 -14.19 34.03
N SER A 542 21.09 -15.35 33.40
CA SER A 542 19.98 -16.07 32.80
C SER A 542 19.94 -17.51 33.29
N ASN A 543 18.72 -18.05 33.34
CA ASN A 543 18.51 -19.46 33.65
C ASN A 543 18.56 -20.35 32.41
N LYS A 544 18.67 -19.77 31.23
CA LYS A 544 18.73 -20.55 30.00
C LYS A 544 20.02 -21.35 29.93
N LYS A 545 19.92 -22.55 29.38
CA LYS A 545 21.06 -23.47 29.26
C LYS A 545 21.26 -23.77 27.79
N PHE A 546 22.31 -23.20 27.20
CA PHE A 546 22.63 -23.44 25.81
C PHE A 546 23.29 -24.80 25.62
N LEU A 547 23.10 -25.37 24.43
CA LEU A 547 23.87 -26.52 24.02
C LEU A 547 25.29 -26.09 23.69
N PRO A 548 26.26 -27.02 23.75
CA PRO A 548 27.66 -26.63 23.52
C PRO A 548 27.91 -25.96 22.17
N PHE A 549 27.18 -26.35 21.13
CA PHE A 549 27.39 -25.75 19.81
C PHE A 549 26.61 -24.47 19.61
N GLN A 550 25.75 -24.09 20.56
CA GLN A 550 24.96 -22.87 20.44
C GLN A 550 25.69 -21.70 21.06
N GLN A 551 25.52 -20.53 20.46
CA GLN A 551 26.17 -19.31 20.92
C GLN A 551 25.19 -18.17 21.16
N PHE A 552 24.15 -18.06 20.34
CA PHE A 552 23.19 -16.97 20.44
C PHE A 552 21.77 -17.52 20.54
N GLY A 553 20.92 -16.77 21.24
CA GLY A 553 19.50 -17.07 21.30
C GLY A 553 18.71 -15.94 20.68
N ARG A 554 17.64 -16.29 19.96
CA ARG A 554 16.87 -15.32 19.21
C ARG A 554 15.39 -15.41 19.58
N ASP A 555 14.72 -14.27 19.52
CA ASP A 555 13.28 -14.19 19.72
C ASP A 555 12.56 -14.43 18.40
N ILE A 556 11.25 -14.16 18.37
CA ILE A 556 10.50 -14.30 17.13
C ILE A 556 10.96 -13.25 16.12
N ALA A 557 11.27 -12.04 16.59
CA ALA A 557 11.69 -10.94 15.73
C ALA A 557 13.19 -10.97 15.42
N ASP A 558 13.84 -12.12 15.60
CA ASP A 558 15.25 -12.33 15.29
C ASP A 558 16.18 -11.49 16.15
N THR A 559 15.65 -10.73 17.09
CA THR A 559 16.50 -9.94 17.99
C THR A 559 17.21 -10.85 18.99
N THR A 560 18.46 -10.52 19.29
CA THR A 560 19.24 -11.33 20.22
C THR A 560 18.66 -11.20 21.63
N ASP A 561 18.46 -12.34 22.28
CA ASP A 561 17.89 -12.40 23.62
C ASP A 561 18.87 -12.89 24.67
N ALA A 562 19.67 -13.90 24.37
CA ALA A 562 20.66 -14.42 25.30
C ALA A 562 21.97 -14.67 24.57
N VAL A 563 23.06 -14.58 25.32
CA VAL A 563 24.40 -14.71 24.74
C VAL A 563 25.32 -15.37 25.76
N ARG A 564 26.22 -16.22 25.28
CA ARG A 564 27.22 -16.87 26.12
C ARG A 564 28.48 -16.01 26.16
N ASP A 565 28.98 -15.76 27.37
CA ASP A 565 30.17 -14.93 27.52
C ASP A 565 31.38 -15.65 26.93
N PRO A 566 32.19 -14.99 26.10
CA PRO A 566 33.36 -15.67 25.50
C PRO A 566 34.42 -16.06 26.51
N GLN A 567 34.44 -15.46 27.70
CA GLN A 567 35.47 -15.74 28.70
C GLN A 567 34.93 -16.52 29.89
N THR A 568 33.85 -16.04 30.51
CA THR A 568 33.30 -16.68 31.69
C THR A 568 32.26 -17.75 31.37
N LEU A 569 32.02 -18.01 30.08
CA LEU A 569 31.13 -19.08 29.59
C LEU A 569 29.74 -19.03 30.24
N GLU A 570 29.35 -17.89 30.79
CA GLU A 570 28.05 -17.75 31.42
C GLU A 570 27.02 -17.26 30.42
N ILE A 571 25.75 -17.45 30.75
CA ILE A 571 24.63 -17.07 29.90
C ILE A 571 24.06 -15.76 30.42
N LEU A 572 23.90 -14.79 29.53
CA LEU A 572 23.43 -13.47 29.88
C LEU A 572 22.24 -13.09 29.00
N ASP A 573 21.17 -12.63 29.63
CA ASP A 573 20.01 -12.09 28.93
C ASP A 573 20.20 -10.61 28.67
N ILE A 574 19.81 -10.18 27.47
CA ILE A 574 19.92 -8.80 27.02
C ILE A 574 18.51 -8.25 26.87
N THR A 575 18.26 -7.08 27.47
CA THR A 575 16.95 -6.47 27.37
C THR A 575 17.07 -5.03 26.86
N PRO A 576 16.11 -4.57 26.07
CA PRO A 576 16.15 -3.18 25.59
C PRO A 576 15.96 -2.19 26.73
N CYS A 577 16.31 -0.93 26.46
CA CYS A 577 16.26 0.12 27.45
C CYS A 577 15.06 1.05 27.29
N SER A 578 14.75 1.47 26.07
CA SER A 578 13.64 2.39 25.85
C SER A 578 12.32 1.74 26.25
N PHE A 579 11.53 2.47 27.03
CA PHE A 579 10.28 1.94 27.56
C PHE A 579 9.47 3.07 28.16
N GLY A 580 8.16 3.09 27.87
CA GLY A 580 7.26 4.03 28.50
C GLY A 580 6.89 5.23 27.65
N GLY A 581 5.65 5.27 27.19
CA GLY A 581 5.19 6.41 26.42
C GLY A 581 5.03 7.66 27.28
N VAL A 582 5.13 8.81 26.61
CA VAL A 582 5.08 10.11 27.27
C VAL A 582 4.01 10.95 26.59
N SER A 583 3.17 11.60 27.38
CA SER A 583 2.12 12.48 26.89
C SER A 583 2.27 13.86 27.51
N VAL A 584 2.00 14.89 26.71
CA VAL A 584 2.09 16.27 27.15
C VAL A 584 0.67 16.84 27.19
N ILE A 585 0.31 17.43 28.32
CA ILE A 585 -1.01 18.00 28.56
C ILE A 585 -0.83 19.50 28.66
N THR A 586 -1.49 20.27 27.78
CA THR A 586 -1.29 21.71 27.83
C THR A 586 -2.57 22.40 27.40
N PRO A 587 -2.86 23.58 27.93
CA PRO A 587 -3.90 24.43 27.36
C PRO A 587 -3.36 25.14 26.12
N GLY A 588 -4.18 26.01 25.55
CA GLY A 588 -3.73 26.78 24.40
C GLY A 588 -2.51 27.62 24.70
N THR A 589 -1.53 27.59 23.80
CA THR A 589 -0.32 28.38 23.99
C THR A 589 -0.61 29.87 24.00
N ASN A 590 -1.72 30.30 23.40
CA ASN A 590 -2.15 31.68 23.50
C ASN A 590 -2.54 32.07 24.92
N THR A 591 -2.79 31.08 25.79
CA THR A 591 -3.21 31.33 27.16
C THR A 591 -2.04 31.27 28.14
N SER A 592 -1.32 30.15 28.16
CA SER A 592 -0.24 29.96 29.14
C SER A 592 0.78 29.00 28.58
N ASN A 593 1.94 28.95 29.25
CA ASN A 593 3.06 28.10 28.87
C ASN A 593 3.21 26.88 29.76
N GLN A 594 2.34 26.73 30.77
CA GLN A 594 2.46 25.63 31.72
C GLN A 594 1.97 24.33 31.10
N VAL A 595 2.68 23.24 31.39
CA VAL A 595 2.37 21.93 30.84
C VAL A 595 2.44 20.89 31.94
N ALA A 596 1.86 19.72 31.67
CA ALA A 596 1.95 18.56 32.54
C ALA A 596 2.42 17.37 31.73
N VAL A 597 3.12 16.45 32.39
CA VAL A 597 3.72 15.29 31.72
C VAL A 597 3.16 14.03 32.32
N LEU A 598 2.69 13.13 31.45
CA LEU A 598 2.11 11.85 31.87
C LEU A 598 2.97 10.73 31.30
N TYR A 599 3.63 9.98 32.18
CA TYR A 599 4.39 8.79 31.79
C TYR A 599 3.51 7.56 31.99
N GLN A 600 3.37 6.78 30.93
CA GLN A 600 2.42 5.67 30.91
C GLN A 600 3.08 4.37 31.35
N ASP A 601 2.31 3.53 32.04
CA ASP A 601 2.71 2.17 32.40
C ASP A 601 3.96 2.14 33.29
N VAL A 602 4.12 3.17 34.13
CA VAL A 602 5.20 3.23 35.10
C VAL A 602 4.69 3.83 36.40
N ASN A 603 5.33 3.44 37.50
CA ASN A 603 5.14 4.11 38.77
C ASN A 603 5.87 5.45 38.81
N CYS A 604 5.57 6.22 39.85
CA CYS A 604 6.37 7.38 40.22
C CYS A 604 7.47 7.03 41.20
N THR A 605 7.23 6.01 42.04
CA THR A 605 8.20 5.63 43.06
C THR A 605 9.48 5.06 42.45
N GLU A 606 9.34 4.27 41.37
CA GLU A 606 10.50 3.70 40.70
C GLU A 606 11.36 4.74 40.00
N VAL A 607 10.92 6.00 39.97
CA VAL A 607 11.63 7.15 39.41
C VAL A 607 11.72 6.98 37.89
N PRO A 608 12.91 7.02 37.24
CA PRO A 608 12.99 7.60 35.89
C PRO A 608 11.83 8.52 35.50
N VAL A 609 11.48 9.46 36.37
CA VAL A 609 10.42 10.42 36.12
C VAL A 609 10.88 11.79 36.61
N ALA A 610 10.53 12.82 35.86
CA ALA A 610 10.89 14.19 36.23
C ALA A 610 9.89 15.19 35.68
N ASN A 628 3.93 18.84 41.27
CA ASN A 628 3.27 17.81 42.06
C ASN A 628 3.35 16.45 41.38
N VAL A 629 3.11 15.39 42.14
CA VAL A 629 3.19 14.02 41.66
C VAL A 629 1.87 13.32 41.96
N PHE A 630 1.28 12.69 40.94
CA PHE A 630 0.02 11.98 41.11
C PHE A 630 0.13 10.62 40.43
N GLN A 631 -0.20 9.56 41.15
CA GLN A 631 -0.17 8.21 40.60
C GLN A 631 -1.58 7.83 40.17
N THR A 632 -1.88 8.00 38.89
CA THR A 632 -3.17 7.62 38.36
C THR A 632 -3.11 6.21 37.78
N ARG A 633 -4.29 5.63 37.55
CA ARG A 633 -4.35 4.29 37.01
C ARG A 633 -3.75 4.19 35.62
N ALA A 634 -3.57 5.33 34.95
CA ALA A 634 -2.94 5.37 33.64
C ALA A 634 -1.43 5.61 33.71
N GLY A 635 -0.88 5.90 34.88
CA GLY A 635 0.55 6.08 34.99
C GLY A 635 0.88 7.15 36.03
N CYS A 636 1.89 7.95 35.69
CA CYS A 636 2.45 8.96 36.59
C CYS A 636 2.26 10.34 35.97
N LEU A 637 1.61 11.25 36.69
CA LEU A 637 1.35 12.60 36.23
C LEU A 637 2.17 13.58 37.05
N ILE A 638 2.94 14.43 36.37
CA ILE A 638 3.81 15.40 37.00
C ILE A 638 3.49 16.78 36.47
N GLY A 639 3.34 17.75 37.37
CA GLY A 639 3.00 19.11 37.00
C GLY A 639 1.56 19.51 37.25
N ALA A 640 0.75 18.62 37.82
CA ALA A 640 -0.64 18.91 38.13
C ALA A 640 -0.97 18.42 39.53
N GLU A 641 -1.69 19.24 40.29
CA GLU A 641 -2.10 18.90 41.65
C GLU A 641 -3.46 18.20 41.63
N HIS A 642 -3.71 17.44 42.69
CA HIS A 642 -4.92 16.63 42.80
C HIS A 642 -5.89 17.30 43.76
N VAL A 643 -7.16 17.38 43.34
CA VAL A 643 -8.22 17.97 44.15
C VAL A 643 -9.23 16.89 44.50
N ASN A 644 -9.94 17.10 45.60
CA ASN A 644 -10.93 16.14 46.08
C ASN A 644 -12.30 16.32 45.44
N ASN A 645 -12.52 17.41 44.71
CA ASN A 645 -13.81 17.65 44.10
C ASN A 645 -13.93 16.92 42.76
N SER A 646 -15.13 16.95 42.19
CA SER A 646 -15.41 16.34 40.90
C SER A 646 -16.14 17.33 40.02
N TYR A 647 -15.72 17.43 38.76
CA TYR A 647 -16.32 18.35 37.80
C TYR A 647 -16.53 17.61 36.49
N GLU A 648 -17.07 18.34 35.51
CA GLU A 648 -17.19 17.79 34.16
C GLU A 648 -15.81 17.68 33.51
N CYS A 649 -15.66 16.68 32.65
CA CYS A 649 -14.37 16.45 32.00
C CYS A 649 -14.06 17.56 31.02
N ASP A 650 -12.83 18.08 31.09
CA ASP A 650 -12.36 19.12 30.18
C ASP A 650 -11.29 18.59 29.24
N ILE A 651 -10.20 18.04 29.79
CA ILE A 651 -9.17 17.39 28.99
C ILE A 651 -9.10 15.93 29.42
N PRO A 652 -9.58 15.00 28.61
CA PRO A 652 -9.63 13.59 29.03
C PRO A 652 -8.22 13.01 29.18
N ILE A 653 -7.96 12.44 30.35
CA ILE A 653 -6.69 11.77 30.61
C ILE A 653 -6.83 10.26 30.54
N GLY A 654 -7.90 9.72 31.13
CA GLY A 654 -8.14 8.29 31.09
C GLY A 654 -8.34 7.66 32.45
N ALA A 655 -8.91 6.46 32.47
CA ALA A 655 -9.15 5.70 33.70
C ALA A 655 -9.97 6.53 34.69
N GLY A 656 -10.93 7.29 34.16
CA GLY A 656 -11.78 8.12 34.99
C GLY A 656 -11.18 9.43 35.43
N ILE A 657 -10.00 9.79 34.94
CA ILE A 657 -9.29 11.00 35.34
C ILE A 657 -9.32 11.98 34.18
N CYS A 658 -9.60 13.25 34.48
CA CYS A 658 -9.54 14.33 33.51
C CYS A 658 -8.75 15.48 34.11
N ALA A 659 -8.38 16.44 33.27
CA ALA A 659 -7.56 17.56 33.68
C ALA A 659 -8.17 18.87 33.21
N SER A 660 -7.83 19.95 33.90
CA SER A 660 -8.35 21.27 33.58
C SER A 660 -7.35 22.33 34.03
N TYR A 661 -7.58 23.55 33.55
CA TYR A 661 -6.74 24.70 33.88
C TYR A 661 -7.62 25.68 34.67
N GLN A 662 -7.31 25.87 35.95
CA GLN A 662 -8.17 26.63 36.84
C GLN A 662 -7.32 27.56 37.69
N THR A 663 -7.91 28.70 38.07
CA THR A 663 -7.25 29.67 38.94
C THR A 663 -7.15 29.14 40.37
N SER A 672 -2.37 32.96 39.92
CA SER A 672 -2.27 31.72 40.69
C SER A 672 -2.89 30.55 39.93
N GLN A 673 -3.08 30.74 38.63
CA GLN A 673 -3.67 29.69 37.81
C GLN A 673 -2.72 28.50 37.68
N SER A 674 -3.30 27.31 37.61
CA SER A 674 -2.52 26.09 37.51
C SER A 674 -3.39 24.98 36.93
N ILE A 675 -2.74 23.86 36.61
CA ILE A 675 -3.40 22.70 36.03
C ILE A 675 -3.76 21.74 37.15
N ILE A 676 -5.01 21.30 37.18
CA ILE A 676 -5.49 20.37 38.19
C ILE A 676 -6.04 19.12 37.49
N ALA A 677 -6.08 18.02 38.24
CA ALA A 677 -6.59 16.75 37.76
C ALA A 677 -7.61 16.21 38.74
N TYR A 678 -8.70 15.65 38.21
CA TYR A 678 -9.79 15.20 39.06
C TYR A 678 -10.56 14.08 38.37
N THR A 679 -11.31 13.33 39.16
CA THR A 679 -12.22 12.32 38.64
C THR A 679 -13.46 13.00 38.06
N MET A 680 -13.82 12.63 36.84
CA MET A 680 -14.95 13.25 36.18
C MET A 680 -16.26 12.90 36.88
N SER A 681 -17.22 13.81 36.77
CA SER A 681 -18.52 13.64 37.41
C SER A 681 -19.51 13.08 36.40
N LEU A 682 -20.09 11.92 36.73
CA LEU A 682 -21.07 11.31 35.84
C LEU A 682 -22.32 12.19 35.72
N GLY A 683 -22.77 12.76 36.82
CA GLY A 683 -23.94 13.62 36.80
C GLY A 683 -24.42 13.91 38.20
N ALA A 684 -25.45 14.75 38.27
CA ALA A 684 -26.04 15.11 39.55
C ALA A 684 -26.85 13.94 40.11
N GLU A 685 -26.67 13.67 41.39
CA GLU A 685 -27.42 12.60 42.04
C GLU A 685 -28.87 12.99 42.20
N ASN A 686 -29.76 12.02 42.07
CA ASN A 686 -31.19 12.27 42.15
C ASN A 686 -31.90 11.00 42.60
N SER A 687 -33.14 11.16 43.06
CA SER A 687 -33.95 10.04 43.49
C SER A 687 -35.42 10.33 43.17
N VAL A 688 -36.20 9.26 43.08
CA VAL A 688 -37.62 9.35 42.80
C VAL A 688 -38.39 8.75 43.98
N ALA A 689 -39.35 9.50 44.50
CA ALA A 689 -40.17 9.05 45.62
C ALA A 689 -41.19 8.06 45.08
N TYR A 690 -40.88 6.76 45.23
CA TYR A 690 -41.72 5.71 44.69
C TYR A 690 -42.63 5.14 45.76
N SER A 691 -43.90 4.97 45.41
CA SER A 691 -44.88 4.29 46.27
C SER A 691 -45.94 3.69 45.37
N ASN A 692 -46.71 2.76 45.92
CA ASN A 692 -47.65 1.99 45.11
C ASN A 692 -48.97 2.71 44.87
N ASN A 693 -49.18 3.90 45.43
CA ASN A 693 -50.43 4.61 45.24
C ASN A 693 -50.26 6.11 44.99
N SER A 694 -49.09 6.54 44.55
CA SER A 694 -48.83 7.95 44.25
C SER A 694 -48.37 8.10 42.81
N ILE A 695 -48.93 9.09 42.12
CA ILE A 695 -48.60 9.36 40.72
C ILE A 695 -48.40 10.86 40.55
N ALA A 696 -47.42 11.23 39.73
CA ALA A 696 -47.12 12.63 39.46
C ALA A 696 -47.71 13.02 38.11
N ILE A 697 -48.50 14.09 38.10
CA ILE A 697 -49.18 14.57 36.91
C ILE A 697 -48.67 15.96 36.61
N PRO A 698 -48.23 16.24 35.38
CA PRO A 698 -47.82 17.60 35.03
C PRO A 698 -49.01 18.54 34.98
N THR A 699 -48.74 19.83 35.25
CA THR A 699 -49.78 20.85 35.21
C THR A 699 -49.50 21.97 34.21
N ASN A 700 -48.31 22.02 33.62
CA ASN A 700 -47.99 23.08 32.67
C ASN A 700 -47.04 22.50 31.62
N PHE A 701 -46.81 23.25 30.55
CA PHE A 701 -45.98 22.77 29.46
C PHE A 701 -45.13 23.90 28.91
N THR A 702 -44.05 23.51 28.23
CA THR A 702 -43.15 24.43 27.57
C THR A 702 -42.86 23.95 26.16
N ILE A 703 -42.61 24.89 25.26
CA ILE A 703 -42.26 24.62 23.88
C ILE A 703 -40.79 24.95 23.68
N SER A 704 -40.02 23.99 23.21
CA SER A 704 -38.58 24.15 23.05
C SER A 704 -38.19 23.95 21.60
N VAL A 705 -37.11 24.62 21.18
CA VAL A 705 -36.54 24.49 19.85
C VAL A 705 -35.08 24.10 19.99
N THR A 706 -34.71 23.01 19.32
CA THR A 706 -33.36 22.46 19.40
C THR A 706 -32.75 22.39 18.01
N THR A 707 -31.47 22.74 17.91
CA THR A 707 -30.75 22.74 16.65
C THR A 707 -29.85 21.52 16.55
N GLU A 708 -29.79 20.92 15.37
CA GLU A 708 -28.86 19.83 15.11
C GLU A 708 -28.30 19.99 13.69
N ILE A 709 -27.08 19.51 13.48
CA ILE A 709 -26.36 19.70 12.23
C ILE A 709 -25.86 18.35 11.74
N LEU A 710 -26.02 18.11 10.43
CA LEU A 710 -25.57 16.87 9.82
C LEU A 710 -24.83 17.16 8.51
N PRO A 711 -23.60 16.68 8.34
CA PRO A 711 -22.92 16.83 7.05
C PRO A 711 -23.60 16.01 5.97
N VAL A 712 -23.52 16.50 4.73
CA VAL A 712 -24.22 15.86 3.63
C VAL A 712 -23.24 15.44 2.55
N SER A 713 -22.14 16.18 2.40
CA SER A 713 -21.19 15.90 1.33
C SER A 713 -19.88 16.62 1.64
N MET A 714 -18.90 16.46 0.75
CA MET A 714 -17.60 17.08 0.90
C MET A 714 -17.13 17.55 -0.48
N THR A 715 -15.90 18.07 -0.53
CA THR A 715 -15.36 18.60 -1.77
C THR A 715 -14.97 17.47 -2.72
N LYS A 716 -15.13 17.72 -4.02
CA LYS A 716 -14.76 16.76 -5.05
C LYS A 716 -13.38 17.12 -5.58
N THR A 717 -12.48 16.12 -5.61
CA THR A 717 -11.09 16.35 -5.98
C THR A 717 -10.70 15.43 -7.13
N SER A 718 -9.69 15.87 -7.90
CA SER A 718 -9.13 15.10 -8.98
C SER A 718 -7.62 15.31 -9.01
N VAL A 719 -6.90 14.28 -9.43
CA VAL A 719 -5.44 14.30 -9.48
C VAL A 719 -4.99 13.83 -10.85
N ASP A 720 -4.09 14.58 -11.48
CA ASP A 720 -3.46 14.18 -12.73
C ASP A 720 -2.20 13.40 -12.39
N CYS A 721 -2.22 12.09 -12.63
CA CYS A 721 -1.16 11.21 -12.16
C CYS A 721 0.17 11.53 -12.82
N THR A 722 0.17 11.68 -14.16
CA THR A 722 1.42 11.88 -14.88
C THR A 722 2.07 13.21 -14.51
N MET A 723 1.29 14.27 -14.43
CA MET A 723 1.85 15.58 -14.10
C MET A 723 2.39 15.61 -12.67
N TYR A 724 1.68 15.00 -11.73
CA TYR A 724 2.13 14.99 -10.35
C TYR A 724 3.40 14.16 -10.19
N ILE A 725 3.44 12.97 -10.79
CA ILE A 725 4.60 12.10 -10.62
C ILE A 725 5.81 12.65 -11.35
N CYS A 726 5.63 13.15 -12.57
CA CYS A 726 6.75 13.53 -13.42
C CYS A 726 6.85 15.04 -13.61
N GLY A 727 5.80 15.70 -14.09
CA GLY A 727 5.89 17.12 -14.34
C GLY A 727 6.81 17.42 -15.51
N ASP A 728 6.37 17.08 -16.73
CA ASP A 728 7.18 17.12 -17.94
C ASP A 728 8.30 16.10 -17.82
N SER A 729 9.48 16.41 -18.37
CA SER A 729 10.63 15.51 -18.32
C SER A 729 10.29 14.15 -18.95
N THR A 730 10.08 14.19 -20.26
CA THR A 730 9.58 13.08 -21.06
C THR A 730 10.21 11.73 -20.71
N GLU A 731 11.44 11.73 -20.21
CA GLU A 731 12.05 10.49 -19.74
C GLU A 731 11.24 9.87 -18.61
N CYS A 732 10.81 10.69 -17.65
CA CYS A 732 9.98 10.18 -16.56
C CYS A 732 8.65 9.65 -17.08
N SER A 733 8.03 10.36 -18.03
CA SER A 733 6.77 9.89 -18.58
C SER A 733 6.94 8.56 -19.30
N ASN A 734 8.04 8.39 -20.04
CA ASN A 734 8.31 7.12 -20.69
C ASN A 734 8.55 6.01 -19.67
N LEU A 735 9.29 6.31 -18.59
CA LEU A 735 9.55 5.29 -17.59
C LEU A 735 8.31 4.95 -16.78
N LEU A 736 7.31 5.84 -16.77
CA LEU A 736 6.07 5.56 -16.05
C LEU A 736 5.21 4.52 -16.74
N LEU A 737 5.45 4.26 -18.03
CA LEU A 737 4.58 3.35 -18.79
C LEU A 737 4.72 1.89 -18.34
N GLN A 738 5.87 1.51 -17.78
CA GLN A 738 6.07 0.13 -17.37
C GLN A 738 5.30 -0.23 -16.09
N TYR A 739 4.68 0.74 -15.42
CA TYR A 739 3.97 0.47 -14.18
C TYR A 739 2.49 0.19 -14.37
N GLY A 740 2.00 0.15 -15.61
CA GLY A 740 0.63 -0.27 -15.85
C GLY A 740 -0.41 0.82 -15.73
N SER A 741 -1.58 0.46 -15.21
CA SER A 741 -2.75 1.34 -15.17
C SER A 741 -3.11 1.73 -13.74
N PHE A 742 -2.09 2.00 -12.91
CA PHE A 742 -2.36 2.48 -11.55
C PHE A 742 -3.04 3.84 -11.58
N CYS A 743 -2.59 4.73 -12.45
CA CYS A 743 -3.18 6.07 -12.54
C CYS A 743 -4.63 5.99 -12.99
N THR A 744 -4.94 5.09 -13.91
CA THR A 744 -6.32 4.90 -14.34
C THR A 744 -7.20 4.45 -13.19
N GLN A 745 -6.72 3.52 -12.36
CA GLN A 745 -7.47 3.07 -11.21
C GLN A 745 -7.70 4.21 -10.22
N LEU A 746 -6.68 5.01 -9.98
CA LEU A 746 -6.82 6.15 -9.07
C LEU A 746 -7.86 7.13 -9.59
N ASN A 747 -7.80 7.44 -10.88
CA ASN A 747 -8.76 8.36 -11.48
C ASN A 747 -10.18 7.80 -11.42
N ARG A 748 -10.34 6.49 -11.64
CA ARG A 748 -11.64 5.87 -11.55
C ARG A 748 -12.22 5.98 -10.14
N ALA A 749 -11.39 5.71 -9.13
CA ALA A 749 -11.86 5.82 -7.75
C ALA A 749 -12.26 7.25 -7.42
N LEU A 750 -11.45 8.23 -7.84
CA LEU A 750 -11.78 9.63 -7.56
C LEU A 750 -13.06 10.04 -8.27
N THR A 751 -13.26 9.59 -9.51
CA THR A 751 -14.49 9.91 -10.23
C THR A 751 -15.70 9.28 -9.56
N GLY A 752 -15.55 8.06 -9.07
CA GLY A 752 -16.65 7.43 -8.34
C GLY A 752 -17.03 8.21 -7.09
N ILE A 753 -16.01 8.68 -6.35
CA ILE A 753 -16.28 9.48 -5.16
C ILE A 753 -16.99 10.78 -5.54
N ALA A 754 -16.53 11.42 -6.62
CA ALA A 754 -17.13 12.68 -7.05
C ALA A 754 -18.60 12.48 -7.45
N VAL A 755 -18.90 11.39 -8.15
CA VAL A 755 -20.29 11.11 -8.50
C VAL A 755 -21.12 10.83 -7.26
N GLU A 756 -20.55 10.09 -6.30
CA GLU A 756 -21.29 9.77 -5.08
C GLU A 756 -21.63 11.02 -4.28
N GLN A 757 -20.76 12.03 -4.30
CA GLN A 757 -21.06 13.27 -3.59
C GLN A 757 -22.33 13.92 -4.12
N ASP A 758 -22.42 14.08 -5.44
CA ASP A 758 -23.61 14.68 -6.04
C ASP A 758 -24.84 13.81 -5.82
N LYS A 759 -24.67 12.48 -5.87
CA LYS A 759 -25.78 11.60 -5.59
C LYS A 759 -26.30 11.79 -4.18
N ASN A 760 -25.39 11.93 -3.20
CA ASN A 760 -25.81 12.16 -1.82
C ASN A 760 -26.54 13.47 -1.68
N THR A 761 -26.04 14.54 -2.32
CA THR A 761 -26.70 15.83 -2.23
C THR A 761 -28.11 15.77 -2.80
N GLN A 762 -28.26 15.16 -3.98
CA GLN A 762 -29.57 15.06 -4.61
C GLN A 762 -30.51 14.21 -3.77
N GLU A 763 -30.01 13.11 -3.20
CA GLU A 763 -30.84 12.26 -2.35
C GLU A 763 -31.32 13.03 -1.12
N VAL A 764 -30.44 13.81 -0.50
CA VAL A 764 -30.80 14.49 0.73
C VAL A 764 -31.81 15.60 0.46
N PHE A 765 -31.57 16.40 -0.57
CA PHE A 765 -32.38 17.61 -0.75
C PHE A 765 -33.52 17.46 -1.74
N ALA A 766 -33.31 16.77 -2.87
CA ALA A 766 -34.33 16.68 -3.91
C ALA A 766 -35.30 15.55 -3.55
N GLN A 767 -36.30 15.90 -2.73
CA GLN A 767 -37.34 14.96 -2.33
C GLN A 767 -38.74 15.40 -2.69
N VAL A 768 -38.95 16.66 -3.08
CA VAL A 768 -40.26 17.18 -3.44
C VAL A 768 -40.23 17.60 -4.90
N LYS A 769 -41.30 17.27 -5.63
CA LYS A 769 -41.38 17.55 -7.06
C LYS A 769 -41.86 18.96 -7.37
N GLN A 770 -42.66 19.55 -6.49
CA GLN A 770 -43.25 20.87 -6.74
C GLN A 770 -42.51 21.92 -5.92
N ILE A 771 -42.20 23.04 -6.56
CA ILE A 771 -41.54 24.17 -5.89
C ILE A 771 -42.66 25.10 -5.42
N TYR A 772 -43.13 24.86 -4.21
CA TYR A 772 -44.24 25.65 -3.65
C TYR A 772 -43.77 27.04 -3.29
N LYS A 773 -44.51 28.05 -3.73
CA LYS A 773 -44.17 29.43 -3.43
C LYS A 773 -44.76 29.84 -2.08
N THR A 774 -44.25 30.95 -1.55
CA THR A 774 -44.71 31.45 -0.26
C THR A 774 -46.19 31.84 -0.36
N PRO A 775 -46.99 31.51 0.65
CA PRO A 775 -48.44 31.74 0.58
C PRO A 775 -48.77 33.23 0.50
N PRO A 776 -50.07 33.58 0.37
CA PRO A 776 -50.46 34.99 0.27
C PRO A 776 -50.16 35.86 1.50
N ILE A 777 -49.38 35.34 2.46
CA ILE A 777 -48.46 36.11 3.31
C ILE A 777 -49.01 36.35 4.72
N LYS A 778 -48.27 35.85 5.72
CA LYS A 778 -48.50 36.07 7.16
C LYS A 778 -49.94 36.05 7.67
N ASP A 779 -50.57 34.88 7.71
CA ASP A 779 -51.82 34.71 8.46
C ASP A 779 -51.79 33.41 9.26
N PHE A 780 -50.66 33.14 9.90
CA PHE A 780 -50.41 31.84 10.55
C PHE A 780 -50.78 31.86 12.03
N GLY A 781 -51.99 32.29 12.36
CA GLY A 781 -52.51 32.13 13.71
C GLY A 781 -51.67 32.75 14.81
N GLY A 782 -50.91 33.79 14.50
CA GLY A 782 -50.06 34.46 15.47
C GLY A 782 -48.63 33.99 15.49
N PHE A 783 -48.32 32.84 14.89
CA PHE A 783 -46.94 32.40 14.79
C PHE A 783 -46.17 33.30 13.82
N ASN A 784 -44.88 33.49 14.13
CA ASN A 784 -44.02 34.36 13.35
C ASN A 784 -42.88 33.53 12.77
N PHE A 785 -42.86 33.37 11.45
CA PHE A 785 -41.85 32.59 10.76
C PHE A 785 -40.92 33.44 9.91
N SER A 786 -40.79 34.72 10.24
CA SER A 786 -39.95 35.62 9.43
C SER A 786 -38.47 35.24 9.49
N GLN A 787 -38.05 34.54 10.54
CA GLN A 787 -36.63 34.20 10.67
C GLN A 787 -36.22 33.12 9.69
N ILE A 788 -37.05 32.08 9.54
CA ILE A 788 -36.68 30.95 8.68
C ILE A 788 -37.16 31.12 7.24
N LEU A 789 -38.13 31.99 6.99
CA LEU A 789 -38.59 32.20 5.63
C LEU A 789 -37.55 32.98 4.83
N PRO A 790 -37.47 32.74 3.52
CA PRO A 790 -36.46 33.40 2.71
C PRO A 790 -36.68 34.91 2.64
N ASP A 791 -35.58 35.65 2.53
CA ASP A 791 -35.63 37.10 2.41
C ASP A 791 -35.67 37.49 0.94
N PRO A 792 -36.75 38.09 0.45
CA PRO A 792 -36.84 38.42 -0.98
C PRO A 792 -36.03 39.64 -1.39
N SER A 793 -35.44 40.38 -0.44
CA SER A 793 -34.71 41.59 -0.77
C SER A 793 -33.25 41.33 -1.13
N LYS A 794 -32.60 40.39 -0.44
CA LYS A 794 -31.19 40.13 -0.68
C LYS A 794 -30.99 39.49 -2.05
N PRO A 795 -29.81 39.67 -2.67
CA PRO A 795 -29.56 39.04 -3.96
C PRO A 795 -29.67 37.52 -3.92
N SER A 796 -29.28 36.89 -2.83
CA SER A 796 -29.45 35.46 -2.64
C SER A 796 -30.66 35.21 -1.77
N LYS A 797 -31.53 34.30 -2.22
CA LYS A 797 -32.80 34.04 -1.54
C LYS A 797 -32.59 33.10 -0.34
N ARG A 798 -31.76 33.56 0.59
CA ARG A 798 -31.50 32.84 1.82
C ARG A 798 -32.35 33.41 2.95
N SER A 799 -32.38 32.68 4.06
CA SER A 799 -33.01 33.15 5.29
C SER A 799 -31.94 33.74 6.21
N PHE A 800 -32.42 34.38 7.29
CA PHE A 800 -31.50 34.97 8.26
C PHE A 800 -30.65 33.90 8.92
N ILE A 801 -31.27 32.80 9.33
CA ILE A 801 -30.53 31.70 9.96
C ILE A 801 -29.55 31.08 8.96
N GLU A 802 -29.99 30.89 7.71
CA GLU A 802 -29.10 30.35 6.69
C GLU A 802 -27.93 31.30 6.43
N ASP A 803 -28.19 32.61 6.42
CA ASP A 803 -27.11 33.58 6.25
C ASP A 803 -26.11 33.50 7.39
N LEU A 804 -26.60 33.38 8.63
CA LEU A 804 -25.70 33.25 9.77
C LEU A 804 -24.88 31.97 9.67
N LEU A 805 -25.51 30.87 9.27
CA LEU A 805 -24.79 29.60 9.12
C LEU A 805 -23.72 29.71 8.05
N PHE A 806 -24.04 30.36 6.92
CA PHE A 806 -23.04 30.55 5.88
C PHE A 806 -21.88 31.42 6.36
N ASN A 807 -22.18 32.44 7.15
CA ASN A 807 -21.12 33.31 7.66
C ASN A 807 -20.26 32.59 8.69
N LYS A 808 -20.83 31.65 9.44
CA LYS A 808 -20.08 31.00 10.52
C LYS A 808 -18.99 30.09 9.97
N VAL A 809 -19.26 29.38 8.89
CA VAL A 809 -18.30 28.44 8.29
C VAL A 809 -17.41 29.21 7.34
N THR A 810 -16.09 29.06 7.51
CA THR A 810 -15.11 29.79 6.73
C THR A 810 -14.61 28.92 5.58
N LEU A 811 -14.43 29.55 4.41
CA LEU A 811 -13.90 28.89 3.24
C LEU A 811 -12.85 29.77 2.59
N ALA A 812 -11.83 29.14 2.02
CA ALA A 812 -10.75 29.84 1.34
C ALA A 812 -11.03 29.92 -0.15
N ASP A 813 -10.44 30.93 -0.80
CA ASP A 813 -10.56 31.16 -2.24
C ASP A 813 -12.03 31.34 -2.63
N ALA A 814 -12.62 32.42 -2.13
CA ALA A 814 -14.02 32.68 -2.41
C ALA A 814 -14.20 33.34 -3.77
N GLY A 815 -13.55 32.79 -4.78
CA GLY A 815 -13.86 33.05 -6.17
C GLY A 815 -13.98 31.73 -6.90
N PHE A 816 -13.38 30.71 -6.29
CA PHE A 816 -13.46 29.30 -6.70
C PHE A 816 -12.74 29.05 -8.03
N ILE A 817 -12.24 30.10 -8.68
CA ILE A 817 -11.58 29.97 -9.97
C ILE A 817 -10.25 30.71 -9.92
N LYS A 818 -9.20 30.07 -10.43
CA LYS A 818 -7.88 30.68 -10.55
C LYS A 818 -7.27 30.24 -11.86
N GLN A 819 -7.28 31.13 -12.86
CA GLN A 819 -6.69 30.82 -14.15
C GLN A 819 -5.19 31.05 -14.13
N TYR A 820 -4.54 30.88 -15.28
CA TYR A 820 -3.11 31.11 -15.39
C TYR A 820 -2.82 32.56 -15.77
N GLY A 821 -3.47 33.49 -15.06
CA GLY A 821 -3.22 34.91 -15.23
C GLY A 821 -3.10 35.60 -13.88
N ASP A 822 -3.51 34.90 -12.82
CA ASP A 822 -3.34 35.35 -11.46
C ASP A 822 -2.56 34.35 -10.62
N CYS A 823 -2.19 33.21 -11.18
CA CYS A 823 -1.41 32.18 -10.50
C CYS A 823 0.09 32.42 -10.59
N LEU A 824 0.55 33.10 -11.65
CA LEU A 824 1.94 33.47 -11.80
C LEU A 824 2.22 34.90 -11.35
N GLY A 825 1.23 35.61 -10.83
CA GLY A 825 1.35 37.01 -10.53
C GLY A 825 2.20 37.34 -9.32
N ASP A 826 1.92 38.48 -8.68
CA ASP A 826 2.72 38.95 -7.55
C ASP A 826 2.59 38.07 -6.32
N ILE A 827 1.78 37.01 -6.36
CA ILE A 827 1.73 36.08 -5.23
C ILE A 827 3.11 35.46 -5.07
N ALA A 828 3.69 35.61 -3.88
CA ALA A 828 5.06 35.21 -3.59
C ALA A 828 5.09 33.81 -2.98
N ALA A 829 4.16 32.96 -3.43
CA ALA A 829 3.95 31.62 -2.86
C ALA A 829 3.40 31.71 -1.43
N ARG A 830 2.46 32.64 -1.24
CA ARG A 830 1.69 32.72 -0.02
C ARG A 830 0.44 31.84 -0.06
N ASP A 831 -0.17 31.72 -1.24
CA ASP A 831 -1.32 30.85 -1.41
C ASP A 831 -0.86 29.46 -1.84
N LEU A 832 -1.40 28.44 -1.19
CA LEU A 832 -1.12 27.05 -1.57
C LEU A 832 -2.06 26.55 -2.65
N ILE A 833 -3.03 27.37 -3.08
CA ILE A 833 -3.91 26.98 -4.18
C ILE A 833 -3.11 26.79 -5.45
N CYS A 834 -2.22 27.74 -5.75
CA CYS A 834 -1.34 27.58 -6.90
C CYS A 834 -0.35 26.43 -6.72
N ALA A 835 0.13 26.21 -5.50
CA ALA A 835 1.01 25.09 -5.24
C ALA A 835 0.32 23.76 -5.56
N GLN A 836 -0.96 23.64 -5.20
CA GLN A 836 -1.71 22.43 -5.53
C GLN A 836 -2.01 22.34 -7.02
N LYS A 837 -2.37 23.47 -7.65
CA LYS A 837 -2.76 23.44 -9.05
C LYS A 837 -1.58 23.14 -9.97
N PHE A 838 -0.39 23.63 -9.62
CA PHE A 838 0.80 23.36 -10.42
C PHE A 838 1.23 21.90 -10.37
N ASN A 839 0.68 21.11 -9.46
CA ASN A 839 1.02 19.70 -9.34
C ASN A 839 -0.12 18.79 -9.80
N GLY A 840 -1.14 19.34 -10.44
CA GLY A 840 -2.22 18.54 -10.99
C GLY A 840 -3.42 18.37 -10.09
N LEU A 841 -3.36 18.83 -8.84
CA LEU A 841 -4.48 18.69 -7.93
C LEU A 841 -5.55 19.73 -8.27
N THR A 842 -6.79 19.27 -8.51
CA THR A 842 -7.87 20.13 -8.94
C THR A 842 -9.11 19.87 -8.08
N VAL A 843 -9.88 20.92 -7.84
CA VAL A 843 -11.13 20.84 -7.09
C VAL A 843 -12.28 21.14 -8.04
N LEU A 844 -13.29 20.25 -8.08
CA LEU A 844 -14.40 20.34 -9.01
C LEU A 844 -15.62 20.97 -8.35
N PRO A 845 -16.46 21.66 -9.13
CA PRO A 845 -17.65 22.31 -8.56
C PRO A 845 -18.77 21.30 -8.33
N PRO A 846 -19.61 21.52 -7.32
CA PRO A 846 -20.79 20.68 -7.15
C PRO A 846 -21.84 20.99 -8.20
N LEU A 847 -22.68 19.99 -8.48
CA LEU A 847 -23.72 20.15 -9.48
C LEU A 847 -24.77 21.16 -9.03
N LEU A 848 -25.24 21.05 -7.80
CA LEU A 848 -26.27 21.94 -7.27
C LEU A 848 -25.62 23.09 -6.52
N THR A 849 -25.80 24.30 -7.04
CA THR A 849 -25.31 25.49 -6.35
C THR A 849 -26.19 25.78 -5.13
N ASP A 850 -25.66 26.59 -4.22
CA ASP A 850 -26.40 26.93 -3.01
C ASP A 850 -27.69 27.70 -3.31
N GLU A 851 -27.74 28.41 -4.43
CA GLU A 851 -28.97 29.12 -4.80
C GLU A 851 -30.10 28.17 -5.18
N MET A 852 -29.80 26.91 -5.47
CA MET A 852 -30.82 25.89 -5.71
C MET A 852 -31.21 25.15 -4.43
N ILE A 853 -30.24 24.89 -3.56
CA ILE A 853 -30.54 24.31 -2.26
C ILE A 853 -31.43 25.25 -1.45
N ALA A 854 -31.18 26.57 -1.57
CA ALA A 854 -32.04 27.54 -0.90
C ALA A 854 -33.48 27.45 -1.41
N GLN A 855 -33.65 27.32 -2.73
CA GLN A 855 -35.00 27.20 -3.29
C GLN A 855 -35.67 25.92 -2.81
N TYR A 856 -34.91 24.82 -2.77
CA TYR A 856 -35.47 23.56 -2.29
C TYR A 856 -35.93 23.67 -0.83
N THR A 857 -35.10 24.29 0.01
CA THR A 857 -35.47 24.49 1.40
C THR A 857 -36.69 25.39 1.53
N SER A 858 -36.76 26.45 0.73
CA SER A 858 -37.93 27.33 0.78
C SER A 858 -39.19 26.58 0.38
N ALA A 859 -39.10 25.74 -0.65
CA ALA A 859 -40.27 24.95 -1.05
C ALA A 859 -40.69 23.99 0.05
N LEU A 860 -39.72 23.35 0.70
CA LEU A 860 -40.05 22.44 1.80
C LEU A 860 -40.71 23.18 2.96
N LEU A 861 -40.19 24.36 3.31
CA LEU A 861 -40.79 25.15 4.38
C LEU A 861 -42.21 25.57 4.02
N ALA A 862 -42.42 26.03 2.79
CA ALA A 862 -43.77 26.42 2.38
C ALA A 862 -44.73 25.23 2.44
N GLY A 863 -44.29 24.06 1.97
CA GLY A 863 -45.14 22.88 2.01
C GLY A 863 -45.48 22.46 3.43
N THR A 864 -44.50 22.45 4.33
CA THR A 864 -44.76 22.03 5.69
C THR A 864 -45.50 23.07 6.50
N ILE A 865 -45.50 24.33 6.07
CA ILE A 865 -46.26 25.35 6.78
C ILE A 865 -47.71 25.38 6.31
N THR A 866 -47.94 25.28 4.99
CA THR A 866 -49.27 25.46 4.46
C THR A 866 -50.11 24.19 4.48
N SER A 867 -49.52 23.04 4.14
CA SER A 867 -50.29 21.81 3.97
C SER A 867 -49.96 20.71 4.98
N GLY A 868 -49.09 20.98 5.96
CA GLY A 868 -48.74 19.95 6.91
C GLY A 868 -47.99 18.81 6.27
N TRP A 869 -48.35 17.58 6.63
CA TRP A 869 -47.70 16.38 6.11
C TRP A 869 -48.34 15.87 4.83
N THR A 870 -49.40 16.52 4.35
CA THR A 870 -50.13 16.00 3.20
C THR A 870 -49.29 16.07 1.92
N PHE A 871 -48.53 17.15 1.74
CA PHE A 871 -47.74 17.31 0.52
C PHE A 871 -46.68 16.23 0.37
N GLY A 872 -46.21 15.66 1.49
CA GLY A 872 -45.25 14.59 1.40
C GLY A 872 -45.83 13.32 0.79
N ALA A 873 -47.08 13.00 1.14
CA ALA A 873 -47.72 11.78 0.67
C ALA A 873 -48.45 11.95 -0.66
N GLY A 874 -48.55 13.17 -1.17
CA GLY A 874 -49.24 13.39 -2.42
C GLY A 874 -49.54 14.85 -2.71
N ALA A 875 -50.74 15.13 -3.21
CA ALA A 875 -51.12 16.50 -3.52
C ALA A 875 -51.29 17.30 -2.24
N ALA A 876 -50.83 18.56 -2.28
CA ALA A 876 -50.89 19.42 -1.11
C ALA A 876 -52.31 19.93 -0.89
N LEU A 877 -52.79 19.83 0.35
CA LEU A 877 -54.11 20.31 0.73
C LEU A 877 -53.96 21.38 1.80
N GLN A 878 -54.55 22.55 1.55
CA GLN A 878 -54.44 23.66 2.49
C GLN A 878 -55.21 23.37 3.77
N ILE A 879 -54.72 23.91 4.87
CA ILE A 879 -55.33 23.74 6.19
C ILE A 879 -54.85 24.85 7.11
N PRO A 880 -55.71 25.42 7.94
CA PRO A 880 -55.26 26.45 8.88
C PRO A 880 -54.19 25.92 9.83
N PHE A 881 -53.24 26.80 10.18
CA PHE A 881 -52.10 26.38 10.98
C PHE A 881 -52.51 26.01 12.40
N ALA A 882 -53.51 26.69 12.95
CA ALA A 882 -53.97 26.37 14.30
C ALA A 882 -54.51 24.95 14.37
N MET A 883 -55.28 24.55 13.36
CA MET A 883 -55.79 23.18 13.33
C MET A 883 -54.65 22.17 13.15
N GLN A 884 -53.63 22.53 12.36
CA GLN A 884 -52.48 21.65 12.23
C GLN A 884 -51.79 21.45 13.57
N MET A 885 -51.63 22.53 14.34
CA MET A 885 -51.07 22.42 15.67
C MET A 885 -51.95 21.56 16.57
N ALA A 886 -53.28 21.71 16.45
CA ALA A 886 -54.18 20.90 17.26
C ALA A 886 -54.05 19.41 16.96
N TYR A 887 -53.97 19.05 15.68
CA TYR A 887 -53.84 17.64 15.33
C TYR A 887 -52.47 17.09 15.70
N ARG A 888 -51.42 17.91 15.59
CA ARG A 888 -50.11 17.46 16.06
C ARG A 888 -50.08 17.29 17.57
N PHE A 889 -50.85 18.12 18.30
CA PHE A 889 -51.02 17.91 19.73
C PHE A 889 -51.77 16.62 20.03
N ASN A 890 -52.80 16.33 19.24
CA ASN A 890 -53.52 15.06 19.39
C ASN A 890 -52.62 13.87 19.11
N GLY A 891 -51.63 14.05 18.22
CA GLY A 891 -50.73 12.96 17.89
C GLY A 891 -49.84 12.51 19.03
N ILE A 892 -49.69 13.33 20.07
CA ILE A 892 -48.84 12.99 21.20
C ILE A 892 -49.67 12.68 22.45
N GLY A 893 -50.96 12.41 22.28
CA GLY A 893 -51.80 12.00 23.41
C GLY A 893 -52.35 13.12 24.25
N VAL A 894 -52.47 14.33 23.70
CA VAL A 894 -53.04 15.47 24.40
C VAL A 894 -54.26 15.95 23.62
N THR A 895 -55.35 16.19 24.33
CA THR A 895 -56.59 16.63 23.69
C THR A 895 -56.38 17.99 23.01
N GLN A 896 -57.05 18.17 21.87
CA GLN A 896 -56.83 19.36 21.06
C GLN A 896 -57.29 20.64 21.75
N ASN A 897 -58.32 20.55 22.59
CA ASN A 897 -58.87 21.75 23.22
C ASN A 897 -57.83 22.49 24.04
N VAL A 898 -56.87 21.76 24.61
CA VAL A 898 -55.82 22.38 25.41
C VAL A 898 -55.06 23.42 24.60
N LEU A 899 -54.90 23.19 23.30
CA LEU A 899 -54.27 24.20 22.45
C LEU A 899 -55.13 25.46 22.37
N TYR A 900 -56.44 25.28 22.10
CA TYR A 900 -57.30 26.43 21.84
C TYR A 900 -57.46 27.30 23.08
N GLU A 901 -57.28 26.73 24.27
CA GLU A 901 -57.38 27.50 25.50
C GLU A 901 -56.05 28.12 25.91
N ASN A 902 -54.95 27.83 25.21
CA ASN A 902 -53.64 28.33 25.59
C ASN A 902 -52.83 28.81 24.38
N GLN A 903 -53.50 29.01 23.24
CA GLN A 903 -52.80 29.35 22.01
C GLN A 903 -51.91 30.57 22.19
N LYS A 904 -52.43 31.63 22.80
CA LYS A 904 -51.66 32.85 22.97
C LYS A 904 -50.36 32.59 23.72
N LEU A 905 -50.38 31.65 24.67
CA LEU A 905 -49.13 31.27 25.32
C LEU A 905 -48.19 30.60 24.33
N ILE A 906 -48.67 29.55 23.66
CA ILE A 906 -47.78 28.69 22.88
C ILE A 906 -47.05 29.50 21.82
N ALA A 907 -47.79 30.29 21.04
CA ALA A 907 -47.18 31.12 20.01
C ALA A 907 -46.04 31.94 20.61
N ASN A 908 -46.33 32.65 21.71
CA ASN A 908 -45.28 33.46 22.33
C ASN A 908 -44.07 32.60 22.65
N GLN A 909 -44.29 31.46 23.31
CA GLN A 909 -43.18 30.56 23.62
C GLN A 909 -42.41 30.23 22.36
N PHE A 910 -43.12 29.82 21.31
CA PHE A 910 -42.46 29.49 20.05
C PHE A 910 -41.57 30.64 19.60
N ASN A 911 -42.14 31.85 19.56
CA ASN A 911 -41.35 33.01 19.14
C ASN A 911 -40.11 33.13 20.01
N SER A 912 -40.29 33.13 21.33
CA SER A 912 -39.14 33.26 22.21
C SER A 912 -38.11 32.19 21.90
N ALA A 913 -38.58 30.95 21.71
CA ALA A 913 -37.64 29.87 21.41
C ALA A 913 -36.82 30.19 20.19
N ILE A 914 -37.47 30.56 19.08
CA ILE A 914 -36.70 30.82 17.87
C ILE A 914 -35.80 32.02 18.09
N GLY A 915 -36.27 33.01 18.86
CA GLY A 915 -35.44 34.16 19.16
C GLY A 915 -34.14 33.74 19.81
N LYS A 916 -34.20 32.79 20.75
CA LYS A 916 -32.98 32.30 21.37
C LYS A 916 -32.02 31.79 20.31
N ILE A 917 -32.51 30.96 19.39
CA ILE A 917 -31.64 30.42 18.35
C ILE A 917 -30.98 31.56 17.59
N GLN A 918 -31.75 32.63 17.34
CA GLN A 918 -31.25 33.74 16.54
C GLN A 918 -29.96 34.32 17.09
N ASP A 919 -29.76 34.28 18.41
CA ASP A 919 -28.48 34.73 18.94
C ASP A 919 -27.56 33.59 19.36
N SER A 920 -28.10 32.38 19.57
CA SER A 920 -27.24 31.25 19.90
C SER A 920 -26.29 30.95 18.75
N LEU A 921 -26.81 30.96 17.52
CA LEU A 921 -25.96 30.81 16.34
C LEU A 921 -24.94 31.93 16.22
N SER A 922 -25.19 33.08 16.85
CA SER A 922 -24.23 34.17 16.86
C SER A 922 -23.31 34.13 18.06
N SER A 923 -23.53 33.21 19.01
CA SER A 923 -22.70 33.15 20.21
C SER A 923 -21.29 32.66 19.88
N THR A 924 -21.20 31.56 19.12
CA THR A 924 -19.91 30.98 18.79
C THR A 924 -20.04 30.19 17.49
N ALA A 925 -18.89 29.98 16.83
CA ALA A 925 -18.83 29.21 15.61
C ALA A 925 -18.54 27.73 15.84
N SER A 926 -18.25 27.33 17.08
CA SER A 926 -17.95 25.93 17.36
C SER A 926 -19.17 25.03 17.23
N ALA A 927 -20.37 25.60 17.27
CA ALA A 927 -21.58 24.79 17.14
C ALA A 927 -21.62 24.08 15.79
N LEU A 928 -21.03 24.67 14.76
CA LEU A 928 -20.96 24.05 13.44
C LEU A 928 -19.65 23.28 13.24
N GLY A 929 -18.98 22.89 14.34
CA GLY A 929 -17.69 22.25 14.23
C GLY A 929 -17.72 20.99 13.39
N LYS A 930 -18.80 20.20 13.53
CA LYS A 930 -18.93 18.98 12.75
C LYS A 930 -18.83 19.25 11.25
N LEU A 931 -19.33 20.40 10.80
CA LEU A 931 -19.14 20.78 9.41
C LEU A 931 -17.70 21.21 9.15
N GLN A 932 -17.14 22.03 10.05
CA GLN A 932 -15.84 22.63 9.80
C GLN A 932 -14.77 21.56 9.64
N ASP A 933 -14.78 20.54 10.51
CA ASP A 933 -13.82 19.46 10.40
C ASP A 933 -13.85 18.84 9.01
N VAL A 934 -15.05 18.68 8.45
CA VAL A 934 -15.19 18.09 7.12
C VAL A 934 -14.37 18.87 6.11
N VAL A 935 -14.38 20.20 6.21
CA VAL A 935 -13.53 21.01 5.35
C VAL A 935 -12.06 20.82 5.72
N ASN A 936 -11.76 20.89 7.02
CA ASN A 936 -10.36 20.97 7.46
C ASN A 936 -9.57 19.77 6.98
N GLN A 937 -10.06 18.56 7.27
CA GLN A 937 -9.38 17.36 6.82
C GLN A 937 -9.20 17.35 5.31
N ASN A 938 -10.23 17.80 4.58
CA ASN A 938 -10.15 17.79 3.13
C ASN A 938 -9.03 18.71 2.63
N ALA A 939 -8.67 19.72 3.41
CA ALA A 939 -7.46 20.48 3.11
C ALA A 939 -6.24 19.84 3.76
N GLN A 940 -6.40 19.34 4.99
CA GLN A 940 -5.27 18.80 5.73
C GLN A 940 -4.55 17.71 4.95
N ALA A 941 -5.30 16.85 4.27
CA ALA A 941 -4.69 15.82 3.45
C ALA A 941 -3.95 16.44 2.26
N LEU A 942 -4.60 17.36 1.56
CA LEU A 942 -4.04 17.85 0.30
C LEU A 942 -2.70 18.54 0.53
N ASN A 943 -2.64 19.46 1.49
CA ASN A 943 -1.39 20.13 1.80
C ASN A 943 -0.30 19.16 2.23
N THR A 944 -0.68 18.00 2.75
CA THR A 944 0.32 16.97 3.05
C THR A 944 0.86 16.37 1.75
N LEU A 945 -0.04 16.01 0.83
CA LEU A 945 0.37 15.32 -0.39
C LEU A 945 1.37 16.13 -1.18
N VAL A 946 1.29 17.46 -1.10
CA VAL A 946 2.26 18.31 -1.79
C VAL A 946 3.64 18.18 -1.15
N LYS A 947 3.71 18.29 0.18
CA LYS A 947 5.02 18.40 0.82
C LYS A 947 5.79 17.08 0.77
N GLN A 948 5.10 15.95 0.63
CA GLN A 948 5.80 14.68 0.45
C GLN A 948 6.57 14.62 -0.86
N LEU A 949 6.32 15.57 -1.78
CA LEU A 949 7.16 15.68 -2.97
C LEU A 949 8.60 16.04 -2.63
N SER A 950 8.84 16.58 -1.43
CA SER A 950 10.19 16.95 -1.04
C SER A 950 11.02 15.79 -0.52
N SER A 951 10.44 14.61 -0.38
CA SER A 951 11.17 13.46 0.15
C SER A 951 12.16 12.94 -0.89
N ASN A 952 13.34 12.54 -0.43
CA ASN A 952 14.35 11.99 -1.31
C ASN A 952 14.04 10.55 -1.71
N PHE A 953 13.42 9.78 -0.82
CA PHE A 953 13.12 8.36 -1.04
C PHE A 953 14.38 7.55 -1.34
N GLY A 954 15.51 7.95 -0.75
CA GLY A 954 16.77 7.27 -0.94
C GLY A 954 17.53 7.65 -2.18
N ALA A 955 16.99 8.54 -3.02
CA ALA A 955 17.67 8.96 -4.22
C ALA A 955 18.71 10.03 -3.90
N ILE A 956 19.55 10.33 -4.89
CA ILE A 956 20.58 11.35 -4.69
C ILE A 956 19.96 12.73 -4.52
N SER A 957 18.77 12.95 -5.08
CA SER A 957 18.09 14.23 -4.95
C SER A 957 16.59 14.01 -5.16
N SER A 958 15.81 14.98 -4.69
CA SER A 958 14.36 14.93 -4.81
C SER A 958 13.86 15.64 -6.06
N VAL A 959 14.75 16.18 -6.88
CA VAL A 959 14.38 16.91 -8.10
C VAL A 959 14.78 16.07 -9.30
N LEU A 960 13.83 15.84 -10.20
CA LEU A 960 14.12 15.06 -11.40
C LEU A 960 15.13 15.76 -12.31
N ASN A 961 15.11 17.10 -12.34
CA ASN A 961 16.00 17.83 -13.22
C ASN A 961 17.46 17.63 -12.83
N ASP A 962 17.74 17.59 -11.52
CA ASP A 962 19.11 17.37 -11.07
C ASP A 962 19.64 16.01 -11.54
N ILE A 963 18.82 14.97 -11.41
CA ILE A 963 19.22 13.64 -11.86
C ILE A 963 19.40 13.62 -13.37
N LEU A 964 18.48 14.24 -14.11
CA LEU A 964 18.56 14.23 -15.56
C LEU A 964 19.76 15.03 -16.06
N SER A 965 20.22 16.03 -15.30
CA SER A 965 21.35 16.85 -15.72
C SER A 965 22.69 16.32 -15.21
N ARG A 966 22.71 15.51 -14.15
CA ARG A 966 23.96 15.01 -13.60
C ARG A 966 24.30 13.60 -14.05
N LEU A 967 23.30 12.75 -14.29
CA LEU A 967 23.52 11.35 -14.62
C LEU A 967 23.12 11.08 -16.07
N ASP A 968 23.67 10.00 -16.62
CA ASP A 968 23.38 9.60 -17.99
C ASP A 968 22.09 8.79 -18.03
N LYS A 969 21.81 8.18 -19.18
CA LYS A 969 20.55 7.46 -19.36
C LYS A 969 20.49 6.19 -18.52
N VAL A 970 21.62 5.49 -18.36
CA VAL A 970 21.58 4.19 -17.68
C VAL A 970 21.60 4.33 -16.17
N GLU A 971 22.12 5.43 -15.63
CA GLU A 971 22.19 5.61 -14.18
C GLU A 971 21.00 6.37 -13.62
N ALA A 972 20.29 7.12 -14.45
CA ALA A 972 19.14 7.88 -13.95
C ALA A 972 17.92 6.99 -13.71
N GLU A 973 17.81 5.89 -14.44
CA GLU A 973 16.62 5.04 -14.33
C GLU A 973 16.48 4.46 -12.94
N VAL A 974 17.59 4.07 -12.32
CA VAL A 974 17.54 3.43 -11.01
C VAL A 974 16.94 4.39 -9.98
N GLN A 975 17.34 5.66 -10.02
CA GLN A 975 16.80 6.64 -9.08
C GLN A 975 15.37 7.03 -9.43
N ILE A 976 15.08 7.19 -10.72
CA ILE A 976 13.76 7.63 -11.14
C ILE A 976 12.71 6.58 -10.78
N ASP A 977 13.06 5.30 -10.93
CA ASP A 977 12.10 4.24 -10.59
C ASP A 977 11.74 4.28 -9.10
N ARG A 978 12.73 4.48 -8.24
CA ARG A 978 12.45 4.53 -6.81
C ARG A 978 11.63 5.76 -6.45
N LEU A 979 11.93 6.91 -7.07
CA LEU A 979 11.11 8.10 -6.85
C LEU A 979 9.67 7.87 -7.28
N ILE A 980 9.49 7.22 -8.43
CA ILE A 980 8.15 6.92 -8.93
C ILE A 980 7.41 6.00 -7.98
N THR A 981 8.09 4.98 -7.46
CA THR A 981 7.45 4.07 -6.51
C THR A 981 7.02 4.81 -5.25
N GLY A 982 7.87 5.68 -4.72
CA GLY A 982 7.50 6.43 -3.53
C GLY A 982 6.30 7.32 -3.75
N ARG A 983 6.29 8.06 -4.87
CA ARG A 983 5.18 8.95 -5.14
C ARG A 983 3.89 8.18 -5.40
N LEU A 984 4.00 7.01 -6.06
CA LEU A 984 2.82 6.17 -6.28
C LEU A 984 2.27 5.65 -4.96
N GLN A 985 3.15 5.28 -4.02
CA GLN A 985 2.69 4.84 -2.71
C GLN A 985 1.96 5.97 -1.98
N SER A 986 2.49 7.19 -2.07
CA SER A 986 1.82 8.33 -1.45
C SER A 986 0.43 8.53 -2.05
N LEU A 987 0.33 8.45 -3.38
CA LEU A 987 -0.97 8.62 -4.04
C LEU A 987 -1.94 7.53 -3.61
N GLN A 988 -1.47 6.28 -3.50
CA GLN A 988 -2.34 5.19 -3.09
C GLN A 988 -2.86 5.40 -1.68
N THR A 989 -1.98 5.84 -0.76
CA THR A 989 -2.43 6.11 0.60
C THR A 989 -3.49 7.21 0.62
N TYR A 990 -3.26 8.28 -0.14
CA TYR A 990 -4.23 9.36 -0.18
C TYR A 990 -5.58 8.88 -0.72
N VAL A 991 -5.55 8.07 -1.77
CA VAL A 991 -6.80 7.57 -2.37
C VAL A 991 -7.54 6.67 -1.39
N THR A 992 -6.82 5.80 -0.67
CA THR A 992 -7.48 4.92 0.29
C THR A 992 -8.15 5.72 1.40
N GLN A 993 -7.45 6.71 1.95
CA GLN A 993 -8.04 7.53 2.99
C GLN A 993 -9.26 8.29 2.48
N GLN A 994 -9.18 8.80 1.25
CA GLN A 994 -10.32 9.48 0.66
C GLN A 994 -11.52 8.54 0.51
N LEU A 995 -11.27 7.29 0.12
CA LEU A 995 -12.36 6.32 0.00
C LEU A 995 -13.03 6.06 1.34
N ILE A 996 -12.22 5.92 2.40
CA ILE A 996 -12.80 5.68 3.73
C ILE A 996 -13.65 6.88 4.16
N ARG A 997 -13.13 8.09 3.95
CA ARG A 997 -13.89 9.28 4.30
C ARG A 997 -15.18 9.37 3.48
N ALA A 998 -15.12 8.97 2.22
CA ALA A 998 -16.31 8.98 1.37
C ALA A 998 -17.37 8.02 1.91
N ALA A 999 -16.94 6.84 2.36
CA ALA A 999 -17.89 5.90 2.96
C ALA A 999 -18.55 6.49 4.20
N GLU A 1000 -17.75 7.14 5.06
CA GLU A 1000 -18.31 7.75 6.26
C GLU A 1000 -19.32 8.84 5.91
N ILE A 1001 -18.97 9.70 4.95
CA ILE A 1001 -19.88 10.77 4.54
C ILE A 1001 -21.14 10.20 3.91
N ARG A 1002 -21.02 9.08 3.17
CA ARG A 1002 -22.20 8.44 2.61
C ARG A 1002 -23.14 7.95 3.69
N ALA A 1003 -22.59 7.35 4.75
CA ALA A 1003 -23.42 6.93 5.87
C ALA A 1003 -24.12 8.11 6.52
N SER A 1004 -23.38 9.22 6.73
CA SER A 1004 -23.98 10.41 7.33
C SER A 1004 -25.09 10.97 6.45
N ALA A 1005 -24.87 10.99 5.14
CA ALA A 1005 -25.88 11.51 4.21
C ALA A 1005 -27.12 10.63 4.21
N ASN A 1006 -26.94 9.31 4.30
CA ASN A 1006 -28.09 8.41 4.39
C ASN A 1006 -28.90 8.69 5.66
N LEU A 1007 -28.21 8.88 6.78
CA LEU A 1007 -28.91 9.21 8.02
C LEU A 1007 -29.67 10.53 7.88
N ALA A 1008 -29.03 11.54 7.27
CA ALA A 1008 -29.69 12.83 7.10
C ALA A 1008 -30.92 12.72 6.21
N ALA A 1009 -30.83 11.92 5.13
CA ALA A 1009 -31.97 11.73 4.24
C ALA A 1009 -33.11 11.02 4.96
N THR A 1010 -32.80 10.01 5.77
CA THR A 1010 -33.84 9.33 6.55
C THR A 1010 -34.51 10.30 7.51
N LYS A 1011 -33.71 11.13 8.18
CA LYS A 1011 -34.27 12.11 9.12
C LYS A 1011 -35.17 13.11 8.40
N MET A 1012 -34.73 13.59 7.23
CA MET A 1012 -35.57 14.51 6.45
C MET A 1012 -36.87 13.84 6.03
N SER A 1013 -36.80 12.57 5.63
CA SER A 1013 -38.00 11.86 5.20
C SER A 1013 -38.98 11.69 6.35
N GLU A 1014 -38.48 11.36 7.54
CA GLU A 1014 -39.37 10.98 8.63
C GLU A 1014 -39.87 12.16 9.46
N CYS A 1015 -38.99 13.09 9.83
CA CYS A 1015 -39.38 14.12 10.79
C CYS A 1015 -39.96 15.37 10.13
N VAL A 1016 -39.36 15.83 9.03
CA VAL A 1016 -39.83 17.06 8.40
C VAL A 1016 -41.19 16.85 7.73
N LEU A 1017 -41.35 15.74 7.02
CA LEU A 1017 -42.53 15.49 6.21
C LEU A 1017 -43.65 14.81 6.99
N GLY A 1018 -43.49 14.60 8.29
CA GLY A 1018 -44.52 13.98 9.08
C GLY A 1018 -44.27 14.14 10.56
N GLN A 1019 -44.86 13.25 11.33
CA GLN A 1019 -44.67 13.21 12.78
C GLN A 1019 -44.15 11.84 13.17
N SER A 1020 -43.08 11.82 13.97
CA SER A 1020 -42.39 10.59 14.33
C SER A 1020 -42.69 10.24 15.78
N LYS A 1021 -43.06 8.99 16.02
CA LYS A 1021 -43.29 8.48 17.36
C LYS A 1021 -42.03 7.91 18.00
N ARG A 1022 -40.93 7.84 17.26
CA ARG A 1022 -39.69 7.30 17.79
C ARG A 1022 -39.12 8.23 18.86
N VAL A 1023 -38.71 7.66 19.98
CA VAL A 1023 -38.25 8.44 21.12
C VAL A 1023 -36.84 8.94 20.86
N ASP A 1024 -36.63 10.24 21.07
CA ASP A 1024 -35.33 10.91 20.98
C ASP A 1024 -34.74 10.88 19.57
N PHE A 1025 -35.50 10.41 18.58
CA PHE A 1025 -35.02 10.42 17.21
C PHE A 1025 -34.80 11.84 16.70
N CYS A 1026 -35.73 12.75 17.03
CA CYS A 1026 -35.64 14.15 16.63
C CYS A 1026 -35.84 15.01 17.88
N GLY A 1027 -34.75 15.26 18.59
CA GLY A 1027 -34.79 16.09 19.78
C GLY A 1027 -35.31 15.35 21.00
N LYS A 1028 -35.11 15.97 22.16
CA LYS A 1028 -35.59 15.41 23.41
C LYS A 1028 -37.04 15.81 23.65
N GLY A 1029 -37.82 14.89 24.21
CA GLY A 1029 -39.22 15.12 24.45
C GLY A 1029 -40.08 14.77 23.25
N TYR A 1030 -41.38 14.96 23.42
CA TYR A 1030 -42.33 14.65 22.35
C TYR A 1030 -42.13 15.60 21.17
N HIS A 1031 -42.20 15.04 19.97
CA HIS A 1031 -41.88 15.77 18.75
C HIS A 1031 -43.15 16.35 18.13
N LEU A 1032 -43.07 17.60 17.69
CA LEU A 1032 -44.17 18.27 17.03
C LEU A 1032 -43.88 18.60 15.57
N MET A 1033 -42.82 19.36 15.30
CA MET A 1033 -42.50 19.79 13.94
C MET A 1033 -40.99 19.93 13.80
N SER A 1034 -40.54 20.02 12.55
CA SER A 1034 -39.15 20.25 12.24
C SER A 1034 -39.04 21.18 11.05
N PHE A 1035 -37.96 21.95 11.01
CA PHE A 1035 -37.70 22.90 9.93
C PHE A 1035 -36.28 22.70 9.43
N PRO A 1036 -36.08 22.45 8.13
CA PRO A 1036 -34.72 22.30 7.59
C PRO A 1036 -34.14 23.62 7.09
N GLN A 1037 -32.82 23.71 7.18
CA GLN A 1037 -32.06 24.86 6.69
C GLN A 1037 -30.77 24.35 6.07
N SER A 1038 -30.27 25.09 5.08
CA SER A 1038 -29.04 24.71 4.41
C SER A 1038 -27.83 25.20 5.20
N ALA A 1039 -26.67 24.62 4.89
CA ALA A 1039 -25.42 25.01 5.49
C ALA A 1039 -24.29 24.50 4.60
N PRO A 1040 -23.09 25.10 4.69
CA PRO A 1040 -22.00 24.65 3.83
C PRO A 1040 -21.71 23.16 3.98
N HIS A 1041 -21.99 22.41 2.93
CA HIS A 1041 -21.84 20.95 2.93
C HIS A 1041 -22.61 20.30 4.06
N GLY A 1042 -23.81 20.79 4.36
CA GLY A 1042 -24.58 20.20 5.43
C GLY A 1042 -25.97 20.77 5.55
N VAL A 1043 -26.74 20.16 6.46
CA VAL A 1043 -28.11 20.55 6.73
C VAL A 1043 -28.26 20.76 8.23
N VAL A 1044 -29.17 21.66 8.59
CA VAL A 1044 -29.44 21.99 9.99
C VAL A 1044 -30.94 21.83 10.23
N PHE A 1045 -31.30 21.04 11.23
CA PHE A 1045 -32.69 20.83 11.59
C PHE A 1045 -33.02 21.58 12.87
N LEU A 1046 -34.13 22.32 12.86
CA LEU A 1046 -34.69 22.95 14.04
C LEU A 1046 -35.92 22.14 14.44
N HIS A 1047 -35.85 21.48 15.59
CA HIS A 1047 -36.93 20.61 16.07
C HIS A 1047 -37.70 21.32 17.16
N VAL A 1048 -39.03 21.29 17.06
CA VAL A 1048 -39.92 21.87 18.05
C VAL A 1048 -40.48 20.74 18.90
N THR A 1049 -40.31 20.83 20.22
CA THR A 1049 -40.66 19.78 21.14
C THR A 1049 -41.52 20.32 22.28
N TYR A 1050 -42.31 19.42 22.86
CA TYR A 1050 -43.24 19.72 23.93
C TYR A 1050 -42.72 19.07 25.20
N VAL A 1051 -42.53 19.86 26.25
CA VAL A 1051 -41.91 19.38 27.49
C VAL A 1051 -42.86 19.67 28.66
N PRO A 1052 -43.31 18.66 29.39
CA PRO A 1052 -44.13 18.92 30.57
C PRO A 1052 -43.31 19.55 31.70
N ALA A 1053 -44.01 20.26 32.58
CA ALA A 1053 -43.37 20.93 33.70
C ALA A 1053 -44.42 21.23 34.76
N GLN A 1054 -43.94 21.54 35.96
CA GLN A 1054 -44.77 21.85 37.13
C GLN A 1054 -45.70 20.68 37.46
N GLU A 1055 -45.07 19.55 37.80
CA GLU A 1055 -45.81 18.36 38.17
C GLU A 1055 -46.26 18.42 39.62
N LYS A 1056 -47.30 17.65 39.93
CA LYS A 1056 -47.85 17.58 41.28
C LYS A 1056 -48.18 16.14 41.63
N ASN A 1057 -48.11 15.83 42.91
CA ASN A 1057 -48.45 14.50 43.41
C ASN A 1057 -49.96 14.33 43.52
N PHE A 1058 -50.41 13.09 43.29
CA PHE A 1058 -51.81 12.73 43.47
C PHE A 1058 -51.87 11.26 43.89
N THR A 1059 -53.01 10.89 44.47
CA THR A 1059 -53.27 9.50 44.86
C THR A 1059 -54.12 8.84 43.80
N THR A 1060 -53.71 7.65 43.36
CA THR A 1060 -54.33 6.96 42.24
C THR A 1060 -54.77 5.56 42.64
N ALA A 1061 -55.75 5.04 41.91
CA ALA A 1061 -56.27 3.70 42.10
C ALA A 1061 -56.45 3.04 40.74
N PRO A 1062 -56.38 1.70 40.68
CA PRO A 1062 -56.54 1.04 39.37
C PRO A 1062 -57.96 1.10 38.83
N ALA A 1063 -58.97 0.85 39.66
CA ALA A 1063 -60.35 0.81 39.21
C ALA A 1063 -61.26 1.20 40.38
N ILE A 1064 -62.56 1.05 40.19
CA ILE A 1064 -63.56 1.44 41.19
C ILE A 1064 -64.71 0.43 41.15
N CYS A 1065 -65.22 0.08 42.33
CA CYS A 1065 -66.45 -0.70 42.45
C CYS A 1065 -67.61 0.24 42.72
N HIS A 1066 -68.65 0.15 41.89
CA HIS A 1066 -69.88 0.91 42.12
C HIS A 1066 -71.07 -0.01 42.38
N ASP A 1067 -71.36 -0.95 41.48
CA ASP A 1067 -72.42 -1.92 41.66
C ASP A 1067 -71.88 -3.29 42.03
N GLY A 1068 -70.62 -3.37 42.46
CA GLY A 1068 -69.95 -4.64 42.65
C GLY A 1068 -69.04 -5.04 41.51
N LYS A 1069 -69.14 -4.36 40.37
CA LYS A 1069 -68.31 -4.62 39.21
C LYS A 1069 -67.19 -3.58 39.12
N ALA A 1070 -66.08 -3.98 38.51
CA ALA A 1070 -64.92 -3.10 38.39
C ALA A 1070 -65.10 -2.15 37.21
N HIS A 1071 -64.87 -0.87 37.45
CA HIS A 1071 -64.95 0.16 36.43
C HIS A 1071 -63.55 0.67 36.13
N PHE A 1072 -63.11 0.52 34.88
CA PHE A 1072 -61.82 0.97 34.43
C PHE A 1072 -61.96 2.21 33.57
N PRO A 1073 -60.98 3.12 33.62
CA PRO A 1073 -61.07 4.34 32.81
C PRO A 1073 -60.85 4.04 31.34
N ARG A 1074 -61.72 4.60 30.49
CA ARG A 1074 -61.56 4.42 29.05
C ARG A 1074 -60.27 5.06 28.55
N GLU A 1075 -59.93 6.23 29.09
CA GLU A 1075 -58.69 6.92 28.73
C GLU A 1075 -58.26 7.78 29.91
N GLY A 1076 -56.99 7.69 30.27
CA GLY A 1076 -56.43 8.49 31.33
C GLY A 1076 -56.20 7.72 32.62
N VAL A 1077 -56.14 8.48 33.71
CA VAL A 1077 -55.88 7.94 35.03
C VAL A 1077 -56.95 8.41 36.00
N PHE A 1078 -57.18 7.61 37.04
CA PHE A 1078 -58.02 8.01 38.16
C PHE A 1078 -57.14 8.65 39.22
N VAL A 1079 -57.44 9.90 39.57
CA VAL A 1079 -56.70 10.63 40.58
C VAL A 1079 -57.66 11.10 41.65
N SER A 1080 -57.10 11.58 42.75
CA SER A 1080 -57.88 12.14 43.85
C SER A 1080 -57.15 13.32 44.44
N ASN A 1081 -57.89 14.40 44.71
CA ASN A 1081 -57.33 15.59 45.30
C ASN A 1081 -57.32 15.54 46.83
N GLY A 1082 -57.76 14.44 47.42
CA GLY A 1082 -57.77 14.29 48.85
C GLY A 1082 -59.10 13.84 49.42
N THR A 1083 -60.20 14.27 48.80
CA THR A 1083 -61.52 13.95 49.28
C THR A 1083 -62.41 13.39 48.17
N HIS A 1084 -62.12 13.75 46.92
CA HIS A 1084 -62.94 13.35 45.79
C HIS A 1084 -62.06 12.75 44.70
N TRP A 1085 -62.66 11.87 43.90
CA TRP A 1085 -61.95 11.22 42.81
C TRP A 1085 -62.40 11.79 41.47
N PHE A 1086 -61.44 11.90 40.55
CA PHE A 1086 -61.70 12.38 39.20
C PHE A 1086 -60.90 11.54 38.21
N VAL A 1087 -61.20 11.72 36.94
CA VAL A 1087 -60.46 11.08 35.84
C VAL A 1087 -59.84 12.16 34.99
N THR A 1088 -58.56 12.01 34.66
CA THR A 1088 -57.84 13.04 33.91
C THR A 1088 -56.96 12.37 32.86
N GLN A 1089 -56.58 13.15 31.86
CA GLN A 1089 -55.75 12.64 30.78
C GLN A 1089 -54.31 12.48 31.25
N ARG A 1090 -53.44 12.09 30.32
CA ARG A 1090 -52.09 11.67 30.68
C ARG A 1090 -51.15 12.85 30.93
N ASN A 1091 -50.92 13.66 29.90
CA ASN A 1091 -49.85 14.66 29.91
C ASN A 1091 -50.31 16.04 30.38
N PHE A 1092 -51.56 16.19 30.79
CA PHE A 1092 -52.05 17.47 31.28
C PHE A 1092 -53.11 17.22 32.35
N TYR A 1093 -53.14 18.09 33.35
CA TYR A 1093 -54.09 17.96 34.45
C TYR A 1093 -55.44 18.53 34.00
N GLU A 1094 -56.35 17.64 33.61
CA GLU A 1094 -57.70 18.01 33.18
C GLU A 1094 -58.71 17.16 33.93
N PRO A 1095 -58.94 17.46 35.21
CA PRO A 1095 -59.86 16.63 36.01
C PRO A 1095 -61.28 16.70 35.45
N GLN A 1096 -61.97 15.55 35.50
CA GLN A 1096 -63.34 15.44 35.06
C GLN A 1096 -64.08 14.49 35.99
N ILE A 1097 -65.41 14.65 36.04
CA ILE A 1097 -66.24 13.80 36.89
C ILE A 1097 -66.25 12.39 36.33
N ILE A 1098 -66.12 11.40 37.22
CA ILE A 1098 -66.17 10.00 36.81
C ILE A 1098 -67.56 9.68 36.29
N THR A 1099 -67.62 9.10 35.10
CA THR A 1099 -68.87 8.94 34.37
C THR A 1099 -68.88 7.58 33.68
N THR A 1100 -70.08 7.05 33.44
CA THR A 1100 -70.23 5.83 32.66
C THR A 1100 -69.83 6.02 31.21
N ASP A 1101 -69.68 7.25 30.74
CA ASP A 1101 -69.32 7.51 29.36
C ASP A 1101 -67.82 7.51 29.10
N ASN A 1102 -67.01 7.83 30.11
CA ASN A 1102 -65.55 7.77 29.98
C ASN A 1102 -64.95 6.59 30.73
N THR A 1103 -65.77 5.62 31.14
CA THR A 1103 -65.30 4.41 31.80
C THR A 1103 -66.05 3.22 31.24
N PHE A 1104 -65.43 2.05 31.37
CA PHE A 1104 -66.06 0.80 30.96
C PHE A 1104 -66.02 -0.20 32.12
N VAL A 1105 -66.75 -1.30 31.96
CA VAL A 1105 -66.94 -2.27 33.02
C VAL A 1105 -66.46 -3.63 32.54
N SER A 1106 -65.82 -4.38 33.43
CA SER A 1106 -65.32 -5.72 33.08
C SER A 1106 -65.24 -6.55 34.36
N GLY A 1107 -66.23 -7.40 34.58
CA GLY A 1107 -66.19 -8.39 35.63
C GLY A 1107 -66.35 -7.82 37.02
N ASN A 1108 -66.38 -8.72 37.99
CA ASN A 1108 -66.45 -8.34 39.40
C ASN A 1108 -65.11 -7.79 39.87
N CYS A 1109 -65.15 -7.02 40.95
CA CYS A 1109 -63.97 -6.35 41.47
C CYS A 1109 -63.38 -7.06 42.69
N ASP A 1110 -63.59 -8.37 42.79
CA ASP A 1110 -62.93 -9.15 43.82
C ASP A 1110 -61.52 -9.57 43.43
N VAL A 1111 -61.17 -9.43 42.16
CA VAL A 1111 -59.86 -9.86 41.66
C VAL A 1111 -58.89 -8.71 41.56
N VAL A 1112 -59.37 -7.51 41.20
CA VAL A 1112 -58.50 -6.36 41.04
C VAL A 1112 -57.91 -5.98 42.40
N ILE A 1113 -56.60 -5.78 42.44
CA ILE A 1113 -55.89 -5.50 43.67
C ILE A 1113 -55.79 -3.99 43.86
N GLY A 1114 -56.14 -3.52 45.05
CA GLY A 1114 -56.04 -2.11 45.35
C GLY A 1114 -57.20 -1.26 44.87
N ILE A 1115 -58.36 -1.86 44.64
CA ILE A 1115 -59.50 -1.11 44.13
C ILE A 1115 -60.15 -0.31 45.26
N VAL A 1116 -60.76 0.82 44.89
CA VAL A 1116 -61.22 1.82 45.85
C VAL A 1116 -62.72 2.03 45.70
N ASN A 1117 -63.41 2.12 46.83
CA ASN A 1117 -64.86 2.35 46.84
C ASN A 1117 -65.17 3.78 46.39
N ASN A 1118 -66.16 3.91 45.52
CA ASN A 1118 -66.61 5.22 45.06
C ASN A 1118 -67.96 5.07 44.36
N THR A 1119 -68.48 6.20 43.89
CA THR A 1119 -69.75 6.25 43.19
C THR A 1119 -69.52 6.73 41.76
N VAL A 1120 -70.16 6.06 40.80
CA VAL A 1120 -70.04 6.39 39.39
C VAL A 1120 -71.32 7.10 38.96
N TYR A 1121 -71.16 8.30 38.39
CA TYR A 1121 -72.30 9.11 37.99
C TYR A 1121 -72.80 8.70 36.60
N ASP A 1122 -74.11 8.83 36.41
CA ASP A 1122 -74.75 8.53 35.14
C ASP A 1122 -75.53 9.75 34.67
N PRO A 1123 -75.17 10.36 33.53
CA PRO A 1123 -75.93 11.53 33.05
C PRO A 1123 -77.33 11.19 32.56
N LEU A 1124 -77.66 9.91 32.40
CA LEU A 1124 -78.97 9.53 31.91
C LEU A 1124 -80.05 9.69 32.98
N GLN A 1125 -79.67 9.65 34.26
CA GLN A 1125 -80.67 9.72 35.33
C GLN A 1125 -81.43 11.04 35.37
N PRO A 1126 -80.81 12.22 35.26
CA PRO A 1126 -81.59 13.46 35.41
C PRO A 1126 -82.72 13.62 34.41
N GLU A 1127 -82.57 13.14 33.17
CA GLU A 1127 -83.60 13.37 32.16
C GLU A 1127 -84.88 12.61 32.51
N LEU A 1128 -84.78 11.52 33.27
CA LEU A 1128 -85.95 10.75 33.66
C LEU A 1128 -86.40 11.13 35.07
N GLN B 1 46.06 -57.45 0.57
CA GLN B 1 45.68 -58.85 0.70
C GLN B 1 44.33 -59.11 0.03
N CYS B 2 43.26 -58.66 0.69
CA CYS B 2 41.88 -58.79 0.20
C CYS B 2 41.43 -60.25 0.14
N VAL B 3 40.12 -60.46 0.11
CA VAL B 3 39.56 -61.81 0.05
C VAL B 3 38.10 -61.69 -0.37
N ASN B 4 37.58 -62.75 -0.97
CA ASN B 4 36.18 -62.82 -1.37
C ASN B 4 35.42 -63.72 -0.41
N LEU B 5 34.35 -63.20 0.16
CA LEU B 5 33.56 -63.96 1.13
C LEU B 5 32.07 -63.87 0.80
N PRO B 13 13.60 -58.50 -0.07
CA PRO B 13 13.93 -57.29 0.71
C PRO B 13 12.95 -57.05 1.86
N ALA B 14 13.38 -56.26 2.85
CA ALA B 14 12.56 -55.93 4.00
C ALA B 14 12.30 -54.44 4.01
N TYR B 15 11.04 -54.06 4.25
CA TYR B 15 10.64 -52.66 4.25
C TYR B 15 10.08 -52.29 5.61
N THR B 16 10.22 -51.00 5.96
CA THR B 16 9.81 -50.52 7.27
C THR B 16 9.29 -49.09 7.11
N ASN B 17 8.36 -48.72 7.99
CA ASN B 17 7.88 -47.35 8.06
C ASN B 17 8.83 -46.48 8.88
N SER B 18 8.96 -45.23 8.46
CA SER B 18 9.76 -44.24 9.20
C SER B 18 8.82 -43.54 10.18
N PHE B 19 8.82 -44.00 11.43
CA PHE B 19 7.88 -43.51 12.44
C PHE B 19 8.32 -42.13 12.91
N THR B 20 8.06 -41.13 12.06
CA THR B 20 8.32 -39.72 12.36
C THR B 20 9.78 -39.47 12.74
N ARG B 21 10.69 -40.24 12.15
CA ARG B 21 12.12 -40.10 12.42
C ARG B 21 12.82 -39.38 11.28
N GLY B 22 13.84 -38.61 11.62
CA GLY B 22 14.63 -37.89 10.63
C GLY B 22 14.75 -36.41 10.91
N VAL B 23 14.42 -36.00 12.13
CA VAL B 23 14.46 -34.60 12.53
C VAL B 23 15.79 -34.32 13.21
N TYR B 24 16.43 -33.22 12.79
CA TYR B 24 17.70 -32.80 13.38
C TYR B 24 17.70 -31.28 13.51
N TYR B 25 18.62 -30.78 14.33
CA TYR B 25 18.73 -29.34 14.54
C TYR B 25 19.19 -28.67 13.27
N PRO B 26 18.46 -27.69 12.74
CA PRO B 26 18.83 -27.09 11.45
C PRO B 26 19.99 -26.10 11.56
N ASP B 27 20.11 -25.41 12.69
CA ASP B 27 21.11 -24.38 12.85
C ASP B 27 21.41 -24.20 14.33
N LYS B 28 22.52 -23.51 14.61
CA LYS B 28 23.04 -23.40 15.97
C LYS B 28 22.60 -22.07 16.61
N VAL B 29 21.32 -22.02 16.96
CA VAL B 29 20.79 -20.94 17.79
C VAL B 29 19.89 -21.56 18.85
N PHE B 30 19.50 -20.75 19.82
CA PHE B 30 18.67 -21.19 20.93
C PHE B 30 17.27 -20.59 20.80
N ARG B 31 16.26 -21.45 20.77
CA ARG B 31 14.87 -21.04 20.74
C ARG B 31 14.09 -21.83 21.77
N SER B 32 13.03 -21.22 22.29
CA SER B 32 12.21 -21.86 23.31
C SER B 32 10.74 -21.45 23.13
N SER B 33 9.85 -22.44 23.16
CA SER B 33 8.41 -22.21 23.10
C SER B 33 7.99 -21.46 21.84
N VAL B 34 8.73 -21.66 20.75
CA VAL B 34 8.45 -21.01 19.47
C VAL B 34 8.35 -22.09 18.40
N LEU B 35 7.27 -22.07 17.63
CA LEU B 35 7.10 -22.97 16.50
C LEU B 35 7.80 -22.36 15.28
N HIS B 36 8.70 -23.13 14.67
CA HIS B 36 9.55 -22.63 13.60
C HIS B 36 9.41 -23.48 12.35
N SER B 37 9.36 -22.83 11.19
CA SER B 37 9.27 -23.50 9.91
C SER B 37 10.64 -23.53 9.23
N THR B 38 11.00 -24.69 8.70
CA THR B 38 12.28 -24.88 8.04
C THR B 38 12.07 -25.54 6.69
N GLN B 39 12.96 -25.23 5.75
CA GLN B 39 12.94 -25.79 4.39
C GLN B 39 14.30 -26.43 4.14
N ASP B 40 14.36 -27.76 4.21
CA ASP B 40 15.65 -28.43 4.14
C ASP B 40 15.43 -29.89 3.77
N LEU B 41 16.53 -30.63 3.66
CA LEU B 41 16.48 -32.05 3.33
C LEU B 41 16.15 -32.85 4.58
N PHE B 42 15.01 -33.53 4.57
CA PHE B 42 14.55 -34.33 5.70
C PHE B 42 14.06 -35.67 5.20
N LEU B 43 14.03 -36.64 6.11
CA LEU B 43 13.43 -37.94 5.81
C LEU B 43 11.91 -37.83 5.93
N PRO B 44 11.16 -38.15 4.89
CA PRO B 44 9.70 -37.98 4.95
C PRO B 44 9.07 -38.86 6.03
N PHE B 45 8.00 -38.34 6.62
CA PHE B 45 7.27 -39.09 7.63
C PHE B 45 6.62 -40.32 7.01
N PHE B 46 6.70 -41.46 7.71
CA PHE B 46 6.16 -42.72 7.24
C PHE B 46 6.69 -43.08 5.86
N SER B 47 8.01 -42.97 5.71
CA SER B 47 8.68 -43.27 4.45
C SER B 47 8.84 -44.78 4.32
N ASN B 48 9.62 -45.21 3.33
CA ASN B 48 9.79 -46.63 2.99
C ASN B 48 11.27 -46.96 3.13
N VAL B 49 11.69 -47.28 4.36
CA VAL B 49 13.10 -47.48 4.67
C VAL B 49 13.44 -48.95 4.51
N THR B 50 14.60 -49.23 3.91
CA THR B 50 15.01 -50.60 3.61
C THR B 50 15.77 -51.18 4.80
N TRP B 51 15.59 -52.49 5.02
CA TRP B 51 16.03 -53.15 6.25
C TRP B 51 16.90 -54.34 5.91
N PHE B 52 18.11 -54.37 6.49
CA PHE B 52 19.06 -55.45 6.31
C PHE B 52 19.45 -56.06 7.66
N HIS B 53 19.83 -57.33 7.63
CA HIS B 53 20.22 -58.10 8.80
C HIS B 53 21.67 -58.52 8.70
N ALA B 54 22.30 -58.72 9.86
CA ALA B 54 23.58 -59.42 9.97
C ALA B 54 23.43 -60.30 11.21
N ILE B 55 22.90 -61.51 11.00
CA ILE B 55 22.57 -62.39 12.11
C ILE B 55 22.99 -63.82 11.81
N ARG B 65 21.31 -64.56 6.53
CA ARG B 65 21.08 -63.11 6.55
C ARG B 65 22.35 -62.35 6.92
N PHE B 66 23.15 -62.04 5.89
CA PHE B 66 24.38 -61.29 6.09
C PHE B 66 24.69 -60.60 4.77
N ASP B 67 24.48 -59.28 4.71
CA ASP B 67 24.65 -58.54 3.47
C ASP B 67 25.21 -57.16 3.76
N ASN B 68 25.89 -56.60 2.77
CA ASN B 68 26.40 -55.23 2.80
C ASN B 68 26.62 -54.74 1.37
N PRO B 69 25.56 -54.60 0.58
CA PRO B 69 25.72 -54.26 -0.84
C PRO B 69 26.01 -52.77 -1.02
N VAL B 70 26.40 -52.44 -2.25
CA VAL B 70 26.68 -51.06 -2.62
C VAL B 70 25.36 -50.34 -2.85
N LEU B 71 25.10 -49.30 -2.05
CA LEU B 71 23.86 -48.57 -2.15
C LEU B 71 24.09 -47.18 -2.72
N PRO B 72 23.22 -46.72 -3.63
CA PRO B 72 23.43 -45.39 -4.22
C PRO B 72 23.30 -44.28 -3.18
N PHE B 73 24.01 -43.18 -3.44
CA PHE B 73 24.00 -42.00 -2.59
C PHE B 73 23.44 -40.86 -3.42
N ASN B 74 22.13 -40.65 -3.34
CA ASN B 74 21.48 -39.68 -4.22
C ASN B 74 21.65 -38.24 -3.71
N ASP B 75 21.05 -37.92 -2.56
CA ASP B 75 21.11 -36.56 -2.03
C ASP B 75 21.36 -36.50 -0.54
N GLY B 76 21.46 -37.63 0.16
CA GLY B 76 21.61 -37.64 1.60
C GLY B 76 21.03 -38.90 2.19
N VAL B 77 21.69 -39.48 3.19
CA VAL B 77 21.36 -40.83 3.65
C VAL B 77 21.06 -40.80 5.14
N TYR B 78 19.93 -41.41 5.53
CA TYR B 78 19.62 -41.68 6.93
C TYR B 78 19.90 -43.15 7.20
N PHE B 79 20.77 -43.43 8.17
CA PHE B 79 21.23 -44.77 8.46
C PHE B 79 21.01 -45.06 9.93
N ALA B 80 20.16 -46.04 10.23
CA ALA B 80 19.90 -46.46 11.59
C ALA B 80 20.45 -47.86 11.80
N SER B 81 20.88 -48.15 13.02
CA SER B 81 21.45 -49.45 13.34
C SER B 81 21.02 -49.88 14.73
N THR B 82 20.44 -51.08 14.82
CA THR B 82 20.08 -51.69 16.09
C THR B 82 21.04 -52.85 16.34
N GLU B 83 21.77 -52.78 17.45
CA GLU B 83 22.83 -53.73 17.70
C GLU B 83 23.07 -53.87 19.20
N LYS B 84 23.87 -54.88 19.55
CA LYS B 84 24.23 -55.20 20.91
C LYS B 84 25.73 -55.19 21.16
N SER B 85 26.52 -55.71 20.21
CA SER B 85 27.96 -55.89 20.41
C SER B 85 28.75 -55.27 19.26
N ASN B 86 28.29 -54.13 18.75
CA ASN B 86 29.04 -53.29 17.81
C ASN B 86 29.42 -54.07 16.54
N ILE B 87 28.38 -54.44 15.79
CA ILE B 87 28.59 -55.09 14.50
C ILE B 87 29.00 -54.07 13.44
N ILE B 88 28.28 -52.94 13.37
CA ILE B 88 28.60 -51.89 12.42
C ILE B 88 29.92 -51.26 12.82
N ARG B 89 30.81 -51.04 11.84
CA ARG B 89 32.13 -50.49 12.11
C ARG B 89 32.45 -49.22 11.33
N GLY B 90 31.82 -48.98 10.19
CA GLY B 90 32.13 -47.78 9.45
C GLY B 90 31.47 -47.81 8.07
N TRP B 91 31.89 -46.85 7.25
CA TRP B 91 31.33 -46.68 5.91
C TRP B 91 32.42 -46.27 4.94
N ILE B 92 32.15 -46.52 3.66
CA ILE B 92 33.03 -46.17 2.55
C ILE B 92 32.19 -45.42 1.51
N PHE B 93 32.65 -44.24 1.12
CA PHE B 93 31.95 -43.39 0.17
C PHE B 93 32.83 -43.13 -1.04
N GLY B 94 32.21 -43.05 -2.21
CA GLY B 94 32.95 -42.77 -3.43
C GLY B 94 32.03 -42.85 -4.63
N THR B 95 32.63 -42.67 -5.81
CA THR B 95 31.90 -42.75 -7.06
C THR B 95 32.29 -43.96 -7.91
N THR B 96 33.48 -44.51 -7.70
CA THR B 96 33.92 -45.72 -8.40
C THR B 96 34.50 -46.77 -7.47
N LEU B 97 34.98 -46.39 -6.29
CA LEU B 97 35.49 -47.32 -5.28
C LEU B 97 36.70 -48.10 -5.79
N ASP B 98 37.62 -47.42 -6.45
CA ASP B 98 38.89 -48.00 -6.86
C ASP B 98 39.96 -46.90 -6.82
N SER B 99 41.17 -47.26 -7.24
CA SER B 99 42.28 -46.33 -7.21
C SER B 99 42.16 -45.20 -8.24
N LYS B 100 41.21 -45.30 -9.18
CA LYS B 100 41.10 -44.28 -10.21
C LYS B 100 40.52 -42.99 -9.68
N THR B 101 39.70 -43.05 -8.62
CA THR B 101 39.06 -41.88 -8.06
C THR B 101 39.26 -41.84 -6.56
N GLN B 102 39.25 -40.63 -6.00
CA GLN B 102 39.38 -40.45 -4.56
C GLN B 102 38.15 -41.00 -3.85
N SER B 103 38.37 -41.57 -2.66
CA SER B 103 37.30 -42.15 -1.88
C SER B 103 37.49 -41.84 -0.40
N LEU B 104 36.39 -41.78 0.32
CA LEU B 104 36.37 -41.46 1.74
C LEU B 104 36.07 -42.71 2.55
N LEU B 105 36.82 -42.89 3.64
CA LEU B 105 36.64 -44.04 4.52
C LEU B 105 36.52 -43.57 5.96
N ILE B 106 35.47 -44.02 6.64
CA ILE B 106 35.30 -43.78 8.07
C ILE B 106 35.22 -45.14 8.74
N VAL B 107 36.08 -45.37 9.75
CA VAL B 107 36.18 -46.68 10.36
C VAL B 107 36.39 -46.51 11.87
N ASN B 108 35.90 -47.51 12.62
CA ASN B 108 36.06 -47.58 14.07
C ASN B 108 36.68 -48.94 14.38
N ASN B 109 37.99 -48.96 14.60
CA ASN B 109 38.73 -50.22 14.71
C ASN B 109 38.96 -50.63 16.16
N ALA B 110 37.98 -50.36 17.02
CA ALA B 110 37.89 -50.88 18.39
C ALA B 110 38.86 -50.18 19.34
N THR B 111 39.70 -49.29 18.82
CA THR B 111 40.55 -48.45 19.65
C THR B 111 40.62 -47.00 19.20
N ASN B 112 40.33 -46.71 17.93
CA ASN B 112 40.37 -45.35 17.41
C ASN B 112 39.33 -45.23 16.30
N VAL B 113 38.97 -43.98 15.99
CA VAL B 113 38.15 -43.66 14.83
C VAL B 113 39.03 -42.98 13.80
N VAL B 114 38.98 -43.47 12.56
CA VAL B 114 39.84 -42.99 11.50
C VAL B 114 38.98 -42.52 10.34
N ILE B 115 39.24 -41.30 9.87
CA ILE B 115 38.58 -40.74 8.70
C ILE B 115 39.67 -40.36 7.71
N LYS B 116 39.64 -40.98 6.53
CA LYS B 116 40.66 -40.76 5.52
C LYS B 116 40.02 -40.46 4.17
N VAL B 117 40.71 -39.66 3.37
CA VAL B 117 40.28 -39.35 2.00
C VAL B 117 41.46 -39.71 1.10
N CYS B 118 41.40 -40.90 0.49
CA CYS B 118 42.53 -41.40 -0.27
C CYS B 118 42.00 -42.15 -1.48
N GLU B 119 42.86 -42.34 -2.47
CA GLU B 119 42.52 -43.14 -3.65
C GLU B 119 42.71 -44.63 -3.30
N PHE B 120 41.84 -45.10 -2.42
CA PHE B 120 41.92 -46.48 -1.96
C PHE B 120 41.59 -47.45 -3.09
N GLN B 121 42.27 -48.61 -3.07
CA GLN B 121 41.91 -49.74 -3.92
C GLN B 121 41.18 -50.74 -3.02
N PHE B 122 39.88 -50.51 -2.86
CA PHE B 122 39.09 -51.30 -1.92
C PHE B 122 38.97 -52.74 -2.39
N CYS B 123 38.96 -53.66 -1.42
CA CYS B 123 38.74 -55.06 -1.72
C CYS B 123 37.28 -55.29 -2.15
N ASN B 124 37.05 -56.41 -2.83
CA ASN B 124 35.72 -56.72 -3.34
C ASN B 124 34.73 -56.91 -2.19
N ASP B 125 35.16 -57.56 -1.11
CA ASP B 125 34.32 -57.84 0.05
C ASP B 125 35.03 -57.35 1.30
N PRO B 126 34.95 -56.05 1.60
CA PRO B 126 35.61 -55.53 2.80
C PRO B 126 34.95 -56.03 4.08
N PHE B 127 35.77 -56.21 5.10
CA PHE B 127 35.29 -56.64 6.41
C PHE B 127 36.41 -56.43 7.42
N LEU B 128 36.04 -56.46 8.70
CA LEU B 128 36.98 -56.39 9.80
C LEU B 128 36.85 -57.66 10.65
N GLY B 129 37.97 -58.36 10.84
CA GLY B 129 37.95 -59.65 11.50
C GLY B 129 38.13 -59.53 13.01
N VAL B 130 37.27 -60.23 13.75
CA VAL B 130 37.35 -60.30 15.20
C VAL B 130 37.41 -61.77 15.60
N TYR B 131 38.42 -62.13 16.39
CA TYR B 131 38.58 -63.51 16.83
C TYR B 131 37.72 -63.79 18.07
N MET B 140 42.32 -60.35 19.19
CA MET B 140 41.21 -59.43 19.10
C MET B 140 40.94 -59.06 17.65
N GLU B 141 41.10 -57.79 17.31
CA GLU B 141 40.99 -57.34 15.92
C GLU B 141 42.18 -57.88 15.14
N SER B 142 41.93 -58.83 14.23
CA SER B 142 43.00 -59.57 13.58
C SER B 142 43.09 -59.35 12.08
N GLU B 143 42.05 -58.87 11.42
CA GLU B 143 42.05 -58.72 9.96
C GLU B 143 41.64 -57.31 9.57
N PHE B 144 42.25 -56.82 8.49
CA PHE B 144 41.98 -55.49 7.95
C PHE B 144 41.83 -55.57 6.43
N ARG B 145 41.03 -56.54 5.97
CA ARG B 145 40.81 -56.74 4.54
C ARG B 145 39.80 -55.70 4.03
N VAL B 146 40.25 -54.45 4.00
CA VAL B 146 39.40 -53.34 3.58
C VAL B 146 39.81 -52.87 2.20
N TYR B 147 41.08 -52.48 2.06
CA TYR B 147 41.60 -51.99 0.79
C TYR B 147 42.93 -52.67 0.48
N SER B 148 43.20 -52.83 -0.82
CA SER B 148 44.46 -53.44 -1.23
C SER B 148 45.63 -52.49 -1.05
N SER B 149 45.44 -51.21 -1.39
CA SER B 149 46.50 -50.23 -1.27
C SER B 149 45.89 -48.85 -1.00
N ALA B 150 46.71 -47.96 -0.45
CA ALA B 150 46.28 -46.61 -0.14
C ALA B 150 47.40 -45.63 -0.52
N ASN B 151 47.02 -44.52 -1.15
CA ASN B 151 47.98 -43.51 -1.58
C ASN B 151 47.22 -42.22 -1.87
N ASN B 152 47.98 -41.16 -2.12
CA ASN B 152 47.44 -39.84 -2.43
C ASN B 152 46.48 -39.36 -1.35
N CYS B 153 46.90 -39.48 -0.10
CA CYS B 153 46.06 -39.15 1.04
C CYS B 153 46.13 -37.64 1.32
N THR B 154 45.07 -36.93 0.95
CA THR B 154 45.02 -35.48 1.14
C THR B 154 44.34 -35.07 2.45
N PHE B 155 43.77 -36.01 3.19
CA PHE B 155 43.08 -35.69 4.43
C PHE B 155 43.01 -36.93 5.30
N GLU B 156 43.42 -36.80 6.57
CA GLU B 156 43.40 -37.91 7.51
C GLU B 156 43.20 -37.36 8.92
N TYR B 157 42.30 -37.99 9.67
CA TYR B 157 42.04 -37.61 11.05
C TYR B 157 41.87 -38.86 11.89
N VAL B 158 42.51 -38.86 13.06
CA VAL B 158 42.42 -39.94 14.03
C VAL B 158 42.20 -39.33 15.40
N SER B 159 41.37 -39.98 16.22
CA SER B 159 41.08 -39.49 17.56
C SER B 159 41.98 -40.17 18.59
N GLN B 160 41.81 -39.78 19.85
CA GLN B 160 42.60 -40.36 20.92
C GLN B 160 42.23 -41.83 21.12
N PRO B 161 43.20 -42.66 21.51
CA PRO B 161 42.91 -44.09 21.73
C PRO B 161 41.94 -44.29 22.88
N PHE B 162 41.13 -45.35 22.76
CA PHE B 162 40.19 -45.71 23.81
C PHE B 162 40.08 -47.22 23.94
N PHE B 173 19.51 -57.06 21.40
CA PHE B 173 19.34 -55.67 20.98
C PHE B 173 19.26 -54.74 22.19
N LYS B 174 20.26 -53.87 22.34
CA LYS B 174 20.31 -52.93 23.45
C LYS B 174 20.67 -51.51 23.04
N ASN B 175 21.17 -51.28 21.83
CA ASN B 175 21.56 -49.95 21.39
C ASN B 175 21.00 -49.66 20.00
N LEU B 176 20.60 -48.41 19.79
CA LEU B 176 20.16 -47.94 18.49
C LEU B 176 20.86 -46.63 18.18
N ARG B 177 21.46 -46.55 17.00
CA ARG B 177 22.23 -45.38 16.59
C ARG B 177 21.71 -44.87 15.25
N GLU B 178 21.45 -43.57 15.17
CA GLU B 178 20.94 -42.93 13.97
C GLU B 178 21.96 -41.92 13.46
N PHE B 179 22.21 -41.95 12.15
CA PHE B 179 23.15 -41.06 11.52
C PHE B 179 22.52 -40.44 10.27
N VAL B 180 22.86 -39.19 10.01
CA VAL B 180 22.40 -38.47 8.84
C VAL B 180 23.62 -37.92 8.11
N PHE B 181 23.78 -38.30 6.84
CA PHE B 181 24.89 -37.87 6.02
C PHE B 181 24.38 -36.97 4.90
N LYS B 182 24.98 -35.78 4.78
CA LYS B 182 24.68 -34.85 3.71
C LYS B 182 25.98 -34.39 3.06
N ASN B 183 25.89 -34.05 1.77
CA ASN B 183 27.05 -33.58 1.00
C ASN B 183 26.63 -32.30 0.28
N ILE B 184 27.06 -31.15 0.80
CA ILE B 184 26.66 -29.85 0.26
C ILE B 184 27.90 -29.02 -0.02
N ASP B 185 28.03 -28.54 -1.24
CA ASP B 185 29.15 -27.73 -1.74
C ASP B 185 30.49 -28.20 -1.18
N GLY B 186 30.78 -29.49 -1.39
CA GLY B 186 32.05 -30.06 -0.98
C GLY B 186 32.08 -30.48 0.48
N TYR B 187 31.43 -29.71 1.34
CA TYR B 187 31.37 -30.06 2.75
C TYR B 187 30.53 -31.31 2.96
N PHE B 188 30.95 -32.12 3.93
CA PHE B 188 30.26 -33.35 4.31
C PHE B 188 29.79 -33.19 5.76
N LYS B 189 28.48 -33.26 5.96
CA LYS B 189 27.87 -33.04 7.26
C LYS B 189 27.34 -34.36 7.82
N ILE B 190 27.73 -34.67 9.05
CA ILE B 190 27.31 -35.88 9.73
C ILE B 190 26.61 -35.49 11.02
N TYR B 191 25.38 -35.96 11.18
CA TYR B 191 24.59 -35.79 12.40
C TYR B 191 24.40 -37.15 13.05
N SER B 192 24.44 -37.20 14.37
CA SER B 192 24.42 -38.46 15.09
C SER B 192 23.48 -38.41 16.29
N LYS B 193 22.94 -39.56 16.65
CA LYS B 193 22.14 -39.72 17.86
C LYS B 193 22.17 -41.19 18.27
N HIS B 194 21.92 -41.43 19.56
CA HIS B 194 21.98 -42.78 20.11
C HIS B 194 20.98 -42.89 21.26
N THR B 195 20.39 -44.08 21.39
CA THR B 195 19.42 -44.34 22.46
C THR B 195 19.35 -45.83 22.73
N PRO B 196 19.12 -46.23 23.98
CA PRO B 196 18.95 -47.66 24.29
C PRO B 196 17.56 -48.13 23.89
N ILE B 197 17.51 -49.20 23.09
CA ILE B 197 16.26 -49.80 22.64
C ILE B 197 16.37 -51.31 22.84
N ASN B 198 15.36 -51.91 23.47
CA ASN B 198 15.40 -53.32 23.82
C ASN B 198 14.43 -54.19 23.03
N LEU B 199 13.61 -53.61 22.17
CA LEU B 199 12.69 -54.42 21.37
C LEU B 199 13.46 -55.16 20.28
N VAL B 200 12.80 -56.14 19.66
CA VAL B 200 13.49 -57.19 18.93
C VAL B 200 13.74 -56.85 17.46
N ARG B 201 12.68 -56.49 16.71
CA ARG B 201 12.79 -56.46 15.25
C ARG B 201 12.62 -55.07 14.65
N ASP B 202 11.50 -54.40 14.91
CA ASP B 202 11.13 -53.24 14.12
C ASP B 202 11.88 -52.00 14.59
N LEU B 203 11.66 -50.90 13.86
CA LEU B 203 12.16 -49.60 14.30
C LEU B 203 11.24 -49.04 15.37
N PRO B 204 11.75 -48.69 16.56
CA PRO B 204 10.87 -48.17 17.61
C PRO B 204 10.22 -46.86 17.19
N GLN B 205 8.96 -46.69 17.59
CA GLN B 205 8.22 -45.48 17.28
C GLN B 205 8.43 -44.45 18.39
N GLY B 206 8.79 -43.24 18.00
CA GLY B 206 9.03 -42.18 18.95
C GLY B 206 9.83 -41.07 18.32
N PHE B 207 9.70 -39.88 18.91
CA PHE B 207 10.39 -38.70 18.42
C PHE B 207 11.88 -38.77 18.75
N SER B 208 12.70 -38.34 17.81
CA SER B 208 14.15 -38.32 17.99
C SER B 208 14.72 -37.16 17.20
N ALA B 209 15.51 -36.31 17.87
CA ALA B 209 16.11 -35.14 17.27
C ALA B 209 17.63 -35.31 17.24
N LEU B 210 18.18 -35.46 16.04
CA LEU B 210 19.62 -35.60 15.90
C LEU B 210 20.31 -34.26 16.11
N GLU B 211 21.61 -34.31 16.34
CA GLU B 211 22.41 -33.13 16.62
C GLU B 211 23.59 -33.05 15.67
N PRO B 212 24.05 -31.84 15.36
CA PRO B 212 25.20 -31.69 14.45
C PRO B 212 26.48 -32.25 15.08
N LEU B 213 27.07 -33.25 14.43
CA LEU B 213 28.26 -33.90 14.95
C LEU B 213 29.54 -33.42 14.29
N VAL B 214 29.66 -33.57 12.97
CA VAL B 214 30.92 -33.33 12.27
C VAL B 214 30.64 -32.62 10.94
N ASP B 215 31.52 -31.68 10.58
CA ASP B 215 31.54 -31.06 9.27
C ASP B 215 32.96 -31.15 8.72
N LEU B 216 33.11 -31.83 7.58
CA LEU B 216 34.44 -32.05 7.01
C LEU B 216 34.56 -31.45 5.63
N PRO B 217 35.69 -30.80 5.30
CA PRO B 217 35.91 -30.27 3.95
C PRO B 217 36.58 -31.26 3.01
N ILE B 218 35.89 -32.39 2.75
CA ILE B 218 36.47 -33.41 1.89
C ILE B 218 36.50 -32.93 0.44
N GLY B 219 35.42 -32.33 -0.04
CA GLY B 219 35.37 -31.80 -1.39
C GLY B 219 35.56 -32.83 -2.49
N ILE B 220 34.85 -33.96 -2.39
CA ILE B 220 34.98 -35.04 -3.34
C ILE B 220 33.60 -35.36 -3.92
N ASN B 221 33.61 -36.24 -4.93
CA ASN B 221 32.38 -36.72 -5.57
C ASN B 221 31.94 -37.99 -4.86
N ILE B 222 30.69 -38.02 -4.40
CA ILE B 222 30.13 -39.17 -3.71
C ILE B 222 28.82 -39.54 -4.39
N THR B 223 28.72 -40.76 -4.91
CA THR B 223 27.49 -41.27 -5.49
C THR B 223 27.10 -42.66 -5.01
N ARG B 224 28.02 -43.43 -4.45
CA ARG B 224 27.73 -44.76 -3.93
C ARG B 224 28.40 -44.91 -2.56
N PHE B 225 27.82 -45.75 -1.72
CA PHE B 225 28.39 -45.99 -0.41
C PHE B 225 28.15 -47.44 0.00
N GLN B 226 29.02 -47.95 0.87
CA GLN B 226 28.92 -49.29 1.40
C GLN B 226 29.26 -49.27 2.88
N THR B 227 28.66 -50.20 3.63
CA THR B 227 28.85 -50.28 5.06
C THR B 227 29.90 -51.33 5.42
N LEU B 228 30.44 -51.20 6.63
CA LEU B 228 31.49 -52.09 7.13
C LEU B 228 30.96 -52.92 8.27
N LEU B 229 31.11 -54.22 8.17
CA LEU B 229 30.62 -55.17 9.16
C LEU B 229 31.79 -55.84 9.87
N ALA B 230 31.58 -56.18 11.15
CA ALA B 230 32.59 -56.85 11.97
C ALA B 230 32.31 -58.35 11.93
N LEU B 231 33.08 -59.06 11.13
CA LEU B 231 32.91 -60.51 11.00
C LEU B 231 33.65 -61.21 12.13
N HIS B 232 32.95 -62.07 12.85
CA HIS B 232 33.48 -62.76 14.02
C HIS B 232 33.80 -64.21 13.65
N ARG B 233 34.98 -64.67 14.04
CA ARG B 233 35.39 -66.04 13.79
C ARG B 233 35.64 -66.78 15.10
N GLY B 248 27.27 -62.22 13.24
CA GLY B 248 26.71 -61.04 13.90
C GLY B 248 25.33 -61.29 14.48
N ALA B 249 24.80 -60.29 15.19
CA ALA B 249 23.46 -60.37 15.74
C ALA B 249 22.72 -59.04 15.64
N ALA B 250 22.99 -58.26 14.59
CA ALA B 250 22.49 -56.90 14.51
C ALA B 250 21.66 -56.69 13.25
N ALA B 251 21.08 -55.49 13.13
CA ALA B 251 20.32 -55.13 11.95
C ALA B 251 20.45 -53.64 11.72
N TYR B 252 20.14 -53.20 10.51
CA TYR B 252 20.23 -51.79 10.18
C TYR B 252 19.22 -51.43 9.10
N TYR B 253 18.99 -50.13 8.96
CA TYR B 253 17.99 -49.57 8.07
C TYR B 253 18.60 -48.39 7.32
N VAL B 254 18.27 -48.28 6.03
CA VAL B 254 18.80 -47.23 5.16
C VAL B 254 17.64 -46.54 4.46
N GLY B 255 17.67 -45.21 4.45
CA GLY B 255 16.65 -44.43 3.79
C GLY B 255 17.24 -43.18 3.16
N TYR B 256 16.46 -42.58 2.27
CA TYR B 256 16.91 -41.44 1.48
C TYR B 256 16.15 -40.19 1.88
N LEU B 257 16.89 -39.09 2.04
CA LEU B 257 16.31 -37.81 2.37
C LEU B 257 15.76 -37.12 1.12
N GLN B 258 14.79 -36.23 1.33
CA GLN B 258 14.20 -35.46 0.26
C GLN B 258 13.94 -34.04 0.75
N PRO B 259 13.89 -33.06 -0.14
CA PRO B 259 13.59 -31.68 0.28
C PRO B 259 12.16 -31.57 0.80
N ARG B 260 12.02 -30.99 1.99
CA ARG B 260 10.73 -30.90 2.65
C ARG B 260 10.68 -29.64 3.50
N THR B 261 9.46 -29.22 3.80
CA THR B 261 9.19 -28.14 4.74
C THR B 261 8.66 -28.76 6.03
N PHE B 262 9.33 -28.47 7.14
CA PHE B 262 9.02 -29.06 8.44
C PHE B 262 8.68 -27.96 9.43
N LEU B 263 7.62 -28.17 10.20
CA LEU B 263 7.24 -27.26 11.28
C LEU B 263 7.61 -27.92 12.59
N LEU B 264 8.56 -27.33 13.31
CA LEU B 264 9.10 -27.90 14.55
C LEU B 264 8.60 -27.10 15.74
N LYS B 265 8.13 -27.82 16.76
CA LYS B 265 7.66 -27.20 18.00
C LYS B 265 8.75 -27.31 19.05
N TYR B 266 9.20 -26.16 19.54
CA TYR B 266 10.29 -26.12 20.53
C TYR B 266 9.71 -26.15 21.94
N ASN B 267 10.33 -26.97 22.79
CA ASN B 267 9.89 -27.09 24.17
C ASN B 267 10.29 -25.85 24.97
N GLU B 268 9.82 -25.79 26.21
CA GLU B 268 10.20 -24.68 27.09
C GLU B 268 11.70 -24.72 27.37
N ASN B 269 12.27 -25.91 27.55
CA ASN B 269 13.71 -26.08 27.63
C ASN B 269 14.28 -26.26 26.22
N GLY B 270 15.60 -26.22 26.12
CA GLY B 270 16.25 -26.17 24.81
C GLY B 270 16.24 -27.47 24.04
N THR B 271 15.06 -27.90 23.58
CA THR B 271 14.95 -29.09 22.75
C THR B 271 13.66 -29.03 21.95
N ILE B 272 13.58 -29.88 20.93
CA ILE B 272 12.39 -30.00 20.08
C ILE B 272 11.60 -31.22 20.53
N THR B 273 10.26 -31.11 20.51
CA THR B 273 9.40 -32.17 20.96
C THR B 273 8.44 -32.72 19.92
N ASP B 274 8.18 -31.99 18.84
CA ASP B 274 7.25 -32.47 17.83
C ASP B 274 7.56 -31.82 16.49
N ALA B 275 7.18 -32.51 15.42
CA ALA B 275 7.41 -32.03 14.06
C ALA B 275 6.21 -32.36 13.19
N VAL B 276 5.97 -31.51 12.19
CA VAL B 276 4.88 -31.68 11.23
C VAL B 276 5.45 -31.57 9.83
N ASP B 277 5.12 -32.54 8.98
CA ASP B 277 5.51 -32.53 7.58
C ASP B 277 4.36 -31.94 6.76
N CYS B 278 4.64 -30.85 6.06
CA CYS B 278 3.60 -30.12 5.32
C CYS B 278 3.17 -30.83 4.03
N ALA B 279 3.57 -32.07 3.76
CA ALA B 279 3.16 -32.77 2.54
C ALA B 279 2.71 -34.20 2.79
N LEU B 280 2.57 -34.61 4.05
CA LEU B 280 2.18 -35.99 4.34
C LEU B 280 0.73 -36.25 3.92
N ASP B 281 -0.19 -35.37 4.31
CA ASP B 281 -1.60 -35.54 4.03
C ASP B 281 -2.28 -34.18 4.11
N PRO B 282 -3.51 -34.05 3.58
CA PRO B 282 -4.16 -32.73 3.61
C PRO B 282 -4.32 -32.13 4.99
N LEU B 283 -4.50 -32.96 6.03
CA LEU B 283 -4.60 -32.41 7.38
C LEU B 283 -3.31 -31.71 7.79
N SER B 284 -2.16 -32.31 7.45
CA SER B 284 -0.89 -31.66 7.73
C SER B 284 -0.73 -30.37 6.95
N GLU B 285 -1.24 -30.34 5.71
CA GLU B 285 -1.24 -29.09 4.95
C GLU B 285 -2.06 -28.01 5.66
N THR B 286 -3.23 -28.38 6.18
CA THR B 286 -4.05 -27.43 6.92
C THR B 286 -3.34 -26.97 8.18
N LYS B 287 -2.68 -27.90 8.88
CA LYS B 287 -1.94 -27.53 10.09
C LYS B 287 -0.81 -26.56 9.78
N CYS B 288 -0.07 -26.80 8.70
CA CYS B 288 0.99 -25.89 8.31
C CYS B 288 0.43 -24.53 7.90
N THR B 289 -0.69 -24.52 7.17
CA THR B 289 -1.29 -23.25 6.77
C THR B 289 -1.74 -22.45 7.97
N LEU B 290 -2.38 -23.10 8.95
CA LEU B 290 -2.76 -22.44 10.19
C LEU B 290 -1.59 -22.25 11.13
N LYS B 291 -0.45 -22.89 10.87
CA LYS B 291 0.75 -22.78 11.69
C LYS B 291 0.46 -23.14 13.15
N SER B 292 -0.28 -24.23 13.33
CA SER B 292 -0.59 -24.73 14.66
C SER B 292 -0.76 -26.24 14.59
N PHE B 293 -0.58 -26.89 15.74
CA PHE B 293 -0.66 -28.34 15.83
C PHE B 293 -2.09 -28.84 16.05
N THR B 294 -3.04 -27.95 16.31
CA THR B 294 -4.43 -28.32 16.53
C THR B 294 -5.31 -27.51 15.59
N VAL B 295 -6.34 -28.16 15.05
CA VAL B 295 -7.25 -27.55 14.08
C VAL B 295 -8.67 -27.67 14.61
N GLU B 296 -9.39 -26.55 14.63
CA GLU B 296 -10.78 -26.54 15.07
C GLU B 296 -11.70 -27.04 13.96
N LYS B 297 -12.95 -27.30 14.33
CA LYS B 297 -13.92 -27.83 13.38
C LYS B 297 -14.24 -26.80 12.30
N GLY B 298 -14.25 -27.24 11.05
CA GLY B 298 -14.66 -26.38 9.96
C GLY B 298 -14.11 -26.86 8.63
N ILE B 299 -13.96 -25.90 7.72
CA ILE B 299 -13.46 -26.10 6.38
C ILE B 299 -12.33 -25.10 6.14
N TYR B 300 -11.26 -25.54 5.48
CA TYR B 300 -10.12 -24.69 5.18
C TYR B 300 -9.65 -24.91 3.75
N GLN B 301 -9.01 -23.88 3.21
CA GLN B 301 -8.46 -23.94 1.86
C GLN B 301 -6.99 -24.34 1.88
N THR B 302 -6.55 -24.97 0.80
CA THR B 302 -5.15 -25.39 0.68
C THR B 302 -4.57 -24.96 -0.67
N SER B 303 -3.36 -25.41 -0.98
CA SER B 303 -2.70 -25.00 -2.20
C SER B 303 -3.33 -25.68 -3.42
N ASN B 304 -2.97 -25.16 -4.59
CA ASN B 304 -3.50 -25.67 -5.85
C ASN B 304 -2.96 -27.06 -6.14
N PHE B 305 -3.68 -27.79 -7.00
CA PHE B 305 -3.24 -29.11 -7.42
C PHE B 305 -1.98 -28.99 -8.27
N ARG B 306 -1.08 -29.96 -8.13
CA ARG B 306 0.29 -29.81 -8.64
C ARG B 306 0.42 -30.21 -10.11
N VAL B 307 0.10 -31.46 -10.43
CA VAL B 307 0.31 -32.03 -11.77
C VAL B 307 1.79 -31.91 -12.13
N GLN B 308 2.62 -32.79 -11.59
CA GLN B 308 4.05 -32.74 -11.87
C GLN B 308 4.31 -33.21 -13.31
N PRO B 309 5.23 -32.55 -14.03
CA PRO B 309 5.49 -32.96 -15.41
C PRO B 309 6.26 -34.27 -15.51
N THR B 310 7.30 -34.44 -14.69
CA THR B 310 8.10 -35.66 -14.63
C THR B 310 8.71 -36.03 -15.99
N GLU B 311 9.02 -35.03 -16.81
CA GLU B 311 9.64 -35.28 -18.10
C GLU B 311 10.25 -33.99 -18.62
N SER B 312 11.43 -34.10 -19.24
CA SER B 312 12.15 -32.97 -19.82
C SER B 312 12.30 -33.19 -21.32
N ILE B 313 11.96 -32.17 -22.10
CA ILE B 313 12.01 -32.23 -23.56
C ILE B 313 12.82 -31.04 -24.06
N VAL B 314 13.73 -31.30 -24.99
CA VAL B 314 14.58 -30.26 -25.57
C VAL B 314 14.37 -30.26 -27.08
N ARG B 315 14.09 -29.08 -27.64
CA ARG B 315 13.90 -28.91 -29.08
C ARG B 315 14.82 -27.81 -29.57
N PHE B 316 15.75 -28.17 -30.45
CA PHE B 316 16.70 -27.24 -31.03
C PHE B 316 16.78 -27.46 -32.54
N PRO B 317 17.09 -26.41 -33.31
CA PRO B 317 17.33 -26.61 -34.74
C PRO B 317 18.52 -27.53 -34.97
N ASN B 318 18.41 -28.37 -36.00
CA ASN B 318 19.44 -29.38 -36.27
C ASN B 318 20.54 -28.78 -37.15
N ILE B 319 21.32 -27.90 -36.53
CA ILE B 319 22.48 -27.28 -37.16
C ILE B 319 23.71 -28.10 -36.80
N THR B 320 24.49 -28.48 -37.82
CA THR B 320 25.63 -29.36 -37.64
C THR B 320 26.98 -28.69 -37.88
N ASN B 321 27.00 -27.50 -38.44
CA ASN B 321 28.24 -26.82 -38.76
C ASN B 321 28.78 -26.06 -37.55
N LEU B 322 30.06 -25.73 -37.60
CA LEU B 322 30.74 -24.99 -36.54
C LEU B 322 30.85 -23.52 -36.91
N CYS B 323 30.86 -22.67 -35.88
CA CYS B 323 30.88 -21.23 -36.08
C CYS B 323 32.26 -20.78 -36.58
N PRO B 324 32.33 -19.62 -37.24
CA PRO B 324 33.62 -19.13 -37.73
C PRO B 324 34.54 -18.69 -36.61
N PHE B 325 35.19 -19.66 -35.96
CA PHE B 325 36.14 -19.36 -34.91
C PHE B 325 37.55 -19.13 -35.44
N GLY B 326 37.96 -19.90 -36.44
CA GLY B 326 39.28 -19.78 -37.02
C GLY B 326 39.48 -18.51 -37.82
N GLU B 327 38.74 -18.36 -38.91
CA GLU B 327 38.92 -17.25 -39.83
C GLU B 327 38.39 -15.92 -39.29
N VAL B 328 38.05 -15.85 -38.01
CA VAL B 328 37.65 -14.60 -37.36
C VAL B 328 38.64 -14.21 -36.28
N PHE B 329 38.96 -15.14 -35.38
CA PHE B 329 39.93 -14.87 -34.32
C PHE B 329 41.38 -15.00 -34.79
N ASN B 330 41.63 -15.80 -35.83
CA ASN B 330 42.96 -15.94 -36.41
C ASN B 330 43.14 -15.08 -37.66
N ALA B 331 42.40 -13.98 -37.77
CA ALA B 331 42.55 -13.10 -38.92
C ALA B 331 43.93 -12.43 -38.88
N THR B 332 44.66 -12.54 -39.99
CA THR B 332 46.00 -11.99 -40.05
C THR B 332 46.00 -10.47 -39.89
N ARG B 333 45.06 -9.79 -40.56
CA ARG B 333 44.96 -8.34 -40.51
C ARG B 333 43.65 -7.94 -39.87
N PHE B 334 43.71 -6.99 -38.94
CA PHE B 334 42.53 -6.42 -38.30
C PHE B 334 42.35 -4.99 -38.78
N ALA B 335 41.10 -4.63 -39.10
CA ALA B 335 40.82 -3.29 -39.57
C ALA B 335 41.07 -2.26 -38.48
N SER B 336 41.38 -1.04 -38.89
CA SER B 336 41.66 0.03 -37.94
C SER B 336 40.39 0.46 -37.23
N VAL B 337 40.57 1.21 -36.14
CA VAL B 337 39.43 1.56 -35.29
C VAL B 337 38.47 2.50 -36.00
N TYR B 338 38.99 3.43 -36.81
CA TYR B 338 38.10 4.33 -37.53
C TYR B 338 37.37 3.64 -38.67
N ALA B 339 37.81 2.45 -39.07
CA ALA B 339 37.17 1.65 -40.11
C ALA B 339 36.97 0.23 -39.61
N TRP B 340 36.40 0.10 -38.42
CA TRP B 340 36.24 -1.20 -37.77
C TRP B 340 35.42 -2.14 -38.65
N ASN B 341 35.83 -3.41 -38.68
CA ASN B 341 35.24 -4.38 -39.59
C ASN B 341 34.01 -5.03 -38.96
N ARG B 342 33.00 -5.28 -39.78
CA ARG B 342 31.75 -5.89 -39.34
C ARG B 342 31.46 -7.14 -40.15
N LYS B 343 31.01 -8.19 -39.47
CA LYS B 343 30.72 -9.46 -40.11
C LYS B 343 29.42 -10.04 -39.54
N ARG B 344 28.71 -10.79 -40.38
CA ARG B 344 27.45 -11.43 -40.01
C ARG B 344 27.65 -12.93 -39.90
N ILE B 345 27.09 -13.53 -38.85
CA ILE B 345 27.25 -14.96 -38.59
C ILE B 345 25.87 -15.60 -38.52
N SER B 346 25.72 -16.75 -39.18
CA SER B 346 24.46 -17.47 -39.17
C SER B 346 24.71 -18.95 -39.43
N ASN B 347 23.76 -19.78 -38.96
CA ASN B 347 23.74 -21.22 -39.21
C ASN B 347 25.03 -21.90 -38.73
N CYS B 348 25.22 -21.87 -37.41
CA CYS B 348 26.39 -22.51 -36.81
C CYS B 348 26.11 -22.80 -35.35
N VAL B 349 26.96 -23.64 -34.76
CA VAL B 349 26.84 -24.04 -33.36
C VAL B 349 27.94 -23.33 -32.57
N ALA B 350 27.53 -22.51 -31.61
CA ALA B 350 28.46 -21.68 -30.84
C ALA B 350 29.02 -22.50 -29.67
N ASP B 351 30.04 -23.29 -29.98
CA ASP B 351 30.74 -24.10 -28.99
C ASP B 351 32.12 -23.48 -28.79
N TYR B 352 32.28 -22.71 -27.72
CA TYR B 352 33.53 -22.03 -27.44
C TYR B 352 34.54 -22.89 -26.70
N SER B 353 34.19 -24.14 -26.39
CA SER B 353 35.09 -25.01 -25.65
C SER B 353 36.38 -25.30 -26.41
N VAL B 354 36.40 -25.07 -27.72
CA VAL B 354 37.63 -25.27 -28.50
C VAL B 354 38.60 -24.11 -28.37
N LEU B 355 38.22 -23.04 -27.68
CA LEU B 355 39.08 -21.87 -27.54
C LEU B 355 40.07 -21.98 -26.37
N TYR B 356 39.92 -22.98 -25.50
CA TYR B 356 40.79 -23.07 -24.33
C TYR B 356 42.19 -23.52 -24.71
N ASN B 357 42.33 -24.26 -25.80
CA ASN B 357 43.62 -24.88 -26.10
C ASN B 357 44.67 -23.85 -26.54
N SER B 358 44.27 -22.87 -27.37
CA SER B 358 45.25 -21.97 -27.96
C SER B 358 44.80 -20.51 -27.97
N ALA B 359 43.93 -20.10 -27.05
CA ALA B 359 43.50 -18.71 -26.97
C ALA B 359 43.51 -18.26 -25.51
N SER B 360 43.93 -17.02 -25.30
CA SER B 360 43.99 -16.43 -23.97
C SER B 360 43.61 -14.96 -24.07
N PHE B 361 42.54 -14.58 -23.39
CA PHE B 361 41.99 -13.24 -23.49
C PHE B 361 42.18 -12.49 -22.17
N SER B 362 42.75 -11.29 -22.25
CA SER B 362 42.99 -10.49 -21.05
C SER B 362 41.78 -9.66 -20.62
N THR B 363 40.76 -9.55 -21.46
CA THR B 363 39.56 -8.79 -21.10
C THR B 363 38.35 -9.47 -21.71
N PHE B 364 37.37 -9.80 -20.87
CA PHE B 364 36.15 -10.45 -21.31
C PHE B 364 34.99 -9.94 -20.47
N LYS B 365 33.94 -9.46 -21.15
CA LYS B 365 32.77 -8.94 -20.45
C LYS B 365 31.53 -9.25 -21.28
N CYS B 366 30.39 -9.36 -20.60
CA CYS B 366 29.12 -9.59 -21.29
C CYS B 366 28.02 -8.78 -20.59
N TYR B 367 27.16 -8.17 -21.41
CA TYR B 367 26.05 -7.36 -20.93
C TYR B 367 24.75 -7.95 -21.44
N GLY B 368 23.76 -8.08 -20.55
CA GLY B 368 22.45 -8.57 -20.90
C GLY B 368 22.27 -10.07 -20.78
N VAL B 369 23.33 -10.82 -20.50
CA VAL B 369 23.23 -12.27 -20.37
C VAL B 369 24.42 -12.76 -19.55
N SER B 370 24.15 -13.67 -18.63
CA SER B 370 25.21 -14.27 -17.84
C SER B 370 26.03 -15.23 -18.71
N PRO B 371 27.35 -15.26 -18.55
CA PRO B 371 28.17 -16.16 -19.39
C PRO B 371 27.82 -17.63 -19.24
N THR B 372 27.48 -18.07 -18.02
CA THR B 372 27.24 -19.49 -17.78
C THR B 372 26.05 -20.02 -18.57
N LYS B 373 25.13 -19.16 -18.98
CA LYS B 373 23.99 -19.58 -19.77
C LYS B 373 24.27 -19.59 -21.26
N LEU B 374 25.45 -19.12 -21.69
CA LEU B 374 25.73 -19.01 -23.12
C LEU B 374 25.69 -20.35 -23.84
N ASN B 375 25.83 -21.46 -23.12
CA ASN B 375 25.78 -22.78 -23.74
C ASN B 375 24.36 -23.27 -23.99
N ASP B 376 23.35 -22.62 -23.43
CA ASP B 376 21.97 -23.08 -23.52
C ASP B 376 21.07 -21.98 -24.05
N LEU B 377 21.50 -21.32 -25.13
CA LEU B 377 20.74 -20.22 -25.71
C LEU B 377 20.89 -20.22 -27.22
N CYS B 378 19.95 -19.53 -27.88
CA CYS B 378 19.96 -19.35 -29.32
C CYS B 378 19.94 -17.86 -29.64
N PHE B 379 20.73 -17.46 -30.62
CA PHE B 379 20.90 -16.06 -30.98
C PHE B 379 20.29 -15.80 -32.35
N THR B 380 19.47 -14.74 -32.45
CA THR B 380 18.76 -14.46 -33.69
C THR B 380 19.68 -13.81 -34.72
N ASN B 381 20.21 -12.64 -34.41
CA ASN B 381 21.12 -11.92 -35.29
C ASN B 381 22.48 -11.84 -34.61
N VAL B 382 23.51 -12.34 -35.28
CA VAL B 382 24.86 -12.41 -34.72
C VAL B 382 25.78 -11.53 -35.57
N TYR B 383 26.31 -10.49 -34.96
CA TYR B 383 27.24 -9.58 -35.64
C TYR B 383 28.54 -9.49 -34.85
N ALA B 384 29.65 -9.41 -35.57
CA ALA B 384 30.98 -9.35 -34.97
C ALA B 384 31.72 -8.14 -35.50
N ASP B 385 32.20 -7.29 -34.60
CA ASP B 385 32.99 -6.11 -34.94
C ASP B 385 34.43 -6.35 -34.47
N SER B 386 35.39 -6.07 -35.35
CA SER B 386 36.79 -6.31 -35.05
C SER B 386 37.61 -5.06 -35.32
N PHE B 387 38.56 -4.77 -34.43
CA PHE B 387 39.50 -3.69 -34.64
C PHE B 387 40.70 -3.86 -33.71
N VAL B 388 41.65 -2.93 -33.82
CA VAL B 388 42.86 -2.91 -33.01
C VAL B 388 43.03 -1.51 -32.45
N ILE B 389 43.35 -1.42 -31.16
CA ILE B 389 43.45 -0.15 -30.45
C ILE B 389 44.68 -0.17 -29.53
N ARG B 390 44.86 0.94 -28.82
CA ARG B 390 45.88 1.03 -27.78
C ARG B 390 45.35 0.41 -26.49
N GLY B 391 46.27 -0.09 -25.66
CA GLY B 391 45.87 -0.84 -24.48
C GLY B 391 45.03 -0.02 -23.50
N ASP B 392 45.50 1.18 -23.17
CA ASP B 392 44.79 2.00 -22.19
C ASP B 392 43.42 2.44 -22.67
N GLU B 393 43.16 2.36 -23.98
CA GLU B 393 41.84 2.70 -24.52
C GLU B 393 40.87 1.53 -24.49
N VAL B 394 41.32 0.34 -24.09
CA VAL B 394 40.44 -0.83 -24.09
C VAL B 394 39.25 -0.60 -23.16
N ARG B 395 39.47 0.07 -22.04
CA ARG B 395 38.39 0.37 -21.11
C ARG B 395 37.35 1.32 -21.69
N GLN B 396 37.65 2.00 -22.81
CA GLN B 396 36.72 2.95 -23.38
C GLN B 396 35.58 2.29 -24.15
N ILE B 397 35.66 0.99 -24.42
CA ILE B 397 34.61 0.28 -25.15
C ILE B 397 33.67 -0.30 -24.09
N ALA B 398 32.64 0.47 -23.75
CA ALA B 398 31.61 0.09 -22.79
C ALA B 398 30.46 1.08 -22.88
N PRO B 399 29.23 0.65 -22.60
CA PRO B 399 28.10 1.59 -22.67
C PRO B 399 28.28 2.75 -21.69
N GLY B 400 27.90 3.94 -22.14
CA GLY B 400 27.98 5.13 -21.32
C GLY B 400 29.35 5.75 -21.19
N GLN B 401 30.36 5.21 -21.88
CA GLN B 401 31.71 5.71 -21.75
C GLN B 401 31.92 6.93 -22.66
N THR B 402 33.05 7.61 -22.45
CA THR B 402 33.45 8.75 -23.25
C THR B 402 34.96 8.69 -23.45
N GLY B 403 35.48 9.66 -24.22
CA GLY B 403 36.89 9.75 -24.49
C GLY B 403 37.14 9.91 -25.97
N LYS B 404 38.35 9.53 -26.39
CA LYS B 404 38.71 9.64 -27.80
C LYS B 404 38.03 8.57 -28.63
N ILE B 405 38.28 7.29 -28.31
CA ILE B 405 37.70 6.20 -29.09
C ILE B 405 36.18 6.19 -28.97
N ALA B 406 35.66 6.41 -27.76
CA ALA B 406 34.23 6.29 -27.53
C ALA B 406 33.43 7.36 -28.28
N ASP B 407 34.03 8.52 -28.53
CA ASP B 407 33.30 9.64 -29.13
C ASP B 407 33.63 9.86 -30.60
N TYR B 408 34.88 9.67 -31.01
CA TYR B 408 35.29 9.99 -32.38
C TYR B 408 35.46 8.78 -33.28
N ASN B 409 35.57 7.58 -32.72
CA ASN B 409 35.86 6.39 -33.52
C ASN B 409 34.78 5.33 -33.45
N TYR B 410 34.33 4.95 -32.26
CA TYR B 410 33.41 3.83 -32.12
C TYR B 410 32.64 3.98 -30.82
N LYS B 411 31.31 3.91 -30.91
CA LYS B 411 30.44 4.09 -29.75
C LYS B 411 29.43 2.96 -29.67
N LEU B 412 29.03 2.64 -28.44
CA LEU B 412 28.07 1.58 -28.17
C LEU B 412 26.78 2.17 -27.60
N PRO B 413 25.63 1.58 -27.89
CA PRO B 413 24.37 2.08 -27.35
C PRO B 413 24.26 1.82 -25.85
N ASP B 414 23.43 2.63 -25.20
CA ASP B 414 23.21 2.48 -23.77
C ASP B 414 22.50 1.18 -23.43
N ASP B 415 21.60 0.72 -24.31
CA ASP B 415 20.89 -0.54 -24.13
C ASP B 415 21.59 -1.70 -24.83
N PHE B 416 22.91 -1.63 -24.95
CA PHE B 416 23.65 -2.67 -25.67
C PHE B 416 23.59 -4.00 -24.94
N THR B 417 23.37 -5.07 -25.71
CA THR B 417 23.44 -6.43 -25.22
C THR B 417 24.39 -7.23 -26.10
N GLY B 418 25.22 -8.03 -25.48
CA GLY B 418 26.23 -8.77 -26.22
C GLY B 418 27.44 -9.02 -25.33
N CYS B 419 28.60 -9.11 -25.97
CA CYS B 419 29.85 -9.36 -25.25
C CYS B 419 31.00 -8.61 -25.91
N VAL B 420 32.03 -8.34 -25.11
CA VAL B 420 33.24 -7.66 -25.55
C VAL B 420 34.43 -8.50 -25.14
N ILE B 421 35.34 -8.74 -26.09
CA ILE B 421 36.55 -9.52 -25.86
C ILE B 421 37.74 -8.71 -26.36
N ALA B 422 38.83 -8.72 -25.59
CA ALA B 422 40.03 -7.98 -25.97
C ALA B 422 41.24 -8.73 -25.46
N TRP B 423 42.28 -8.83 -26.29
CA TRP B 423 43.50 -9.52 -25.90
C TRP B 423 44.72 -8.83 -26.50
N ASN B 424 45.84 -9.00 -25.81
CA ASN B 424 47.09 -8.39 -26.23
C ASN B 424 47.63 -9.07 -27.49
N SER B 425 48.19 -8.27 -28.39
CA SER B 425 48.79 -8.77 -29.63
C SER B 425 50.10 -8.04 -29.90
N ASN B 426 50.92 -7.90 -28.87
CA ASN B 426 52.18 -7.16 -29.00
C ASN B 426 53.13 -7.87 -29.96
N ASN B 427 53.18 -9.20 -29.92
CA ASN B 427 54.13 -9.96 -30.72
C ASN B 427 53.63 -10.21 -32.14
N LEU B 428 52.46 -9.73 -32.50
CA LEU B 428 51.90 -9.95 -33.83
C LEU B 428 51.68 -8.67 -34.61
N ASP B 429 51.20 -7.60 -33.96
CA ASP B 429 50.89 -6.36 -34.65
C ASP B 429 52.07 -5.38 -34.68
N SER B 430 52.96 -5.47 -33.70
CA SER B 430 54.10 -4.56 -33.62
C SER B 430 55.30 -5.15 -34.36
N LYS B 431 56.22 -4.27 -34.72
CA LYS B 431 57.43 -4.67 -35.45
C LYS B 431 58.55 -3.71 -35.10
N VAL B 432 59.78 -4.16 -35.36
CA VAL B 432 60.94 -3.31 -35.12
C VAL B 432 60.91 -2.11 -36.05
N GLY B 433 61.24 -0.94 -35.51
CA GLY B 433 61.16 0.30 -36.25
C GLY B 433 59.81 0.97 -36.23
N GLY B 434 58.80 0.35 -35.62
CA GLY B 434 57.48 0.95 -35.53
C GLY B 434 56.55 0.59 -36.67
N ASN B 435 55.34 0.13 -36.33
CA ASN B 435 54.31 -0.17 -37.30
C ASN B 435 53.31 0.98 -37.33
N TYR B 436 53.12 1.58 -38.50
CA TYR B 436 52.27 2.75 -38.65
C TYR B 436 51.11 2.50 -39.61
N ASN B 437 50.71 1.25 -39.76
CA ASN B 437 49.61 0.89 -40.64
C ASN B 437 48.24 1.02 -39.98
N TYR B 438 48.20 1.27 -38.67
CA TYR B 438 46.94 1.44 -37.94
C TYR B 438 46.73 2.91 -37.64
N LEU B 439 45.53 3.42 -37.95
CA LEU B 439 45.22 4.82 -37.79
C LEU B 439 43.98 4.99 -36.93
N TYR B 440 43.77 6.22 -36.46
CA TYR B 440 42.60 6.60 -35.70
C TYR B 440 42.25 8.05 -35.99
N ARG B 441 41.06 8.46 -35.58
CA ARG B 441 40.57 9.81 -35.81
C ARG B 441 40.80 10.65 -34.57
N LEU B 442 41.33 11.86 -34.77
CA LEU B 442 41.66 12.77 -33.68
C LEU B 442 40.70 13.94 -33.55
N PHE B 443 40.22 14.48 -34.67
CA PHE B 443 39.37 15.66 -34.66
C PHE B 443 38.04 15.38 -35.36
N ARG B 444 36.96 15.89 -34.77
CA ARG B 444 35.63 15.79 -35.37
C ARG B 444 34.78 16.93 -34.87
N LYS B 445 33.74 17.26 -35.64
CA LYS B 445 32.86 18.37 -35.32
C LYS B 445 31.68 17.97 -34.44
N SER B 446 31.53 16.70 -34.13
CA SER B 446 30.41 16.22 -33.31
C SER B 446 30.77 14.85 -32.75
N ASN B 447 29.82 14.27 -32.02
CA ASN B 447 29.99 12.95 -31.42
C ASN B 447 29.23 11.91 -32.22
N LEU B 448 29.86 10.75 -32.41
CA LEU B 448 29.27 9.70 -33.23
C LEU B 448 28.04 9.09 -32.56
N LYS B 449 27.06 8.73 -33.39
CA LYS B 449 25.93 7.95 -32.91
C LYS B 449 26.36 6.50 -32.69
N PRO B 450 25.58 5.73 -31.93
CA PRO B 450 25.92 4.32 -31.73
C PRO B 450 26.02 3.58 -33.06
N PHE B 451 27.06 2.75 -33.18
CA PHE B 451 27.32 1.95 -34.38
C PHE B 451 27.36 2.82 -35.64
N GLU B 452 28.06 3.95 -35.54
CA GLU B 452 28.24 4.86 -36.67
C GLU B 452 29.69 4.81 -37.14
N ARG B 453 29.87 4.78 -38.46
CA ARG B 453 31.20 4.74 -39.07
C ARG B 453 31.34 5.90 -40.04
N ASP B 454 32.42 6.66 -39.90
CA ASP B 454 32.72 7.78 -40.78
C ASP B 454 34.16 7.65 -41.27
N ILE B 455 34.34 7.72 -42.59
CA ILE B 455 35.64 7.58 -43.21
C ILE B 455 36.04 8.82 -44.00
N SER B 456 35.32 9.93 -43.83
CA SER B 456 35.68 11.16 -44.52
C SER B 456 36.99 11.71 -43.98
N THR B 457 37.85 12.17 -44.89
CA THR B 457 39.18 12.66 -44.56
C THR B 457 39.33 14.13 -44.92
N GLU B 458 38.29 14.92 -44.71
CA GLU B 458 38.37 16.35 -44.98
C GLU B 458 39.26 17.03 -43.94
N ILE B 459 39.90 18.12 -44.36
CA ILE B 459 40.80 18.85 -43.48
C ILE B 459 39.99 19.51 -42.37
N TYR B 460 40.27 19.15 -41.13
CA TYR B 460 39.57 19.73 -39.99
C TYR B 460 40.01 21.17 -39.77
N GLN B 461 39.04 22.04 -39.51
CA GLN B 461 39.27 23.46 -39.29
C GLN B 461 39.05 23.78 -37.82
N ALA B 462 40.05 24.43 -37.21
CA ALA B 462 39.97 24.80 -35.80
C ALA B 462 39.69 26.28 -35.61
N GLY B 463 40.18 27.15 -36.50
CA GLY B 463 39.96 28.58 -36.39
C GLY B 463 38.82 29.05 -37.27
N SER B 464 38.72 30.37 -37.39
CA SER B 464 37.68 30.98 -38.21
C SER B 464 37.99 30.87 -39.70
N THR B 465 39.26 30.96 -40.07
CA THR B 465 39.62 30.92 -41.48
C THR B 465 39.38 29.53 -42.07
N PRO B 466 38.80 29.43 -43.26
CA PRO B 466 38.59 28.13 -43.88
C PRO B 466 39.90 27.48 -44.29
N CYS B 467 39.91 26.15 -44.29
CA CYS B 467 41.04 25.36 -44.76
C CYS B 467 40.72 24.91 -46.18
N ASN B 468 41.38 25.53 -47.17
CA ASN B 468 41.11 25.26 -48.58
C ASN B 468 41.87 24.02 -49.05
N GLY B 469 41.61 22.90 -48.38
CA GLY B 469 42.21 21.64 -48.75
C GLY B 469 43.71 21.57 -48.55
N VAL B 470 44.27 22.41 -47.67
CA VAL B 470 45.70 22.46 -47.43
C VAL B 470 45.94 22.60 -45.93
N GLU B 471 47.06 22.05 -45.47
CA GLU B 471 47.44 22.17 -44.06
C GLU B 471 47.86 23.61 -43.75
N GLY B 472 47.67 23.99 -42.50
CA GLY B 472 48.04 25.33 -42.07
C GLY B 472 47.72 25.54 -40.61
N PHE B 473 47.86 26.78 -40.17
CA PHE B 473 47.53 27.12 -38.78
C PHE B 473 46.05 26.90 -38.54
N ASN B 474 45.73 26.20 -37.45
CA ASN B 474 44.35 25.85 -37.11
C ASN B 474 43.69 25.01 -38.22
N CYS B 475 44.51 24.28 -38.97
CA CYS B 475 44.02 23.37 -40.01
C CYS B 475 44.81 22.08 -39.89
N TYR B 476 44.10 20.96 -39.71
CA TYR B 476 44.76 19.70 -39.40
C TYR B 476 44.19 18.56 -40.23
N PHE B 477 44.98 17.50 -40.34
CA PHE B 477 44.50 16.24 -40.89
C PHE B 477 43.92 15.40 -39.77
N PRO B 478 42.63 15.02 -39.83
CA PRO B 478 42.01 14.39 -38.65
C PRO B 478 42.60 13.04 -38.27
N LEU B 479 43.31 12.37 -39.17
CA LEU B 479 43.81 11.03 -38.91
C LEU B 479 45.23 11.05 -38.34
N GLN B 480 45.48 10.13 -37.42
CA GLN B 480 46.79 9.94 -36.82
C GLN B 480 47.12 8.45 -36.84
N SER B 481 48.40 8.13 -36.61
CA SER B 481 48.89 6.77 -36.70
C SER B 481 49.37 6.29 -35.34
N TYR B 482 49.04 5.04 -35.02
CA TYR B 482 49.57 4.41 -33.82
C TYR B 482 51.04 4.06 -34.01
N GLY B 483 51.87 4.45 -33.04
CA GLY B 483 53.28 4.12 -33.08
C GLY B 483 53.63 2.85 -32.33
N PHE B 484 53.09 1.72 -32.78
CA PHE B 484 53.30 0.47 -32.07
C PHE B 484 54.75 0.01 -32.23
N GLN B 485 55.38 -0.34 -31.10
CA GLN B 485 56.74 -0.84 -31.07
C GLN B 485 56.83 -1.98 -30.07
N PRO B 486 57.71 -2.95 -30.32
CA PRO B 486 57.83 -4.07 -29.37
C PRO B 486 58.29 -3.67 -27.99
N THR B 487 59.07 -2.60 -27.88
CA THR B 487 59.63 -2.18 -26.60
C THR B 487 58.75 -1.19 -25.86
N ASN B 488 57.56 -0.89 -26.37
CA ASN B 488 56.67 0.04 -25.70
C ASN B 488 56.12 -0.57 -24.42
N GLY B 489 55.59 0.30 -23.56
CA GLY B 489 55.00 -0.15 -22.31
C GLY B 489 53.72 -0.93 -22.53
N VAL B 490 53.26 -1.56 -21.44
CA VAL B 490 52.06 -2.38 -21.52
C VAL B 490 50.84 -1.55 -21.90
N GLY B 491 50.82 -0.27 -21.50
CA GLY B 491 49.73 0.61 -21.87
C GLY B 491 49.76 1.05 -23.32
N TYR B 492 50.93 1.01 -23.95
CA TYR B 492 51.10 1.43 -25.34
C TYR B 492 51.16 0.26 -26.31
N GLN B 493 50.99 -0.97 -25.83
CA GLN B 493 51.02 -2.10 -26.73
C GLN B 493 49.67 -2.28 -27.44
N PRO B 494 49.67 -2.78 -28.66
CA PRO B 494 48.41 -2.97 -29.38
C PRO B 494 47.54 -4.03 -28.73
N TYR B 495 46.23 -3.85 -28.85
CA TYR B 495 45.24 -4.79 -28.33
C TYR B 495 44.19 -5.04 -29.41
N ARG B 496 43.86 -6.32 -29.62
CA ARG B 496 42.85 -6.71 -30.58
C ARG B 496 41.51 -6.86 -29.86
N VAL B 497 40.47 -6.22 -30.38
CA VAL B 497 39.16 -6.15 -29.75
C VAL B 497 38.11 -6.66 -30.71
N VAL B 498 37.25 -7.55 -30.21
CA VAL B 498 36.11 -8.10 -30.95
C VAL B 498 34.87 -7.94 -30.09
N VAL B 499 33.82 -7.35 -30.66
CA VAL B 499 32.56 -7.13 -29.98
C VAL B 499 31.49 -7.97 -30.68
N LEU B 500 30.80 -8.80 -29.92
CA LEU B 500 29.74 -9.65 -30.44
C LEU B 500 28.39 -9.09 -30.02
N SER B 501 27.50 -8.91 -30.99
CA SER B 501 26.17 -8.37 -30.77
C SER B 501 25.12 -9.39 -31.18
N PHE B 502 24.15 -9.62 -30.30
CA PHE B 502 23.09 -10.59 -30.55
C PHE B 502 21.83 -10.17 -29.78
N GLU B 503 20.70 -10.73 -30.22
CA GLU B 503 19.41 -10.48 -29.60
C GLU B 503 18.77 -11.83 -29.27
N LEU B 504 18.03 -11.88 -28.16
CA LEU B 504 17.62 -13.14 -27.56
C LEU B 504 16.12 -13.26 -27.43
N LEU B 505 15.60 -14.45 -27.76
CA LEU B 505 14.28 -14.92 -27.37
C LEU B 505 13.13 -14.10 -27.92
N HIS B 506 13.34 -13.37 -29.03
CA HIS B 506 12.27 -12.60 -29.64
C HIS B 506 12.07 -12.86 -31.12
N ALA B 507 13.02 -13.50 -31.79
CA ALA B 507 12.95 -13.75 -33.21
C ALA B 507 13.45 -15.15 -33.49
N PRO B 508 13.11 -15.71 -34.66
CA PRO B 508 13.71 -17.01 -35.05
C PRO B 508 15.22 -16.91 -35.10
N ALA B 509 15.89 -17.97 -34.66
CA ALA B 509 17.33 -17.97 -34.51
C ALA B 509 17.95 -19.10 -35.33
N THR B 510 19.16 -18.83 -35.84
CA THR B 510 19.91 -19.83 -36.60
C THR B 510 21.24 -20.19 -35.95
N VAL B 511 21.67 -19.48 -34.91
CA VAL B 511 22.89 -19.78 -34.18
C VAL B 511 22.49 -20.22 -32.77
N CYS B 512 22.87 -21.45 -32.41
CA CYS B 512 22.50 -22.02 -31.13
C CYS B 512 23.72 -22.68 -30.50
N GLY B 513 23.57 -23.09 -29.24
CA GLY B 513 24.63 -23.73 -28.51
C GLY B 513 24.78 -25.20 -28.85
N PRO B 514 25.64 -25.90 -28.12
CA PRO B 514 25.87 -27.33 -28.38
C PRO B 514 24.80 -28.25 -27.82
N LYS B 515 23.64 -27.74 -27.41
CA LYS B 515 22.60 -28.58 -26.86
C LYS B 515 22.03 -29.51 -27.93
N LYS B 516 21.57 -30.67 -27.49
CA LYS B 516 21.05 -31.71 -28.38
C LYS B 516 19.54 -31.84 -28.20
N SER B 517 18.85 -32.05 -29.31
CA SER B 517 17.39 -32.09 -29.31
C SER B 517 16.87 -33.42 -28.79
N THR B 518 15.54 -33.51 -28.67
CA THR B 518 14.87 -34.69 -28.16
C THR B 518 13.52 -34.79 -28.85
N ASN B 519 12.97 -36.01 -28.88
CA ASN B 519 11.70 -36.24 -29.55
C ASN B 519 10.58 -35.46 -28.89
N LEU B 520 9.57 -35.11 -29.68
CA LEU B 520 8.45 -34.31 -29.20
C LEU B 520 7.40 -35.17 -28.51
N VAL B 521 6.78 -34.62 -27.47
CA VAL B 521 5.74 -35.29 -26.71
C VAL B 521 4.51 -34.40 -26.69
N LYS B 522 3.34 -34.96 -26.97
CA LYS B 522 2.09 -34.23 -27.02
C LYS B 522 1.09 -34.81 -26.04
N ASN B 523 0.09 -33.99 -25.70
CA ASN B 523 -0.98 -34.37 -24.77
C ASN B 523 -0.42 -34.80 -23.41
N LYS B 524 0.71 -34.24 -23.03
CA LYS B 524 1.37 -34.58 -21.77
C LYS B 524 2.02 -33.35 -21.18
N CYS B 525 2.12 -33.33 -19.85
CA CYS B 525 2.78 -32.24 -19.14
C CYS B 525 4.27 -32.54 -19.06
N VAL B 526 5.08 -31.66 -19.65
CA VAL B 526 6.53 -31.85 -19.72
C VAL B 526 7.22 -30.52 -19.45
N ASN B 527 8.49 -30.64 -19.06
CA ASN B 527 9.41 -29.50 -19.08
C ASN B 527 10.01 -29.37 -20.47
N PHE B 528 10.01 -28.16 -21.01
CA PHE B 528 10.47 -27.93 -22.37
C PHE B 528 11.48 -26.78 -22.41
N ASN B 529 12.41 -26.89 -23.35
CA ASN B 529 13.40 -25.86 -23.61
C ASN B 529 13.37 -25.58 -25.11
N PHE B 530 12.60 -24.58 -25.52
CA PHE B 530 12.40 -24.23 -26.92
C PHE B 530 13.30 -23.04 -27.25
N ASN B 531 14.41 -23.33 -27.94
CA ASN B 531 15.32 -22.30 -28.45
C ASN B 531 15.80 -21.37 -27.34
N GLY B 532 16.06 -21.95 -26.17
CA GLY B 532 16.52 -21.19 -25.02
C GLY B 532 15.44 -20.78 -24.05
N LEU B 533 14.17 -20.92 -24.42
CA LEU B 533 13.06 -20.58 -23.54
C LEU B 533 12.68 -21.79 -22.70
N THR B 534 12.83 -21.66 -21.39
CA THR B 534 12.51 -22.75 -20.46
C THR B 534 11.08 -22.59 -19.97
N GLY B 535 10.34 -23.71 -19.93
CA GLY B 535 8.98 -23.67 -19.45
C GLY B 535 8.49 -25.05 -19.08
N THR B 536 7.25 -25.08 -18.59
CA THR B 536 6.59 -26.33 -18.20
C THR B 536 5.13 -26.25 -18.59
N GLY B 537 4.62 -27.32 -19.18
CA GLY B 537 3.21 -27.34 -19.54
C GLY B 537 2.87 -28.49 -20.46
N VAL B 538 1.64 -28.44 -20.97
CA VAL B 538 1.10 -29.45 -21.86
C VAL B 538 1.09 -28.90 -23.28
N LEU B 539 1.58 -29.68 -24.22
CA LEU B 539 1.70 -29.29 -25.62
C LEU B 539 0.61 -29.97 -26.45
N THR B 540 -0.11 -29.18 -27.25
CA THR B 540 -1.09 -29.71 -28.17
C THR B 540 -0.90 -29.06 -29.53
N GLU B 541 -1.50 -29.64 -30.56
CA GLU B 541 -1.50 -29.01 -31.87
C GLU B 541 -2.48 -27.84 -31.88
N SER B 542 -2.19 -26.85 -32.71
CA SER B 542 -2.92 -25.59 -32.71
C SER B 542 -3.43 -25.25 -34.10
N ASN B 543 -4.55 -24.54 -34.14
CA ASN B 543 -5.10 -24.01 -35.38
C ASN B 543 -4.53 -22.64 -35.73
N LYS B 544 -3.74 -22.04 -34.86
CA LYS B 544 -3.16 -20.73 -35.12
C LYS B 544 -2.17 -20.81 -36.27
N LYS B 545 -2.13 -19.75 -37.08
CA LYS B 545 -1.25 -19.66 -38.24
C LYS B 545 -0.35 -18.45 -38.06
N PHE B 546 0.92 -18.70 -37.77
CA PHE B 546 1.88 -17.63 -37.60
C PHE B 546 2.32 -17.07 -38.95
N LEU B 547 2.70 -15.81 -38.95
CA LEU B 547 3.39 -15.23 -40.09
C LEU B 547 4.83 -15.75 -40.14
N PRO B 548 5.46 -15.73 -41.31
CA PRO B 548 6.82 -16.31 -41.42
C PRO B 548 7.83 -15.69 -40.46
N PHE B 549 7.72 -14.39 -40.18
CA PHE B 549 8.68 -13.75 -39.27
C PHE B 549 8.31 -13.91 -37.80
N GLN B 550 7.15 -14.47 -37.48
CA GLN B 550 6.74 -14.67 -36.11
C GLN B 550 7.20 -16.02 -35.59
N GLN B 551 7.55 -16.05 -34.31
CA GLN B 551 8.03 -17.27 -33.65
C GLN B 551 7.26 -17.61 -32.39
N PHE B 552 6.82 -16.62 -31.62
CA PHE B 552 6.14 -16.84 -30.36
C PHE B 552 4.81 -16.09 -30.35
N GLY B 553 3.85 -16.65 -29.63
CA GLY B 553 2.58 -15.98 -29.39
C GLY B 553 2.42 -15.74 -27.90
N ARG B 554 1.85 -14.59 -27.55
CA ARG B 554 1.73 -14.17 -26.16
C ARG B 554 0.29 -13.83 -25.83
N ASP B 555 -0.08 -14.06 -24.57
CA ASP B 555 -1.37 -13.68 -24.05
C ASP B 555 -1.32 -12.25 -23.52
N ILE B 556 -2.35 -11.83 -22.79
CA ILE B 556 -2.34 -10.51 -22.18
C ILE B 556 -1.27 -10.42 -21.10
N ALA B 557 -1.08 -11.50 -20.35
CA ALA B 557 -0.12 -11.54 -19.26
C ALA B 557 1.29 -11.88 -19.73
N ASP B 558 1.58 -11.72 -21.03
CA ASP B 558 2.90 -11.94 -21.63
C ASP B 558 3.35 -13.38 -21.55
N THR B 559 2.52 -14.28 -21.03
CA THR B 559 2.88 -15.69 -20.98
C THR B 559 2.81 -16.31 -22.38
N THR B 560 3.74 -17.20 -22.67
CA THR B 560 3.78 -17.86 -23.97
C THR B 560 2.58 -18.77 -24.14
N ASP B 561 1.90 -18.64 -25.27
CA ASP B 561 0.70 -19.42 -25.58
C ASP B 561 0.90 -20.39 -26.73
N ALA B 562 1.59 -19.98 -27.80
CA ALA B 562 1.85 -20.85 -28.93
C ALA B 562 3.29 -20.69 -29.38
N VAL B 563 3.83 -21.75 -29.97
CA VAL B 563 5.23 -21.77 -30.38
C VAL B 563 5.36 -22.60 -31.65
N ARG B 564 6.24 -22.18 -32.54
CA ARG B 564 6.53 -22.92 -33.77
C ARG B 564 7.70 -23.86 -33.52
N ASP B 565 7.53 -25.12 -33.90
CA ASP B 565 8.57 -26.13 -33.69
C ASP B 565 9.79 -25.80 -34.56
N PRO B 566 11.00 -25.80 -34.00
CA PRO B 566 12.18 -25.47 -34.81
C PRO B 566 12.49 -26.48 -35.90
N GLN B 567 11.98 -27.71 -35.80
CA GLN B 567 12.26 -28.75 -36.77
C GLN B 567 11.07 -29.10 -37.66
N THR B 568 9.92 -29.37 -37.06
CA THR B 568 8.73 -29.75 -37.82
C THR B 568 7.88 -28.56 -38.25
N LEU B 569 8.31 -27.33 -37.93
CA LEU B 569 7.65 -26.09 -38.34
C LEU B 569 6.17 -26.06 -38.02
N GLU B 570 5.72 -26.89 -37.07
CA GLU B 570 4.32 -26.93 -36.69
C GLU B 570 4.06 -25.97 -35.52
N ILE B 571 2.79 -25.63 -35.34
CA ILE B 571 2.36 -24.71 -34.30
C ILE B 571 1.80 -25.52 -33.14
N LEU B 572 2.29 -25.24 -31.93
CA LEU B 572 1.89 -25.98 -30.74
C LEU B 572 1.42 -25.00 -29.67
N ASP B 573 0.26 -25.29 -29.09
CA ASP B 573 -0.26 -24.55 -27.96
C ASP B 573 0.27 -25.14 -26.66
N ILE B 574 0.63 -24.26 -25.73
CA ILE B 574 1.15 -24.63 -24.42
C ILE B 574 0.14 -24.22 -23.37
N THR B 575 -0.20 -25.15 -22.49
CA THR B 575 -1.17 -24.85 -21.43
C THR B 575 -0.57 -25.20 -20.07
N PRO B 576 -0.90 -24.43 -19.03
CA PRO B 576 -0.41 -24.76 -17.69
C PRO B 576 -1.01 -26.05 -17.16
N CYS B 577 -0.38 -26.59 -16.12
CA CYS B 577 -0.79 -27.86 -15.54
C CYS B 577 -1.58 -27.70 -14.24
N SER B 578 -1.13 -26.84 -13.33
CA SER B 578 -1.80 -26.68 -12.06
C SER B 578 -3.22 -26.14 -12.25
N PHE B 579 -4.18 -26.79 -11.61
CA PHE B 579 -5.58 -26.43 -11.78
C PHE B 579 -6.42 -27.14 -10.72
N GLY B 580 -7.35 -26.39 -10.12
CA GLY B 580 -8.30 -26.98 -9.19
C GLY B 580 -7.98 -26.76 -7.73
N GLY B 581 -8.77 -25.93 -7.07
CA GLY B 581 -8.58 -25.70 -5.65
C GLY B 581 -8.98 -26.91 -4.82
N VAL B 582 -8.37 -26.99 -3.63
CA VAL B 582 -8.57 -28.12 -2.72
C VAL B 582 -8.98 -27.58 -1.36
N SER B 583 -10.00 -28.17 -0.76
CA SER B 583 -10.49 -27.80 0.55
C SER B 583 -10.49 -29.01 1.46
N VAL B 584 -10.13 -28.79 2.73
CA VAL B 584 -10.09 -29.84 3.74
C VAL B 584 -11.20 -29.58 4.74
N ILE B 585 -12.02 -30.61 4.98
CA ILE B 585 -13.16 -30.54 5.88
C ILE B 585 -12.83 -31.43 7.08
N THR B 586 -12.81 -30.85 8.28
CA THR B 586 -12.46 -31.67 9.43
C THR B 586 -13.20 -31.16 10.65
N PRO B 587 -13.54 -32.04 11.59
CA PRO B 587 -13.99 -31.60 12.91
C PRO B 587 -12.77 -31.19 13.74
N GLY B 588 -13.03 -30.85 15.01
CA GLY B 588 -11.94 -30.50 15.90
C GLY B 588 -10.95 -31.64 16.05
N THR B 589 -9.66 -31.31 15.98
CA THR B 589 -8.63 -32.33 16.14
C THR B 589 -8.66 -32.96 17.53
N ASN B 590 -9.21 -32.25 18.53
CA ASN B 590 -9.41 -32.84 19.84
C ASN B 590 -10.43 -33.97 19.82
N THR B 591 -11.24 -34.06 18.76
CA THR B 591 -12.27 -35.08 18.65
C THR B 591 -11.81 -36.28 17.82
N SER B 592 -11.38 -36.04 16.58
CA SER B 592 -11.03 -37.13 15.69
C SER B 592 -10.03 -36.63 14.67
N ASN B 593 -9.42 -37.59 13.96
CA ASN B 593 -8.40 -37.33 12.95
C ASN B 593 -8.94 -37.49 11.53
N GLN B 594 -10.20 -37.86 11.36
CA GLN B 594 -10.76 -38.11 10.05
C GLN B 594 -11.06 -36.79 9.33
N VAL B 595 -10.76 -36.77 8.03
CA VAL B 595 -10.94 -35.57 7.21
C VAL B 595 -11.62 -35.96 5.90
N ALA B 596 -12.13 -34.95 5.21
CA ALA B 596 -12.69 -35.09 3.87
C ALA B 596 -12.05 -34.07 2.95
N VAL B 597 -11.95 -34.40 1.66
CA VAL B 597 -11.27 -33.56 0.69
C VAL B 597 -12.24 -33.18 -0.41
N LEU B 598 -12.32 -31.88 -0.70
CA LEU B 598 -13.21 -31.35 -1.73
C LEU B 598 -12.36 -30.71 -2.82
N TYR B 599 -12.38 -31.29 -4.01
CA TYR B 599 -11.72 -30.72 -5.18
C TYR B 599 -12.74 -29.91 -5.98
N GLN B 600 -12.43 -28.65 -6.22
CA GLN B 600 -13.37 -27.72 -6.82
C GLN B 600 -13.24 -27.69 -8.34
N ASP B 601 -14.38 -27.51 -9.02
CA ASP B 601 -14.43 -27.28 -10.46
C ASP B 601 -13.86 -28.46 -11.25
N VAL B 602 -14.01 -29.68 -10.72
CA VAL B 602 -13.61 -30.88 -11.42
C VAL B 602 -14.63 -31.98 -11.16
N ASN B 603 -14.73 -32.90 -12.11
CA ASN B 603 -15.46 -34.14 -11.91
C ASN B 603 -14.66 -35.12 -11.04
N CYS B 604 -15.35 -36.19 -10.64
CA CYS B 604 -14.69 -37.35 -10.06
C CYS B 604 -14.36 -38.39 -11.12
N THR B 605 -15.14 -38.44 -12.20
CA THR B 605 -14.93 -39.44 -13.25
C THR B 605 -13.62 -39.19 -13.99
N GLU B 606 -13.28 -37.93 -14.25
CA GLU B 606 -12.04 -37.59 -14.94
C GLU B 606 -10.79 -37.88 -14.11
N VAL B 607 -10.97 -38.31 -12.86
CA VAL B 607 -9.90 -38.72 -11.94
C VAL B 607 -9.05 -37.49 -11.59
N PRO B 608 -7.70 -37.48 -11.77
CA PRO B 608 -6.84 -36.74 -10.83
C PRO B 608 -7.47 -36.42 -9.48
N VAL B 609 -8.08 -37.43 -8.84
CA VAL B 609 -8.70 -37.28 -7.54
C VAL B 609 -8.36 -38.50 -6.70
N ALA B 610 -8.11 -38.29 -5.42
CA ALA B 610 -7.80 -39.39 -4.51
C ALA B 610 -8.19 -39.05 -3.08
N ASN B 628 -15.58 -42.79 0.33
CA ASN B 628 -16.70 -42.64 -0.58
C ASN B 628 -16.48 -41.47 -1.55
N VAL B 629 -17.24 -41.46 -2.64
CA VAL B 629 -17.12 -40.43 -3.67
C VAL B 629 -18.49 -39.80 -3.89
N PHE B 630 -18.55 -38.48 -3.86
CA PHE B 630 -19.80 -37.75 -4.06
C PHE B 630 -19.55 -36.61 -5.03
N GLN B 631 -20.37 -36.51 -6.07
CA GLN B 631 -20.24 -35.43 -7.05
C GLN B 631 -21.27 -34.36 -6.70
N THR B 632 -20.82 -33.33 -6.00
CA THR B 632 -21.68 -32.21 -5.65
C THR B 632 -21.53 -31.11 -6.69
N ARG B 633 -22.50 -30.17 -6.67
CA ARG B 633 -22.47 -29.07 -7.62
C ARG B 633 -21.23 -28.19 -7.43
N ALA B 634 -20.56 -28.28 -6.28
CA ALA B 634 -19.34 -27.55 -6.03
C ALA B 634 -18.08 -28.32 -6.42
N GLY B 635 -18.19 -29.59 -6.78
CA GLY B 635 -17.02 -30.34 -7.20
C GLY B 635 -17.13 -31.79 -6.75
N CYS B 636 -15.98 -32.33 -6.32
CA CYS B 636 -15.84 -33.74 -5.97
C CYS B 636 -15.46 -33.86 -4.50
N LEU B 637 -16.25 -34.60 -3.74
CA LEU B 637 -16.02 -34.80 -2.31
C LEU B 637 -15.62 -36.25 -2.07
N ILE B 638 -14.50 -36.43 -1.38
CA ILE B 638 -13.95 -37.75 -1.09
C ILE B 638 -13.74 -37.88 0.40
N GLY B 639 -14.19 -38.99 0.97
CA GLY B 639 -14.07 -39.23 2.40
C GLY B 639 -15.35 -39.05 3.18
N ALA B 640 -16.46 -38.73 2.53
CA ALA B 640 -17.74 -38.56 3.19
C ALA B 640 -18.83 -39.29 2.40
N GLU B 641 -19.70 -39.98 3.11
CA GLU B 641 -20.82 -40.69 2.50
C GLU B 641 -22.05 -39.80 2.42
N HIS B 642 -22.93 -40.14 1.47
CA HIS B 642 -24.12 -39.35 1.19
C HIS B 642 -25.34 -40.04 1.80
N VAL B 643 -26.17 -39.25 2.49
CA VAL B 643 -27.40 -39.75 3.11
C VAL B 643 -28.59 -39.07 2.43
N ASN B 644 -29.73 -39.75 2.49
CA ASN B 644 -30.95 -39.26 1.87
C ASN B 644 -31.74 -38.30 2.75
N ASN B 645 -31.38 -38.18 4.02
CA ASN B 645 -32.10 -37.31 4.94
C ASN B 645 -31.60 -35.87 4.82
N SER B 646 -32.31 -34.97 5.49
CA SER B 646 -31.96 -33.55 5.51
C SER B 646 -31.96 -33.06 6.95
N TYR B 647 -30.93 -32.30 7.31
CA TYR B 647 -30.79 -31.77 8.66
C TYR B 647 -30.38 -30.30 8.57
N GLU B 648 -30.21 -29.68 9.73
CA GLU B 648 -29.69 -28.32 9.77
C GLU B 648 -28.20 -28.30 9.40
N CYS B 649 -27.78 -27.21 8.78
CA CYS B 649 -26.40 -27.11 8.33
C CYS B 649 -25.45 -27.02 9.52
N ASP B 650 -24.38 -27.82 9.47
CA ASP B 650 -23.36 -27.81 10.51
C ASP B 650 -22.03 -27.25 9.98
N ILE B 651 -21.50 -27.84 8.91
CA ILE B 651 -20.31 -27.32 8.25
C ILE B 651 -20.70 -26.96 6.82
N PRO B 652 -20.82 -25.68 6.48
CA PRO B 652 -21.29 -25.31 5.14
C PRO B 652 -20.27 -25.70 4.07
N ILE B 653 -20.75 -26.44 3.07
CA ILE B 653 -19.93 -26.82 1.92
C ILE B 653 -20.24 -25.97 0.71
N GLY B 654 -21.52 -25.74 0.43
CA GLY B 654 -21.91 -24.91 -0.69
C GLY B 654 -22.89 -25.58 -1.63
N ALA B 655 -23.56 -24.78 -2.47
CA ALA B 655 -24.52 -25.28 -3.44
C ALA B 655 -25.61 -26.12 -2.78
N GLY B 656 -26.01 -25.69 -1.59
CA GLY B 656 -27.04 -26.39 -0.84
C GLY B 656 -26.58 -27.62 -0.10
N ILE B 657 -25.27 -27.88 -0.06
CA ILE B 657 -24.71 -29.08 0.59
C ILE B 657 -23.97 -28.64 1.84
N CYS B 658 -24.17 -29.38 2.94
CA CYS B 658 -23.46 -29.18 4.18
C CYS B 658 -22.94 -30.53 4.66
N ALA B 659 -22.04 -30.48 5.64
CA ALA B 659 -21.40 -31.68 6.16
C ALA B 659 -21.47 -31.70 7.68
N SER B 660 -21.39 -32.91 8.23
CA SER B 660 -21.46 -33.10 9.68
C SER B 660 -20.70 -34.35 10.06
N TYR B 661 -20.45 -34.50 11.36
CA TYR B 661 -19.76 -35.65 11.92
C TYR B 661 -20.75 -36.39 12.82
N GLN B 662 -21.15 -37.60 12.42
CA GLN B 662 -22.21 -38.31 13.09
C GLN B 662 -21.81 -39.78 13.27
N THR B 663 -22.34 -40.38 14.33
CA THR B 663 -22.10 -41.79 14.62
C THR B 663 -22.83 -42.68 13.63
N SER B 672 -18.03 -46.11 15.29
CA SER B 672 -18.54 -46.14 13.93
C SER B 672 -18.84 -44.74 13.42
N GLN B 673 -18.29 -43.74 14.09
CA GLN B 673 -18.50 -42.36 13.70
C GLN B 673 -17.82 -42.06 12.37
N SER B 674 -18.44 -41.19 11.59
CA SER B 674 -17.92 -40.83 10.27
C SER B 674 -18.51 -39.50 9.85
N ILE B 675 -17.97 -38.95 8.76
CA ILE B 675 -18.39 -37.68 8.21
C ILE B 675 -19.42 -37.93 7.13
N ILE B 676 -20.55 -37.23 7.21
CA ILE B 676 -21.62 -37.37 6.23
C ILE B 676 -21.89 -36.01 5.61
N ALA B 677 -22.49 -36.04 4.42
CA ALA B 677 -22.86 -34.83 3.68
C ALA B 677 -24.31 -34.93 3.26
N TYR B 678 -25.03 -33.81 3.36
CA TYR B 678 -26.45 -33.81 3.09
C TYR B 678 -26.90 -32.42 2.65
N THR B 679 -28.06 -32.38 2.00
CA THR B 679 -28.69 -31.10 1.66
C THR B 679 -29.33 -30.50 2.91
N MET B 680 -29.04 -29.22 3.15
CA MET B 680 -29.54 -28.56 4.34
C MET B 680 -31.07 -28.42 4.28
N SER B 681 -31.69 -28.39 5.45
CA SER B 681 -33.13 -28.29 5.58
C SER B 681 -33.52 -26.83 5.81
N LEU B 682 -34.35 -26.29 4.92
CA LEU B 682 -34.79 -24.91 5.08
C LEU B 682 -35.64 -24.74 6.34
N GLY B 683 -36.51 -25.70 6.61
CA GLY B 683 -37.35 -25.63 7.79
C GLY B 683 -38.45 -26.67 7.73
N ALA B 684 -39.23 -26.72 8.81
CA ALA B 684 -40.33 -27.66 8.89
C ALA B 684 -41.48 -27.19 8.00
N GLU B 685 -42.04 -28.13 7.25
CA GLU B 685 -43.17 -27.81 6.38
C GLU B 685 -44.42 -27.55 7.20
N ASN B 686 -45.24 -26.61 6.73
CA ASN B 686 -46.44 -26.22 7.46
C ASN B 686 -47.46 -25.66 6.48
N SER B 687 -48.72 -25.60 6.92
CA SER B 687 -49.79 -25.07 6.10
C SER B 687 -50.80 -24.38 7.01
N VAL B 688 -51.57 -23.48 6.42
CA VAL B 688 -52.60 -22.73 7.12
C VAL B 688 -53.95 -23.04 6.48
N ALA B 689 -54.92 -23.43 7.30
CA ALA B 689 -56.26 -23.75 6.82
C ALA B 689 -56.99 -22.44 6.54
N TYR B 690 -56.99 -22.05 5.27
CA TYR B 690 -57.57 -20.77 4.86
C TYR B 690 -58.99 -20.97 4.33
N SER B 691 -59.90 -20.11 4.79
CA SER B 691 -61.25 -20.05 4.27
C SER B 691 -61.77 -18.64 4.46
N ASN B 692 -62.85 -18.31 3.75
CA ASN B 692 -63.33 -16.94 3.72
C ASN B 692 -64.19 -16.56 4.92
N ASN B 693 -64.47 -17.50 5.83
CA ASN B 693 -65.32 -17.18 6.97
C ASN B 693 -64.83 -17.80 8.27
N SER B 694 -63.54 -18.14 8.37
CA SER B 694 -62.96 -18.69 9.59
C SER B 694 -61.80 -17.83 10.05
N ILE B 695 -61.76 -17.56 11.35
CA ILE B 695 -60.70 -16.74 11.95
C ILE B 695 -60.22 -17.42 13.23
N ALA B 696 -58.91 -17.36 13.46
CA ALA B 696 -58.31 -17.95 14.64
C ALA B 696 -58.04 -16.86 15.67
N ILE B 697 -58.54 -17.06 16.89
CA ILE B 697 -58.41 -16.09 17.97
C ILE B 697 -57.61 -16.74 19.09
N PRO B 698 -56.56 -16.10 19.59
CA PRO B 698 -55.82 -16.66 20.73
C PRO B 698 -56.66 -16.60 22.00
N THR B 699 -56.38 -17.54 22.91
CA THR B 699 -57.07 -17.60 24.18
C THR B 699 -56.15 -17.48 25.40
N ASN B 700 -54.83 -17.51 25.20
CA ASN B 700 -53.90 -17.42 26.31
C ASN B 700 -52.64 -16.72 25.83
N PHE B 701 -51.78 -16.34 26.78
CA PHE B 701 -50.59 -15.58 26.43
C PHE B 701 -49.42 -16.05 27.28
N THR B 702 -48.21 -15.77 26.77
CA THR B 702 -46.97 -16.07 27.46
C THR B 702 -46.05 -14.86 27.43
N ILE B 703 -45.24 -14.73 28.47
CA ILE B 703 -44.26 -13.65 28.57
C ILE B 703 -42.87 -14.25 28.38
N SER B 704 -42.13 -13.72 27.43
CA SER B 704 -40.81 -14.24 27.09
C SER B 704 -39.74 -13.18 27.29
N VAL B 705 -38.53 -13.62 27.61
CA VAL B 705 -37.37 -12.75 27.75
C VAL B 705 -36.28 -13.25 26.81
N THR B 706 -35.79 -12.35 25.96
CA THR B 706 -34.77 -12.69 24.98
C THR B 706 -33.54 -11.82 25.16
N THR B 707 -32.36 -12.42 25.02
CA THR B 707 -31.10 -11.72 25.20
C THR B 707 -30.47 -11.42 23.85
N GLU B 708 -29.89 -10.22 23.72
CA GLU B 708 -29.14 -9.87 22.54
C GLU B 708 -27.91 -9.07 22.95
N ILE B 709 -26.86 -9.16 22.15
CA ILE B 709 -25.56 -8.57 22.49
C ILE B 709 -25.09 -7.72 21.31
N LEU B 710 -24.57 -6.53 21.61
CA LEU B 710 -24.04 -5.62 20.59
C LEU B 710 -22.70 -5.05 21.04
N PRO B 711 -21.66 -5.18 20.22
CA PRO B 711 -20.39 -4.53 20.54
C PRO B 711 -20.51 -3.00 20.47
N VAL B 712 -19.72 -2.33 21.30
CA VAL B 712 -19.82 -0.87 21.39
C VAL B 712 -18.49 -0.22 21.04
N SER B 713 -17.39 -0.90 21.31
CA SER B 713 -16.06 -0.32 21.10
C SER B 713 -15.02 -1.44 21.11
N MET B 714 -13.77 -1.05 20.93
CA MET B 714 -12.66 -2.00 20.93
C MET B 714 -11.47 -1.35 21.64
N THR B 715 -10.34 -2.05 21.64
CA THR B 715 -9.15 -1.56 22.33
C THR B 715 -8.49 -0.43 21.54
N LYS B 716 -7.91 0.52 22.27
CA LYS B 716 -7.19 1.63 21.66
C LYS B 716 -5.70 1.33 21.64
N THR B 717 -5.09 1.48 20.47
CA THR B 717 -3.70 1.10 20.27
C THR B 717 -2.90 2.28 19.73
N SER B 718 -1.60 2.25 20.01
CA SER B 718 -0.67 3.25 19.51
C SER B 718 0.65 2.57 19.14
N VAL B 719 1.32 3.11 18.13
CA VAL B 719 2.56 2.56 17.63
C VAL B 719 3.60 3.67 17.53
N ASP B 720 4.79 3.43 18.06
CA ASP B 720 5.91 4.34 17.91
C ASP B 720 6.68 3.95 16.65
N CYS B 721 6.58 4.79 15.63
CA CYS B 721 7.09 4.43 14.31
C CYS B 721 8.61 4.25 14.32
N THR B 722 9.32 5.22 14.91
CA THR B 722 10.78 5.19 14.87
C THR B 722 11.33 3.98 15.63
N MET B 723 10.80 3.72 16.82
CA MET B 723 11.29 2.60 17.63
C MET B 723 11.00 1.26 16.96
N TYR B 724 9.81 1.12 16.36
CA TYR B 724 9.46 -0.13 15.69
C TYR B 724 10.32 -0.36 14.45
N ILE B 725 10.49 0.67 13.63
CA ILE B 725 11.23 0.50 12.38
C ILE B 725 12.73 0.31 12.67
N CYS B 726 13.29 1.09 13.58
CA CYS B 726 14.73 1.11 13.80
C CYS B 726 15.14 0.48 15.12
N GLY B 727 14.61 0.95 16.24
CA GLY B 727 15.04 0.43 17.52
C GLY B 727 16.46 0.82 17.85
N ASP B 728 16.67 2.10 18.14
CA ASP B 728 18.00 2.69 18.30
C ASP B 728 18.73 2.66 16.96
N SER B 729 20.04 2.46 16.98
CA SER B 729 20.86 2.40 15.76
C SER B 729 20.69 3.68 14.93
N THR B 730 21.22 4.76 15.51
CA THR B 730 21.04 6.13 15.02
C THR B 730 21.18 6.26 13.50
N GLU B 731 21.96 5.38 12.87
CA GLU B 731 22.04 5.39 11.41
C GLU B 731 20.67 5.13 10.78
N CYS B 732 19.92 4.16 11.32
CA CYS B 732 18.58 3.89 10.81
C CYS B 732 17.66 5.08 11.02
N SER B 733 17.75 5.72 12.19
CA SER B 733 16.92 6.90 12.46
C SER B 733 17.23 8.03 11.50
N ASN B 734 18.52 8.24 11.20
CA ASN B 734 18.90 9.26 10.23
C ASN B 734 18.39 8.92 8.84
N LEU B 735 18.49 7.65 8.45
CA LEU B 735 18.03 7.24 7.12
C LEU B 735 16.51 7.29 7.01
N LEU B 736 15.81 7.24 8.14
CA LEU B 736 14.36 7.31 8.12
C LEU B 736 13.84 8.71 7.78
N LEU B 737 14.68 9.74 7.92
CA LEU B 737 14.22 11.11 7.72
C LEU B 737 13.87 11.41 6.26
N GLN B 738 14.48 10.72 5.31
CA GLN B 738 14.23 10.99 3.90
C GLN B 738 12.86 10.49 3.44
N TYR B 739 12.13 9.74 4.26
CA TYR B 739 10.85 9.18 3.87
C TYR B 739 9.66 10.06 4.24
N GLY B 740 9.90 11.24 4.81
CA GLY B 740 8.82 12.17 5.06
C GLY B 740 8.04 11.97 6.33
N SER B 741 6.74 12.22 6.29
CA SER B 741 5.87 12.22 7.46
C SER B 741 4.87 11.05 7.44
N PHE B 742 5.34 9.88 7.00
CA PHE B 742 4.47 8.70 7.04
C PHE B 742 4.11 8.33 8.47
N CYS B 743 5.08 8.38 9.38
CA CYS B 743 4.83 8.04 10.77
C CYS B 743 3.84 9.00 11.40
N THR B 744 3.93 10.29 11.05
CA THR B 744 2.98 11.27 11.57
C THR B 744 1.56 10.95 11.10
N GLN B 745 1.41 10.56 9.83
CA GLN B 745 0.09 10.19 9.33
C GLN B 745 -0.45 8.96 10.05
N LEU B 746 0.41 7.96 10.27
CA LEU B 746 -0.02 6.76 10.99
C LEU B 746 -0.48 7.10 12.40
N ASN B 747 0.30 7.94 13.10
CA ASN B 747 -0.06 8.34 14.46
C ASN B 747 -1.37 9.12 14.47
N ARG B 748 -1.56 9.99 13.49
CA ARG B 748 -2.81 10.76 13.41
C ARG B 748 -4.01 9.84 13.22
N ALA B 749 -3.89 8.85 12.33
CA ALA B 749 -4.99 7.91 12.12
C ALA B 749 -5.28 7.11 13.39
N LEU B 750 -4.24 6.65 14.07
CA LEU B 750 -4.44 5.88 15.30
C LEU B 750 -5.10 6.74 16.38
N THR B 751 -4.67 8.00 16.50
CA THR B 751 -5.27 8.90 17.48
C THR B 751 -6.74 9.16 17.17
N GLY B 752 -7.06 9.33 15.88
CA GLY B 752 -8.45 9.50 15.50
C GLY B 752 -9.30 8.29 15.87
N ILE B 753 -8.78 7.09 15.63
CA ILE B 753 -9.51 5.88 16.01
C ILE B 753 -9.70 5.83 17.52
N ALA B 754 -8.65 6.17 18.28
CA ALA B 754 -8.75 6.14 19.74
C ALA B 754 -9.79 7.12 20.25
N VAL B 755 -9.84 8.32 19.67
CA VAL B 755 -10.86 9.29 20.06
C VAL B 755 -12.25 8.79 19.71
N GLU B 756 -12.39 8.18 18.52
CA GLU B 756 -13.69 7.68 18.09
C GLU B 756 -14.21 6.59 19.02
N GLN B 757 -13.32 5.77 19.57
CA GLN B 757 -13.77 4.72 20.50
C GLN B 757 -14.46 5.32 21.72
N ASP B 758 -13.81 6.32 22.36
CA ASP B 758 -14.40 6.96 23.52
C ASP B 758 -15.68 7.71 23.15
N LYS B 759 -15.70 8.32 21.97
CA LYS B 759 -16.92 8.99 21.52
C LYS B 759 -18.07 8.00 21.39
N ASN B 760 -17.80 6.82 20.83
CA ASN B 760 -18.84 5.80 20.70
C ASN B 760 -19.33 5.34 22.06
N THR B 761 -18.42 5.11 23.00
CA THR B 761 -18.82 4.68 24.34
C THR B 761 -19.71 5.72 25.00
N GLN B 762 -19.30 6.99 24.94
CA GLN B 762 -20.09 8.04 25.57
C GLN B 762 -21.45 8.20 24.90
N GLU B 763 -21.50 8.08 23.56
CA GLU B 763 -22.76 8.17 22.86
C GLU B 763 -23.70 7.03 23.25
N VAL B 764 -23.17 5.82 23.38
CA VAL B 764 -24.01 4.66 23.68
C VAL B 764 -24.55 4.74 25.10
N PHE B 765 -23.69 5.06 26.07
CA PHE B 765 -24.09 4.93 27.46
C PHE B 765 -24.55 6.23 28.11
N ALA B 766 -23.88 7.36 27.84
CA ALA B 766 -24.21 8.62 28.49
C ALA B 766 -25.37 9.28 27.76
N GLN B 767 -26.59 8.87 28.15
CA GLN B 767 -27.81 9.43 27.58
C GLN B 767 -28.73 10.06 28.62
N VAL B 768 -28.50 9.84 29.90
CA VAL B 768 -29.33 10.38 30.97
C VAL B 768 -28.48 11.30 31.83
N LYS B 769 -29.05 12.45 32.19
CA LYS B 769 -28.32 13.45 32.96
C LYS B 769 -28.34 13.20 34.46
N GLN B 770 -29.40 12.55 34.97
CA GLN B 770 -29.56 12.33 36.40
C GLN B 770 -29.22 10.89 36.75
N ILE B 771 -28.44 10.71 37.82
CA ILE B 771 -28.08 9.38 38.31
C ILE B 771 -29.12 9.02 39.36
N TYR B 772 -30.20 8.37 38.91
CA TYR B 772 -31.29 8.00 39.81
C TYR B 772 -30.87 6.85 40.70
N LYS B 773 -31.11 7.00 42.00
CA LYS B 773 -30.78 5.95 42.95
C LYS B 773 -31.92 4.94 43.06
N THR B 774 -31.61 3.79 43.64
CA THR B 774 -32.59 2.73 43.80
C THR B 774 -33.72 3.21 44.71
N PRO B 775 -34.98 2.91 44.37
CA PRO B 775 -36.12 3.42 45.14
C PRO B 775 -36.14 2.89 46.56
N PRO B 776 -37.10 3.34 47.39
CA PRO B 776 -37.16 2.88 48.79
C PRO B 776 -37.43 1.38 49.00
N ILE B 777 -37.36 0.58 47.93
CA ILE B 777 -36.92 -0.83 47.95
C ILE B 777 -38.08 -1.82 47.87
N LYS B 778 -38.07 -2.64 46.81
CA LYS B 778 -38.98 -3.77 46.59
C LYS B 778 -40.45 -3.58 46.93
N ASP B 779 -41.19 -2.79 46.15
CA ASP B 779 -42.66 -2.79 46.20
C ASP B 779 -43.24 -2.79 44.79
N PHE B 780 -42.68 -3.60 43.91
CA PHE B 780 -43.00 -3.58 42.48
C PHE B 780 -44.08 -4.59 42.11
N GLY B 781 -45.21 -4.57 42.82
CA GLY B 781 -46.37 -5.34 42.41
C GLY B 781 -46.15 -6.83 42.24
N GLY B 782 -45.19 -7.39 42.96
CA GLY B 782 -44.90 -8.81 42.89
C GLY B 782 -43.77 -9.17 41.94
N PHE B 783 -43.38 -8.27 41.04
CA PHE B 783 -42.24 -8.52 40.19
C PHE B 783 -40.95 -8.52 41.01
N ASN B 784 -40.01 -9.36 40.59
CA ASN B 784 -38.74 -9.53 41.29
C ASN B 784 -37.60 -9.14 40.35
N PHE B 785 -36.92 -8.04 40.67
CA PHE B 785 -35.84 -7.52 39.86
C PHE B 785 -34.48 -7.66 40.54
N SER B 786 -34.34 -8.58 41.49
CA SER B 786 -33.10 -8.73 42.21
C SER B 786 -31.94 -9.18 41.32
N GLN B 787 -32.24 -9.83 40.19
CA GLN B 787 -31.17 -10.33 39.33
C GLN B 787 -30.47 -9.20 38.60
N ILE B 788 -31.24 -8.25 38.05
CA ILE B 788 -30.65 -7.17 37.25
C ILE B 788 -30.26 -5.96 38.07
N LEU B 789 -30.82 -5.80 39.28
CA LEU B 789 -30.47 -4.66 40.10
C LEU B 789 -29.05 -4.82 40.66
N PRO B 790 -28.33 -3.72 40.88
CA PRO B 790 -26.95 -3.83 41.36
C PRO B 790 -26.88 -4.42 42.76
N ASP B 791 -25.78 -5.14 43.02
CA ASP B 791 -25.55 -5.73 44.33
C ASP B 791 -24.76 -4.76 45.19
N PRO B 792 -25.31 -4.25 46.29
CA PRO B 792 -24.59 -3.27 47.10
C PRO B 792 -23.51 -3.87 47.99
N SER B 793 -23.40 -5.19 48.08
CA SER B 793 -22.43 -5.83 48.96
C SER B 793 -21.07 -6.00 48.31
N LYS B 794 -21.02 -6.34 47.03
CA LYS B 794 -19.76 -6.59 46.36
C LYS B 794 -18.96 -5.29 46.21
N PRO B 795 -17.63 -5.38 46.15
CA PRO B 795 -16.83 -4.16 45.96
C PRO B 795 -17.17 -3.41 44.69
N SER B 796 -17.51 -4.11 43.61
CA SER B 796 -17.97 -3.49 42.38
C SER B 796 -19.49 -3.55 42.31
N LYS B 797 -20.12 -2.41 42.01
CA LYS B 797 -21.56 -2.30 42.02
C LYS B 797 -22.16 -2.86 40.72
N ARG B 798 -21.88 -4.13 40.48
CA ARG B 798 -22.42 -4.84 39.33
C ARG B 798 -23.65 -5.66 39.74
N SER B 799 -24.36 -6.16 38.75
CA SER B 799 -25.46 -7.09 38.95
C SER B 799 -24.97 -8.52 38.75
N PHE B 800 -25.83 -9.47 39.10
CA PHE B 800 -25.48 -10.88 38.92
C PHE B 800 -25.28 -11.21 37.45
N ILE B 801 -26.18 -10.75 36.59
CA ILE B 801 -26.05 -11.00 35.16
C ILE B 801 -24.80 -10.31 34.61
N GLU B 802 -24.54 -9.07 35.04
CA GLU B 802 -23.34 -8.38 34.61
C GLU B 802 -22.09 -9.10 35.08
N ASP B 803 -22.11 -9.63 36.30
CA ASP B 803 -20.96 -10.40 36.79
C ASP B 803 -20.74 -11.65 35.95
N LEU B 804 -21.82 -12.35 35.60
CA LEU B 804 -21.68 -13.53 34.75
C LEU B 804 -21.13 -13.16 33.37
N LEU B 805 -21.61 -12.06 32.81
CA LEU B 805 -21.12 -11.62 31.51
C LEU B 805 -19.64 -11.26 31.57
N PHE B 806 -19.22 -10.58 32.64
CA PHE B 806 -17.80 -10.25 32.79
C PHE B 806 -16.96 -11.51 32.94
N ASN B 807 -17.48 -12.51 33.66
CA ASN B 807 -16.73 -13.76 33.82
C ASN B 807 -16.65 -14.55 32.53
N LYS B 808 -17.67 -14.44 31.67
CA LYS B 808 -17.70 -15.27 30.47
C LYS B 808 -16.64 -14.83 29.46
N VAL B 809 -16.41 -13.53 29.33
CA VAL B 809 -15.43 -13.01 28.38
C VAL B 809 -14.06 -12.99 29.03
N THR B 810 -13.08 -13.58 28.36
CA THR B 810 -11.73 -13.71 28.89
C THR B 810 -10.84 -12.60 28.36
N LEU B 811 -9.98 -12.08 29.24
CA LEU B 811 -9.01 -11.05 28.88
C LEU B 811 -7.66 -11.40 29.48
N ALA B 812 -6.60 -11.06 28.76
CA ALA B 812 -5.24 -11.30 29.19
C ALA B 812 -4.68 -10.06 29.89
N ASP B 813 -3.69 -10.31 30.75
CA ASP B 813 -3.00 -9.25 31.50
C ASP B 813 -4.00 -8.44 32.34
N ALA B 814 -4.59 -9.13 33.32
CA ALA B 814 -5.59 -8.47 34.16
C ALA B 814 -4.92 -7.67 35.27
N GLY B 815 -3.92 -6.88 34.90
CA GLY B 815 -3.42 -5.80 35.73
C GLY B 815 -3.33 -4.55 34.89
N PHE B 816 -3.30 -4.76 33.57
CA PHE B 816 -3.36 -3.72 32.54
C PHE B 816 -2.10 -2.86 32.52
N ILE B 817 -1.18 -3.07 33.46
CA ILE B 817 0.03 -2.26 33.56
C ILE B 817 1.23 -3.19 33.68
N LYS B 818 2.29 -2.90 32.92
CA LYS B 818 3.54 -3.64 32.99
C LYS B 818 4.68 -2.64 32.84
N GLN B 819 5.32 -2.30 33.95
CA GLN B 819 6.45 -1.38 33.92
C GLN B 819 7.73 -2.12 33.56
N TYR B 820 8.85 -1.39 33.56
CA TYR B 820 10.14 -2.00 33.27
C TYR B 820 10.80 -2.52 34.55
N GLY B 821 10.02 -3.27 35.34
CA GLY B 821 10.53 -3.94 36.52
C GLY B 821 10.03 -5.36 36.60
N ASP B 822 9.02 -5.67 35.78
CA ASP B 822 8.52 -7.03 35.63
C ASP B 822 8.58 -7.50 34.19
N CYS B 823 9.02 -6.65 33.27
CA CYS B 823 9.15 -7.00 31.86
C CYS B 823 10.50 -7.64 31.54
N LEU B 824 11.53 -7.34 32.32
CA LEU B 824 12.84 -7.96 32.17
C LEU B 824 13.05 -9.11 33.13
N GLY B 825 12.04 -9.45 33.94
CA GLY B 825 12.21 -10.44 34.99
C GLY B 825 12.33 -11.87 34.53
N ASP B 826 11.93 -12.81 35.39
CA ASP B 826 12.07 -14.24 35.11
C ASP B 826 11.18 -14.71 33.97
N ILE B 827 10.37 -13.84 33.37
CA ILE B 827 9.60 -14.24 32.20
C ILE B 827 10.59 -14.61 31.10
N ALA B 828 10.46 -15.84 30.59
CA ALA B 828 11.39 -16.43 29.64
C ALA B 828 10.89 -16.22 28.21
N ALA B 829 10.22 -15.09 27.97
CA ALA B 829 9.55 -14.79 26.71
C ALA B 829 8.35 -15.73 26.49
N ARG B 830 7.60 -15.95 27.57
CA ARG B 830 6.32 -16.63 27.52
C ARG B 830 5.18 -15.67 27.24
N ASP B 831 5.26 -14.45 27.76
CA ASP B 831 4.25 -13.43 27.51
C ASP B 831 4.66 -12.60 26.29
N LEU B 832 3.71 -12.39 25.39
CA LEU B 832 3.93 -11.54 24.22
C LEU B 832 3.64 -10.07 24.52
N ILE B 833 3.18 -9.76 25.73
CA ILE B 833 2.96 -8.35 26.10
C ILE B 833 4.27 -7.60 26.09
N CYS B 834 5.32 -8.18 26.67
CA CYS B 834 6.64 -7.56 26.61
C CYS B 834 7.19 -7.55 25.20
N ALA B 835 6.91 -8.57 24.40
CA ALA B 835 7.36 -8.58 23.01
C ALA B 835 6.74 -7.41 22.24
N GLN B 836 5.47 -7.12 22.50
CA GLN B 836 4.83 -5.98 21.85
C GLN B 836 5.36 -4.66 22.40
N LYS B 837 5.55 -4.58 23.72
CA LYS B 837 5.95 -3.31 24.34
C LYS B 837 7.37 -2.93 23.96
N PHE B 838 8.27 -3.91 23.80
CA PHE B 838 9.65 -3.63 23.42
C PHE B 838 9.76 -3.13 21.98
N ASN B 839 8.70 -3.23 21.19
CA ASN B 839 8.71 -2.77 19.81
C ASN B 839 7.87 -1.51 19.60
N GLY B 840 7.43 -0.88 20.69
CA GLY B 840 6.70 0.37 20.61
C GLY B 840 5.18 0.24 20.58
N LEU B 841 4.65 -0.99 20.53
CA LEU B 841 3.20 -1.18 20.51
C LEU B 841 2.64 -0.99 21.91
N THR B 842 1.67 -0.10 22.05
CA THR B 842 1.12 0.26 23.36
C THR B 842 -0.40 0.22 23.29
N VAL B 843 -1.02 -0.17 24.40
CA VAL B 843 -2.48 -0.22 24.53
C VAL B 843 -2.89 0.83 25.56
N LEU B 844 -3.86 1.70 25.18
CA LEU B 844 -4.28 2.82 26.00
C LEU B 844 -5.56 2.49 26.76
N PRO B 845 -5.74 3.09 27.93
CA PRO B 845 -6.94 2.81 28.73
C PRO B 845 -8.15 3.57 28.22
N PRO B 846 -9.35 3.01 28.36
CA PRO B 846 -10.55 3.77 28.02
C PRO B 846 -10.83 4.86 29.04
N LEU B 847 -11.54 5.89 28.59
CA LEU B 847 -11.87 7.01 29.48
C LEU B 847 -12.83 6.59 30.57
N LEU B 848 -13.89 5.87 30.21
CA LEU B 848 -14.90 5.44 31.18
C LEU B 848 -14.57 4.03 31.67
N THR B 849 -14.27 3.91 32.96
CA THR B 849 -14.06 2.61 33.56
C THR B 849 -15.39 1.87 33.71
N ASP B 850 -15.30 0.56 33.90
CA ASP B 850 -16.50 -0.26 34.04
C ASP B 850 -17.30 0.12 35.27
N GLU B 851 -16.66 0.66 36.32
CA GLU B 851 -17.37 1.10 37.51
C GLU B 851 -18.27 2.30 37.25
N MET B 852 -18.06 3.03 36.15
CA MET B 852 -18.95 4.11 35.73
C MET B 852 -20.04 3.64 34.79
N ILE B 853 -19.73 2.69 33.90
CA ILE B 853 -20.76 2.09 33.07
C ILE B 853 -21.78 1.36 33.93
N ALA B 854 -21.32 0.73 35.00
CA ALA B 854 -22.24 0.07 35.92
C ALA B 854 -23.19 1.08 36.56
N GLN B 855 -22.66 2.24 36.98
CA GLN B 855 -23.51 3.27 37.57
C GLN B 855 -24.52 3.80 36.55
N TYR B 856 -24.08 3.99 35.31
CA TYR B 856 -24.99 4.47 34.27
C TYR B 856 -26.10 3.45 34.03
N THR B 857 -25.76 2.17 33.96
CA THR B 857 -26.79 1.14 33.78
C THR B 857 -27.74 1.09 34.96
N SER B 858 -27.21 1.22 36.18
CA SER B 858 -28.08 1.22 37.36
C SER B 858 -29.05 2.39 37.32
N ALA B 859 -28.56 3.58 36.93
CA ALA B 859 -29.43 4.73 36.82
C ALA B 859 -30.52 4.51 35.77
N LEU B 860 -30.15 3.93 34.63
CA LEU B 860 -31.13 3.66 33.58
C LEU B 860 -32.18 2.67 34.06
N LEU B 861 -31.75 1.62 34.77
CA LEU B 861 -32.70 0.63 35.30
C LEU B 861 -33.64 1.27 36.30
N ALA B 862 -33.10 2.10 37.21
CA ALA B 862 -33.95 2.77 38.19
C ALA B 862 -34.96 3.67 37.51
N GLY B 863 -34.52 4.43 36.50
CA GLY B 863 -35.43 5.31 35.79
C GLY B 863 -36.53 4.55 35.06
N THR B 864 -36.17 3.47 34.37
CA THR B 864 -37.17 2.73 33.62
C THR B 864 -38.08 1.89 34.51
N ILE B 865 -37.65 1.61 35.75
CA ILE B 865 -38.52 0.86 36.67
C ILE B 865 -39.48 1.80 37.40
N THR B 866 -38.98 2.95 37.85
CA THR B 866 -39.79 3.82 38.70
C THR B 866 -40.70 4.75 37.90
N SER B 867 -40.20 5.34 36.81
CA SER B 867 -40.94 6.37 36.10
C SER B 867 -41.35 5.99 34.69
N GLY B 868 -41.10 4.76 34.26
CA GLY B 868 -41.47 4.39 32.90
C GLY B 868 -40.66 5.14 31.86
N TRP B 869 -41.35 5.60 30.82
CA TRP B 869 -40.72 6.33 29.73
C TRP B 869 -40.64 7.83 29.97
N THR B 870 -41.18 8.31 31.09
CA THR B 870 -41.27 9.75 31.31
C THR B 870 -39.89 10.37 31.51
N PHE B 871 -38.99 9.68 32.21
CA PHE B 871 -37.67 10.23 32.49
C PHE B 871 -36.87 10.45 31.22
N GLY B 872 -37.14 9.67 30.16
CA GLY B 872 -36.45 9.89 28.90
C GLY B 872 -36.81 11.20 28.25
N ALA B 873 -38.08 11.59 28.32
CA ALA B 873 -38.56 12.80 27.68
C ALA B 873 -38.45 14.04 28.56
N GLY B 874 -38.08 13.89 29.82
CA GLY B 874 -37.97 15.03 30.70
C GLY B 874 -37.85 14.66 32.17
N ALA B 875 -38.54 15.39 33.04
CA ALA B 875 -38.50 15.11 34.46
C ALA B 875 -39.18 13.79 34.77
N ALA B 876 -38.60 13.03 35.69
CA ALA B 876 -39.13 11.72 36.04
C ALA B 876 -40.35 11.87 36.93
N LEU B 877 -41.42 11.16 36.60
CA LEU B 877 -42.66 11.15 37.36
C LEU B 877 -42.94 9.75 37.86
N GLN B 878 -43.13 9.60 39.16
CA GLN B 878 -43.36 8.29 39.75
C GLN B 878 -44.73 7.74 39.34
N ILE B 879 -44.81 6.42 39.24
CA ILE B 879 -46.04 5.73 38.86
C ILE B 879 -45.95 4.28 39.32
N PRO B 880 -47.04 3.70 39.84
CA PRO B 880 -46.99 2.28 40.23
C PRO B 880 -46.67 1.38 39.04
N PHE B 881 -45.93 0.31 39.33
CA PHE B 881 -45.46 -0.57 38.26
C PHE B 881 -46.61 -1.32 37.60
N ALA B 882 -47.63 -1.70 38.37
CA ALA B 882 -48.77 -2.40 37.79
C ALA B 882 -49.47 -1.54 36.75
N MET B 883 -49.65 -0.24 37.03
CA MET B 883 -50.26 0.64 36.05
C MET B 883 -49.37 0.83 34.84
N GLN B 884 -48.04 0.86 35.04
CA GLN B 884 -47.13 0.92 33.89
C GLN B 884 -47.29 -0.30 33.00
N MET B 885 -47.40 -1.48 33.61
CA MET B 885 -47.66 -2.69 32.83
C MET B 885 -48.99 -2.62 32.11
N ALA B 886 -50.01 -2.06 32.77
CA ALA B 886 -51.33 -1.94 32.13
C ALA B 886 -51.28 -1.03 30.91
N TYR B 887 -50.59 0.10 31.02
CA TYR B 887 -50.51 1.01 29.87
C TYR B 887 -49.63 0.45 28.76
N ARG B 888 -48.57 -0.28 29.11
CA ARG B 888 -47.80 -0.94 28.08
C ARG B 888 -48.60 -2.05 27.40
N PHE B 889 -49.49 -2.71 28.13
CA PHE B 889 -50.42 -3.66 27.52
C PHE B 889 -51.40 -2.95 26.59
N ASN B 890 -51.89 -1.78 27.00
CA ASN B 890 -52.76 -1.00 26.13
C ASN B 890 -52.03 -0.57 24.86
N GLY B 891 -50.72 -0.35 24.95
CA GLY B 891 -49.95 0.07 23.81
C GLY B 891 -49.87 -0.95 22.68
N ILE B 892 -50.17 -2.22 22.97
CA ILE B 892 -50.11 -3.26 21.97
C ILE B 892 -51.50 -3.75 21.57
N GLY B 893 -52.54 -2.98 21.88
CA GLY B 893 -53.88 -3.31 21.45
C GLY B 893 -54.63 -4.29 22.33
N VAL B 894 -54.25 -4.40 23.60
CA VAL B 894 -54.92 -5.28 24.55
C VAL B 894 -55.47 -4.42 25.68
N THR B 895 -56.73 -4.65 26.05
CA THR B 895 -57.34 -3.88 27.12
C THR B 895 -56.61 -4.10 28.44
N GLN B 896 -56.56 -3.04 29.24
CA GLN B 896 -55.76 -3.07 30.47
C GLN B 896 -56.32 -4.04 31.49
N ASN B 897 -57.64 -4.24 31.52
CA ASN B 897 -58.25 -5.10 32.54
C ASN B 897 -57.69 -6.51 32.49
N VAL B 898 -57.30 -6.98 31.30
CA VAL B 898 -56.75 -8.33 31.16
C VAL B 898 -55.53 -8.51 32.06
N LEU B 899 -54.75 -7.44 32.26
CA LEU B 899 -53.63 -7.54 33.19
C LEU B 899 -54.13 -7.75 34.62
N TYR B 900 -55.09 -6.93 35.05
CA TYR B 900 -55.50 -6.95 36.45
C TYR B 900 -56.17 -8.27 36.83
N GLU B 901 -56.73 -8.98 35.86
CA GLU B 901 -57.33 -10.27 36.12
C GLU B 901 -56.35 -11.43 36.01
N ASN B 902 -55.10 -11.17 35.61
CA ASN B 902 -54.13 -12.24 35.42
C ASN B 902 -52.75 -11.86 35.94
N GLN B 903 -52.68 -10.81 36.77
CA GLN B 903 -51.39 -10.30 37.23
C GLN B 903 -50.56 -11.39 37.88
N LYS B 904 -51.16 -12.16 38.78
CA LYS B 904 -50.42 -13.21 39.48
C LYS B 904 -49.77 -14.18 38.51
N LEU B 905 -50.43 -14.46 37.38
CA LEU B 905 -49.78 -15.27 36.36
C LEU B 905 -48.57 -14.55 35.78
N ILE B 906 -48.77 -13.32 35.28
CA ILE B 906 -47.75 -12.66 34.49
C ILE B 906 -46.46 -12.52 35.28
N ALA B 907 -46.55 -12.00 36.50
CA ALA B 907 -45.37 -11.86 37.35
C ALA B 907 -44.61 -13.17 37.43
N ASN B 908 -45.32 -14.26 37.76
CA ASN B 908 -44.64 -15.56 37.85
C ASN B 908 -43.94 -15.87 36.55
N GLN B 909 -44.64 -15.75 35.42
CA GLN B 909 -44.00 -15.98 34.13
C GLN B 909 -42.74 -15.16 34.00
N PHE B 910 -42.85 -13.85 34.27
CA PHE B 910 -41.68 -12.98 34.17
C PHE B 910 -40.53 -13.55 34.99
N ASN B 911 -40.80 -13.88 36.27
CA ASN B 911 -39.75 -14.43 37.10
C ASN B 911 -39.15 -15.66 36.45
N SER B 912 -40.00 -16.61 36.06
CA SER B 912 -39.48 -17.82 35.43
C SER B 912 -38.61 -17.46 34.24
N ALA B 913 -39.08 -16.54 33.40
CA ALA B 913 -38.31 -16.14 32.24
C ALA B 913 -36.92 -15.68 32.63
N ILE B 914 -36.83 -14.74 33.58
CA ILE B 914 -35.51 -14.24 33.94
C ILE B 914 -34.69 -15.35 34.56
N GLY B 915 -35.35 -16.24 35.32
CA GLY B 915 -34.64 -17.37 35.88
C GLY B 915 -33.95 -18.19 34.82
N LYS B 916 -34.64 -18.43 33.69
CA LYS B 916 -34.01 -19.16 32.61
C LYS B 916 -32.73 -18.47 32.17
N ILE B 917 -32.79 -17.15 31.96
CA ILE B 917 -31.59 -16.44 31.54
C ILE B 917 -30.47 -16.66 32.55
N GLN B 918 -30.83 -16.69 33.83
CA GLN B 918 -29.81 -16.80 34.88
C GLN B 918 -28.93 -18.03 34.70
N ASP B 919 -29.47 -19.12 34.12
CA ASP B 919 -28.61 -20.26 33.86
C ASP B 919 -28.23 -20.39 32.39
N SER B 920 -28.98 -19.76 31.49
CA SER B 920 -28.60 -19.80 30.08
C SER B 920 -27.24 -19.14 29.87
N LEU B 921 -27.03 -17.99 30.50
CA LEU B 921 -25.72 -17.34 30.45
C LEU B 921 -24.64 -18.19 31.09
N SER B 922 -25.01 -19.14 31.95
CA SER B 922 -24.04 -20.07 32.53
C SER B 922 -23.90 -21.35 31.72
N SER B 923 -24.74 -21.55 30.68
CA SER B 923 -24.67 -22.78 29.91
C SER B 923 -23.40 -22.85 29.08
N THR B 924 -23.08 -21.77 28.37
CA THR B 924 -21.92 -21.74 27.50
C THR B 924 -21.45 -20.30 27.32
N ALA B 925 -20.19 -20.15 26.94
CA ALA B 925 -19.60 -18.84 26.69
C ALA B 925 -19.69 -18.42 25.22
N SER B 926 -20.17 -19.29 24.34
CA SER B 926 -20.27 -18.95 22.92
C SER B 926 -21.37 -17.93 22.65
N ALA B 927 -22.31 -17.75 23.57
CA ALA B 927 -23.37 -16.76 23.37
C ALA B 927 -22.81 -15.36 23.25
N LEU B 928 -21.68 -15.09 23.89
CA LEU B 928 -21.01 -13.79 23.79
C LEU B 928 -19.93 -13.78 22.71
N GLY B 929 -20.01 -14.71 21.75
CA GLY B 929 -18.96 -14.83 20.75
C GLY B 929 -18.74 -13.55 19.96
N LYS B 930 -19.83 -12.84 19.65
CA LYS B 930 -19.71 -11.58 18.91
C LYS B 930 -18.80 -10.60 19.64
N LEU B 931 -18.82 -10.60 20.97
CA LEU B 931 -17.87 -9.79 21.71
C LEU B 931 -16.47 -10.37 21.64
N GLN B 932 -16.35 -11.70 21.82
CA GLN B 932 -15.03 -12.32 21.94
C GLN B 932 -14.21 -12.10 20.67
N ASP B 933 -14.83 -12.27 19.51
CA ASP B 933 -14.13 -12.04 18.25
C ASP B 933 -13.52 -10.64 18.21
N VAL B 934 -14.26 -9.65 18.72
CA VAL B 934 -13.76 -8.28 18.72
C VAL B 934 -12.42 -8.21 19.44
N VAL B 935 -12.29 -8.93 20.55
CA VAL B 935 -11.00 -8.99 21.24
C VAL B 935 -10.00 -9.77 20.39
N ASN B 936 -10.41 -10.94 19.89
CA ASN B 936 -9.46 -11.88 19.29
C ASN B 936 -8.73 -11.24 18.11
N GLN B 937 -9.47 -10.67 17.16
CA GLN B 937 -8.84 -10.01 16.03
C GLN B 937 -7.90 -8.90 16.49
N ASN B 938 -8.31 -8.14 17.51
CA ASN B 938 -7.48 -7.05 17.99
C ASN B 938 -6.15 -7.55 18.53
N ALA B 939 -6.10 -8.80 18.99
CA ALA B 939 -4.82 -9.42 19.30
C ALA B 939 -4.23 -10.11 18.07
N GLN B 940 -5.08 -10.75 17.27
CA GLN B 940 -4.62 -11.51 16.12
C GLN B 940 -3.76 -10.67 15.20
N ALA B 941 -4.17 -9.41 14.97
CA ALA B 941 -3.38 -8.51 14.14
C ALA B 941 -2.05 -8.20 14.80
N LEU B 942 -2.08 -7.83 16.09
CA LEU B 942 -0.87 -7.33 16.74
C LEU B 942 0.23 -8.37 16.76
N ASN B 943 -0.09 -9.59 17.18
CA ASN B 943 0.91 -10.66 17.20
C ASN B 943 1.44 -10.96 15.80
N THR B 944 0.67 -10.64 14.76
CA THR B 944 1.20 -10.77 13.40
C THR B 944 2.24 -9.69 13.14
N LEU B 945 1.92 -8.44 13.49
CA LEU B 945 2.81 -7.32 13.16
C LEU B 945 4.19 -7.50 13.77
N VAL B 946 4.28 -8.19 14.91
CA VAL B 946 5.57 -8.45 15.52
C VAL B 946 6.37 -9.43 14.67
N LYS B 947 5.75 -10.55 14.28
CA LYS B 947 6.52 -11.61 13.65
C LYS B 947 7.01 -11.25 12.25
N GLN B 948 6.33 -10.31 11.58
CA GLN B 948 6.81 -9.82 10.30
C GLN B 948 8.14 -9.09 10.43
N LEU B 949 8.56 -8.74 11.65
CA LEU B 949 9.90 -8.21 11.84
C LEU B 949 10.98 -9.23 11.50
N SER B 950 10.63 -10.52 11.45
CA SER B 950 11.62 -11.55 11.14
C SER B 950 11.87 -11.71 9.64
N SER B 951 11.12 -11.02 8.80
CA SER B 951 11.29 -11.15 7.35
C SER B 951 12.59 -10.48 6.89
N ASN B 952 13.27 -11.12 5.95
CA ASN B 952 14.51 -10.56 5.41
C ASN B 952 14.23 -9.42 4.43
N PHE B 953 13.13 -9.50 3.69
CA PHE B 953 12.78 -8.52 2.66
C PHE B 953 13.88 -8.39 1.61
N GLY B 954 14.57 -9.50 1.31
CA GLY B 954 15.62 -9.52 0.32
C GLY B 954 16.97 -9.05 0.80
N ALA B 955 17.09 -8.61 2.05
CA ALA B 955 18.36 -8.16 2.58
C ALA B 955 19.22 -9.35 3.00
N ILE B 956 20.49 -9.06 3.29
CA ILE B 956 21.41 -10.12 3.72
C ILE B 956 20.99 -10.68 5.07
N SER B 957 20.33 -9.87 5.90
CA SER B 957 19.88 -10.32 7.22
C SER B 957 18.71 -9.47 7.66
N SER B 958 17.94 -9.99 8.61
CA SER B 958 16.80 -9.29 9.16
C SER B 958 17.13 -8.47 10.40
N VAL B 959 18.39 -8.45 10.82
CA VAL B 959 18.83 -7.71 12.00
C VAL B 959 19.67 -6.53 11.54
N LEU B 960 19.32 -5.34 12.02
CA LEU B 960 20.08 -4.14 11.66
C LEU B 960 21.49 -4.19 12.21
N ASN B 961 21.69 -4.79 13.38
CA ASN B 961 23.01 -4.84 13.98
C ASN B 961 24.00 -5.62 13.12
N ASP B 962 23.54 -6.73 12.52
CA ASP B 962 24.42 -7.53 11.66
C ASP B 962 24.90 -6.71 10.48
N ILE B 963 23.99 -5.97 9.83
CA ILE B 963 24.38 -5.14 8.70
C ILE B 963 25.32 -4.03 9.14
N LEU B 964 25.02 -3.38 10.27
CA LEU B 964 25.86 -2.28 10.74
C LEU B 964 27.25 -2.76 11.16
N SER B 965 27.38 -4.03 11.58
CA SER B 965 28.66 -4.56 12.00
C SER B 965 29.44 -5.23 10.88
N ARG B 966 28.77 -5.66 9.81
CA ARG B 966 29.45 -6.34 8.72
C ARG B 966 29.76 -5.44 7.53
N LEU B 967 28.93 -4.44 7.26
CA LEU B 967 29.08 -3.59 6.09
C LEU B 967 29.46 -2.18 6.51
N ASP B 968 30.05 -1.44 5.57
CA ASP B 968 30.47 -0.07 5.81
C ASP B 968 29.28 0.87 5.61
N LYS B 969 29.57 2.18 5.58
CA LYS B 969 28.51 3.17 5.50
C LYS B 969 27.82 3.16 4.14
N VAL B 970 28.57 2.92 3.06
CA VAL B 970 27.99 3.06 1.73
C VAL B 970 27.23 1.80 1.31
N GLU B 971 27.56 0.64 1.87
CA GLU B 971 26.88 -0.60 1.50
C GLU B 971 25.70 -0.93 2.39
N ALA B 972 25.64 -0.37 3.60
CA ALA B 972 24.55 -0.66 4.51
C ALA B 972 23.26 0.06 4.12
N GLU B 973 23.38 1.21 3.46
CA GLU B 973 22.21 2.02 3.14
C GLU B 973 21.26 1.29 2.20
N VAL B 974 21.82 0.55 1.23
CA VAL B 974 20.98 -0.15 0.25
C VAL B 974 20.08 -1.16 0.93
N GLN B 975 20.63 -1.92 1.89
CA GLN B 975 19.83 -2.91 2.60
C GLN B 975 18.88 -2.26 3.59
N ILE B 976 19.34 -1.22 4.30
CA ILE B 976 18.51 -0.57 5.32
C ILE B 976 17.30 0.08 4.68
N ASP B 977 17.47 0.68 3.50
CA ASP B 977 16.34 1.30 2.82
C ASP B 977 15.26 0.29 2.48
N ARG B 978 15.66 -0.88 1.97
CA ARG B 978 14.68 -1.91 1.63
C ARG B 978 13.99 -2.46 2.87
N LEU B 979 14.74 -2.66 3.96
CA LEU B 979 14.12 -3.08 5.21
C LEU B 979 13.10 -2.05 5.69
N ILE B 980 13.45 -0.77 5.60
CA ILE B 980 12.55 0.30 6.03
C ILE B 980 11.29 0.30 5.17
N THR B 981 11.44 0.12 3.86
CA THR B 981 10.27 0.09 2.98
C THR B 981 9.35 -1.07 3.34
N GLY B 982 9.93 -2.25 3.58
CA GLY B 982 9.10 -3.39 3.96
C GLY B 982 8.34 -3.17 5.25
N ARG B 983 9.04 -2.67 6.28
CA ARG B 983 8.39 -2.44 7.56
C ARG B 983 7.32 -1.35 7.45
N LEU B 984 7.58 -0.31 6.65
CA LEU B 984 6.59 0.73 6.44
C LEU B 984 5.35 0.19 5.74
N GLN B 985 5.54 -0.71 4.76
CA GLN B 985 4.40 -1.33 4.10
C GLN B 985 3.58 -2.16 5.08
N SER B 986 4.26 -2.90 5.96
CA SER B 986 3.53 -3.66 6.98
C SER B 986 2.72 -2.74 7.88
N LEU B 987 3.31 -1.64 8.32
CA LEU B 987 2.60 -0.69 9.17
C LEU B 987 1.39 -0.10 8.45
N GLN B 988 1.56 0.24 7.16
CA GLN B 988 0.44 0.80 6.41
C GLN B 988 -0.71 -0.19 6.28
N THR B 989 -0.39 -1.46 6.01
CA THR B 989 -1.44 -2.48 5.93
C THR B 989 -2.17 -2.60 7.26
N TYR B 990 -1.42 -2.63 8.37
CA TYR B 990 -2.05 -2.73 9.69
C TYR B 990 -2.97 -1.55 9.95
N VAL B 991 -2.52 -0.34 9.61
CA VAL B 991 -3.33 0.86 9.86
C VAL B 991 -4.59 0.84 9.02
N THR B 992 -4.50 0.42 7.76
CA THR B 992 -5.68 0.37 6.92
C THR B 992 -6.71 -0.62 7.45
N GLN B 993 -6.25 -1.81 7.86
CA GLN B 993 -7.18 -2.78 8.42
C GLN B 993 -7.81 -2.27 9.70
N GLN B 994 -7.02 -1.59 10.54
CA GLN B 994 -7.57 -1.01 11.77
C GLN B 994 -8.64 0.04 11.45
N LEU B 995 -8.41 0.85 10.42
CA LEU B 995 -9.41 1.86 10.04
C LEU B 995 -10.71 1.21 9.59
N ILE B 996 -10.61 0.14 8.79
CA ILE B 996 -11.83 -0.54 8.35
C ILE B 996 -12.59 -1.13 9.54
N ARG B 997 -11.86 -1.77 10.46
CA ARG B 997 -12.51 -2.32 11.65
C ARG B 997 -13.14 -1.22 12.49
N ALA B 998 -12.48 -0.05 12.57
CA ALA B 998 -13.04 1.07 13.32
C ALA B 998 -14.34 1.54 12.69
N ALA B 999 -14.40 1.60 11.36
CA ALA B 999 -15.66 1.98 10.70
C ALA B 999 -16.77 0.98 11.02
N GLU B 1000 -16.46 -0.32 10.98
CA GLU B 1000 -17.47 -1.31 11.29
C GLU B 1000 -17.96 -1.18 12.73
N ILE B 1001 -17.03 -0.99 13.68
CA ILE B 1001 -17.42 -0.83 15.07
C ILE B 1001 -18.23 0.44 15.28
N ARG B 1002 -17.91 1.51 14.54
CA ARG B 1002 -18.70 2.74 14.62
C ARG B 1002 -20.13 2.50 14.16
N ALA B 1003 -20.31 1.76 13.07
CA ALA B 1003 -21.67 1.43 12.63
C ALA B 1003 -22.41 0.62 13.69
N SER B 1004 -21.74 -0.37 14.28
CA SER B 1004 -22.38 -1.18 15.31
C SER B 1004 -22.76 -0.32 16.53
N ALA B 1005 -21.89 0.59 16.92
CA ALA B 1005 -22.17 1.47 18.06
C ALA B 1005 -23.34 2.39 17.77
N ASN B 1006 -23.43 2.90 16.54
CA ASN B 1006 -24.58 3.72 16.16
C ASN B 1006 -25.87 2.93 16.26
N LEU B 1007 -25.86 1.68 15.78
CA LEU B 1007 -27.05 0.84 15.89
C LEU B 1007 -27.41 0.61 17.36
N ALA B 1008 -26.42 0.33 18.20
CA ALA B 1008 -26.68 0.10 19.62
C ALA B 1008 -27.26 1.34 20.28
N ALA B 1009 -26.74 2.52 19.94
CA ALA B 1009 -27.26 3.76 20.51
C ALA B 1009 -28.69 4.00 20.09
N THR B 1010 -29.00 3.75 18.81
CA THR B 1010 -30.39 3.90 18.34
C THR B 1010 -31.32 2.93 19.08
N LYS B 1011 -30.87 1.69 19.27
CA LYS B 1011 -31.69 0.71 19.99
C LYS B 1011 -31.91 1.14 21.44
N MET B 1012 -30.86 1.63 22.10
CA MET B 1012 -31.00 2.13 23.47
C MET B 1012 -31.97 3.30 23.53
N SER B 1013 -31.90 4.21 22.55
CA SER B 1013 -32.78 5.37 22.54
C SER B 1013 -34.24 4.95 22.35
N GLU B 1014 -34.50 3.98 21.47
CA GLU B 1014 -35.87 3.68 21.10
C GLU B 1014 -36.55 2.66 22.01
N CYS B 1015 -35.87 1.57 22.34
CA CYS B 1015 -36.54 0.48 23.04
C CYS B 1015 -36.48 0.61 24.56
N VAL B 1016 -35.34 1.00 25.12
CA VAL B 1016 -35.22 1.08 26.58
C VAL B 1016 -36.04 2.24 27.13
N LEU B 1017 -35.96 3.40 26.48
CA LEU B 1017 -36.57 4.62 27.00
C LEU B 1017 -38.02 4.79 26.55
N GLY B 1018 -38.58 3.82 25.86
CA GLY B 1018 -39.97 3.94 25.44
C GLY B 1018 -40.50 2.61 24.97
N GLN B 1019 -41.55 2.68 24.15
CA GLN B 1019 -42.15 1.49 23.54
C GLN B 1019 -42.12 1.65 22.03
N SER B 1020 -41.65 0.61 21.34
CA SER B 1020 -41.46 0.66 19.90
C SER B 1020 -42.52 -0.18 19.20
N LYS B 1021 -43.14 0.39 18.17
CA LYS B 1021 -44.12 -0.31 17.35
C LYS B 1021 -43.48 -1.03 16.18
N ARG B 1022 -42.18 -0.86 15.97
CA ARG B 1022 -41.50 -1.50 14.85
C ARG B 1022 -41.44 -3.02 15.07
N VAL B 1023 -41.77 -3.77 14.03
CA VAL B 1023 -41.87 -5.22 14.14
C VAL B 1023 -40.47 -5.83 14.14
N ASP B 1024 -40.22 -6.70 15.10
CA ASP B 1024 -38.98 -7.48 15.22
C ASP B 1024 -37.76 -6.60 15.47
N PHE B 1025 -37.94 -5.30 15.69
CA PHE B 1025 -36.80 -4.44 15.99
C PHE B 1025 -36.15 -4.83 17.32
N CYS B 1026 -36.96 -5.15 18.32
CA CYS B 1026 -36.47 -5.56 19.64
C CYS B 1026 -37.16 -6.87 20.02
N GLY B 1027 -36.59 -7.99 19.58
CA GLY B 1027 -37.12 -9.29 19.90
C GLY B 1027 -38.31 -9.67 19.02
N LYS B 1028 -38.66 -10.95 19.09
CA LYS B 1028 -39.80 -11.45 18.35
C LYS B 1028 -41.09 -11.26 19.15
N GLY B 1029 -42.17 -10.93 18.45
CA GLY B 1029 -43.43 -10.67 19.09
C GLY B 1029 -43.58 -9.22 19.51
N TYR B 1030 -44.73 -8.93 20.11
CA TYR B 1030 -45.01 -7.58 20.57
C TYR B 1030 -44.08 -7.20 21.72
N HIS B 1031 -43.58 -5.97 21.68
CA HIS B 1031 -42.57 -5.50 22.61
C HIS B 1031 -43.21 -4.79 23.80
N LEU B 1032 -42.73 -5.11 25.00
CA LEU B 1032 -43.20 -4.48 26.23
C LEU B 1032 -42.14 -3.62 26.90
N MET B 1033 -41.00 -4.20 27.26
CA MET B 1033 -39.95 -3.48 27.99
C MET B 1033 -38.60 -4.04 27.59
N SER B 1034 -37.56 -3.29 27.94
CA SER B 1034 -36.19 -3.73 27.72
C SER B 1034 -35.34 -3.30 28.91
N PHE B 1035 -34.29 -4.08 29.17
CA PHE B 1035 -33.36 -3.80 30.27
C PHE B 1035 -31.94 -3.89 29.74
N PRO B 1036 -31.12 -2.85 29.91
CA PRO B 1036 -29.73 -2.90 29.47
C PRO B 1036 -28.79 -3.38 30.55
N GLN B 1037 -27.72 -4.03 30.10
CA GLN B 1037 -26.65 -4.50 30.99
C GLN B 1037 -25.31 -4.29 30.28
N SER B 1038 -24.27 -4.09 31.08
CA SER B 1038 -22.95 -3.87 30.53
C SER B 1038 -22.26 -5.21 30.22
N ALA B 1039 -21.23 -5.14 29.39
CA ALA B 1039 -20.43 -6.31 29.05
C ALA B 1039 -19.09 -5.82 28.51
N PRO B 1040 -18.05 -6.67 28.55
CA PRO B 1040 -16.74 -6.21 28.05
C PRO B 1040 -16.81 -5.72 26.61
N HIS B 1041 -16.61 -4.41 26.43
CA HIS B 1041 -16.69 -3.76 25.12
C HIS B 1041 -18.03 -4.02 24.45
N GLY B 1042 -19.11 -4.01 25.23
CA GLY B 1042 -20.41 -4.25 24.63
C GLY B 1042 -21.56 -4.05 25.59
N VAL B 1043 -22.77 -4.16 25.04
CA VAL B 1043 -24.00 -4.01 25.79
C VAL B 1043 -24.88 -5.22 25.51
N VAL B 1044 -25.71 -5.58 26.49
CA VAL B 1044 -26.62 -6.71 26.39
C VAL B 1044 -28.02 -6.23 26.72
N PHE B 1045 -28.97 -6.47 25.83
CA PHE B 1045 -30.36 -6.09 26.03
C PHE B 1045 -31.18 -7.33 26.36
N LEU B 1046 -31.99 -7.22 27.41
CA LEU B 1046 -33.00 -8.23 27.76
C LEU B 1046 -34.35 -7.65 27.38
N HIS B 1047 -35.01 -8.25 26.39
CA HIS B 1047 -36.28 -7.77 25.87
C HIS B 1047 -37.40 -8.65 26.39
N VAL B 1048 -38.47 -8.02 26.89
CA VAL B 1048 -39.65 -8.72 27.38
C VAL B 1048 -40.74 -8.60 26.32
N THR B 1049 -41.26 -9.74 25.87
CA THR B 1049 -42.21 -9.80 24.77
C THR B 1049 -43.43 -10.61 25.16
N TYR B 1050 -44.54 -10.30 24.49
CA TYR B 1050 -45.84 -10.90 24.72
C TYR B 1050 -46.17 -11.78 23.51
N VAL B 1051 -46.44 -13.06 23.75
CA VAL B 1051 -46.65 -14.03 22.68
C VAL B 1051 -48.00 -14.70 22.88
N PRO B 1052 -48.93 -14.60 21.92
CA PRO B 1052 -50.19 -15.32 22.04
C PRO B 1052 -50.01 -16.82 21.88
N ALA B 1053 -50.95 -17.58 22.44
CA ALA B 1053 -50.90 -19.03 22.39
C ALA B 1053 -52.29 -19.58 22.68
N GLN B 1054 -52.47 -20.86 22.34
CA GLN B 1054 -53.74 -21.58 22.51
C GLN B 1054 -54.87 -20.90 21.73
N GLU B 1055 -54.69 -20.85 20.42
CA GLU B 1055 -55.68 -20.26 19.53
C GLU B 1055 -56.81 -21.24 19.25
N LYS B 1056 -57.96 -20.68 18.86
CA LYS B 1056 -59.14 -21.48 18.54
C LYS B 1056 -59.82 -20.91 17.30
N ASN B 1057 -60.48 -21.80 16.56
CA ASN B 1057 -61.22 -21.40 15.38
C ASN B 1057 -62.57 -20.79 15.75
N PHE B 1058 -63.01 -19.83 14.93
CA PHE B 1058 -64.33 -19.23 15.08
C PHE B 1058 -64.82 -18.82 13.70
N THR B 1059 -66.13 -18.62 13.59
CA THR B 1059 -66.76 -18.15 12.37
C THR B 1059 -67.02 -16.66 12.48
N THR B 1060 -66.63 -15.91 11.46
CA THR B 1060 -66.66 -14.46 11.49
C THR B 1060 -67.45 -13.91 10.31
N ALA B 1061 -67.96 -12.70 10.48
CA ALA B 1061 -68.70 -11.97 9.46
C ALA B 1061 -68.23 -10.53 9.43
N PRO B 1062 -68.34 -9.86 8.28
CA PRO B 1062 -67.90 -8.45 8.22
C PRO B 1062 -68.79 -7.50 8.99
N ALA B 1063 -70.10 -7.62 8.85
CA ALA B 1063 -71.03 -6.70 9.50
C ALA B 1063 -72.34 -7.43 9.77
N ILE B 1064 -73.36 -6.69 10.19
CA ILE B 1064 -74.66 -7.26 10.54
C ILE B 1064 -75.76 -6.27 10.12
N CYS B 1065 -76.86 -6.81 9.59
CA CYS B 1065 -78.06 -6.03 9.34
C CYS B 1065 -79.04 -6.24 10.48
N HIS B 1066 -79.49 -5.13 11.09
CA HIS B 1066 -80.52 -5.19 12.12
C HIS B 1066 -81.80 -4.47 11.69
N ASP B 1067 -81.70 -3.20 11.30
CA ASP B 1067 -82.83 -2.44 10.79
C ASP B 1067 -82.78 -2.26 9.28
N GLY B 1068 -81.96 -3.06 8.59
CA GLY B 1068 -81.69 -2.88 7.19
C GLY B 1068 -80.39 -2.15 6.90
N LYS B 1069 -79.77 -1.57 7.92
CA LYS B 1069 -78.50 -0.86 7.79
C LYS B 1069 -77.37 -1.75 8.30
N ALA B 1070 -76.18 -1.52 7.76
CA ALA B 1070 -75.02 -2.33 8.12
C ALA B 1070 -74.40 -1.80 9.42
N HIS B 1071 -74.14 -2.71 10.36
CA HIS B 1071 -73.51 -2.37 11.62
C HIS B 1071 -72.11 -2.95 11.65
N PHE B 1072 -71.11 -2.09 11.79
CA PHE B 1072 -69.72 -2.48 11.84
C PHE B 1072 -69.20 -2.36 13.28
N PRO B 1073 -68.27 -3.23 13.67
CA PRO B 1073 -67.74 -3.17 15.04
C PRO B 1073 -66.83 -1.96 15.21
N ARG B 1074 -67.02 -1.24 16.32
CA ARG B 1074 -66.16 -0.09 16.61
C ARG B 1074 -64.72 -0.53 16.85
N GLU B 1075 -64.55 -1.66 17.54
CA GLU B 1075 -63.22 -2.21 17.79
C GLU B 1075 -63.34 -3.71 17.96
N GLY B 1076 -62.49 -4.46 17.28
CA GLY B 1076 -62.46 -5.90 17.40
C GLY B 1076 -63.05 -6.61 16.20
N VAL B 1077 -63.47 -7.85 16.44
CA VAL B 1077 -64.02 -8.72 15.41
C VAL B 1077 -65.35 -9.27 15.89
N PHE B 1078 -66.22 -9.59 14.93
CA PHE B 1078 -67.45 -10.32 15.18
C PHE B 1078 -67.18 -11.82 15.05
N VAL B 1079 -67.42 -12.57 16.11
CA VAL B 1079 -67.22 -14.01 16.11
C VAL B 1079 -68.52 -14.68 16.49
N SER B 1080 -68.55 -16.00 16.31
CA SER B 1080 -69.71 -16.80 16.69
C SER B 1080 -69.23 -18.14 17.24
N ASN B 1081 -69.83 -18.57 18.35
CA ASN B 1081 -69.49 -19.84 18.95
C ASN B 1081 -70.29 -21.00 18.37
N GLY B 1082 -71.13 -20.74 17.39
CA GLY B 1082 -71.92 -21.79 16.76
C GLY B 1082 -73.39 -21.48 16.67
N THR B 1083 -73.92 -20.77 17.67
CA THR B 1083 -75.34 -20.45 17.72
C THR B 1083 -75.59 -18.97 17.95
N HIS B 1084 -74.63 -18.28 18.59
CA HIS B 1084 -74.78 -16.88 18.95
C HIS B 1084 -73.56 -16.10 18.49
N TRP B 1085 -73.77 -14.81 18.23
CA TRP B 1085 -72.70 -13.92 17.78
C TRP B 1085 -72.29 -12.99 18.91
N PHE B 1086 -70.98 -12.71 18.97
CA PHE B 1086 -70.42 -11.79 19.96
C PHE B 1086 -69.36 -10.94 19.28
N VAL B 1087 -68.91 -9.91 19.99
CA VAL B 1087 -67.82 -9.05 19.54
C VAL B 1087 -66.68 -9.16 20.55
N THR B 1088 -65.46 -9.35 20.05
CA THR B 1088 -64.32 -9.55 20.92
C THR B 1088 -63.12 -8.77 20.39
N GLN B 1089 -62.16 -8.52 21.28
CA GLN B 1089 -60.98 -7.76 20.90
C GLN B 1089 -60.04 -8.63 20.05
N ARG B 1090 -58.87 -8.07 19.72
CA ARG B 1090 -58.01 -8.69 18.72
C ARG B 1090 -57.16 -9.82 19.31
N ASN B 1091 -56.32 -9.52 20.29
CA ASN B 1091 -55.28 -10.44 20.73
C ASN B 1091 -55.70 -11.28 21.93
N PHE B 1092 -56.95 -11.18 22.38
CA PHE B 1092 -57.41 -11.99 23.50
C PHE B 1092 -58.90 -12.28 23.30
N TYR B 1093 -59.33 -13.46 23.72
CA TYR B 1093 -60.71 -13.87 23.58
C TYR B 1093 -61.52 -13.27 24.72
N GLU B 1094 -62.22 -12.16 24.43
CA GLU B 1094 -63.07 -11.48 25.40
C GLU B 1094 -64.43 -11.23 24.78
N PRO B 1095 -65.26 -12.28 24.68
CA PRO B 1095 -66.57 -12.12 24.05
C PRO B 1095 -67.46 -11.16 24.82
N GLN B 1096 -68.23 -10.37 24.07
CA GLN B 1096 -69.17 -9.42 24.64
C GLN B 1096 -70.41 -9.38 23.78
N ILE B 1097 -71.53 -8.97 24.40
CA ILE B 1097 -72.80 -8.87 23.68
C ILE B 1097 -72.73 -7.75 22.65
N ILE B 1098 -73.23 -8.02 21.45
CA ILE B 1098 -73.26 -7.00 20.40
C ILE B 1098 -74.20 -5.88 20.83
N THR B 1099 -73.71 -4.65 20.77
CA THR B 1099 -74.41 -3.50 21.35
C THR B 1099 -74.26 -2.30 20.43
N THR B 1100 -75.21 -1.38 20.51
CA THR B 1100 -75.11 -0.13 19.78
C THR B 1100 -73.98 0.76 20.30
N ASP B 1101 -73.43 0.46 21.47
CA ASP B 1101 -72.36 1.27 22.05
C ASP B 1101 -70.97 0.86 21.57
N ASN B 1102 -70.77 -0.40 21.19
CA ASN B 1102 -69.49 -0.86 20.65
C ASN B 1102 -69.55 -1.09 19.14
N THR B 1103 -70.60 -0.62 18.47
CA THR B 1103 -70.74 -0.73 17.03
C THR B 1103 -71.26 0.59 16.47
N PHE B 1104 -70.98 0.82 15.19
CA PHE B 1104 -71.47 2.00 14.49
C PHE B 1104 -72.19 1.57 13.23
N VAL B 1105 -72.89 2.51 12.61
CA VAL B 1105 -73.76 2.24 11.46
C VAL B 1105 -73.30 3.09 10.28
N SER B 1106 -73.35 2.51 9.09
CA SER B 1106 -72.94 3.24 7.88
C SER B 1106 -73.68 2.61 6.68
N GLY B 1107 -74.75 3.27 6.25
CA GLY B 1107 -75.41 2.91 5.01
C GLY B 1107 -76.20 1.61 5.09
N ASN B 1108 -76.86 1.30 3.98
CA ASN B 1108 -77.61 0.06 3.83
C ASN B 1108 -76.65 -1.11 3.64
N CYS B 1109 -77.14 -2.31 3.95
CA CYS B 1109 -76.32 -3.51 3.90
C CYS B 1109 -76.57 -4.34 2.65
N ASP B 1110 -77.00 -3.70 1.56
CA ASP B 1110 -77.11 -4.38 0.28
C ASP B 1110 -75.78 -4.44 -0.46
N VAL B 1111 -74.80 -3.66 -0.04
CA VAL B 1111 -73.51 -3.58 -0.71
C VAL B 1111 -72.47 -4.46 -0.04
N VAL B 1112 -72.51 -4.56 1.28
CA VAL B 1112 -71.51 -5.36 2.00
C VAL B 1112 -71.69 -6.83 1.64
N ILE B 1113 -70.57 -7.48 1.30
CA ILE B 1113 -70.59 -8.87 0.85
C ILE B 1113 -70.37 -9.79 2.04
N GLY B 1114 -71.23 -10.80 2.17
CA GLY B 1114 -71.08 -11.76 3.25
C GLY B 1114 -71.68 -11.34 4.57
N ILE B 1115 -72.63 -10.40 4.57
CA ILE B 1115 -73.19 -9.91 5.82
C ILE B 1115 -74.21 -10.92 6.35
N VAL B 1116 -74.36 -10.95 7.68
CA VAL B 1116 -75.10 -12.00 8.37
C VAL B 1116 -76.24 -11.38 9.18
N ASN B 1117 -77.41 -12.02 9.11
CA ASN B 1117 -78.58 -11.57 9.85
C ASN B 1117 -78.40 -11.79 11.34
N ASN B 1118 -78.75 -10.78 12.13
CA ASN B 1118 -78.68 -10.89 13.59
C ASN B 1118 -79.47 -9.73 14.20
N THR B 1119 -79.50 -9.70 15.52
CA THR B 1119 -80.18 -8.68 16.30
C THR B 1119 -79.17 -7.89 17.11
N VAL B 1120 -79.29 -6.57 17.12
CA VAL B 1120 -78.41 -5.68 17.84
C VAL B 1120 -79.14 -5.19 19.08
N TYR B 1121 -78.53 -5.39 20.25
CA TYR B 1121 -79.16 -5.01 21.51
C TYR B 1121 -78.90 -3.54 21.83
N ASP B 1122 -79.88 -2.94 22.49
CA ASP B 1122 -79.80 -1.54 22.93
C ASP B 1122 -80.02 -1.47 24.43
N PRO B 1123 -79.03 -1.03 25.22
CA PRO B 1123 -79.23 -0.92 26.67
C PRO B 1123 -80.20 0.19 27.07
N LEU B 1124 -80.59 1.06 26.14
CA LEU B 1124 -81.49 2.16 26.48
C LEU B 1124 -82.92 1.68 26.65
N GLN B 1125 -83.28 0.55 26.03
CA GLN B 1125 -84.67 0.08 26.08
C GLN B 1125 -85.14 -0.28 27.48
N PRO B 1126 -84.38 -1.03 28.31
CA PRO B 1126 -84.92 -1.43 29.62
C PRO B 1126 -85.32 -0.28 30.52
N GLU B 1127 -84.60 0.85 30.49
CA GLU B 1127 -84.92 1.94 31.41
C GLU B 1127 -86.29 2.55 31.12
N LEU B 1128 -86.76 2.45 29.88
CA LEU B 1128 -88.07 2.99 29.52
C LEU B 1128 -89.13 1.89 29.53
N GLN C 1 29.69 9.20 -66.76
CA GLN C 1 29.08 9.94 -67.87
C GLN C 1 28.27 11.12 -67.35
N CYS C 2 27.09 10.82 -66.79
CA CYS C 2 26.17 11.81 -66.22
C CYS C 2 25.62 12.76 -67.29
N VAL C 3 24.49 13.41 -66.98
CA VAL C 3 23.85 14.34 -67.91
C VAL C 3 22.88 15.19 -67.11
N ASN C 4 22.60 16.38 -67.62
CA ASN C 4 21.63 17.29 -67.01
C ASN C 4 20.36 17.29 -67.85
N LEU C 5 19.23 17.00 -67.20
CA LEU C 5 17.94 16.95 -67.88
C LEU C 5 16.88 17.75 -67.14
N PRO C 13 2.67 23.18 -55.33
CA PRO C 13 2.73 21.86 -54.70
C PRO C 13 1.34 21.24 -54.53
N ALA C 14 1.29 19.93 -54.35
CA ALA C 14 0.04 19.20 -54.17
C ALA C 14 0.04 18.56 -52.79
N TYR C 15 -1.07 18.69 -52.07
CA TYR C 15 -1.21 18.18 -50.73
C TYR C 15 -2.33 17.14 -50.67
N THR C 16 -2.20 16.19 -49.75
CA THR C 16 -3.17 15.12 -49.62
C THR C 16 -3.30 14.75 -48.15
N ASN C 17 -4.49 14.25 -47.79
CA ASN C 17 -4.72 13.72 -46.46
C ASN C 17 -4.23 12.28 -46.35
N SER C 18 -3.71 11.94 -45.18
CA SER C 18 -3.29 10.57 -44.89
C SER C 18 -4.48 9.84 -44.27
N PHE C 19 -5.21 9.10 -45.11
CA PHE C 19 -6.45 8.45 -44.69
C PHE C 19 -6.12 7.23 -43.82
N THR C 20 -5.74 7.51 -42.57
CA THR C 20 -5.47 6.49 -41.57
C THR C 20 -4.41 5.50 -42.02
N ARG C 21 -3.45 5.95 -42.83
CA ARG C 21 -2.38 5.10 -43.33
C ARG C 21 -1.09 5.36 -42.57
N GLY C 22 -0.29 4.31 -42.42
CA GLY C 22 0.99 4.42 -41.74
C GLY C 22 1.17 3.42 -40.61
N VAL C 23 0.31 2.41 -40.56
CA VAL C 23 0.34 1.40 -39.52
C VAL C 23 1.16 0.20 -40.00
N TYR C 24 2.06 -0.27 -39.16
CA TYR C 24 2.88 -1.43 -39.47
C TYR C 24 3.04 -2.28 -38.21
N TYR C 25 3.45 -3.53 -38.41
CA TYR C 25 3.65 -4.44 -37.29
C TYR C 25 4.81 -3.97 -36.43
N PRO C 26 4.61 -3.74 -35.14
CA PRO C 26 5.70 -3.19 -34.31
C PRO C 26 6.75 -4.21 -33.93
N ASP C 27 6.36 -5.47 -33.77
CA ASP C 27 7.28 -6.50 -33.32
C ASP C 27 6.78 -7.86 -33.79
N LYS C 28 7.66 -8.85 -33.71
CA LYS C 28 7.40 -10.17 -34.28
C LYS C 28 6.90 -11.14 -33.21
N VAL C 29 5.65 -10.93 -32.80
CA VAL C 29 4.92 -11.88 -31.96
C VAL C 29 3.52 -12.03 -32.54
N PHE C 30 2.80 -13.04 -32.04
CA PHE C 30 1.46 -13.36 -32.50
C PHE C 30 0.46 -12.99 -31.41
N ARG C 31 -0.51 -12.14 -31.76
CA ARG C 31 -1.60 -11.76 -30.88
C ARG C 31 -2.92 -11.85 -31.63
N SER C 32 -3.99 -12.14 -30.89
CA SER C 32 -5.31 -12.28 -31.49
C SER C 32 -6.37 -11.77 -30.53
N SER C 33 -7.28 -10.95 -31.06
CA SER C 33 -8.43 -10.44 -30.30
C SER C 33 -8.00 -9.65 -29.07
N VAL C 34 -6.83 -9.01 -29.13
CA VAL C 34 -6.30 -8.22 -28.02
C VAL C 34 -5.99 -6.82 -28.54
N LEU C 35 -6.47 -5.80 -27.84
CA LEU C 35 -6.16 -4.42 -28.16
C LEU C 35 -4.84 -4.06 -27.48
N HIS C 36 -3.88 -3.56 -28.26
CA HIS C 36 -2.54 -3.32 -27.77
C HIS C 36 -2.13 -1.88 -28.01
N SER C 37 -1.46 -1.29 -27.03
CA SER C 37 -0.96 0.08 -27.13
C SER C 37 0.53 0.07 -27.42
N THR C 38 0.95 0.91 -28.36
CA THR C 38 2.34 1.01 -28.77
C THR C 38 2.78 2.46 -28.80
N GLN C 39 4.06 2.68 -28.53
CA GLN C 39 4.67 4.01 -28.53
C GLN C 39 5.84 3.98 -29.50
N ASP C 40 5.66 4.54 -30.69
CA ASP C 40 6.68 4.41 -31.73
C ASP C 40 6.47 5.50 -32.77
N LEU C 41 7.34 5.51 -33.78
CA LEU C 41 7.25 6.48 -34.86
C LEU C 41 6.19 6.03 -35.86
N PHE C 42 5.15 6.83 -36.02
CA PHE C 42 4.06 6.52 -36.93
C PHE C 42 3.71 7.77 -37.74
N LEU C 43 3.06 7.54 -38.87
CA LEU C 43 2.51 8.65 -39.65
C LEU C 43 1.20 9.11 -39.04
N PRO C 44 1.06 10.38 -38.67
CA PRO C 44 -0.16 10.83 -38.00
C PRO C 44 -1.39 10.67 -38.89
N PHE C 45 -2.52 10.38 -38.26
CA PHE C 45 -3.78 10.27 -38.99
C PHE C 45 -4.17 11.61 -39.58
N PHE C 46 -4.63 11.59 -40.83
CA PHE C 46 -5.04 12.79 -41.56
C PHE C 46 -3.91 13.81 -41.58
N SER C 47 -2.72 13.35 -41.93
CA SER C 47 -1.55 14.21 -41.99
C SER C 47 -1.56 14.99 -43.30
N ASN C 48 -0.45 15.65 -43.62
CA ASN C 48 -0.35 16.54 -44.78
C ASN C 48 0.78 16.00 -45.67
N VAL C 49 0.43 15.04 -46.53
CA VAL C 49 1.42 14.33 -47.33
C VAL C 49 1.57 15.03 -48.68
N THR C 50 2.81 15.17 -49.13
CA THR C 50 3.10 15.91 -50.36
C THR C 50 3.02 14.98 -51.56
N TRP C 51 2.57 15.51 -52.69
CA TRP C 51 2.19 14.70 -53.85
C TRP C 51 2.92 15.19 -55.09
N PHE C 52 3.62 14.28 -55.76
CA PHE C 52 4.35 14.57 -56.99
C PHE C 52 3.87 13.66 -58.12
N HIS C 53 4.02 14.16 -59.34
CA HIS C 53 3.62 13.47 -60.55
C HIS C 53 4.84 13.17 -61.42
N ALA C 54 4.72 12.12 -62.24
CA ALA C 54 5.62 11.86 -63.35
C ALA C 54 4.72 11.39 -64.49
N ILE C 55 4.19 12.34 -65.26
CA ILE C 55 3.20 12.05 -66.29
C ILE C 55 3.50 12.83 -67.56
N ARG C 65 4.76 17.94 -65.72
CA ARG C 65 4.76 17.32 -64.41
C ARG C 65 5.75 16.15 -64.35
N PHE C 66 7.00 16.48 -64.02
CA PHE C 66 8.05 15.47 -63.90
C PHE C 66 9.11 16.02 -62.97
N ASP C 67 9.16 15.51 -61.74
CA ASP C 67 10.06 16.05 -60.72
C ASP C 67 10.58 14.91 -59.84
N ASN C 68 11.77 15.14 -59.27
CA ASN C 68 12.38 14.25 -58.31
C ASN C 68 13.38 15.03 -57.45
N PRO C 69 12.93 16.00 -56.67
CA PRO C 69 13.87 16.86 -55.95
C PRO C 69 14.43 16.17 -54.71
N VAL C 70 15.45 16.81 -54.14
CA VAL C 70 16.08 16.31 -52.93
C VAL C 70 15.20 16.66 -51.74
N LEU C 71 14.73 15.63 -51.03
CA LEU C 71 13.84 15.85 -49.89
C LEU C 71 14.55 15.52 -48.59
N PRO C 72 14.37 16.34 -47.56
CA PRO C 72 15.04 16.08 -46.28
C PRO C 72 14.56 14.79 -45.65
N PHE C 73 15.45 14.16 -44.88
CA PHE C 73 15.17 12.92 -44.16
C PHE C 73 15.32 13.23 -42.67
N ASN C 74 14.21 13.59 -42.02
CA ASN C 74 14.27 14.05 -40.64
C ASN C 74 14.36 12.89 -39.66
N ASP C 75 13.30 12.09 -39.56
CA ASP C 75 13.28 10.99 -38.59
C ASP C 75 12.71 9.70 -39.16
N GLY C 76 12.26 9.68 -40.41
CA GLY C 76 11.63 8.50 -40.98
C GLY C 76 10.64 8.90 -42.05
N VAL C 77 10.58 8.14 -43.14
CA VAL C 77 9.86 8.57 -44.34
C VAL C 77 8.82 7.52 -44.72
N TYR C 78 7.59 7.96 -44.96
CA TYR C 78 6.56 7.13 -45.57
C TYR C 78 6.43 7.54 -47.04
N PHE C 79 6.60 6.57 -47.93
CA PHE C 79 6.64 6.82 -49.36
C PHE C 79 5.64 5.91 -50.04
N ALA C 80 4.61 6.49 -50.66
CA ALA C 80 3.62 5.74 -51.41
C ALA C 80 3.77 6.04 -52.90
N SER C 81 3.43 5.06 -53.73
CA SER C 81 3.56 5.22 -55.17
C SER C 81 2.40 4.53 -55.86
N THR C 82 1.69 5.28 -56.70
CA THR C 82 0.62 4.74 -57.55
C THR C 82 1.13 4.73 -58.98
N GLU C 83 1.16 3.54 -59.58
CA GLU C 83 1.78 3.39 -60.89
C GLU C 83 1.18 2.20 -61.62
N LYS C 84 1.50 2.11 -62.90
CA LYS C 84 1.04 1.04 -63.79
C LYS C 84 2.17 0.26 -64.44
N SER C 85 3.25 0.93 -64.85
CA SER C 85 4.33 0.29 -65.60
C SER C 85 5.69 0.57 -64.96
N ASN C 86 5.74 0.59 -63.63
CA ASN C 86 6.99 0.60 -62.86
C ASN C 86 7.85 1.82 -63.22
N ILE C 87 7.32 3.00 -62.90
CA ILE C 87 8.09 4.23 -63.09
C ILE C 87 9.13 4.39 -61.99
N ILE C 88 8.73 4.18 -60.73
CA ILE C 88 9.66 4.27 -59.61
C ILE C 88 10.66 3.12 -59.70
N ARG C 89 11.94 3.44 -59.51
CA ARG C 89 12.98 2.43 -59.61
C ARG C 89 13.85 2.28 -58.37
N GLY C 90 13.97 3.29 -57.53
CA GLY C 90 14.80 3.17 -56.35
C GLY C 90 14.95 4.51 -55.65
N TRP C 91 15.89 4.51 -54.70
CA TRP C 91 16.16 5.69 -53.88
C TRP C 91 17.64 5.80 -53.59
N ILE C 92 18.04 7.03 -53.26
CA ILE C 92 19.41 7.37 -52.89
C ILE C 92 19.36 8.14 -51.58
N PHE C 93 20.14 7.69 -50.60
CA PHE C 93 20.17 8.29 -49.27
C PHE C 93 21.59 8.75 -48.96
N GLY C 94 21.69 9.86 -48.25
CA GLY C 94 22.99 10.38 -47.85
C GLY C 94 22.84 11.71 -47.16
N THR C 95 24.00 12.29 -46.82
CA THR C 95 24.04 13.61 -46.18
C THR C 95 24.61 14.69 -47.07
N THR C 96 25.43 14.33 -48.06
CA THR C 96 25.97 15.29 -49.02
C THR C 96 25.82 14.85 -50.46
N LEU C 97 25.67 13.55 -50.73
CA LEU C 97 25.42 13.02 -52.08
C LEU C 97 26.59 13.32 -53.02
N ASP C 98 27.80 13.12 -52.53
CA ASP C 98 29.00 13.21 -53.36
C ASP C 98 30.03 12.22 -52.84
N SER C 99 31.22 12.24 -53.44
CA SER C 99 32.27 11.31 -53.06
C SER C 99 32.88 11.61 -51.70
N LYS C 100 32.56 12.76 -51.11
CA LYS C 100 33.17 13.12 -49.83
C LYS C 100 32.59 12.30 -48.67
N THR C 101 31.34 11.84 -48.81
CA THR C 101 30.68 11.09 -47.75
C THR C 101 30.06 9.82 -48.32
N GLN C 102 29.95 8.81 -47.46
CA GLN C 102 29.32 7.56 -47.87
C GLN C 102 27.83 7.76 -48.13
N SER C 103 27.31 7.03 -49.11
CA SER C 103 25.91 7.13 -49.49
C SER C 103 25.36 5.76 -49.81
N LEU C 104 24.05 5.61 -49.60
CA LEU C 104 23.34 4.36 -49.81
C LEU C 104 22.49 4.46 -51.06
N LEU C 105 22.50 3.40 -51.87
CA LEU C 105 21.73 3.36 -53.10
C LEU C 105 20.94 2.06 -53.16
N ILE C 106 19.63 2.16 -53.38
CA ILE C 106 18.77 1.01 -53.62
C ILE C 106 18.16 1.18 -55.00
N VAL C 107 18.30 0.18 -55.86
CA VAL C 107 17.87 0.29 -57.24
C VAL C 107 17.28 -1.03 -57.71
N ASN C 108 16.33 -0.94 -58.63
CA ASN C 108 15.68 -2.09 -59.26
C ASN C 108 15.83 -1.92 -60.77
N ASN C 109 16.82 -2.60 -61.36
CA ASN C 109 17.19 -2.37 -62.75
C ASN C 109 16.56 -3.39 -63.70
N ALA C 110 15.32 -3.79 -63.40
CA ALA C 110 14.46 -4.57 -64.28
C ALA C 110 14.87 -6.02 -64.38
N THR C 111 15.98 -6.40 -63.75
CA THR C 111 16.39 -7.79 -63.64
C THR C 111 16.90 -8.17 -62.26
N ASN C 112 17.36 -7.21 -61.46
CA ASN C 112 17.87 -7.49 -60.12
C ASN C 112 17.60 -6.28 -59.24
N VAL C 113 17.65 -6.49 -57.93
CA VAL C 113 17.62 -5.42 -56.94
C VAL C 113 19.00 -5.32 -56.32
N VAL C 114 19.54 -4.10 -56.29
CA VAL C 114 20.90 -3.85 -55.84
C VAL C 114 20.85 -2.84 -54.69
N ILE C 115 21.50 -3.17 -53.58
CA ILE C 115 21.65 -2.27 -52.44
C ILE C 115 23.13 -2.12 -52.17
N LYS C 116 23.63 -0.89 -52.28
CA LYS C 116 25.05 -0.63 -52.13
C LYS C 116 25.27 0.53 -51.17
N VAL C 117 26.39 0.48 -50.45
CA VAL C 117 26.80 1.56 -49.54
C VAL C 117 28.20 1.97 -49.97
N CYS C 118 28.29 3.03 -50.77
CA CYS C 118 29.57 3.43 -51.35
C CYS C 118 29.65 4.94 -51.37
N GLU C 119 30.87 5.47 -51.52
CA GLU C 119 31.08 6.91 -51.67
C GLU C 119 30.83 7.28 -53.14
N PHE C 120 29.56 7.18 -53.53
CA PHE C 120 29.17 7.46 -54.90
C PHE C 120 29.36 8.94 -55.23
N GLN C 121 29.75 9.22 -56.47
CA GLN C 121 29.71 10.58 -57.01
C GLN C 121 28.48 10.67 -57.92
N PHE C 122 27.34 10.95 -57.29
CA PHE C 122 26.07 10.93 -58.01
C PHE C 122 26.00 12.04 -59.04
N CYS C 123 25.34 11.74 -60.16
CA CYS C 123 25.11 12.75 -61.18
C CYS C 123 24.09 13.76 -60.68
N ASN C 124 24.08 14.94 -61.33
CA ASN C 124 23.18 16.00 -60.90
C ASN C 124 21.72 15.61 -61.11
N ASP C 125 21.43 14.92 -62.21
CA ASP C 125 20.06 14.50 -62.53
C ASP C 125 20.07 13.00 -62.82
N PRO C 126 20.04 12.16 -61.78
CA PRO C 126 20.05 10.72 -61.99
C PRO C 126 18.74 10.24 -62.62
N PHE C 127 18.87 9.20 -63.44
CA PHE C 127 17.71 8.58 -64.09
C PHE C 127 18.15 7.25 -64.69
N LEU C 128 17.16 6.42 -65.01
CA LEU C 128 17.38 5.15 -65.69
C LEU C 128 16.64 5.17 -67.02
N GLY C 129 17.37 4.92 -68.12
CA GLY C 129 16.81 5.04 -69.45
C GLY C 129 16.19 3.75 -69.93
N VAL C 130 14.98 3.86 -70.48
CA VAL C 130 14.27 2.73 -71.07
C VAL C 130 13.89 3.11 -72.50
N TYR C 131 14.26 2.27 -73.46
CA TYR C 131 13.97 2.55 -74.86
C TYR C 131 12.56 2.06 -75.21
N MET C 140 16.33 -2.32 -74.37
CA MET C 140 15.58 -2.27 -73.12
C MET C 140 16.17 -1.20 -72.21
N GLU C 141 16.68 -1.63 -71.05
CA GLU C 141 17.38 -0.73 -70.14
C GLU C 141 18.71 -0.33 -70.77
N SER C 142 18.83 0.93 -71.17
CA SER C 142 19.96 1.37 -71.98
C SER C 142 20.86 2.39 -71.31
N GLU C 143 20.41 3.08 -70.27
CA GLU C 143 21.19 4.14 -69.65
C GLU C 143 21.27 3.92 -68.14
N PHE C 144 22.41 4.27 -67.57
CA PHE C 144 22.68 4.15 -66.14
C PHE C 144 23.33 5.43 -65.62
N ARG C 145 22.77 6.58 -65.98
CA ARG C 145 23.31 7.87 -65.57
C ARG C 145 22.88 8.17 -64.13
N VAL C 146 23.46 7.39 -63.21
CA VAL C 146 23.13 7.52 -61.79
C VAL C 146 24.29 8.20 -61.06
N TYR C 147 25.47 7.62 -61.15
CA TYR C 147 26.65 8.15 -60.48
C TYR C 147 27.82 8.19 -61.45
N SER C 148 28.70 9.17 -61.24
CA SER C 148 29.89 9.29 -62.09
C SER C 148 30.91 8.21 -61.77
N SER C 149 31.12 7.92 -60.48
CA SER C 149 32.09 6.92 -60.07
C SER C 149 31.65 6.29 -58.75
N ALA C 150 32.18 5.10 -58.48
CA ALA C 150 31.87 4.37 -57.27
C ALA C 150 33.14 3.74 -56.71
N ASN C 151 33.33 3.84 -55.40
CA ASN C 151 34.50 3.30 -54.74
C ASN C 151 34.21 3.20 -53.25
N ASN C 152 35.15 2.56 -52.53
CA ASN C 152 35.05 2.38 -51.08
C ASN C 152 33.75 1.69 -50.69
N CYS C 153 33.43 0.61 -51.39
CA CYS C 153 32.17 -0.11 -51.19
C CYS C 153 32.30 -1.08 -50.02
N THR C 154 31.71 -0.72 -48.88
CA THR C 154 31.79 -1.56 -47.69
C THR C 154 30.60 -2.49 -47.53
N PHE C 155 29.59 -2.38 -48.40
CA PHE C 155 28.41 -3.24 -48.29
C PHE C 155 27.71 -3.28 -49.64
N GLU C 156 27.41 -4.48 -50.11
CA GLU C 156 26.73 -4.66 -51.39
C GLU C 156 25.91 -5.93 -51.35
N TYR C 157 24.66 -5.85 -51.81
CA TYR C 157 23.77 -7.01 -51.87
C TYR C 157 22.99 -6.99 -53.17
N VAL C 158 22.93 -8.14 -53.82
CA VAL C 158 22.17 -8.33 -55.06
C VAL C 158 21.37 -9.61 -54.92
N SER C 159 20.15 -9.60 -55.47
CA SER C 159 19.27 -10.75 -55.40
C SER C 159 19.38 -11.59 -56.67
N GLN C 160 18.62 -12.68 -56.72
CA GLN C 160 18.64 -13.54 -57.88
C GLN C 160 18.01 -12.84 -59.08
N PRO C 161 18.48 -13.13 -60.29
CA PRO C 161 17.92 -12.48 -61.49
C PRO C 161 16.47 -12.88 -61.70
N PHE C 162 15.70 -11.95 -62.26
CA PHE C 162 14.30 -12.21 -62.59
C PHE C 162 13.92 -11.53 -63.90
N PHE C 173 -3.45 3.47 -63.80
CA PHE C 173 -3.16 3.18 -62.39
C PHE C 173 -3.72 1.82 -61.99
N LYS C 174 -2.83 0.89 -61.67
CA LYS C 174 -3.23 -0.45 -61.26
C LYS C 174 -2.51 -0.98 -60.03
N ASN C 175 -1.42 -0.35 -59.61
CA ASN C 175 -0.65 -0.82 -58.45
C ASN C 175 -0.36 0.34 -57.51
N LEU C 176 -0.39 0.06 -56.21
CA LEU C 176 -0.01 1.02 -55.18
C LEU C 176 0.94 0.33 -54.22
N ARG C 177 2.08 0.96 -53.96
CA ARG C 177 3.11 0.41 -53.09
C ARG C 177 3.45 1.41 -51.99
N GLU C 178 3.48 0.93 -50.76
CA GLU C 178 3.78 1.75 -49.60
C GLU C 178 5.05 1.25 -48.93
N PHE C 179 5.94 2.18 -48.59
CA PHE C 179 7.20 1.86 -47.95
C PHE C 179 7.40 2.78 -46.75
N VAL C 180 8.02 2.23 -45.71
CA VAL C 180 8.36 2.98 -44.50
C VAL C 180 9.84 2.78 -44.24
N PHE C 181 10.58 3.89 -44.18
CA PHE C 181 12.02 3.87 -43.94
C PHE C 181 12.31 4.50 -42.58
N LYS C 182 13.06 3.78 -41.75
CA LYS C 182 13.51 4.28 -40.46
C LYS C 182 15.00 4.03 -40.31
N ASN C 183 15.66 4.90 -39.55
CA ASN C 183 17.10 4.81 -39.30
C ASN C 183 17.32 4.91 -37.79
N ILE C 184 17.59 3.78 -37.14
CA ILE C 184 17.73 3.72 -35.69
C ILE C 184 19.04 3.03 -35.35
N ASP C 185 19.87 3.69 -34.55
CA ASP C 185 21.18 3.23 -34.11
C ASP C 185 21.94 2.49 -35.20
N GLY C 186 22.09 3.17 -36.34
CA GLY C 186 22.85 2.63 -37.45
C GLY C 186 22.06 1.69 -38.33
N TYR C 187 21.17 0.91 -37.73
CA TYR C 187 20.32 0.00 -38.50
C TYR C 187 19.32 0.78 -39.34
N PHE C 188 19.04 0.27 -40.52
CA PHE C 188 18.09 0.84 -41.45
C PHE C 188 16.96 -0.16 -41.65
N LYS C 189 15.74 0.24 -41.29
CA LYS C 189 14.58 -0.65 -41.33
C LYS C 189 13.65 -0.22 -42.46
N ILE C 190 13.27 -1.17 -43.30
CA ILE C 190 12.40 -0.95 -44.44
C ILE C 190 11.18 -1.86 -44.27
N TYR C 191 9.99 -1.25 -44.28
CA TYR C 191 8.73 -1.96 -44.27
C TYR C 191 8.01 -1.73 -45.60
N SER C 192 7.35 -2.76 -46.11
CA SER C 192 6.76 -2.68 -47.45
C SER C 192 5.36 -3.27 -47.45
N LYS C 193 4.54 -2.77 -48.38
CA LYS C 193 3.21 -3.31 -48.64
C LYS C 193 2.79 -2.92 -50.06
N HIS C 194 1.88 -3.70 -50.62
CA HIS C 194 1.43 -3.49 -51.99
C HIS C 194 -0.02 -3.93 -52.13
N THR C 195 -0.76 -3.21 -52.97
CA THR C 195 -2.17 -3.53 -53.20
C THR C 195 -2.60 -2.99 -54.55
N PRO C 196 -3.50 -3.67 -55.25
CA PRO C 196 -4.02 -3.13 -56.52
C PRO C 196 -5.06 -2.04 -56.27
N ILE C 197 -4.82 -0.88 -56.89
CA ILE C 197 -5.74 0.26 -56.79
C ILE C 197 -5.97 0.81 -58.19
N ASN C 198 -7.24 1.00 -58.55
CA ASN C 198 -7.60 1.40 -59.90
C ASN C 198 -8.13 2.83 -60.00
N LEU C 199 -8.27 3.54 -58.89
CA LEU C 199 -8.74 4.92 -58.98
C LEU C 199 -7.64 5.83 -59.53
N VAL C 200 -8.02 7.05 -59.90
CA VAL C 200 -7.21 7.86 -60.80
C VAL C 200 -6.18 8.74 -60.10
N ARG C 201 -6.60 9.55 -59.13
CA ARG C 201 -5.75 10.63 -58.64
C ARG C 201 -5.37 10.49 -57.17
N ASP C 202 -6.35 10.41 -56.27
CA ASP C 202 -6.07 10.60 -54.86
C ASP C 202 -5.50 9.33 -54.22
N LEU C 203 -5.13 9.44 -52.95
CA LEU C 203 -4.75 8.27 -52.18
C LEU C 203 -6.00 7.53 -51.72
N PRO C 204 -6.15 6.25 -52.03
CA PRO C 204 -7.36 5.52 -51.62
C PRO C 204 -7.49 5.47 -50.10
N GLN C 205 -8.72 5.57 -49.63
CA GLN C 205 -9.01 5.52 -48.20
C GLN C 205 -9.26 4.08 -47.79
N GLY C 206 -8.58 3.65 -46.74
CA GLY C 206 -8.71 2.29 -46.26
C GLY C 206 -7.54 1.91 -45.38
N PHE C 207 -7.79 0.92 -44.51
CA PHE C 207 -6.77 0.47 -43.58
C PHE C 207 -5.71 -0.36 -44.31
N SER C 208 -4.46 -0.17 -43.92
CA SER C 208 -3.34 -0.90 -44.50
C SER C 208 -2.27 -1.08 -43.44
N ALA C 209 -1.84 -2.33 -43.25
CA ALA C 209 -0.84 -2.68 -42.24
C ALA C 209 0.41 -3.18 -42.96
N LEU C 210 1.49 -2.40 -42.87
CA LEU C 210 2.75 -2.79 -43.48
C LEU C 210 3.41 -3.88 -42.65
N GLU C 211 4.38 -4.56 -43.27
CA GLU C 211 5.07 -5.67 -42.64
C GLU C 211 6.57 -5.44 -42.68
N PRO C 212 7.32 -5.98 -41.70
CA PRO C 212 8.78 -5.81 -41.69
C PRO C 212 9.42 -6.53 -42.86
N LEU C 213 10.11 -5.78 -43.71
CA LEU C 213 10.73 -6.34 -44.91
C LEU C 213 12.23 -6.57 -44.73
N VAL C 214 12.99 -5.52 -44.45
CA VAL C 214 14.45 -5.61 -44.46
C VAL C 214 15.03 -4.81 -43.29
N ASP C 215 16.09 -5.34 -42.68
CA ASP C 215 16.89 -4.62 -41.70
C ASP C 215 18.35 -4.73 -42.11
N LEU C 216 18.99 -3.58 -42.36
CA LEU C 216 20.36 -3.56 -42.85
C LEU C 216 21.29 -2.82 -41.88
N PRO C 217 22.49 -3.34 -41.65
CA PRO C 217 23.46 -2.64 -40.79
C PRO C 217 24.37 -1.69 -41.57
N ILE C 218 23.77 -0.67 -42.18
CA ILE C 218 24.55 0.27 -42.97
C ILE C 218 25.42 1.15 -42.07
N GLY C 219 24.86 1.65 -40.98
CA GLY C 219 25.60 2.47 -40.03
C GLY C 219 26.17 3.74 -40.61
N ILE C 220 25.37 4.50 -41.35
CA ILE C 220 25.81 5.73 -41.99
C ILE C 220 24.92 6.89 -41.56
N ASN C 221 25.31 8.09 -41.95
CA ASN C 221 24.55 9.30 -41.69
C ASN C 221 23.63 9.56 -42.87
N ILE C 222 22.33 9.71 -42.60
CA ILE C 222 21.33 9.97 -43.62
C ILE C 222 20.52 11.20 -43.20
N THR C 223 20.54 12.23 -44.04
CA THR C 223 19.73 13.43 -43.81
C THR C 223 18.94 13.88 -45.02
N ARG C 224 19.31 13.47 -46.24
CA ARG C 224 18.60 13.81 -47.45
C ARG C 224 18.42 12.58 -48.30
N PHE C 225 17.37 12.56 -49.11
CA PHE C 225 17.10 11.43 -49.98
C PHE C 225 16.47 11.92 -51.28
N GLN C 226 16.67 11.14 -52.34
CA GLN C 226 16.11 11.43 -53.64
C GLN C 226 15.62 10.13 -54.27
N THR C 227 14.58 10.24 -55.10
CA THR C 227 13.97 9.09 -55.75
C THR C 227 14.51 8.91 -57.17
N LEU C 228 14.36 7.69 -57.68
CA LEU C 228 14.84 7.33 -59.00
C LEU C 228 13.66 7.05 -59.93
N LEU C 229 13.64 7.71 -61.08
CA LEU C 229 12.58 7.59 -62.05
C LEU C 229 13.07 6.90 -63.31
N ALA C 230 12.18 6.17 -63.97
CA ALA C 230 12.49 5.46 -65.20
C ALA C 230 12.06 6.33 -66.37
N LEU C 231 13.02 6.99 -67.00
CA LEU C 231 12.73 7.86 -68.13
C LEU C 231 12.65 7.04 -69.41
N HIS C 232 11.55 7.17 -70.13
CA HIS C 232 11.28 6.40 -71.34
C HIS C 232 11.52 7.26 -72.57
N ARG C 233 12.25 6.72 -73.54
CA ARG C 233 12.51 7.42 -74.79
C ARG C 233 11.92 6.66 -75.97
N GLY C 248 6.57 9.22 -68.27
CA GLY C 248 5.93 8.36 -67.30
C GLY C 248 4.44 8.58 -67.20
N ALA C 249 3.77 7.75 -66.38
CA ALA C 249 2.34 7.89 -66.15
C ALA C 249 1.97 7.63 -64.69
N ALA C 250 2.86 7.94 -63.76
CA ALA C 250 2.69 7.54 -62.36
C ALA C 250 2.69 8.75 -61.44
N ALA C 251 2.46 8.49 -60.16
CA ALA C 251 2.49 9.54 -59.15
C ALA C 251 2.95 8.93 -57.83
N TYR C 252 3.38 9.78 -56.92
CA TYR C 252 3.84 9.30 -55.62
C TYR C 252 3.62 10.38 -54.56
N TYR C 253 3.70 9.94 -53.31
CA TYR C 253 3.41 10.76 -52.13
C TYR C 253 4.50 10.52 -51.10
N VAL C 254 4.91 11.59 -50.43
CA VAL C 254 5.97 11.54 -49.42
C VAL C 254 5.47 12.22 -48.14
N GLY C 255 5.70 11.56 -47.01
CA GLY C 255 5.30 12.10 -45.73
C GLY C 255 6.31 11.73 -44.65
N TYR C 256 6.22 12.46 -43.54
CA TYR C 256 7.18 12.34 -42.45
C TYR C 256 6.52 11.70 -41.23
N LEU C 257 7.23 10.76 -40.62
CA LEU C 257 6.75 10.10 -39.41
C LEU C 257 7.06 10.95 -38.19
N GLN C 258 6.26 10.75 -37.13
CA GLN C 258 6.45 11.44 -35.86
C GLN C 258 6.18 10.46 -34.72
N PRO C 259 6.76 10.71 -33.55
CA PRO C 259 6.49 9.82 -32.41
C PRO C 259 5.05 9.94 -31.95
N ARG C 260 4.38 8.79 -31.82
CA ARG C 260 2.97 8.74 -31.50
C ARG C 260 2.67 7.49 -30.70
N THR C 261 1.54 7.53 -29.98
CA THR C 261 0.99 6.40 -29.27
C THR C 261 -0.23 5.91 -30.07
N PHE C 262 -0.20 4.64 -30.45
CA PHE C 262 -1.24 4.04 -31.29
C PHE C 262 -1.87 2.87 -30.57
N LEU C 263 -3.20 2.80 -30.62
CA LEU C 263 -3.95 1.67 -30.07
C LEU C 263 -4.43 0.82 -31.24
N LEU C 264 -3.92 -0.40 -31.34
CA LEU C 264 -4.19 -1.30 -32.46
C LEU C 264 -5.13 -2.41 -32.01
N LYS C 265 -6.16 -2.67 -32.80
CA LYS C 265 -7.11 -3.74 -32.53
C LYS C 265 -6.77 -4.94 -33.40
N TYR C 266 -6.48 -6.07 -32.76
CA TYR C 266 -6.08 -7.28 -33.46
C TYR C 266 -7.30 -8.14 -33.77
N ASN C 267 -7.37 -8.64 -34.99
CA ASN C 267 -8.47 -9.48 -35.43
C ASN C 267 -8.37 -10.86 -34.78
N GLU C 268 -9.42 -11.67 -34.98
CA GLU C 268 -9.39 -13.04 -34.49
C GLU C 268 -8.29 -13.84 -35.17
N ASN C 269 -8.09 -13.62 -36.47
CA ASN C 269 -6.95 -14.16 -37.18
C ASN C 269 -5.76 -13.22 -37.05
N GLY C 270 -4.59 -13.69 -37.48
CA GLY C 270 -3.36 -12.96 -37.23
C GLY C 270 -3.15 -11.72 -38.07
N THR C 271 -3.95 -10.68 -37.83
CA THR C 271 -3.79 -9.42 -38.53
C THR C 271 -4.44 -8.31 -37.71
N ILE C 272 -4.10 -7.07 -38.06
CA ILE C 272 -4.66 -5.88 -37.43
C ILE C 272 -5.76 -5.32 -38.34
N THR C 273 -6.83 -4.82 -37.72
CA THR C 273 -7.97 -4.32 -38.49
C THR C 273 -8.29 -2.85 -38.24
N ASP C 274 -7.83 -2.26 -37.14
CA ASP C 274 -8.17 -0.88 -36.84
C ASP C 274 -7.10 -0.28 -35.92
N ALA C 275 -6.96 1.05 -36.01
CA ALA C 275 -5.98 1.77 -35.21
C ALA C 275 -6.58 3.08 -34.74
N VAL C 276 -6.13 3.54 -33.58
CA VAL C 276 -6.56 4.80 -32.98
C VAL C 276 -5.32 5.61 -32.61
N ASP C 277 -5.30 6.87 -33.02
CA ASP C 277 -4.24 7.81 -32.67
C ASP C 277 -4.68 8.61 -31.45
N CYS C 278 -3.92 8.51 -30.36
CA CYS C 278 -4.29 9.15 -29.10
C CYS C 278 -4.07 10.66 -29.09
N ALA C 279 -3.80 11.32 -30.22
CA ALA C 279 -3.59 12.76 -30.23
C ALA C 279 -4.31 13.45 -31.39
N LEU C 280 -5.16 12.73 -32.12
CA LEU C 280 -5.85 13.33 -33.27
C LEU C 280 -6.88 14.37 -32.81
N ASP C 281 -7.71 14.01 -31.84
CA ASP C 281 -8.78 14.87 -31.36
C ASP C 281 -9.18 14.41 -29.97
N PRO C 282 -9.91 15.24 -29.22
CA PRO C 282 -10.28 14.85 -27.85
C PRO C 282 -11.04 13.54 -27.76
N LEU C 283 -11.88 13.21 -28.76
CA LEU C 283 -12.58 11.94 -28.72
C LEU C 283 -11.61 10.77 -28.76
N SER C 284 -10.56 10.86 -29.57
CA SER C 284 -9.55 9.82 -29.59
C SER C 284 -8.80 9.74 -28.26
N GLU C 285 -8.58 10.88 -27.60
CA GLU C 285 -7.99 10.86 -26.28
C GLU C 285 -8.88 10.11 -25.29
N THR C 286 -10.19 10.36 -25.35
CA THR C 286 -11.13 9.64 -24.49
C THR C 286 -11.13 8.15 -24.80
N LYS C 287 -11.08 7.80 -26.09
CA LYS C 287 -11.05 6.39 -26.48
C LYS C 287 -9.80 5.71 -25.95
N CYS C 288 -8.65 6.37 -26.05
CA CYS C 288 -7.41 5.80 -25.53
C CYS C 288 -7.46 5.67 -24.01
N THR C 289 -8.01 6.68 -23.32
CA THR C 289 -8.13 6.62 -21.87
C THR C 289 -9.02 5.47 -21.43
N LEU C 290 -10.15 5.28 -22.10
CA LEU C 290 -11.03 4.16 -21.82
C LEU C 290 -10.51 2.85 -22.42
N LYS C 291 -9.51 2.93 -23.31
CA LYS C 291 -8.92 1.75 -23.95
C LYS C 291 -9.99 0.91 -24.66
N SER C 292 -10.86 1.60 -25.38
CA SER C 292 -11.91 0.94 -26.16
C SER C 292 -12.23 1.80 -27.38
N PHE C 293 -12.78 1.15 -28.40
CA PHE C 293 -13.11 1.83 -29.64
C PHE C 293 -14.50 2.47 -29.63
N THR C 294 -15.30 2.21 -28.60
CA THR C 294 -16.63 2.78 -28.47
C THR C 294 -16.76 3.47 -27.12
N VAL C 295 -17.43 4.62 -27.10
CA VAL C 295 -17.59 5.42 -25.90
C VAL C 295 -19.07 5.64 -25.66
N GLU C 296 -19.52 5.37 -24.44
CA GLU C 296 -20.92 5.58 -24.07
C GLU C 296 -21.17 7.05 -23.76
N LYS C 297 -22.46 7.39 -23.65
CA LYS C 297 -22.85 8.77 -23.41
C LYS C 297 -22.40 9.23 -22.03
N GLY C 298 -21.81 10.43 -21.97
CA GLY C 298 -21.46 11.02 -20.70
C GLY C 298 -20.36 12.06 -20.85
N ILE C 299 -19.63 12.23 -19.76
CA ILE C 299 -18.52 13.17 -19.64
C ILE C 299 -17.30 12.41 -19.12
N TYR C 300 -16.14 12.73 -19.68
CA TYR C 300 -14.90 12.08 -19.26
C TYR C 300 -13.79 13.11 -19.12
N GLN C 301 -12.80 12.78 -18.30
CA GLN C 301 -11.64 13.63 -18.08
C GLN C 301 -10.49 13.21 -18.98
N THR C 302 -9.64 14.19 -19.31
CA THR C 302 -8.47 13.93 -20.14
C THR C 302 -7.22 14.54 -19.52
N SER C 303 -6.11 14.51 -20.25
CA SER C 303 -4.84 14.99 -19.72
C SER C 303 -4.83 16.52 -19.64
N ASN C 304 -3.84 17.03 -18.92
CA ASN C 304 -3.70 18.47 -18.72
C ASN C 304 -3.29 19.16 -20.02
N PHE C 305 -3.56 20.47 -20.08
CA PHE C 305 -3.16 21.26 -21.23
C PHE C 305 -1.64 21.36 -21.30
N ARG C 306 -1.11 21.35 -22.52
CA ARG C 306 0.33 21.14 -22.73
C ARG C 306 1.15 22.42 -22.60
N VAL C 307 0.86 23.42 -23.44
CA VAL C 307 1.66 24.64 -23.55
C VAL C 307 3.11 24.27 -23.86
N GLN C 308 3.38 23.95 -25.12
CA GLN C 308 4.74 23.58 -25.51
C GLN C 308 5.64 24.81 -25.51
N PRO C 309 6.88 24.68 -25.03
CA PRO C 309 7.77 25.85 -25.01
C PRO C 309 8.26 26.25 -26.38
N THR C 310 8.69 25.29 -27.20
CA THR C 310 9.14 25.53 -28.57
C THR C 310 10.31 26.51 -28.65
N GLU C 311 11.15 26.54 -27.61
CA GLU C 311 12.31 27.42 -27.60
C GLU C 311 13.29 26.94 -26.54
N SER C 312 14.59 27.01 -26.86
CA SER C 312 15.65 26.61 -25.95
C SER C 312 16.54 27.82 -25.68
N ILE C 313 16.82 28.08 -24.40
CA ILE C 313 17.62 29.21 -23.96
C ILE C 313 18.74 28.69 -23.07
N VAL C 314 19.96 29.18 -23.29
CA VAL C 314 21.13 28.79 -22.52
C VAL C 314 21.74 30.04 -21.91
N ARG C 315 21.98 30.01 -20.60
CA ARG C 315 22.60 31.11 -19.88
C ARG C 315 23.80 30.60 -19.10
N PHE C 316 24.99 31.07 -19.45
CA PHE C 316 26.23 30.69 -18.80
C PHE C 316 27.05 31.94 -18.49
N PRO C 317 27.86 31.90 -17.45
CA PRO C 317 28.79 33.02 -17.21
C PRO C 317 29.77 33.17 -18.36
N ASN C 318 30.10 34.42 -18.68
CA ASN C 318 30.95 34.72 -19.84
C ASN C 318 32.42 34.65 -19.43
N ILE C 319 32.88 33.43 -19.18
CA ILE C 319 34.28 33.16 -18.86
C ILE C 319 35.00 32.79 -20.15
N THR C 320 36.13 33.46 -20.40
CA THR C 320 36.86 33.28 -21.65
C THR C 320 38.21 32.61 -21.50
N ASN C 321 38.70 32.46 -20.27
CA ASN C 321 40.02 31.87 -20.05
C ASN C 321 39.94 30.35 -20.02
N LEU C 322 41.09 29.70 -20.19
CA LEU C 322 41.21 28.26 -20.18
C LEU C 322 41.72 27.78 -18.83
N CYS C 323 41.31 26.56 -18.46
CA CYS C 323 41.65 26.01 -17.16
C CYS C 323 43.14 25.63 -17.11
N PRO C 324 43.71 25.54 -15.91
CA PRO C 324 45.12 25.17 -15.80
C PRO C 324 45.38 23.71 -16.16
N PHE C 325 45.44 23.42 -17.46
CA PHE C 325 45.72 22.07 -17.93
C PHE C 325 47.22 21.82 -18.07
N GLY C 326 47.97 22.81 -18.54
CA GLY C 326 49.40 22.67 -18.72
C GLY C 326 50.18 22.59 -17.42
N GLU C 327 50.15 23.66 -16.64
CA GLU C 327 50.96 23.76 -15.43
C GLU C 327 50.42 22.91 -14.27
N VAL C 328 49.47 22.01 -14.53
CA VAL C 328 48.99 21.06 -13.54
C VAL C 328 49.31 19.63 -13.96
N PHE C 329 48.96 19.25 -15.19
CA PHE C 329 49.26 17.92 -15.69
C PHE C 329 50.70 17.77 -16.17
N ASN C 330 51.33 18.86 -16.59
CA ASN C 330 52.73 18.85 -17.00
C ASN C 330 53.67 19.33 -15.89
N ALA C 331 53.27 19.17 -14.64
CA ALA C 331 54.13 19.57 -13.53
C ALA C 331 55.36 18.67 -13.49
N THR C 332 56.55 19.29 -13.45
CA THR C 332 57.78 18.52 -13.47
C THR C 332 57.92 17.67 -12.22
N ARG C 333 57.59 18.22 -11.06
CA ARG C 333 57.70 17.52 -9.78
C ARG C 333 56.32 17.35 -9.17
N PHE C 334 56.02 16.14 -8.71
CA PHE C 334 54.79 15.85 -8.01
C PHE C 334 55.10 15.58 -6.54
N ALA C 335 54.29 16.15 -5.65
CA ALA C 335 54.48 15.98 -4.22
C ALA C 335 54.27 14.53 -3.82
N SER C 336 54.94 14.13 -2.73
CA SER C 336 54.83 12.76 -2.25
C SER C 336 53.45 12.50 -1.65
N VAL C 337 53.15 11.22 -1.46
CA VAL C 337 51.80 10.84 -1.04
C VAL C 337 51.52 11.33 0.38
N TYR C 338 52.51 11.29 1.27
CA TYR C 338 52.28 11.76 2.63
C TYR C 338 52.16 13.28 2.70
N ALA C 339 52.56 14.00 1.65
CA ALA C 339 52.45 15.45 1.57
C ALA C 339 51.81 15.84 0.24
N TRP C 340 50.69 15.19 -0.07
CA TRP C 340 50.02 15.40 -1.34
C TRP C 340 49.66 16.86 -1.55
N ASN C 341 49.83 17.34 -2.78
CA ASN C 341 49.67 18.76 -3.07
C ASN C 341 48.22 19.08 -3.40
N ARG C 342 47.75 20.24 -2.94
CA ARG C 342 46.39 20.69 -3.16
C ARG C 342 46.39 22.05 -3.84
N LYS C 343 45.49 22.22 -4.81
CA LYS C 343 45.40 23.45 -5.59
C LYS C 343 43.93 23.81 -5.79
N ARG C 344 43.65 25.11 -5.88
CA ARG C 344 42.32 25.63 -6.09
C ARG C 344 42.20 26.21 -7.50
N ILE C 345 41.09 25.92 -8.17
CA ILE C 345 40.86 26.34 -9.54
C ILE C 345 39.58 27.16 -9.60
N SER C 346 39.63 28.29 -10.31
CA SER C 346 38.46 29.14 -10.47
C SER C 346 38.58 29.96 -11.74
N ASN C 347 37.43 30.37 -12.26
CA ASN C 347 37.32 31.29 -13.40
C ASN C 347 38.04 30.73 -14.64
N CYS C 348 37.51 29.62 -15.14
CA CYS C 348 38.08 29.00 -16.33
C CYS C 348 37.04 28.11 -16.98
N VAL C 349 37.32 27.73 -18.23
CA VAL C 349 36.42 26.89 -19.02
C VAL C 349 37.03 25.49 -19.09
N ALA C 350 36.31 24.50 -18.57
CA ALA C 350 36.80 23.13 -18.48
C ALA C 350 36.54 22.40 -19.79
N ASP C 351 37.43 22.62 -20.74
CA ASP C 351 37.38 21.97 -22.05
C ASP C 351 38.52 20.96 -22.11
N TYR C 352 38.21 19.69 -21.87
CA TYR C 352 39.21 18.63 -21.84
C TYR C 352 39.54 18.08 -23.23
N SER C 353 38.90 18.59 -24.29
CA SER C 353 39.13 18.08 -25.63
C SER C 353 40.56 18.29 -26.09
N VAL C 354 41.31 19.19 -25.44
CA VAL C 354 42.71 19.40 -25.79
C VAL C 354 43.64 18.35 -25.21
N LEU C 355 43.11 17.44 -24.38
CA LEU C 355 43.93 16.41 -23.75
C LEU C 355 44.13 15.18 -24.63
N TYR C 356 43.39 15.04 -25.73
CA TYR C 356 43.50 13.84 -26.53
C TYR C 356 44.80 13.78 -27.33
N ASN C 357 45.38 14.94 -27.63
CA ASN C 357 46.54 14.97 -28.53
C ASN C 357 47.79 14.38 -27.89
N SER C 358 48.04 14.70 -26.61
CA SER C 358 49.31 14.32 -25.99
C SER C 358 49.16 13.81 -24.57
N ALA C 359 48.01 13.24 -24.20
CA ALA C 359 47.81 12.67 -22.88
C ALA C 359 47.12 11.32 -23.01
N SER C 360 47.54 10.37 -22.17
CA SER C 360 46.97 9.03 -22.16
C SER C 360 46.94 8.54 -20.72
N PHE C 361 45.74 8.25 -20.22
CA PHE C 361 45.53 7.89 -18.83
C PHE C 361 45.11 6.44 -18.73
N SER C 362 45.80 5.68 -17.87
CA SER C 362 45.50 4.26 -17.69
C SER C 362 44.38 4.01 -16.69
N THR C 363 43.99 5.02 -15.91
CA THR C 363 42.91 4.85 -14.94
C THR C 363 42.11 6.13 -14.85
N PHE C 364 40.79 6.03 -15.07
CA PHE C 364 39.91 7.18 -15.02
C PHE C 364 38.58 6.74 -14.43
N LYS C 365 38.12 7.45 -13.40
CA LYS C 365 36.85 7.13 -12.76
C LYS C 365 36.20 8.41 -12.28
N CYS C 366 34.88 8.40 -12.19
CA CYS C 366 34.14 9.54 -11.66
C CYS C 366 32.98 9.07 -10.80
N TYR C 367 32.77 9.73 -9.68
CA TYR C 367 31.72 9.42 -8.73
C TYR C 367 30.80 10.62 -8.58
N GLY C 368 29.49 10.38 -8.63
CA GLY C 368 28.50 11.42 -8.45
C GLY C 368 28.06 12.12 -9.71
N VAL C 369 28.70 11.85 -10.84
CA VAL C 369 28.32 12.51 -12.10
C VAL C 369 28.82 11.63 -13.25
N SER C 370 27.97 11.47 -14.26
CA SER C 370 28.36 10.72 -15.44
C SER C 370 29.36 11.54 -16.27
N PRO C 371 30.38 10.90 -16.83
CA PRO C 371 31.37 11.66 -17.62
C PRO C 371 30.78 12.40 -18.80
N THR C 372 29.78 11.82 -19.48
CA THR C 372 29.24 12.41 -20.69
C THR C 372 28.58 13.77 -20.44
N LYS C 373 28.15 14.03 -19.21
CA LYS C 373 27.55 15.31 -18.87
C LYS C 373 28.57 16.36 -18.47
N LEU C 374 29.85 15.99 -18.36
CA LEU C 374 30.86 16.93 -17.87
C LEU C 374 31.00 18.16 -18.75
N ASN C 375 30.57 18.09 -20.00
CA ASN C 375 30.66 19.22 -20.91
C ASN C 375 29.53 20.23 -20.71
N ASP C 376 28.49 19.88 -19.97
CA ASP C 376 27.31 20.73 -19.82
C ASP C 376 27.00 20.97 -18.34
N LEU C 377 28.02 21.31 -17.57
CA LEU C 377 27.86 21.53 -16.13
C LEU C 377 28.77 22.64 -15.67
N CYS C 378 28.43 23.19 -14.50
CA CYS C 378 29.24 24.21 -13.84
C CYS C 378 29.61 23.73 -12.44
N PHE C 379 30.85 23.99 -12.04
CA PHE C 379 31.40 23.51 -10.78
C PHE C 379 31.64 24.69 -9.85
N THR C 380 31.15 24.58 -8.61
CA THR C 380 31.25 25.69 -7.66
C THR C 380 32.66 25.80 -7.09
N ASN C 381 33.12 24.78 -6.38
CA ASN C 381 34.45 24.74 -5.80
C ASN C 381 35.25 23.64 -6.48
N VAL C 382 36.40 23.99 -7.06
CA VAL C 382 37.21 23.05 -7.81
C VAL C 382 38.56 22.92 -7.11
N TYR C 383 38.85 21.71 -6.61
CA TYR C 383 40.11 21.43 -5.95
C TYR C 383 40.79 20.26 -6.64
N ALA C 384 42.13 20.33 -6.72
CA ALA C 384 42.92 19.30 -7.38
C ALA C 384 44.01 18.83 -6.42
N ASP C 385 44.06 17.51 -6.18
CA ASP C 385 45.08 16.89 -5.36
C ASP C 385 46.00 16.08 -6.25
N SER C 386 47.30 16.23 -6.07
CA SER C 386 48.28 15.55 -6.90
C SER C 386 49.30 14.83 -6.03
N PHE C 387 49.67 13.61 -6.46
CA PHE C 387 50.73 12.87 -5.79
C PHE C 387 51.22 11.76 -6.72
N VAL C 388 52.22 11.01 -6.24
CA VAL C 388 52.81 9.89 -6.95
C VAL C 388 52.87 8.70 -6.01
N ILE C 389 52.46 7.52 -6.50
CA ILE C 389 52.37 6.32 -5.69
C ILE C 389 52.91 5.13 -6.48
N ARG C 390 52.85 3.96 -5.86
CA ARG C 390 53.17 2.70 -6.51
C ARG C 390 51.96 2.22 -7.31
N GLY C 391 52.22 1.46 -8.37
CA GLY C 391 51.15 1.06 -9.27
C GLY C 391 50.06 0.24 -8.59
N ASP C 392 50.46 -0.80 -7.85
CA ASP C 392 49.49 -1.68 -7.22
C ASP C 392 48.64 -0.97 -6.18
N GLU C 393 49.10 0.19 -5.68
CA GLU C 393 48.34 0.97 -4.72
C GLU C 393 47.34 1.91 -5.37
N VAL C 394 47.31 2.00 -6.70
CA VAL C 394 46.40 2.92 -7.38
C VAL C 394 44.95 2.56 -7.06
N ARG C 395 44.64 1.28 -6.95
CA ARG C 395 43.29 0.84 -6.62
C ARG C 395 42.87 1.25 -5.21
N GLN C 396 43.81 1.66 -4.36
CA GLN C 396 43.48 2.01 -2.98
C GLN C 396 42.82 3.38 -2.86
N ILE C 397 42.84 4.20 -3.91
CA ILE C 397 42.24 5.53 -3.88
C ILE C 397 40.81 5.37 -4.40
N ALA C 398 39.88 5.14 -3.46
CA ALA C 398 38.47 5.00 -3.75
C ALA C 398 37.70 5.05 -2.44
N PRO C 399 36.45 5.52 -2.44
CA PRO C 399 35.68 5.56 -1.19
C PRO C 399 35.49 4.17 -0.61
N GLY C 400 35.59 4.09 0.72
CA GLY C 400 35.40 2.84 1.43
C GLY C 400 36.57 1.89 1.40
N GLN C 401 37.70 2.28 0.80
CA GLN C 401 38.85 1.40 0.68
C GLN C 401 39.69 1.42 1.97
N THR C 402 40.61 0.47 2.06
CA THR C 402 41.54 0.38 3.17
C THR C 402 42.90 -0.04 2.64
N GLY C 403 43.88 -0.12 3.54
CA GLY C 403 45.22 -0.53 3.19
C GLY C 403 46.24 0.45 3.74
N LYS C 404 47.41 0.49 3.11
CA LYS C 404 48.48 1.37 3.56
C LYS C 404 48.18 2.82 3.19
N ILE C 405 48.02 3.09 1.89
CA ILE C 405 47.79 4.45 1.43
C ILE C 405 46.45 4.98 1.95
N ALA C 406 45.42 4.14 1.91
CA ALA C 406 44.08 4.60 2.27
C ALA C 406 43.96 4.97 3.74
N ASP C 407 44.77 4.37 4.60
CA ASP C 407 44.64 4.58 6.04
C ASP C 407 45.72 5.47 6.63
N TYR C 408 46.96 5.38 6.14
CA TYR C 408 48.06 6.12 6.74
C TYR C 408 48.49 7.35 5.95
N ASN C 409 48.12 7.45 4.67
CA ASN C 409 48.61 8.53 3.82
C ASN C 409 47.51 9.44 3.30
N TYR C 410 46.45 8.87 2.73
CA TYR C 410 45.43 9.68 2.05
C TYR C 410 44.13 8.91 2.01
N LYS C 411 43.06 9.54 2.49
CA LYS C 411 41.75 8.90 2.56
C LYS C 411 40.69 9.80 1.93
N LEU C 412 39.66 9.16 1.37
CA LEU C 412 38.55 9.85 0.73
C LEU C 412 37.26 9.64 1.52
N PRO C 413 36.36 10.62 1.54
CA PRO C 413 35.09 10.45 2.26
C PRO C 413 34.18 9.46 1.55
N ASP C 414 33.26 8.89 2.34
CA ASP C 414 32.30 7.93 1.78
C ASP C 414 31.34 8.61 0.81
N ASP C 415 30.98 9.86 1.06
CA ASP C 415 30.10 10.62 0.18
C ASP C 415 30.87 11.45 -0.84
N PHE C 416 32.05 10.99 -1.24
CA PHE C 416 32.90 11.75 -2.14
C PHE C 416 32.27 11.87 -3.52
N THR C 417 32.33 13.07 -4.09
CA THR C 417 31.92 13.33 -5.46
C THR C 417 33.06 14.02 -6.20
N GLY C 418 33.31 13.59 -7.41
CA GLY C 418 34.43 14.13 -8.17
C GLY C 418 34.95 13.08 -9.15
N CYS C 419 36.25 13.15 -9.43
CA CYS C 419 36.87 12.22 -10.36
C CYS C 419 38.29 11.90 -9.91
N VAL C 420 38.78 10.75 -10.34
CA VAL C 420 40.12 10.27 -10.06
C VAL C 420 40.78 9.89 -11.36
N ILE C 421 42.00 10.38 -11.58
CA ILE C 421 42.78 10.10 -12.79
C ILE C 421 44.16 9.61 -12.35
N ALA C 422 44.66 8.59 -13.03
CA ALA C 422 45.98 8.04 -12.72
C ALA C 422 46.61 7.52 -13.99
N TRP C 423 47.90 7.81 -14.16
CA TRP C 423 48.62 7.36 -15.35
C TRP C 423 50.05 6.99 -15.01
N ASN C 424 50.61 6.08 -15.81
CA ASN C 424 51.97 5.61 -15.61
C ASN C 424 52.97 6.70 -15.95
N SER C 425 54.04 6.79 -15.16
CA SER C 425 55.12 7.76 -15.38
C SER C 425 56.47 7.09 -15.15
N ASN C 426 56.64 5.89 -15.69
CA ASN C 426 57.87 5.13 -15.48
C ASN C 426 59.07 5.84 -16.11
N ASN C 427 58.89 6.43 -17.28
CA ASN C 427 59.98 7.05 -18.00
C ASN C 427 60.28 8.48 -17.56
N LEU C 428 59.56 9.00 -16.57
CA LEU C 428 59.76 10.36 -16.09
C LEU C 428 60.17 10.42 -14.62
N ASP C 429 59.59 9.58 -13.76
CA ASP C 429 59.88 9.64 -12.34
C ASP C 429 61.02 8.71 -11.93
N SER C 430 61.24 7.63 -12.68
CA SER C 430 62.29 6.68 -12.35
C SER C 430 63.60 7.05 -13.04
N LYS C 431 64.69 6.54 -12.51
CA LYS C 431 66.02 6.82 -13.05
C LYS C 431 66.93 5.63 -12.75
N VAL C 432 68.03 5.56 -13.51
CA VAL C 432 69.00 4.49 -13.30
C VAL C 432 69.64 4.65 -11.92
N GLY C 433 69.81 3.52 -11.23
CA GLY C 433 70.31 3.53 -9.88
C GLY C 433 69.28 3.73 -8.80
N GLY C 434 68.02 3.96 -9.17
CA GLY C 434 66.95 4.11 -8.20
C GLY C 434 66.72 5.54 -7.77
N ASN C 435 65.46 5.99 -7.83
CA ASN C 435 65.06 7.31 -7.36
C ASN C 435 64.41 7.16 -6.00
N TYR C 436 64.95 7.86 -5.00
CA TYR C 436 64.50 7.74 -3.61
C TYR C 436 64.00 9.06 -3.07
N ASN C 437 63.54 9.95 -3.95
CA ASN C 437 63.03 11.26 -3.54
C ASN C 437 61.56 11.22 -3.14
N TYR C 438 60.87 10.11 -3.37
CA TYR C 438 59.46 9.96 -3.01
C TYR C 438 59.34 9.08 -1.77
N LEU C 439 58.59 9.57 -0.79
CA LEU C 439 58.45 8.88 0.49
C LEU C 439 56.98 8.61 0.79
N TYR C 440 56.75 7.74 1.76
CA TYR C 440 55.42 7.43 2.26
C TYR C 440 55.51 7.09 3.74
N ARG C 441 54.35 7.05 4.39
CA ARG C 441 54.26 6.76 5.82
C ARG C 441 53.93 5.29 6.02
N LEU C 442 54.66 4.65 6.93
CA LEU C 442 54.49 3.23 7.20
C LEU C 442 53.80 2.95 8.53
N PHE C 443 54.06 3.73 9.57
CA PHE C 443 53.53 3.49 10.90
C PHE C 443 52.74 4.70 11.38
N ARG C 444 51.61 4.43 12.03
CA ARG C 444 50.80 5.48 12.64
C ARG C 444 49.99 4.87 13.77
N LYS C 445 49.58 5.72 14.70
CA LYS C 445 48.83 5.28 15.88
C LYS C 445 47.33 5.26 15.67
N SER C 446 46.84 5.71 14.52
CA SER C 446 45.41 5.75 14.25
C SER C 446 45.20 5.84 12.74
N ASN C 447 43.94 5.94 12.33
CA ASN C 447 43.56 6.05 10.93
C ASN C 447 43.19 7.49 10.59
N LEU C 448 43.64 7.95 9.43
CA LEU C 448 43.43 9.33 9.04
C LEU C 448 41.96 9.60 8.73
N LYS C 449 41.51 10.81 9.07
CA LYS C 449 40.20 11.28 8.67
C LYS C 449 40.22 11.64 7.18
N PRO C 450 39.06 11.74 6.54
CA PRO C 450 39.04 12.14 5.13
C PRO C 450 39.70 13.49 4.92
N PHE C 451 40.51 13.57 3.85
CA PHE C 451 41.24 14.79 3.50
C PHE C 451 42.07 15.32 4.67
N GLU C 452 42.78 14.42 5.34
CA GLU C 452 43.65 14.77 6.45
C GLU C 452 45.10 14.59 6.04
N ARG C 453 45.95 15.54 6.40
CA ARG C 453 47.37 15.51 6.09
C ARG C 453 48.17 15.64 7.38
N ASP C 454 49.12 14.73 7.57
CA ASP C 454 50.00 14.74 8.73
C ASP C 454 51.44 14.62 8.26
N ILE C 455 52.30 15.54 8.71
CA ILE C 455 53.70 15.55 8.32
C ILE C 455 54.63 15.41 9.52
N SER C 456 54.10 15.02 10.67
CA SER C 456 54.94 14.81 11.85
C SER C 456 55.85 13.60 11.63
N THR C 457 57.11 13.75 12.04
CA THR C 457 58.12 12.71 11.84
C THR C 457 58.67 12.22 13.17
N GLU C 458 57.80 12.09 14.17
CA GLU C 458 58.22 11.56 15.45
C GLU C 458 58.52 10.07 15.35
N ILE C 459 59.43 9.60 16.20
CA ILE C 459 59.84 8.20 16.19
C ILE C 459 58.68 7.34 16.67
N TYR C 460 58.21 6.44 15.81
CA TYR C 460 57.11 5.56 16.18
C TYR C 460 57.58 4.51 17.17
N GLN C 461 56.75 4.27 18.19
CA GLN C 461 57.04 3.32 19.26
C GLN C 461 56.15 2.10 19.10
N ALA C 462 56.75 0.92 19.06
CA ALA C 462 56.01 -0.33 18.93
C ALA C 462 55.88 -1.09 20.23
N GLY C 463 56.89 -1.02 21.11
CA GLY C 463 56.87 -1.71 22.38
C GLY C 463 56.45 -0.80 23.52
N SER C 464 56.63 -1.32 24.73
CA SER C 464 56.27 -0.56 25.92
C SER C 464 57.31 0.52 26.24
N THR C 465 58.58 0.26 25.97
CA THR C 465 59.62 1.23 26.30
C THR C 465 59.50 2.46 25.39
N PRO C 466 59.64 3.66 25.95
CA PRO C 466 59.59 4.87 25.12
C PRO C 466 60.80 4.98 24.22
N CYS C 467 60.61 5.63 23.08
CA CYS C 467 61.69 5.94 22.14
C CYS C 467 62.10 7.38 22.37
N ASN C 468 63.26 7.57 22.99
CA ASN C 468 63.74 8.90 23.36
C ASN C 468 64.44 9.57 22.18
N GLY C 469 63.70 9.71 21.08
CA GLY C 469 64.22 10.36 19.89
C GLY C 469 65.35 9.64 19.21
N VAL C 470 65.48 8.33 19.41
CA VAL C 470 66.56 7.54 18.83
C VAL C 470 66.00 6.22 18.35
N GLU C 471 66.60 5.68 17.29
CA GLU C 471 66.20 4.38 16.77
C GLU C 471 66.61 3.27 17.73
N GLY C 472 65.85 2.18 17.70
CA GLY C 472 66.14 1.06 18.56
C GLY C 472 65.12 -0.04 18.35
N PHE C 473 65.20 -1.06 19.21
CA PHE C 473 64.25 -2.16 19.14
C PHE C 473 62.84 -1.66 19.43
N ASN C 474 61.89 -2.03 18.56
CA ASN C 474 60.51 -1.57 18.64
C ASN C 474 60.41 -0.05 18.56
N CYS C 475 61.38 0.58 17.89
CA CYS C 475 61.39 2.02 17.65
C CYS C 475 61.79 2.24 16.21
N TYR C 476 60.94 2.93 15.45
CA TYR C 476 61.14 3.04 14.01
C TYR C 476 60.93 4.47 13.54
N PHE C 477 61.48 4.76 12.36
CA PHE C 477 61.18 6.00 11.66
C PHE C 477 59.98 5.76 10.75
N PRO C 478 58.89 6.50 10.93
CA PRO C 478 57.65 6.16 10.21
C PRO C 478 57.75 6.28 8.70
N LEU C 479 58.72 7.02 8.17
CA LEU C 479 58.78 7.28 6.74
C LEU C 479 59.68 6.26 6.03
N GLN C 480 59.27 5.90 4.82
CA GLN C 480 60.02 5.00 3.96
C GLN C 480 60.08 5.60 2.57
N SER C 481 60.99 5.07 1.74
CA SER C 481 61.25 5.61 0.41
C SER C 481 60.86 4.60 -0.66
N TYR C 482 60.23 5.09 -1.72
CA TYR C 482 59.94 4.25 -2.87
C TYR C 482 61.23 3.99 -3.66
N GLY C 483 61.47 2.72 -3.97
CA GLY C 483 62.63 2.35 -4.77
C GLY C 483 62.33 2.24 -6.24
N PHE C 484 61.94 3.36 -6.87
CA PHE C 484 61.56 3.34 -8.27
C PHE C 484 62.79 3.10 -9.15
N GLN C 485 62.68 2.15 -10.07
CA GLN C 485 63.73 1.83 -11.02
C GLN C 485 63.11 1.57 -12.38
N PRO C 486 63.82 1.89 -13.46
CA PRO C 486 63.25 1.66 -14.81
C PRO C 486 62.97 0.20 -15.11
N THR C 487 63.74 -0.73 -14.53
CA THR C 487 63.60 -2.15 -14.82
C THR C 487 62.61 -2.85 -13.89
N ASN C 488 61.93 -2.13 -13.01
CA ASN C 488 60.97 -2.74 -12.11
C ASN C 488 59.75 -3.22 -12.88
N GLY C 489 58.98 -4.09 -12.24
CA GLY C 489 57.77 -4.61 -12.84
C GLY C 489 56.69 -3.55 -12.95
N VAL C 490 55.64 -3.90 -13.70
CA VAL C 490 54.55 -2.96 -13.94
C VAL C 490 53.85 -2.59 -12.63
N GLY C 491 53.81 -3.51 -11.67
CA GLY C 491 53.23 -3.21 -10.38
C GLY C 491 54.08 -2.31 -9.51
N TYR C 492 55.40 -2.28 -9.76
CA TYR C 492 56.32 -1.47 -8.97
C TYR C 492 56.71 -0.17 -9.66
N GLN C 493 56.13 0.12 -10.83
CA GLN C 493 56.47 1.37 -11.49
C GLN C 493 55.68 2.53 -10.89
N PRO C 494 56.24 3.74 -10.90
CA PRO C 494 55.55 4.89 -10.34
C PRO C 494 54.31 5.26 -11.16
N TYR C 495 53.30 5.78 -10.46
CA TYR C 495 52.06 6.23 -11.08
C TYR C 495 51.71 7.60 -10.54
N ARG C 496 51.36 8.52 -11.43
CA ARG C 496 50.95 9.87 -11.06
C ARG C 496 49.43 9.91 -10.94
N VAL C 497 48.93 10.43 -9.82
CA VAL C 497 47.51 10.41 -9.50
C VAL C 497 47.05 11.84 -9.21
N VAL C 498 45.94 12.23 -9.83
CA VAL C 498 45.30 13.53 -9.61
C VAL C 498 43.83 13.27 -9.31
N VAL C 499 43.34 13.85 -8.22
CA VAL C 499 41.96 13.73 -7.79
C VAL C 499 41.31 15.10 -7.87
N LEU C 500 40.20 15.19 -8.61
CA LEU C 500 39.46 16.43 -8.75
C LEU C 500 38.19 16.37 -7.91
N SER C 501 37.98 17.40 -7.08
CA SER C 501 36.84 17.48 -6.21
C SER C 501 36.02 18.72 -6.55
N PHE C 502 34.71 18.54 -6.68
CA PHE C 502 33.81 19.63 -7.04
C PHE C 502 32.42 19.34 -6.49
N GLU C 503 31.62 20.40 -6.38
CA GLU C 503 30.24 20.32 -5.91
C GLU C 503 29.33 20.97 -6.94
N LEU C 504 28.13 20.44 -7.10
CA LEU C 504 27.28 20.74 -8.24
C LEU C 504 25.93 21.31 -7.82
N LEU C 505 25.49 22.35 -8.54
CA LEU C 505 24.11 22.80 -8.60
C LEU C 505 23.57 23.30 -7.26
N HIS C 506 24.43 23.71 -6.33
CA HIS C 506 23.97 24.23 -5.05
C HIS C 506 24.54 25.59 -4.69
N ALA C 507 25.59 26.04 -5.36
CA ALA C 507 26.25 27.30 -5.04
C ALA C 507 26.60 28.01 -6.34
N PRO C 508 26.85 29.31 -6.29
CA PRO C 508 27.36 30.01 -7.48
C PRO C 508 28.67 29.39 -7.95
N ALA C 509 28.84 29.31 -9.26
CA ALA C 509 29.96 28.62 -9.87
C ALA C 509 30.75 29.56 -10.77
N THR C 510 32.07 29.35 -10.82
CA THR C 510 32.95 30.11 -11.69
C THR C 510 33.66 29.25 -12.72
N VAL C 511 33.58 27.93 -12.63
CA VAL C 511 34.17 27.02 -13.61
C VAL C 511 33.04 26.31 -14.32
N CYS C 512 32.98 26.47 -15.64
CA CYS C 512 31.91 25.90 -16.45
C CYS C 512 32.50 25.25 -17.69
N GLY C 513 31.66 24.54 -18.43
CA GLY C 513 32.07 23.86 -19.62
C GLY C 513 32.14 24.77 -20.82
N PRO C 514 32.37 24.21 -22.01
CA PRO C 514 32.49 25.01 -23.22
C PRO C 514 31.17 25.46 -23.82
N LYS C 515 30.06 25.35 -23.09
CA LYS C 515 28.77 25.75 -23.62
C LYS C 515 28.72 27.26 -23.83
N LYS C 516 27.92 27.68 -24.81
CA LYS C 516 27.80 29.08 -25.20
C LYS C 516 26.43 29.61 -24.81
N SER C 517 26.39 30.85 -24.34
CA SER C 517 25.17 31.45 -23.83
C SER C 517 24.26 31.91 -24.97
N THR C 518 23.08 32.38 -24.59
CA THR C 518 22.07 32.84 -25.54
C THR C 518 21.28 33.96 -24.88
N ASN C 519 20.66 34.80 -25.71
CA ASN C 519 19.91 35.94 -25.20
C ASN C 519 18.74 35.49 -24.34
N LEU C 520 18.35 36.34 -23.39
CA LEU C 520 17.29 36.02 -22.45
C LEU C 520 15.93 36.33 -23.05
N VAL C 521 14.94 35.50 -22.70
CA VAL C 521 13.56 35.66 -23.15
C VAL C 521 12.66 35.70 -21.93
N LYS C 522 11.75 36.67 -21.89
CA LYS C 522 10.84 36.84 -20.77
C LYS C 522 9.39 36.76 -21.24
N ASN C 523 8.50 36.50 -20.29
CA ASN C 523 7.06 36.39 -20.54
C ASN C 523 6.75 35.32 -21.59
N LYS C 524 7.58 34.29 -21.66
CA LYS C 524 7.42 33.23 -22.64
C LYS C 524 7.84 31.90 -22.03
N CYS C 525 7.22 30.83 -22.52
CA CYS C 525 7.56 29.48 -22.07
C CYS C 525 8.73 28.97 -22.92
N VAL C 526 9.85 28.68 -22.25
CA VAL C 526 11.06 28.24 -22.93
C VAL C 526 11.70 27.10 -22.14
N ASN C 527 12.55 26.35 -22.84
CA ASN C 527 13.50 25.44 -22.21
C ASN C 527 14.75 26.22 -21.84
N PHE C 528 15.21 26.04 -20.60
CA PHE C 528 16.35 26.80 -20.11
C PHE C 528 17.38 25.88 -19.47
N ASN C 529 18.65 26.28 -19.59
CA ASN C 529 19.77 25.58 -18.98
C ASN C 529 20.57 26.63 -18.21
N PHE C 530 20.29 26.75 -16.92
CA PHE C 530 20.91 27.75 -16.05
C PHE C 530 22.02 27.07 -15.26
N ASN C 531 23.27 27.30 -15.67
CA ASN C 531 24.45 26.82 -14.95
C ASN C 531 24.41 25.32 -14.72
N GLY C 532 23.92 24.59 -15.72
CA GLY C 532 23.82 23.15 -15.65
C GLY C 532 22.46 22.62 -15.21
N LEU C 533 21.57 23.49 -14.74
CA LEU C 533 20.23 23.08 -14.33
C LEU C 533 19.30 23.17 -15.53
N THR C 534 18.74 22.03 -15.94
CA THR C 534 17.83 21.98 -17.07
C THR C 534 16.38 22.09 -16.58
N GLY C 535 15.59 22.90 -17.28
CA GLY C 535 14.21 23.05 -16.90
C GLY C 535 13.38 23.64 -18.03
N THR C 536 12.09 23.77 -17.78
CA THR C 536 11.15 24.33 -18.74
C THR C 536 10.13 25.19 -17.99
N GLY C 537 9.87 26.38 -18.51
CA GLY C 537 8.87 27.22 -17.87
C GLY C 537 8.89 28.63 -18.41
N VAL C 538 8.14 29.49 -17.74
CA VAL C 538 8.00 30.90 -18.10
C VAL C 538 8.82 31.72 -17.12
N LEU C 539 9.61 32.65 -17.65
CA LEU C 539 10.51 33.49 -16.87
C LEU C 539 9.93 34.89 -16.76
N THR C 540 9.87 35.42 -15.53
CA THR C 540 9.46 36.80 -15.29
C THR C 540 10.42 37.46 -14.33
N GLU C 541 10.37 38.78 -14.25
CA GLU C 541 11.15 39.49 -13.25
C GLU C 541 10.52 39.32 -11.88
N SER C 542 11.35 39.36 -10.84
CA SER C 542 10.93 39.03 -9.49
C SER C 542 11.28 40.15 -8.52
N ASN C 543 10.47 40.28 -7.48
CA ASN C 543 10.73 41.20 -6.39
C ASN C 543 11.60 40.58 -5.29
N LYS C 544 11.89 39.29 -5.39
CA LYS C 544 12.71 38.62 -4.38
C LYS C 544 14.13 39.15 -4.41
N LYS C 545 14.75 39.26 -3.23
CA LYS C 545 16.11 39.77 -3.08
C LYS C 545 16.95 38.67 -2.44
N PHE C 546 17.83 38.06 -3.23
CA PHE C 546 18.71 37.01 -2.72
C PHE C 546 19.87 37.62 -1.94
N LEU C 547 20.38 36.84 -0.99
CA LEU C 547 21.64 37.18 -0.35
C LEU C 547 22.79 36.89 -1.32
N PRO C 548 23.94 37.54 -1.13
CA PRO C 548 25.05 37.36 -2.10
C PRO C 548 25.48 35.91 -2.27
N PHE C 549 25.43 35.10 -1.22
CA PHE C 549 25.85 33.71 -1.33
C PHE C 549 24.76 32.79 -1.85
N GLN C 550 23.53 33.29 -2.02
CA GLN C 550 22.43 32.48 -2.51
C GLN C 550 22.34 32.54 -4.03
N GLN C 551 21.96 31.43 -4.63
CA GLN C 551 21.83 31.33 -6.08
C GLN C 551 20.47 30.83 -6.53
N PHE C 552 19.85 29.91 -5.79
CA PHE C 552 18.58 29.32 -6.16
C PHE C 552 17.57 29.47 -5.03
N GLY C 553 16.31 29.57 -5.40
CA GLY C 553 15.22 29.56 -4.45
C GLY C 553 14.33 28.36 -4.68
N ARG C 554 13.85 27.75 -3.60
CA ARG C 554 13.08 26.52 -3.69
C ARG C 554 11.75 26.65 -2.97
N ASP C 555 10.75 25.94 -3.48
CA ASP C 555 9.44 25.88 -2.86
C ASP C 555 9.43 24.74 -1.83
N ILE C 556 8.24 24.40 -1.34
CA ILE C 556 8.13 23.27 -0.41
C ILE C 556 8.47 21.97 -1.11
N ALA C 557 8.07 21.83 -2.38
CA ALA C 557 8.30 20.62 -3.15
C ALA C 557 9.68 20.59 -3.81
N ASP C 558 10.63 21.40 -3.32
CA ASP C 558 12.01 21.45 -3.79
C ASP C 558 12.13 21.91 -5.23
N THR C 559 11.03 22.28 -5.87
CA THR C 559 11.09 22.78 -7.24
C THR C 559 11.67 24.19 -7.26
N THR C 560 12.47 24.48 -8.27
CA THR C 560 13.10 25.79 -8.38
C THR C 560 12.04 26.85 -8.67
N ASP C 561 12.08 27.94 -7.91
CA ASP C 561 11.12 29.04 -8.04
C ASP C 561 11.75 30.33 -8.54
N ALA C 562 12.95 30.68 -8.07
CA ALA C 562 13.64 31.89 -8.51
C ALA C 562 15.10 31.57 -8.75
N VAL C 563 15.71 32.33 -9.65
CA VAL C 563 17.10 32.11 -10.06
C VAL C 563 17.74 33.44 -10.38
N ARG C 564 19.01 33.57 -10.02
CA ARG C 564 19.79 34.77 -10.35
C ARG C 564 20.50 34.57 -11.68
N ASP C 565 20.37 35.55 -12.56
CA ASP C 565 20.98 35.46 -13.89
C ASP C 565 22.50 35.49 -13.76
N PRO C 566 23.22 34.57 -14.42
CA PRO C 566 24.69 34.56 -14.28
C PRO C 566 25.37 35.78 -14.88
N GLN C 567 24.71 36.51 -15.78
CA GLN C 567 25.30 37.66 -16.45
C GLN C 567 24.72 38.99 -15.99
N THR C 568 23.40 39.12 -15.99
CA THR C 568 22.74 40.37 -15.63
C THR C 568 22.43 40.46 -14.13
N LEU C 569 22.81 39.44 -13.35
CA LEU C 569 22.66 39.42 -11.89
C LEU C 569 21.25 39.74 -11.43
N GLU C 570 20.26 39.60 -12.31
CA GLU C 570 18.87 39.88 -11.95
C GLU C 570 18.18 38.61 -11.44
N ILE C 571 17.09 38.82 -10.73
CA ILE C 571 16.31 37.72 -10.14
C ILE C 571 15.11 37.45 -11.03
N LEU C 572 14.93 36.17 -11.40
CA LEU C 572 13.86 35.76 -12.30
C LEU C 572 13.05 34.66 -11.66
N ASP C 573 11.73 34.81 -11.68
CA ASP C 573 10.81 33.77 -11.25
C ASP C 573 10.48 32.85 -12.40
N ILE C 574 10.43 31.55 -12.11
CA ILE C 574 10.12 30.51 -13.08
C ILE C 574 8.78 29.90 -12.71
N THR C 575 7.88 29.80 -13.69
CA THR C 575 6.57 29.22 -13.45
C THR C 575 6.30 28.10 -14.45
N PRO C 576 5.59 27.05 -14.02
CA PRO C 576 5.25 25.97 -14.95
C PRO C 576 4.27 26.43 -16.02
N CYS C 577 4.18 25.64 -17.08
CA CYS C 577 3.34 25.97 -18.23
C CYS C 577 2.02 25.21 -18.26
N SER C 578 2.04 23.90 -18.00
CA SER C 578 0.83 23.10 -18.05
C SER C 578 -0.16 23.56 -16.99
N PHE C 579 -1.41 23.76 -17.41
CA PHE C 579 -2.44 24.28 -16.52
C PHE C 579 -3.80 24.12 -17.20
N GLY C 580 -4.78 23.67 -16.42
CA GLY C 580 -6.16 23.62 -16.90
C GLY C 580 -6.62 22.25 -17.33
N GLY C 581 -7.52 21.64 -16.55
CA GLY C 581 -8.06 20.35 -16.93
C GLY C 581 -9.01 20.45 -18.10
N VAL C 582 -9.14 19.34 -18.82
CA VAL C 582 -9.95 19.26 -20.03
C VAL C 582 -10.93 18.10 -19.88
N SER C 583 -12.20 18.35 -20.23
CA SER C 583 -13.23 17.33 -20.19
C SER C 583 -13.89 17.22 -21.55
N VAL C 584 -14.22 15.99 -21.93
CA VAL C 584 -14.87 15.70 -23.20
C VAL C 584 -16.30 15.24 -22.91
N ILE C 585 -17.26 15.88 -23.57
CA ILE C 585 -18.69 15.60 -23.41
C ILE C 585 -19.17 14.99 -24.72
N THR C 586 -19.70 13.77 -24.64
CA THR C 586 -20.13 13.13 -25.88
C THR C 586 -21.32 12.23 -25.60
N PRO C 587 -22.23 12.08 -26.54
CA PRO C 587 -23.22 11.00 -26.46
C PRO C 587 -22.59 9.68 -26.85
N GLY C 588 -23.42 8.64 -26.91
CA GLY C 588 -22.93 7.33 -27.33
C GLY C 588 -22.34 7.38 -28.73
N THR C 589 -21.17 6.76 -28.91
CA THR C 589 -20.55 6.71 -30.23
C THR C 589 -21.40 5.95 -31.23
N ASN C 590 -22.27 5.06 -30.76
CA ASN C 590 -23.22 4.40 -31.65
C ASN C 590 -24.23 5.38 -32.24
N THR C 591 -24.36 6.57 -31.65
CA THR C 591 -25.33 7.56 -32.10
C THR C 591 -24.69 8.62 -33.00
N SER C 592 -23.64 9.28 -32.53
CA SER C 592 -23.04 10.37 -33.28
C SER C 592 -21.58 10.53 -32.89
N ASN C 593 -20.85 11.30 -33.69
CA ASN C 593 -19.43 11.54 -33.49
C ASN C 593 -19.16 12.93 -32.93
N GLN C 594 -20.19 13.74 -32.72
CA GLN C 594 -20.00 15.12 -32.26
C GLN C 594 -19.67 15.15 -30.77
N VAL C 595 -18.74 16.03 -30.39
CA VAL C 595 -18.28 16.16 -29.02
C VAL C 595 -18.20 17.63 -28.65
N ALA C 596 -18.12 17.88 -27.34
CA ALA C 596 -17.92 19.20 -26.79
C ALA C 596 -16.74 19.16 -25.83
N VAL C 597 -16.02 20.28 -25.71
CA VAL C 597 -14.82 20.35 -24.91
C VAL C 597 -15.00 21.41 -23.83
N LEU C 598 -14.72 21.03 -22.57
CA LEU C 598 -14.84 21.92 -21.43
C LEU C 598 -13.46 22.11 -20.81
N TYR C 599 -12.94 23.34 -20.89
CA TYR C 599 -11.70 23.69 -20.23
C TYR C 599 -12.00 24.33 -18.88
N GLN C 600 -11.42 23.78 -17.82
CA GLN C 600 -11.75 24.17 -16.46
C GLN C 600 -10.84 25.28 -15.96
N ASP C 601 -11.42 26.17 -15.15
CA ASP C 601 -10.67 27.20 -14.43
C ASP C 601 -9.95 28.16 -15.37
N VAL C 602 -10.55 28.41 -16.54
CA VAL C 602 -10.01 29.37 -17.49
C VAL C 602 -11.17 30.12 -18.15
N ASN C 603 -10.90 31.35 -18.56
CA ASN C 603 -11.79 32.09 -19.42
C ASN C 603 -11.73 31.58 -20.86
N CYS C 604 -12.67 32.05 -21.67
CA CYS C 604 -12.61 31.91 -23.12
C CYS C 604 -11.92 33.10 -23.77
N THR C 605 -12.01 34.29 -23.14
CA THR C 605 -11.44 35.50 -23.72
C THR C 605 -9.91 35.43 -23.72
N GLU C 606 -9.30 34.87 -22.68
CA GLU C 606 -7.85 34.76 -22.61
C GLU C 606 -7.28 33.76 -23.62
N VAL C 607 -8.15 33.06 -24.36
CA VAL C 607 -7.80 32.13 -25.43
C VAL C 607 -7.10 30.91 -24.81
N PRO C 608 -5.87 30.52 -25.24
CA PRO C 608 -5.54 29.08 -25.25
C PRO C 608 -6.72 28.13 -25.22
N VAL C 609 -7.71 28.37 -26.07
CA VAL C 609 -8.90 27.52 -26.17
C VAL C 609 -9.25 27.34 -27.64
N ALA C 610 -9.68 26.14 -28.00
CA ALA C 610 -10.05 25.84 -29.38
C ALA C 610 -11.09 24.73 -29.44
N ASN C 628 -19.61 26.86 -31.10
CA ASN C 628 -20.05 27.95 -30.22
C ASN C 628 -19.18 28.04 -28.98
N VAL C 629 -19.25 29.17 -28.29
CA VAL C 629 -18.45 29.44 -27.10
C VAL C 629 -19.39 29.85 -25.97
N PHE C 630 -19.25 29.20 -24.82
CA PHE C 630 -20.09 29.50 -23.66
C PHE C 630 -19.20 29.59 -22.44
N GLN C 631 -19.32 30.68 -21.68
CA GLN C 631 -18.55 30.86 -20.46
C GLN C 631 -19.42 30.47 -19.27
N THR C 632 -19.27 29.24 -18.80
CA THR C 632 -20.00 28.77 -17.64
C THR C 632 -19.17 28.98 -16.38
N ARG C 633 -19.84 28.90 -15.23
CA ARG C 633 -19.16 29.07 -13.96
C ARG C 633 -18.09 28.01 -13.72
N ALA C 634 -18.14 26.91 -14.46
CA ALA C 634 -17.14 25.86 -14.37
C ALA C 634 -16.00 26.03 -15.37
N GLY C 635 -16.10 26.97 -16.29
CA GLY C 635 -15.02 27.20 -17.23
C GLY C 635 -15.55 27.61 -18.60
N CYS C 636 -14.89 27.08 -19.63
CA CYS C 636 -15.18 27.44 -21.02
C CYS C 636 -15.64 26.21 -21.77
N LEU C 637 -16.82 26.29 -22.38
CA LEU C 637 -17.40 25.19 -23.13
C LEU C 637 -17.42 25.54 -24.61
N ILE C 638 -16.87 24.65 -25.44
CA ILE C 638 -16.75 24.86 -26.87
C ILE C 638 -17.39 23.67 -27.58
N GLY C 639 -18.23 23.96 -28.57
CA GLY C 639 -18.92 22.92 -29.32
C GLY C 639 -20.37 22.73 -28.96
N ALA C 640 -20.91 23.53 -28.04
CA ALA C 640 -22.31 23.45 -27.65
C ALA C 640 -22.90 24.84 -27.59
N GLU C 641 -24.12 24.98 -28.11
CA GLU C 641 -24.83 26.26 -28.10
C GLU C 641 -25.68 26.38 -26.84
N HIS C 642 -25.99 27.62 -26.48
CA HIS C 642 -26.71 27.93 -25.27
C HIS C 642 -28.16 28.28 -25.60
N VAL C 643 -29.10 27.70 -24.86
CA VAL C 643 -30.51 27.95 -25.04
C VAL C 643 -31.06 28.62 -23.79
N ASN C 644 -32.15 29.36 -23.96
CA ASN C 644 -32.77 30.10 -22.86
C ASN C 644 -33.76 29.25 -22.07
N ASN C 645 -34.11 28.06 -22.54
CA ASN C 645 -35.05 27.21 -21.84
C ASN C 645 -34.36 26.41 -20.74
N SER C 646 -35.17 25.73 -19.93
CA SER C 646 -34.68 24.88 -18.86
C SER C 646 -35.37 23.52 -18.93
N TYR C 647 -34.57 22.45 -18.79
CA TYR C 647 -35.08 21.09 -18.86
C TYR C 647 -34.48 20.28 -17.72
N GLU C 648 -34.85 19.01 -17.65
CA GLU C 648 -34.24 18.10 -16.70
C GLU C 648 -32.80 17.80 -17.11
N CYS C 649 -31.95 17.57 -16.11
CA CYS C 649 -30.54 17.33 -16.38
C CYS C 649 -30.35 15.99 -17.07
N ASP C 650 -29.56 15.98 -18.14
CA ASP C 650 -29.24 14.76 -18.87
C ASP C 650 -27.78 14.37 -18.70
N ILE C 651 -26.85 15.27 -19.03
CA ILE C 651 -25.43 15.06 -18.80
C ILE C 651 -24.95 16.15 -17.85
N PRO C 652 -24.68 15.83 -16.59
CA PRO C 652 -24.31 16.88 -15.63
C PRO C 652 -22.96 17.50 -15.96
N ILE C 653 -22.94 18.81 -16.07
CA ILE C 653 -21.72 19.57 -16.31
C ILE C 653 -21.20 20.23 -15.03
N GLY C 654 -22.11 20.84 -14.26
CA GLY C 654 -21.72 21.46 -13.01
C GLY C 654 -22.14 22.91 -12.89
N ALA C 655 -22.13 23.43 -11.66
CA ALA C 655 -22.50 24.82 -11.38
C ALA C 655 -23.89 25.14 -11.94
N GLY C 656 -24.79 24.17 -11.84
CA GLY C 656 -26.15 24.35 -12.33
C GLY C 656 -26.33 24.19 -13.81
N ILE C 657 -25.30 23.76 -14.54
CA ILE C 657 -25.36 23.62 -15.99
C ILE C 657 -25.33 22.13 -16.33
N CYS C 658 -26.18 21.73 -17.27
CA CYS C 658 -26.22 20.39 -17.80
C CYS C 658 -26.22 20.46 -19.32
N ALA C 659 -25.98 19.31 -19.96
CA ALA C 659 -25.89 19.24 -21.41
C ALA C 659 -26.76 18.11 -21.93
N SER C 660 -27.16 18.23 -23.19
CA SER C 660 -28.02 17.24 -23.83
C SER C 660 -27.77 17.25 -25.33
N TYR C 661 -28.26 16.20 -26.00
CA TYR C 661 -28.15 16.06 -27.45
C TYR C 661 -29.56 16.12 -28.03
N GLN C 662 -29.85 17.18 -28.78
CA GLN C 662 -31.21 17.44 -29.24
C GLN C 662 -31.20 17.84 -30.71
N THR C 663 -32.29 17.53 -31.40
CA THR C 663 -32.45 17.90 -32.79
C THR C 663 -32.67 19.40 -32.94
N SER C 672 -30.03 17.86 -38.26
CA SER C 672 -29.75 19.15 -37.63
C SER C 672 -29.53 18.97 -36.13
N GLN C 673 -29.26 17.73 -35.72
CA GLN C 673 -29.03 17.44 -34.31
C GLN C 673 -27.71 18.06 -33.84
N SER C 674 -27.69 18.50 -32.59
CA SER C 674 -26.51 19.12 -32.01
C SER C 674 -26.59 19.04 -30.50
N ILE C 675 -25.47 19.40 -29.85
CA ILE C 675 -25.35 19.37 -28.40
C ILE C 675 -25.67 20.76 -27.87
N ILE C 676 -26.56 20.81 -26.87
CA ILE C 676 -26.98 22.06 -26.24
C ILE C 676 -26.68 21.98 -24.75
N ALA C 677 -26.54 23.16 -24.14
CA ALA C 677 -26.28 23.29 -22.72
C ALA C 677 -27.30 24.24 -22.10
N TYR C 678 -27.78 23.91 -20.92
CA TYR C 678 -28.84 24.69 -20.28
C TYR C 678 -28.77 24.53 -18.77
N THR C 679 -29.40 25.47 -18.07
CA THR C 679 -29.56 25.37 -16.63
C THR C 679 -30.65 24.36 -16.31
N MET C 680 -30.35 23.43 -15.40
CA MET C 680 -31.30 22.38 -15.06
C MET C 680 -32.51 22.97 -14.34
N SER C 681 -33.65 22.29 -14.50
CA SER C 681 -34.91 22.73 -13.91
C SER C 681 -35.13 21.99 -12.59
N LEU C 682 -35.28 22.74 -11.52
CA LEU C 682 -35.54 22.13 -10.22
C LEU C 682 -36.88 21.41 -10.19
N GLY C 683 -37.89 22.02 -10.80
CA GLY C 683 -39.20 21.40 -10.83
C GLY C 683 -40.25 22.40 -11.30
N ALA C 684 -41.47 21.88 -11.42
CA ALA C 684 -42.58 22.72 -11.85
C ALA C 684 -43.01 23.65 -10.72
N GLU C 685 -43.22 24.93 -11.04
CA GLU C 685 -43.67 25.89 -10.05
C GLU C 685 -45.11 25.62 -9.64
N ASN C 686 -45.41 25.85 -8.37
CA ASN C 686 -46.74 25.58 -7.84
C ASN C 686 -46.99 26.48 -6.64
N SER C 687 -48.26 26.61 -6.27
CA SER C 687 -48.66 27.41 -5.12
C SER C 687 -49.87 26.78 -4.47
N VAL C 688 -50.07 27.10 -3.20
CA VAL C 688 -51.19 26.60 -2.42
C VAL C 688 -52.03 27.79 -1.97
N ALA C 689 -53.33 27.73 -2.23
CA ALA C 689 -54.25 28.80 -1.84
C ALA C 689 -54.51 28.66 -0.33
N TYR C 690 -53.80 29.46 0.45
CA TYR C 690 -53.89 29.38 1.90
C TYR C 690 -54.81 30.46 2.45
N SER C 691 -55.68 30.05 3.36
CA SER C 691 -56.54 30.96 4.10
C SER C 691 -56.86 30.32 5.44
N ASN C 692 -57.35 31.15 6.37
CA ASN C 692 -57.52 30.69 7.75
C ASN C 692 -58.82 29.92 7.97
N ASN C 693 -59.67 29.79 6.95
CA ASN C 693 -60.93 29.10 7.14
C ASN C 693 -61.30 28.19 5.97
N SER C 694 -60.32 27.76 5.16
CA SER C 694 -60.56 26.85 4.05
C SER C 694 -59.71 25.61 4.20
N ILE C 695 -60.31 24.45 3.96
CA ILE C 695 -59.62 23.16 4.06
C ILE C 695 -59.99 22.31 2.86
N ALA C 696 -59.01 21.58 2.33
CA ALA C 696 -59.22 20.71 1.19
C ALA C 696 -59.36 19.27 1.67
N ILE C 697 -60.45 18.62 1.26
CA ILE C 697 -60.78 17.26 1.66
C ILE C 697 -60.78 16.39 0.42
N PRO C 698 -60.07 15.26 0.40
CA PRO C 698 -60.15 14.36 -0.76
C PRO C 698 -61.49 13.69 -0.83
N THR C 699 -61.88 13.33 -2.06
CA THR C 699 -63.14 12.64 -2.30
C THR C 699 -62.98 11.28 -2.96
N ASN C 700 -61.79 10.91 -3.42
CA ASN C 700 -61.58 9.63 -4.08
C ASN C 700 -60.17 9.16 -3.77
N PHE C 701 -59.89 7.91 -4.10
CA PHE C 701 -58.59 7.33 -3.78
C PHE C 701 -58.12 6.42 -4.91
N THR C 702 -56.81 6.20 -4.94
CA THR C 702 -56.18 5.32 -5.91
C THR C 702 -55.22 4.38 -5.19
N ILE C 703 -55.05 3.18 -5.74
CA ILE C 703 -54.13 2.18 -5.22
C ILE C 703 -52.96 2.07 -6.19
N SER C 704 -51.75 2.26 -5.67
CA SER C 704 -50.55 2.25 -6.50
C SER C 704 -49.60 1.15 -6.05
N VAL C 705 -48.81 0.63 -6.99
CA VAL C 705 -47.79 -0.36 -6.72
C VAL C 705 -46.46 0.17 -7.22
N THR C 706 -45.46 0.19 -6.35
CA THR C 706 -44.14 0.72 -6.67
C THR C 706 -43.09 -0.35 -6.45
N THR C 707 -42.12 -0.41 -7.36
CA THR C 707 -41.04 -1.40 -7.29
C THR C 707 -39.77 -0.75 -6.79
N GLU C 708 -39.04 -1.47 -5.93
CA GLU C 708 -37.73 -1.02 -5.50
C GLU C 708 -36.80 -2.23 -5.41
N ILE C 709 -35.50 -1.98 -5.60
CA ILE C 709 -34.51 -3.05 -5.69
C ILE C 709 -33.37 -2.74 -4.74
N LEU C 710 -32.91 -3.77 -4.01
CA LEU C 710 -31.81 -3.62 -3.06
C LEU C 710 -30.83 -4.79 -3.23
N PRO C 711 -29.54 -4.51 -3.44
CA PRO C 711 -28.55 -5.59 -3.47
C PRO C 711 -28.39 -6.22 -2.10
N VAL C 712 -28.06 -7.51 -2.09
CA VAL C 712 -27.98 -8.25 -0.84
C VAL C 712 -26.58 -8.83 -0.64
N SER C 713 -25.90 -9.15 -1.74
CA SER C 713 -24.59 -9.80 -1.66
C SER C 713 -23.91 -9.68 -3.02
N MET C 714 -22.69 -10.23 -3.09
CA MET C 714 -21.90 -10.20 -4.31
C MET C 714 -21.18 -11.55 -4.45
N THR C 715 -20.34 -11.65 -5.47
CA THR C 715 -19.63 -12.91 -5.73
C THR C 715 -18.50 -13.11 -4.73
N LYS C 716 -18.26 -14.37 -4.38
CA LYS C 716 -17.17 -14.73 -3.48
C LYS C 716 -15.95 -15.16 -4.30
N THR C 717 -14.80 -14.58 -3.99
CA THR C 717 -13.59 -14.79 -4.76
C THR C 717 -12.47 -15.27 -3.85
N SER C 718 -11.52 -15.99 -4.46
CA SER C 718 -10.33 -16.46 -3.77
C SER C 718 -9.15 -16.37 -4.72
N VAL C 719 -7.97 -16.12 -4.15
CA VAL C 719 -6.74 -15.95 -4.92
C VAL C 719 -5.66 -16.83 -4.31
N ASP C 720 -4.97 -17.60 -5.15
CA ASP C 720 -3.82 -18.38 -4.73
C ASP C 720 -2.58 -17.53 -4.91
N CYS C 721 -1.99 -17.10 -3.79
CA CYS C 721 -0.92 -16.10 -3.84
C CYS C 721 0.31 -16.64 -4.55
N THR C 722 0.75 -17.85 -4.20
CA THR C 722 1.99 -18.39 -4.76
C THR C 722 1.87 -18.61 -6.27
N MET C 723 0.75 -19.18 -6.71
CA MET C 723 0.58 -19.46 -8.13
C MET C 723 0.49 -18.17 -8.94
N TYR C 724 -0.22 -17.16 -8.42
CA TYR C 724 -0.35 -15.90 -9.12
C TYR C 724 0.99 -15.17 -9.21
N ILE C 725 1.72 -15.10 -8.09
CA ILE C 725 2.97 -14.35 -8.09
C ILE C 725 4.04 -15.07 -8.91
N CYS C 726 4.15 -16.39 -8.76
CA CYS C 726 5.25 -17.14 -9.36
C CYS C 726 4.80 -18.02 -10.52
N GLY C 727 3.83 -18.91 -10.30
CA GLY C 727 3.44 -19.82 -11.37
C GLY C 727 4.53 -20.83 -11.67
N ASP C 728 4.74 -21.77 -10.74
CA ASP C 728 5.86 -22.71 -10.79
C ASP C 728 7.16 -21.95 -10.63
N SER C 729 8.23 -22.40 -11.29
CA SER C 729 9.54 -21.74 -11.22
C SER C 729 10.03 -21.66 -9.77
N THR C 730 10.33 -22.84 -9.23
CA THR C 730 10.64 -23.06 -7.82
C THR C 730 11.57 -22.00 -7.23
N GLU C 731 12.43 -21.39 -8.06
CA GLU C 731 13.26 -20.30 -7.57
C GLU C 731 12.41 -19.14 -7.06
N CYS C 732 11.36 -18.78 -7.80
CA CYS C 732 10.46 -17.72 -7.35
C CYS C 732 9.76 -18.10 -6.07
N SER C 733 9.31 -19.35 -5.95
CA SER C 733 8.65 -19.80 -4.74
C SER C 733 9.59 -19.73 -3.54
N ASN C 734 10.85 -20.12 -3.74
CA ASN C 734 11.83 -20.02 -2.67
C ASN C 734 12.09 -18.57 -2.28
N LEU C 735 12.19 -17.69 -3.27
CA LEU C 735 12.44 -16.28 -2.98
C LEU C 735 11.23 -15.60 -2.34
N LEU C 736 10.04 -16.17 -2.51
CA LEU C 736 8.85 -15.61 -1.91
C LEU C 736 8.80 -15.82 -0.40
N LEU C 737 9.58 -16.77 0.13
CA LEU C 737 9.51 -17.10 1.55
C LEU C 737 10.03 -15.99 2.45
N GLN C 738 10.94 -15.15 1.96
CA GLN C 738 11.51 -14.08 2.78
C GLN C 738 10.53 -12.93 3.02
N TYR C 739 9.38 -12.92 2.36
CA TYR C 739 8.42 -11.82 2.50
C TYR C 739 7.36 -12.07 3.57
N GLY C 740 7.43 -13.19 4.28
CA GLY C 740 6.55 -13.40 5.42
C GLY C 740 5.19 -13.99 5.08
N SER C 741 4.16 -13.55 5.79
CA SER C 741 2.82 -14.11 5.70
C SER C 741 1.82 -13.13 5.08
N PHE C 742 2.26 -12.39 4.05
CA PHE C 742 1.34 -11.50 3.35
C PHE C 742 0.23 -12.28 2.67
N CYS C 743 0.58 -13.40 2.03
CA CYS C 743 -0.42 -14.22 1.34
C CYS C 743 -1.43 -14.79 2.32
N THR C 744 -0.98 -15.18 3.51
CA THR C 744 -1.91 -15.67 4.53
C THR C 744 -2.90 -14.59 4.94
N GLN C 745 -2.42 -13.36 5.12
CA GLN C 745 -3.31 -12.25 5.47
C GLN C 745 -4.32 -11.99 4.36
N LEU C 746 -3.87 -12.03 3.10
CA LEU C 746 -4.79 -11.82 1.98
C LEU C 746 -5.86 -12.91 1.95
N ASN C 747 -5.45 -14.16 2.14
CA ASN C 747 -6.40 -15.27 2.14
C ASN C 747 -7.39 -15.14 3.29
N ARG C 748 -6.90 -14.72 4.46
CA ARG C 748 -7.79 -14.54 5.61
C ARG C 748 -8.84 -13.46 5.32
N ALA C 749 -8.42 -12.34 4.75
CA ALA C 749 -9.37 -11.28 4.43
C ALA C 749 -10.40 -11.75 3.40
N LEU C 750 -9.96 -12.48 2.37
CA LEU C 750 -10.89 -12.97 1.37
C LEU C 750 -11.87 -13.97 1.97
N THR C 751 -11.40 -14.85 2.85
CA THR C 751 -12.27 -15.81 3.50
C THR C 751 -13.30 -15.10 4.39
N GLY C 752 -12.86 -14.06 5.10
CA GLY C 752 -13.80 -13.29 5.90
C GLY C 752 -14.89 -12.66 5.05
N ILE C 753 -14.51 -12.09 3.91
CA ILE C 753 -15.50 -11.50 3.01
C ILE C 753 -16.47 -12.58 2.50
N ALA C 754 -15.94 -13.74 2.14
CA ALA C 754 -16.79 -14.82 1.64
C ALA C 754 -17.79 -15.28 2.70
N VAL C 755 -17.35 -15.39 3.95
CA VAL C 755 -18.26 -15.77 5.03
C VAL C 755 -19.30 -14.69 5.24
N GLU C 756 -18.90 -13.42 5.18
CA GLU C 756 -19.84 -12.32 5.39
C GLU C 756 -20.91 -12.30 4.32
N GLN C 757 -20.58 -12.68 3.08
CA GLN C 757 -21.60 -12.71 2.03
C GLN C 757 -22.73 -13.69 2.38
N ASP C 758 -22.38 -14.91 2.77
CA ASP C 758 -23.39 -15.89 3.13
C ASP C 758 -24.15 -15.46 4.37
N LYS C 759 -23.45 -14.84 5.32
CA LYS C 759 -24.14 -14.32 6.51
C LYS C 759 -25.18 -13.28 6.13
N ASN C 760 -24.83 -12.38 5.22
CA ASN C 760 -25.79 -11.36 4.77
C ASN C 760 -26.99 -12.00 4.09
N THR C 761 -26.75 -12.99 3.22
CA THR C 761 -27.86 -13.64 2.53
C THR C 761 -28.79 -14.32 3.53
N GLN C 762 -28.23 -15.06 4.49
CA GLN C 762 -29.07 -15.74 5.47
C GLN C 762 -29.83 -14.75 6.34
N GLU C 763 -29.18 -13.65 6.72
CA GLU C 763 -29.86 -12.62 7.51
C GLU C 763 -31.02 -12.01 6.75
N VAL C 764 -30.82 -11.72 5.47
CA VAL C 764 -31.86 -11.05 4.68
C VAL C 764 -33.04 -11.98 4.45
N PHE C 765 -32.79 -13.23 4.07
CA PHE C 765 -33.88 -14.09 3.62
C PHE C 765 -34.40 -15.04 4.69
N ALA C 766 -33.53 -15.64 5.50
CA ALA C 766 -33.96 -16.64 6.48
C ALA C 766 -34.46 -15.93 7.74
N GLN C 767 -35.73 -15.54 7.71
CA GLN C 767 -36.37 -14.90 8.83
C GLN C 767 -37.60 -15.63 9.36
N VAL C 768 -38.12 -16.62 8.62
CA VAL C 768 -39.30 -17.37 9.04
C VAL C 768 -38.89 -18.82 9.21
N LYS C 769 -39.40 -19.45 10.28
CA LYS C 769 -39.03 -20.83 10.61
C LYS C 769 -39.89 -21.86 9.87
N GLN C 770 -41.12 -21.51 9.53
CA GLN C 770 -42.05 -22.45 8.90
C GLN C 770 -42.16 -22.16 7.41
N ILE C 771 -42.10 -23.21 6.60
CA ILE C 771 -42.25 -23.08 5.15
C ILE C 771 -43.73 -23.30 4.86
N TYR C 772 -44.49 -22.21 4.86
CA TYR C 772 -45.93 -22.29 4.64
C TYR C 772 -46.23 -22.59 3.18
N LYS C 773 -47.08 -23.57 2.94
CA LYS C 773 -47.47 -23.92 1.58
C LYS C 773 -48.63 -23.06 1.11
N THR C 774 -48.85 -23.07 -0.21
CA THR C 774 -49.92 -22.29 -0.80
C THR C 774 -51.27 -22.77 -0.29
N PRO C 775 -52.19 -21.86 0.04
CA PRO C 775 -53.48 -22.26 0.64
C PRO C 775 -54.31 -23.09 -0.31
N PRO C 776 -55.48 -23.57 0.15
CA PRO C 776 -56.34 -24.40 -0.72
C PRO C 776 -56.90 -23.73 -1.97
N ILE C 777 -56.40 -22.53 -2.32
CA ILE C 777 -56.25 -22.04 -3.69
C ILE C 777 -57.33 -21.03 -4.09
N LYS C 778 -56.89 -19.82 -4.43
CA LYS C 778 -57.69 -18.72 -4.98
C LYS C 778 -59.08 -18.49 -4.39
N ASP C 779 -59.17 -17.97 -3.17
CA ASP C 779 -60.42 -17.44 -2.64
C ASP C 779 -60.18 -16.11 -1.92
N PHE C 780 -59.36 -15.25 -2.53
CA PHE C 780 -58.88 -14.03 -1.89
C PHE C 780 -59.74 -12.81 -2.22
N GLY C 781 -61.05 -12.92 -2.04
CA GLY C 781 -61.93 -11.76 -2.11
C GLY C 781 -61.88 -11.00 -3.42
N GLY C 782 -61.55 -11.66 -4.52
CA GLY C 782 -61.46 -11.03 -5.82
C GLY C 782 -60.08 -10.55 -6.22
N PHE C 783 -59.14 -10.47 -5.27
CA PHE C 783 -57.77 -10.13 -5.62
C PHE C 783 -57.13 -11.28 -6.39
N ASN C 784 -56.24 -10.93 -7.32
CA ASN C 784 -55.57 -11.90 -8.19
C ASN C 784 -54.07 -11.81 -7.94
N PHE C 785 -53.50 -12.86 -7.36
CA PHE C 785 -52.09 -12.93 -7.03
C PHE C 785 -51.32 -13.93 -7.89
N SER C 786 -51.86 -14.27 -9.08
CA SER C 786 -51.21 -15.26 -9.92
C SER C 786 -49.84 -14.81 -10.43
N GLN C 787 -49.60 -13.50 -10.47
CA GLN C 787 -48.32 -13.01 -11.00
C GLN C 787 -47.18 -13.27 -10.03
N ILE C 788 -47.39 -13.01 -8.74
CA ILE C 788 -46.33 -13.14 -7.76
C ILE C 788 -46.25 -14.54 -7.13
N LEU C 789 -47.32 -15.32 -7.21
CA LEU C 789 -47.29 -16.66 -6.65
C LEU C 789 -46.43 -17.58 -7.53
N PRO C 790 -45.78 -18.57 -6.92
CA PRO C 790 -44.88 -19.45 -7.70
C PRO C 790 -45.65 -20.27 -8.72
N ASP C 791 -44.98 -20.56 -9.84
CA ASP C 791 -45.56 -21.38 -10.89
C ASP C 791 -45.20 -22.84 -10.66
N PRO C 792 -46.17 -23.72 -10.39
CA PRO C 792 -45.84 -25.12 -10.10
C PRO C 792 -45.49 -25.95 -11.33
N SER C 793 -45.65 -25.40 -12.54
CA SER C 793 -45.40 -26.16 -13.75
C SER C 793 -43.94 -26.13 -14.19
N LYS C 794 -43.28 -24.99 -14.04
CA LYS C 794 -41.91 -24.85 -14.50
C LYS C 794 -40.97 -25.68 -13.62
N PRO C 795 -39.84 -26.13 -14.18
CA PRO C 795 -38.88 -26.90 -13.36
C PRO C 795 -38.38 -26.14 -12.14
N SER C 796 -38.22 -24.83 -12.24
CA SER C 796 -37.84 -23.99 -11.11
C SER C 796 -39.09 -23.30 -10.57
N LYS C 797 -39.29 -23.38 -9.26
CA LYS C 797 -40.50 -22.86 -8.63
C LYS C 797 -40.40 -21.34 -8.42
N ARG C 798 -40.23 -20.64 -9.53
CA ARG C 798 -40.18 -19.19 -9.54
C ARG C 798 -41.54 -18.62 -9.94
N SER C 799 -41.68 -17.31 -9.75
CA SER C 799 -42.85 -16.58 -10.21
C SER C 799 -42.55 -15.92 -11.55
N PHE C 800 -43.60 -15.38 -12.17
CA PHE C 800 -43.43 -14.70 -13.45
C PHE C 800 -42.53 -13.48 -13.31
N ILE C 801 -42.77 -12.68 -12.26
CA ILE C 801 -41.95 -11.49 -12.03
C ILE C 801 -40.51 -11.90 -11.70
N GLU C 802 -40.34 -12.94 -10.89
CA GLU C 802 -38.99 -13.43 -10.59
C GLU C 802 -38.29 -13.94 -11.85
N ASP C 803 -39.03 -14.63 -12.72
CA ASP C 803 -38.45 -15.08 -13.98
C ASP C 803 -38.00 -13.91 -14.84
N LEU C 804 -38.84 -12.86 -14.93
CA LEU C 804 -38.45 -11.68 -15.69
C LEU C 804 -37.22 -11.02 -15.10
N LEU C 805 -37.15 -10.92 -13.77
CA LEU C 805 -35.99 -10.33 -13.13
C LEU C 805 -34.72 -11.14 -13.39
N PHE C 806 -34.84 -12.47 -13.34
CA PHE C 806 -33.69 -13.31 -13.63
C PHE C 806 -33.25 -13.16 -15.08
N ASN C 807 -34.20 -13.02 -16.01
CA ASN C 807 -33.85 -12.84 -17.41
C ASN C 807 -33.22 -11.47 -17.67
N LYS C 808 -33.62 -10.45 -16.90
CA LYS C 808 -33.13 -9.10 -17.17
C LYS C 808 -31.63 -8.96 -16.84
N VAL C 809 -31.19 -9.60 -15.76
CA VAL C 809 -29.78 -9.50 -15.34
C VAL C 809 -28.99 -10.56 -16.07
N THR C 810 -27.89 -10.14 -16.71
CA THR C 810 -27.06 -11.03 -17.51
C THR C 810 -25.88 -11.53 -16.70
N LEU C 811 -25.54 -12.80 -16.88
CA LEU C 811 -24.39 -13.41 -16.23
C LEU C 811 -23.62 -14.24 -17.25
N ALA C 812 -22.30 -14.27 -17.09
CA ALA C 812 -21.42 -15.04 -17.96
C ALA C 812 -21.13 -16.41 -17.35
N ASP C 813 -20.79 -17.36 -18.23
CA ASP C 813 -20.46 -18.72 -17.84
C ASP C 813 -21.62 -19.37 -17.06
N ALA C 814 -22.73 -19.56 -17.78
CA ALA C 814 -23.91 -20.13 -17.14
C ALA C 814 -23.82 -21.65 -17.08
N GLY C 815 -22.67 -22.15 -16.63
CA GLY C 815 -22.52 -23.53 -16.20
C GLY C 815 -21.82 -23.52 -14.86
N PHE C 816 -21.12 -22.41 -14.59
CA PHE C 816 -20.48 -22.09 -13.32
C PHE C 816 -19.29 -23.00 -13.02
N ILE C 817 -19.04 -23.98 -13.88
CA ILE C 817 -17.95 -24.94 -13.68
C ILE C 817 -17.16 -25.07 -14.97
N LYS C 818 -15.83 -25.03 -14.85
CA LYS C 818 -14.93 -25.24 -15.97
C LYS C 818 -13.74 -26.06 -15.49
N GLN C 819 -13.73 -27.34 -15.83
CA GLN C 819 -12.65 -28.22 -15.44
C GLN C 819 -11.48 -28.09 -16.43
N TYR C 820 -10.45 -28.90 -16.22
CA TYR C 820 -9.30 -28.90 -17.13
C TYR C 820 -9.50 -29.89 -18.27
N GLY C 821 -10.67 -29.83 -18.89
CA GLY C 821 -10.97 -30.62 -20.07
C GLY C 821 -11.65 -29.79 -21.13
N ASP C 822 -12.10 -28.60 -20.75
CA ASP C 822 -12.66 -27.62 -21.66
C ASP C 822 -11.91 -26.28 -21.59
N CYS C 823 -10.93 -26.16 -20.70
CA CYS C 823 -10.13 -24.96 -20.56
C CYS C 823 -8.94 -24.93 -21.50
N LEU C 824 -8.43 -26.09 -21.89
CA LEU C 824 -7.36 -26.20 -22.87
C LEU C 824 -7.86 -26.47 -24.28
N GLY C 825 -9.17 -26.53 -24.48
CA GLY C 825 -9.74 -26.93 -25.75
C GLY C 825 -9.60 -25.92 -26.87
N ASP C 826 -10.53 -25.97 -27.82
CA ASP C 826 -10.48 -25.11 -29.01
C ASP C 826 -10.69 -23.65 -28.69
N ILE C 827 -10.92 -23.28 -27.43
CA ILE C 827 -11.02 -21.87 -27.07
C ILE C 827 -9.66 -21.21 -27.38
N ALA C 828 -9.70 -20.17 -28.20
CA ALA C 828 -8.49 -19.52 -28.72
C ALA C 828 -8.13 -18.32 -27.86
N ALA C 829 -8.40 -18.42 -26.55
CA ALA C 829 -8.26 -17.31 -25.60
C ALA C 829 -9.29 -16.22 -25.89
N ARG C 830 -10.52 -16.65 -26.18
CA ARG C 830 -11.66 -15.75 -26.26
C ARG C 830 -12.33 -15.55 -24.91
N ASP C 831 -12.36 -16.59 -24.09
CA ASP C 831 -12.91 -16.48 -22.73
C ASP C 831 -11.81 -16.11 -21.75
N LEU C 832 -12.09 -15.12 -20.90
CA LEU C 832 -11.17 -14.73 -19.85
C LEU C 832 -11.35 -15.56 -18.58
N ILE C 833 -12.33 -16.47 -18.56
CA ILE C 833 -12.50 -17.35 -17.40
C ILE C 833 -11.27 -18.24 -17.24
N CYS C 834 -10.79 -18.83 -18.34
CA CYS C 834 -9.56 -19.61 -18.28
C CYS C 834 -8.35 -18.74 -17.97
N ALA C 835 -8.32 -17.51 -18.48
CA ALA C 835 -7.22 -16.61 -18.16
C ALA C 835 -7.15 -16.33 -16.65
N GLN C 836 -8.31 -16.17 -16.02
CA GLN C 836 -8.34 -15.97 -14.57
C GLN C 836 -8.00 -17.25 -13.83
N LYS C 837 -8.50 -18.39 -14.30
CA LYS C 837 -8.31 -19.65 -13.58
C LYS C 837 -6.85 -20.10 -13.64
N PHE C 838 -6.17 -19.87 -14.77
CA PHE C 838 -4.78 -20.25 -14.90
C PHE C 838 -3.85 -19.43 -14.02
N ASN C 839 -4.33 -18.34 -13.43
CA ASN C 839 -3.53 -17.49 -12.55
C ASN C 839 -3.94 -17.62 -11.09
N GLY C 840 -4.79 -18.60 -10.75
CA GLY C 840 -5.18 -18.84 -9.38
C GLY C 840 -6.44 -18.15 -8.92
N LEU C 841 -7.05 -17.30 -9.75
CA LEU C 841 -8.28 -16.62 -9.38
C LEU C 841 -9.45 -17.57 -9.50
N THR C 842 -10.21 -17.73 -8.41
CA THR C 842 -11.30 -18.69 -8.35
C THR C 842 -12.55 -18.02 -7.80
N VAL C 843 -13.71 -18.43 -8.29
CA VAL C 843 -15.01 -17.94 -7.83
C VAL C 843 -15.73 -19.08 -7.14
N LEU C 844 -16.21 -18.83 -5.90
CA LEU C 844 -16.83 -19.84 -5.06
C LEU C 844 -18.35 -19.76 -5.14
N PRO C 845 -19.03 -20.89 -4.97
CA PRO C 845 -20.50 -20.89 -5.04
C PRO C 845 -21.12 -20.38 -3.75
N PRO C 846 -22.28 -19.74 -3.84
CA PRO C 846 -23.01 -19.36 -2.62
C PRO C 846 -23.61 -20.58 -1.94
N LEU C 847 -23.82 -20.45 -0.63
CA LEU C 847 -24.39 -21.55 0.15
C LEU C 847 -25.83 -21.81 -0.24
N LEU C 848 -26.64 -20.75 -0.34
CA LEU C 848 -28.05 -20.89 -0.66
C LEU C 848 -28.25 -20.72 -2.16
N THR C 849 -28.69 -21.78 -2.83
CA THR C 849 -29.02 -21.69 -4.24
C THR C 849 -30.32 -20.92 -4.43
N ASP C 850 -30.55 -20.46 -5.67
CA ASP C 850 -31.75 -19.70 -5.96
C ASP C 850 -33.02 -20.52 -5.77
N GLU C 851 -32.94 -21.84 -5.91
CA GLU C 851 -34.10 -22.69 -5.68
C GLU C 851 -34.53 -22.72 -4.23
N MET C 852 -33.67 -22.30 -3.30
CA MET C 852 -34.04 -22.16 -1.89
C MET C 852 -34.53 -20.77 -1.56
N ILE C 853 -33.94 -19.74 -2.17
CA ILE C 853 -34.45 -18.38 -2.01
C ILE C 853 -35.87 -18.28 -2.56
N ALA C 854 -36.14 -18.99 -3.65
CA ALA C 854 -37.50 -19.02 -4.19
C ALA C 854 -38.48 -19.63 -3.21
N GLN C 855 -38.09 -20.73 -2.56
CA GLN C 855 -38.95 -21.34 -1.56
C GLN C 855 -39.18 -20.42 -0.37
N TYR C 856 -38.13 -19.72 0.07
CA TYR C 856 -38.27 -18.78 1.18
C TYR C 856 -39.24 -17.66 0.82
N THR C 857 -39.11 -17.12 -0.40
CA THR C 857 -40.02 -16.06 -0.84
C THR C 857 -41.45 -16.57 -0.95
N SER C 858 -41.62 -17.79 -1.45
CA SER C 858 -42.97 -18.35 -1.54
C SER C 858 -43.59 -18.52 -0.16
N ALA C 859 -42.80 -18.98 0.81
CA ALA C 859 -43.30 -19.12 2.18
C ALA C 859 -43.68 -17.76 2.75
N LEU C 860 -42.86 -16.74 2.52
CA LEU C 860 -43.17 -15.40 3.02
C LEU C 860 -44.46 -14.87 2.38
N LEU C 861 -44.62 -15.07 1.07
CA LEU C 861 -45.84 -14.63 0.40
C LEU C 861 -47.07 -15.34 0.95
N ALA C 862 -46.97 -16.66 1.15
CA ALA C 862 -48.10 -17.40 1.69
C ALA C 862 -48.45 -16.92 3.09
N GLY C 863 -47.43 -16.69 3.93
CA GLY C 863 -47.70 -16.20 5.27
C GLY C 863 -48.35 -14.83 5.29
N THR C 864 -47.84 -13.90 4.46
CA THR C 864 -48.40 -12.56 4.45
C THR C 864 -49.75 -12.49 3.75
N ILE C 865 -50.10 -13.48 2.93
CA ILE C 865 -51.40 -13.47 2.28
C ILE C 865 -52.45 -14.11 3.19
N THR C 866 -52.10 -15.23 3.83
CA THR C 866 -53.10 -15.98 4.59
C THR C 866 -53.30 -15.46 6.01
N SER C 867 -52.23 -15.10 6.71
CA SER C 867 -52.31 -14.76 8.13
C SER C 867 -51.97 -13.32 8.45
N GLY C 868 -51.71 -12.48 7.45
CA GLY C 868 -51.37 -11.09 7.73
C GLY C 868 -50.03 -10.98 8.44
N TRP C 869 -49.99 -10.12 9.46
CA TRP C 869 -48.78 -9.88 10.23
C TRP C 869 -48.63 -10.83 11.42
N THR C 870 -49.58 -11.73 11.63
CA THR C 870 -49.56 -12.56 12.82
C THR C 870 -48.42 -13.57 12.78
N PHE C 871 -48.14 -14.14 11.60
CA PHE C 871 -47.09 -15.15 11.48
C PHE C 871 -45.72 -14.59 11.82
N GLY C 872 -45.52 -13.28 11.63
CA GLY C 872 -44.24 -12.69 11.98
C GLY C 872 -44.00 -12.68 13.49
N ALA C 873 -45.05 -12.42 14.26
CA ALA C 873 -44.92 -12.32 15.71
C ALA C 873 -45.11 -13.64 16.43
N GLY C 874 -45.49 -14.70 15.71
CA GLY C 874 -45.69 -15.99 16.35
C GLY C 874 -46.41 -16.99 15.47
N ALA C 875 -47.34 -17.74 16.06
CA ALA C 875 -48.10 -18.73 15.30
C ALA C 875 -49.03 -18.05 14.31
N ALA C 876 -49.13 -18.62 13.12
CA ALA C 876 -49.96 -18.04 12.07
C ALA C 876 -51.43 -18.33 12.35
N LEU C 877 -52.26 -17.29 12.24
CA LEU C 877 -53.71 -17.39 12.44
C LEU C 877 -54.41 -16.97 11.16
N GLN C 878 -55.27 -17.84 10.65
CA GLN C 878 -55.97 -17.55 9.40
C GLN C 878 -56.98 -16.43 9.59
N ILE C 879 -57.19 -15.68 8.51
CA ILE C 879 -58.13 -14.55 8.51
C ILE C 879 -58.51 -14.24 7.07
N PRO C 880 -59.78 -13.91 6.79
CA PRO C 880 -60.16 -13.54 5.42
C PRO C 880 -59.40 -12.31 4.94
N PHE C 881 -59.10 -12.30 3.64
CA PHE C 881 -58.26 -11.24 3.09
C PHE C 881 -58.99 -9.90 3.10
N ALA C 882 -60.31 -9.91 2.90
CA ALA C 882 -61.06 -8.66 2.92
C ALA C 882 -60.98 -7.98 4.28
N MET C 883 -61.08 -8.77 5.35
CA MET C 883 -60.95 -8.21 6.69
C MET C 883 -59.53 -7.69 6.93
N GLN C 884 -58.52 -8.40 6.41
CA GLN C 884 -57.15 -7.92 6.52
C GLN C 884 -57.00 -6.56 5.85
N MET C 885 -57.59 -6.41 4.65
CA MET C 885 -57.57 -5.11 3.98
C MET C 885 -58.30 -4.05 4.80
N ALA C 886 -59.42 -4.43 5.43
CA ALA C 886 -60.16 -3.48 6.24
C ALA C 886 -59.35 -2.99 7.43
N TYR C 887 -58.66 -3.90 8.10
CA TYR C 887 -57.85 -3.49 9.26
C TYR C 887 -56.62 -2.70 8.84
N ARG C 888 -56.04 -3.03 7.69
CA ARG C 888 -54.93 -2.22 7.20
C ARG C 888 -55.40 -0.83 6.77
N PHE C 889 -56.65 -0.72 6.29
CA PHE C 889 -57.24 0.59 6.03
C PHE C 889 -57.46 1.36 7.33
N ASN C 890 -57.92 0.66 8.37
CA ASN C 890 -58.07 1.30 9.67
C ASN C 890 -56.74 1.79 10.21
N GLY C 891 -55.64 1.08 9.88
CA GLY C 891 -54.33 1.46 10.37
C GLY C 891 -53.83 2.80 9.85
N ILE C 892 -54.42 3.31 8.77
CA ILE C 892 -54.00 4.58 8.19
C ILE C 892 -55.03 5.68 8.43
N GLY C 893 -55.94 5.47 9.38
CA GLY C 893 -56.90 6.51 9.75
C GLY C 893 -58.13 6.59 8.87
N VAL C 894 -58.50 5.53 8.19
CA VAL C 894 -59.69 5.49 7.35
C VAL C 894 -60.62 4.40 7.90
N THR C 895 -61.89 4.73 8.05
CA THR C 895 -62.86 3.78 8.57
C THR C 895 -62.98 2.56 7.65
N GLN C 896 -63.19 1.39 8.26
CA GLN C 896 -63.18 0.15 7.50
C GLN C 896 -64.33 0.05 6.52
N ASN C 897 -65.48 0.66 6.83
CA ASN C 897 -66.65 0.52 5.96
C ASN C 897 -66.37 1.03 4.56
N VAL C 898 -65.49 2.02 4.42
CA VAL C 898 -65.16 2.57 3.11
C VAL C 898 -64.64 1.48 2.19
N LEU C 899 -63.92 0.49 2.74
CA LEU C 899 -63.49 -0.64 1.91
C LEU C 899 -64.68 -1.44 1.43
N TYR C 900 -65.60 -1.79 2.34
CA TYR C 900 -66.69 -2.70 1.99
C TYR C 900 -67.63 -2.09 0.96
N GLU C 901 -67.70 -0.76 0.90
CA GLU C 901 -68.54 -0.09 -0.08
C GLU C 901 -67.83 0.16 -1.41
N ASN C 902 -66.54 -0.15 -1.50
CA ASN C 902 -65.78 0.13 -2.72
C ASN C 902 -64.84 -1.01 -3.09
N GLN C 903 -65.06 -2.19 -2.49
CA GLN C 903 -64.16 -3.31 -2.70
C GLN C 903 -63.96 -3.62 -4.18
N LYS C 904 -65.05 -3.70 -4.94
CA LYS C 904 -64.95 -4.03 -6.35
C LYS C 904 -64.04 -3.06 -7.09
N LEU C 905 -64.04 -1.79 -6.69
CA LEU C 905 -63.08 -0.86 -7.28
C LEU C 905 -61.65 -1.23 -6.90
N ILE C 906 -61.39 -1.37 -5.60
CA ILE C 906 -60.01 -1.49 -5.14
C ILE C 906 -59.32 -2.69 -5.77
N ALA C 907 -59.97 -3.85 -5.72
CA ALA C 907 -59.40 -5.05 -6.33
C ALA C 907 -59.01 -4.77 -7.77
N ASN C 908 -59.94 -4.21 -8.56
CA ASN C 908 -59.62 -3.92 -9.96
C ASN C 908 -58.38 -3.04 -10.04
N GLN C 909 -58.36 -1.95 -9.27
CA GLN C 909 -57.18 -1.09 -9.27
C GLN C 909 -55.93 -1.90 -8.97
N PHE C 910 -55.97 -2.70 -7.91
CA PHE C 910 -54.81 -3.51 -7.56
C PHE C 910 -54.36 -4.34 -8.77
N ASN C 911 -55.31 -5.05 -9.39
CA ASN C 911 -54.95 -5.85 -10.55
C ASN C 911 -54.29 -4.99 -11.61
N SER C 912 -54.93 -3.87 -11.98
CA SER C 912 -54.35 -3.00 -12.98
C SER C 912 -52.94 -2.60 -12.58
N ALA C 913 -52.76 -2.22 -11.31
CA ALA C 913 -51.44 -1.82 -10.86
C ALA C 913 -50.42 -2.90 -11.12
N ILE C 914 -50.70 -4.13 -10.67
CA ILE C 914 -49.71 -5.18 -10.85
C ILE C 914 -49.52 -5.44 -12.34
N GLY C 915 -50.59 -5.33 -13.12
CA GLY C 915 -50.47 -5.51 -14.56
C GLY C 915 -49.46 -4.55 -15.15
N LYS C 916 -49.48 -3.29 -14.70
CA LYS C 916 -48.49 -2.34 -15.18
C LYS C 916 -47.09 -2.86 -14.92
N ILE C 917 -46.82 -3.32 -13.69
CA ILE C 917 -45.49 -3.81 -13.38
C ILE C 917 -45.12 -4.93 -14.34
N GLN C 918 -46.10 -5.78 -14.68
CA GLN C 918 -45.82 -6.94 -15.52
C GLN C 918 -45.18 -6.55 -16.84
N ASP C 919 -45.48 -5.36 -17.37
CA ASP C 919 -44.78 -4.94 -18.58
C ASP C 919 -43.72 -3.89 -18.33
N SER C 920 -43.77 -3.19 -17.18
CA SER C 920 -42.72 -2.23 -16.88
C SER C 920 -41.37 -2.93 -16.74
N LEU C 921 -41.36 -4.08 -16.05
CA LEU C 921 -40.14 -4.88 -15.96
C LEU C 921 -39.69 -5.38 -17.32
N SER C 922 -40.60 -5.44 -18.30
CA SER C 922 -40.23 -5.82 -19.66
C SER C 922 -39.89 -4.62 -20.54
N SER C 923 -40.07 -3.40 -20.03
CA SER C 923 -39.79 -2.22 -20.84
C SER C 923 -38.29 -2.05 -21.08
N THR C 924 -37.50 -2.15 -20.01
CA THR C 924 -36.06 -1.96 -20.13
C THR C 924 -35.36 -2.71 -18.99
N ALA C 925 -34.08 -2.99 -19.21
CA ALA C 925 -33.26 -3.67 -18.20
C ALA C 925 -32.51 -2.71 -17.30
N SER C 926 -32.57 -1.40 -17.57
CA SER C 926 -31.86 -0.43 -16.75
C SER C 926 -32.48 -0.28 -15.36
N ALA C 927 -33.73 -0.71 -15.18
CA ALA C 927 -34.37 -0.60 -13.87
C ALA C 927 -33.62 -1.42 -12.82
N LEU C 928 -32.96 -2.51 -13.23
CA LEU C 928 -32.16 -3.32 -12.34
C LEU C 928 -30.70 -2.93 -12.35
N GLY C 929 -30.39 -1.70 -12.79
CA GLY C 929 -29.01 -1.28 -12.93
C GLY C 929 -28.22 -1.38 -11.64
N LYS C 930 -28.86 -1.05 -10.52
CA LYS C 930 -28.19 -1.14 -9.22
C LYS C 930 -27.66 -2.54 -8.97
N LEU C 931 -28.37 -3.57 -9.43
CA LEU C 931 -27.84 -4.92 -9.34
C LEU C 931 -26.71 -5.14 -10.34
N GLN C 932 -26.91 -4.69 -11.59
CA GLN C 932 -25.96 -4.99 -12.65
C GLN C 932 -24.58 -4.46 -12.34
N ASP C 933 -24.51 -3.21 -11.84
CA ASP C 933 -23.23 -2.64 -11.47
C ASP C 933 -22.49 -3.53 -10.48
N VAL C 934 -23.22 -4.11 -9.52
CA VAL C 934 -22.60 -4.98 -8.53
C VAL C 934 -21.84 -6.11 -9.22
N VAL C 935 -22.43 -6.68 -10.28
CA VAL C 935 -21.71 -7.69 -11.05
C VAL C 935 -20.55 -7.06 -11.80
N ASN C 936 -20.81 -5.93 -12.48
CA ASN C 936 -19.84 -5.39 -13.43
C ASN C 936 -18.51 -5.08 -12.74
N GLN C 937 -18.55 -4.32 -11.64
CA GLN C 937 -17.33 -4.01 -10.91
C GLN C 937 -16.62 -5.29 -10.48
N ASN C 938 -17.39 -6.29 -10.03
CA ASN C 938 -16.77 -7.53 -9.56
C ASN C 938 -16.02 -8.22 -10.67
N ALA C 939 -16.41 -8.00 -11.92
CA ALA C 939 -15.60 -8.45 -13.05
C ALA C 939 -14.55 -7.40 -13.42
N GLN C 940 -14.95 -6.12 -13.38
CA GLN C 940 -14.06 -5.05 -13.81
C GLN C 940 -12.74 -5.08 -13.08
N ALA C 941 -12.77 -5.34 -11.77
CA ALA C 941 -11.54 -5.47 -11.01
C ALA C 941 -10.72 -6.67 -11.46
N LEU C 942 -11.37 -7.83 -11.59
CA LEU C 942 -10.63 -9.07 -11.83
C LEU C 942 -9.87 -9.00 -13.14
N ASN C 943 -10.54 -8.61 -14.23
CA ASN C 943 -9.88 -8.50 -15.51
C ASN C 943 -8.74 -7.48 -15.49
N THR C 944 -8.78 -6.52 -14.56
CA THR C 944 -7.65 -5.62 -14.39
C THR C 944 -6.48 -6.37 -13.76
N LEU C 945 -6.74 -7.11 -12.69
CA LEU C 945 -5.67 -7.76 -11.94
C LEU C 945 -4.86 -8.70 -12.82
N VAL C 946 -5.48 -9.28 -13.84
CA VAL C 946 -4.75 -10.15 -14.76
C VAL C 946 -3.79 -9.33 -15.61
N LYS C 947 -4.26 -8.22 -16.20
CA LYS C 947 -3.45 -7.53 -17.19
C LYS C 947 -2.26 -6.82 -16.57
N GLN C 948 -2.33 -6.49 -15.27
CA GLN C 948 -1.18 -5.92 -14.59
C GLN C 948 -0.02 -6.91 -14.49
N LEU C 949 -0.27 -8.19 -14.78
CA LEU C 949 0.84 -9.14 -14.89
C LEU C 949 1.77 -8.81 -16.05
N SER C 950 1.31 -8.00 -17.01
CA SER C 950 2.15 -7.65 -18.15
C SER C 950 3.12 -6.52 -17.86
N SER C 951 3.04 -5.90 -16.69
CA SER C 951 3.92 -4.78 -16.37
C SER C 951 5.34 -5.27 -16.11
N ASN C 952 6.32 -4.49 -16.59
CA ASN C 952 7.72 -4.84 -16.38
C ASN C 952 8.18 -4.53 -14.96
N PHE C 953 7.64 -3.48 -14.35
CA PHE C 953 8.03 -3.02 -13.01
C PHE C 953 9.52 -2.70 -12.96
N GLY C 954 10.09 -2.21 -14.06
CA GLY C 954 11.49 -1.85 -14.12
C GLY C 954 12.43 -3.00 -14.39
N ALA C 955 11.95 -4.22 -14.49
CA ALA C 955 12.80 -5.36 -14.76
C ALA C 955 13.11 -5.45 -16.25
N ILE C 956 14.07 -6.32 -16.58
CA ILE C 956 14.45 -6.51 -17.98
C ILE C 956 13.31 -7.12 -18.79
N SER C 957 12.44 -7.89 -18.14
CA SER C 957 11.31 -8.51 -18.81
C SER C 957 10.23 -8.80 -17.80
N SER C 958 9.01 -8.98 -18.29
CA SER C 958 7.85 -9.28 -17.45
C SER C 958 7.61 -10.78 -17.31
N VAL C 959 8.45 -11.62 -17.90
CA VAL C 959 8.31 -13.07 -17.84
C VAL C 959 9.42 -13.63 -16.98
N LEU C 960 9.05 -14.45 -15.99
CA LEU C 960 10.06 -15.05 -15.12
C LEU C 960 10.96 -16.02 -15.88
N ASN C 961 10.42 -16.71 -16.89
CA ASN C 961 11.20 -17.69 -17.62
C ASN C 961 12.36 -17.03 -18.37
N ASP C 962 12.13 -15.85 -18.94
CA ASP C 962 13.18 -15.14 -19.65
C ASP C 962 14.35 -14.80 -18.71
N ILE C 963 14.03 -14.31 -17.51
CA ILE C 963 15.07 -13.98 -16.54
C ILE C 963 15.79 -15.25 -16.09
N LEU C 964 15.05 -16.32 -15.83
CA LEU C 964 15.67 -17.56 -15.36
C LEU C 964 16.54 -18.19 -16.43
N SER C 965 16.23 -17.96 -17.71
CA SER C 965 17.01 -18.55 -18.79
C SER C 965 18.15 -17.66 -19.27
N ARG C 966 18.09 -16.36 -19.01
CA ARG C 966 19.13 -15.45 -19.48
C ARG C 966 20.15 -15.09 -18.41
N LEU C 967 19.74 -15.03 -17.15
CA LEU C 967 20.61 -14.60 -16.06
C LEU C 967 20.92 -15.77 -15.13
N ASP C 968 22.02 -15.63 -14.39
CA ASP C 968 22.45 -16.66 -13.45
C ASP C 968 21.71 -16.49 -12.13
N LYS C 969 22.15 -17.22 -11.11
CA LYS C 969 21.45 -17.21 -9.82
C LYS C 969 21.59 -15.87 -9.11
N VAL C 970 22.75 -15.22 -9.22
CA VAL C 970 22.99 -14.03 -8.42
C VAL C 970 22.38 -12.78 -9.06
N GLU C 971 22.19 -12.78 -10.37
CA GLU C 971 21.63 -11.62 -11.05
C GLU C 971 20.13 -11.67 -11.22
N ALA C 972 19.53 -12.86 -11.14
CA ALA C 972 18.09 -12.99 -11.29
C ALA C 972 17.33 -12.52 -10.06
N GLU C 973 17.95 -12.63 -8.88
CA GLU C 973 17.25 -12.31 -7.63
C GLU C 973 16.84 -10.84 -7.60
N VAL C 974 17.71 -9.95 -8.10
CA VAL C 974 17.42 -8.52 -8.04
C VAL C 974 16.15 -8.19 -8.81
N GLN C 975 15.99 -8.78 -10.00
CA GLN C 975 14.80 -8.53 -10.81
C GLN C 975 13.57 -9.24 -10.23
N ILE C 976 13.75 -10.48 -9.76
CA ILE C 976 12.62 -11.25 -9.26
C ILE C 976 12.03 -10.59 -8.02
N ASP C 977 12.89 -10.03 -7.16
CA ASP C 977 12.39 -9.37 -5.95
C ASP C 977 11.52 -8.17 -6.31
N ARG C 978 11.94 -7.37 -7.28
CA ARG C 978 11.15 -6.20 -7.68
C ARG C 978 9.84 -6.62 -8.33
N LEU C 979 9.87 -7.67 -9.16
CA LEU C 979 8.63 -8.19 -9.73
C LEU C 979 7.67 -8.65 -8.64
N ILE C 980 8.21 -9.35 -7.64
CA ILE C 980 7.39 -9.85 -6.53
C ILE C 980 6.78 -8.68 -5.77
N THR C 981 7.57 -7.63 -5.50
CA THR C 981 7.04 -6.47 -4.79
C THR C 981 5.92 -5.81 -5.58
N GLY C 982 6.09 -5.66 -6.89
CA GLY C 982 5.03 -5.06 -7.69
C GLY C 982 3.74 -5.86 -7.68
N ARG C 983 3.87 -7.18 -7.86
CA ARG C 983 2.68 -8.02 -7.87
C ARG C 983 2.01 -8.05 -6.50
N LEU C 984 2.80 -8.04 -5.42
CA LEU C 984 2.24 -7.99 -4.08
C LEU C 984 1.49 -6.69 -3.85
N GLN C 985 2.03 -5.57 -4.34
CA GLN C 985 1.33 -4.29 -4.22
C GLN C 985 0.00 -4.33 -4.97
N SER C 986 -0.01 -4.91 -6.16
CA SER C 986 -1.26 -5.04 -6.90
C SER C 986 -2.28 -5.87 -6.13
N LEU C 987 -1.84 -6.99 -5.55
CA LEU C 987 -2.75 -7.82 -4.77
C LEU C 987 -3.29 -7.07 -3.56
N GLN C 988 -2.43 -6.30 -2.88
CA GLN C 988 -2.88 -5.54 -1.72
C GLN C 988 -3.92 -4.50 -2.10
N THR C 989 -3.70 -3.80 -3.21
CA THR C 989 -4.70 -2.82 -3.67
C THR C 989 -6.04 -3.50 -3.97
N TYR C 990 -5.98 -4.65 -4.66
CA TYR C 990 -7.22 -5.36 -4.97
C TYR C 990 -7.95 -5.79 -3.70
N VAL C 991 -7.21 -6.29 -2.71
CA VAL C 991 -7.84 -6.74 -1.47
C VAL C 991 -8.46 -5.58 -0.72
N THR C 992 -7.78 -4.43 -0.67
CA THR C 992 -8.34 -3.27 0.02
C THR C 992 -9.63 -2.80 -0.64
N GLN C 993 -9.64 -2.72 -1.98
CA GLN C 993 -10.86 -2.31 -2.66
C GLN C 993 -11.99 -3.30 -2.44
N GLN C 994 -11.67 -4.60 -2.43
CA GLN C 994 -12.68 -5.62 -2.16
C GLN C 994 -13.25 -5.46 -0.75
N LEU C 995 -12.39 -5.14 0.23
CA LEU C 995 -12.88 -4.94 1.59
C LEU C 995 -13.83 -3.75 1.67
N ILE C 996 -13.49 -2.65 1.00
CA ILE C 996 -14.38 -1.48 1.02
C ILE C 996 -15.73 -1.83 0.39
N ARG C 997 -15.70 -2.51 -0.76
CA ARG C 997 -16.95 -2.92 -1.40
C ARG C 997 -17.75 -3.85 -0.51
N ALA C 998 -17.07 -4.74 0.22
CA ALA C 998 -17.76 -5.64 1.13
C ALA C 998 -18.45 -4.88 2.25
N ALA C 999 -17.80 -3.84 2.77
CA ALA C 999 -18.45 -3.02 3.79
C ALA C 999 -19.69 -2.33 3.25
N GLU C 1000 -19.60 -1.80 2.03
CA GLU C 1000 -20.77 -1.14 1.43
C GLU C 1000 -21.91 -2.13 1.23
N ILE C 1001 -21.61 -3.32 0.72
CA ILE C 1001 -22.65 -4.33 0.51
C ILE C 1001 -23.23 -4.79 1.84
N ARG C 1002 -22.41 -4.86 2.89
CA ARG C 1002 -22.94 -5.20 4.21
C ARG C 1002 -23.93 -4.17 4.70
N ALA C 1003 -23.62 -2.88 4.51
CA ALA C 1003 -24.57 -1.84 4.89
C ALA C 1003 -25.88 -1.96 4.11
N SER C 1004 -25.77 -2.21 2.80
CA SER C 1004 -26.97 -2.37 1.98
C SER C 1004 -27.80 -3.56 2.42
N ALA C 1005 -27.13 -4.68 2.76
CA ALA C 1005 -27.84 -5.86 3.21
C ALA C 1005 -28.53 -5.63 4.54
N ASN C 1006 -27.88 -4.89 5.44
CA ASN C 1006 -28.52 -4.54 6.72
C ASN C 1006 -29.78 -3.70 6.48
N LEU C 1007 -29.70 -2.73 5.57
CA LEU C 1007 -30.88 -1.94 5.25
C LEU C 1007 -31.99 -2.80 4.67
N ALA C 1008 -31.64 -3.72 3.77
CA ALA C 1008 -32.64 -4.60 3.18
C ALA C 1008 -33.29 -5.50 4.23
N ALA C 1009 -32.50 -6.02 5.17
CA ALA C 1009 -33.05 -6.86 6.22
C ALA C 1009 -33.98 -6.07 7.12
N THR C 1010 -33.62 -4.83 7.46
CA THR C 1010 -34.51 -3.99 8.26
C THR C 1010 -35.82 -3.73 7.53
N LYS C 1011 -35.73 -3.44 6.23
CA LYS C 1011 -36.94 -3.20 5.44
C LYS C 1011 -37.82 -4.43 5.39
N MET C 1012 -37.22 -5.61 5.19
CA MET C 1012 -37.98 -6.86 5.19
C MET C 1012 -38.66 -7.09 6.54
N SER C 1013 -37.94 -6.81 7.63
CA SER C 1013 -38.51 -7.01 8.96
C SER C 1013 -39.68 -6.08 9.22
N GLU C 1014 -39.58 -4.82 8.78
CA GLU C 1014 -40.58 -3.83 9.16
C GLU C 1014 -41.78 -3.78 8.22
N CYS C 1015 -41.55 -3.77 6.91
CA CYS C 1015 -42.64 -3.51 5.98
C CYS C 1015 -43.38 -4.77 5.54
N VAL C 1016 -42.66 -5.85 5.25
CA VAL C 1016 -43.31 -7.07 4.76
C VAL C 1016 -44.11 -7.74 5.88
N LEU C 1017 -43.53 -7.84 7.08
CA LEU C 1017 -44.13 -8.59 8.17
C LEU C 1017 -45.08 -7.75 9.02
N GLY C 1018 -45.34 -6.51 8.63
CA GLY C 1018 -46.25 -5.69 9.40
C GLY C 1018 -46.66 -4.45 8.61
N GLN C 1019 -47.09 -3.43 9.34
CA GLN C 1019 -47.46 -2.15 8.77
C GLN C 1019 -46.61 -1.07 9.42
N SER C 1020 -46.01 -0.21 8.60
CA SER C 1020 -45.08 0.81 9.06
C SER C 1020 -45.73 2.19 8.98
N LYS C 1021 -45.62 2.94 10.06
CA LYS C 1021 -46.12 4.31 10.11
C LYS C 1021 -45.07 5.32 9.67
N ARG C 1022 -43.84 4.89 9.41
CA ARG C 1022 -42.79 5.80 8.98
C ARG C 1022 -43.09 6.33 7.59
N VAL C 1023 -42.92 7.64 7.43
CA VAL C 1023 -43.28 8.31 6.18
C VAL C 1023 -42.20 8.05 5.14
N ASP C 1024 -42.62 7.63 3.95
CA ASP C 1024 -41.76 7.42 2.78
C ASP C 1024 -40.73 6.32 3.00
N PHE C 1025 -40.81 5.58 4.10
CA PHE C 1025 -39.90 4.47 4.32
C PHE C 1025 -40.10 3.37 3.28
N CYS C 1026 -41.36 3.07 2.95
CA CYS C 1026 -41.70 2.05 1.95
C CYS C 1026 -42.67 2.68 0.95
N GLY C 1027 -42.13 3.33 -0.07
CA GLY C 1027 -42.94 3.93 -1.11
C GLY C 1027 -43.53 5.27 -0.68
N LYS C 1028 -44.05 5.99 -1.67
CA LYS C 1028 -44.69 7.27 -1.43
C LYS C 1028 -46.16 7.07 -1.06
N GLY C 1029 -46.65 7.88 -0.13
CA GLY C 1029 -48.01 7.76 0.35
C GLY C 1029 -48.13 6.78 1.50
N TYR C 1030 -49.36 6.63 1.97
CA TYR C 1030 -49.64 5.73 3.08
C TYR C 1030 -49.41 4.29 2.65
N HIS C 1031 -48.80 3.51 3.55
CA HIS C 1031 -48.36 2.15 3.24
C HIS C 1031 -49.42 1.15 3.66
N LEU C 1032 -49.70 0.17 2.81
CA LEU C 1032 -50.64 -0.90 3.10
C LEU C 1032 -49.98 -2.26 3.19
N MET C 1033 -49.30 -2.71 2.15
CA MET C 1033 -48.70 -4.03 2.13
C MET C 1033 -47.44 -4.00 1.27
N SER C 1034 -46.63 -5.06 1.41
CA SER C 1034 -45.43 -5.22 0.60
C SER C 1034 -45.28 -6.69 0.24
N PHE C 1035 -44.66 -6.93 -0.91
CA PHE C 1035 -44.43 -8.29 -1.41
C PHE C 1035 -42.96 -8.41 -1.83
N PRO C 1036 -42.22 -9.38 -1.30
CA PRO C 1036 -40.82 -9.56 -1.70
C PRO C 1036 -40.67 -10.55 -2.85
N GLN C 1037 -39.64 -10.31 -3.66
CA GLN C 1037 -39.28 -11.19 -4.76
C GLN C 1037 -37.77 -11.29 -4.83
N SER C 1038 -37.27 -12.42 -5.32
CA SER C 1038 -35.84 -12.62 -5.44
C SER C 1038 -35.32 -12.01 -6.74
N ALA C 1039 -34.00 -11.81 -6.78
CA ALA C 1039 -33.32 -11.30 -7.97
C ALA C 1039 -31.86 -11.65 -7.85
N PRO C 1040 -31.11 -11.67 -8.98
CA PRO C 1040 -29.69 -12.03 -8.90
C PRO C 1040 -28.92 -11.14 -7.95
N HIS C 1041 -28.46 -11.72 -6.84
CA HIS C 1041 -27.75 -10.98 -5.79
C HIS C 1041 -28.56 -9.80 -5.28
N GLY C 1042 -29.88 -9.98 -5.13
CA GLY C 1042 -30.68 -8.87 -4.65
C GLY C 1042 -32.11 -9.26 -4.39
N VAL C 1043 -32.85 -8.30 -3.83
CA VAL C 1043 -34.26 -8.46 -3.52
C VAL C 1043 -35.04 -7.29 -4.12
N VAL C 1044 -36.29 -7.55 -4.47
CA VAL C 1044 -37.17 -6.56 -5.07
C VAL C 1044 -38.45 -6.50 -4.25
N PHE C 1045 -38.80 -5.30 -3.79
CA PHE C 1045 -40.02 -5.09 -3.02
C PHE C 1045 -41.07 -4.41 -3.88
N LEU C 1046 -42.29 -4.95 -3.86
CA LEU C 1046 -43.45 -4.32 -4.47
C LEU C 1046 -44.31 -3.77 -3.33
N HIS C 1047 -44.42 -2.45 -3.26
CA HIS C 1047 -45.14 -1.78 -2.20
C HIS C 1047 -46.49 -1.30 -2.72
N VAL C 1048 -47.55 -1.57 -1.95
CA VAL C 1048 -48.90 -1.14 -2.28
C VAL C 1048 -49.24 0.06 -1.40
N THR C 1049 -49.62 1.17 -2.04
CA THR C 1049 -49.83 2.43 -1.35
C THR C 1049 -51.19 3.02 -1.72
N TYR C 1050 -51.71 3.83 -0.81
CA TYR C 1050 -53.01 4.47 -0.92
C TYR C 1050 -52.79 5.97 -1.13
N VAL C 1051 -53.33 6.51 -2.22
CA VAL C 1051 -53.09 7.90 -2.61
C VAL C 1051 -54.43 8.62 -2.74
N PRO C 1052 -54.68 9.68 -1.97
CA PRO C 1052 -55.92 10.44 -2.16
C PRO C 1052 -55.89 11.22 -3.47
N ALA C 1053 -57.09 11.53 -3.96
CA ALA C 1053 -57.25 12.26 -5.21
C ALA C 1053 -58.64 12.87 -5.27
N GLN C 1054 -58.81 13.82 -6.18
CA GLN C 1054 -60.07 14.55 -6.38
C GLN C 1054 -60.49 15.27 -5.10
N GLU C 1055 -59.65 16.20 -4.67
CA GLU C 1055 -59.93 16.99 -3.49
C GLU C 1055 -60.87 18.15 -3.81
N LYS C 1056 -61.55 18.63 -2.76
CA LYS C 1056 -62.48 19.74 -2.90
C LYS C 1056 -62.32 20.69 -1.72
N ASN C 1057 -62.61 21.97 -1.98
CA ASN C 1057 -62.56 23.00 -0.94
C ASN C 1057 -63.79 22.94 -0.05
N PHE C 1058 -63.59 23.28 1.22
CA PHE C 1058 -64.68 23.40 2.18
C PHE C 1058 -64.30 24.46 3.20
N THR C 1059 -65.32 24.98 3.89
CA THR C 1059 -65.14 25.96 4.96
C THR C 1059 -65.18 25.23 6.30
N THR C 1060 -64.20 25.50 7.15
CA THR C 1060 -64.04 24.79 8.40
C THR C 1060 -63.99 25.75 9.58
N ALA C 1061 -64.32 25.23 10.75
CA ALA C 1061 -64.29 25.97 12.01
C ALA C 1061 -63.67 25.10 13.09
N PRO C 1062 -63.05 25.70 14.11
CA PRO C 1062 -62.44 24.89 15.17
C PRO C 1062 -63.45 24.18 16.05
N ALA C 1063 -64.50 24.87 16.49
CA ALA C 1063 -65.48 24.29 17.40
C ALA C 1063 -66.83 24.96 17.15
N ILE C 1064 -67.79 24.68 18.03
CA ILE C 1064 -69.15 25.20 17.91
C ILE C 1064 -69.71 25.48 19.30
N CYS C 1065 -70.42 26.60 19.44
CA CYS C 1065 -71.19 26.90 20.65
C CYS C 1065 -72.64 26.49 20.44
N HIS C 1066 -73.17 25.67 21.34
CA HIS C 1066 -74.58 25.31 21.32
C HIS C 1066 -75.32 25.81 22.56
N ASP C 1067 -74.84 25.45 23.75
CA ASP C 1067 -75.40 25.93 25.01
C ASP C 1067 -74.54 26.99 25.67
N GLY C 1068 -73.62 27.58 24.91
CA GLY C 1068 -72.62 28.47 25.46
C GLY C 1068 -71.28 27.82 25.70
N LYS C 1069 -71.21 26.50 25.62
CA LYS C 1069 -69.97 25.75 25.79
C LYS C 1069 -69.42 25.33 24.43
N ALA C 1070 -68.11 25.17 24.37
CA ALA C 1070 -67.45 24.80 23.13
C ALA C 1070 -67.53 23.30 22.90
N HIS C 1071 -67.94 22.92 21.69
CA HIS C 1071 -68.03 21.52 21.30
C HIS C 1071 -66.95 21.22 20.27
N PHE C 1072 -66.06 20.29 20.60
CA PHE C 1072 -64.98 19.89 19.72
C PHE C 1072 -65.28 18.51 19.13
N PRO C 1073 -64.84 18.26 17.89
CA PRO C 1073 -65.11 16.95 17.27
C PRO C 1073 -64.25 15.86 17.91
N ARG C 1074 -64.89 14.73 18.22
CA ARG C 1074 -64.15 13.61 18.78
C ARG C 1074 -63.15 13.06 17.78
N GLU C 1075 -63.52 12.99 16.51
CA GLU C 1075 -62.63 12.54 15.45
C GLU C 1075 -63.04 13.20 14.15
N GLY C 1076 -62.08 13.74 13.43
CA GLY C 1076 -62.33 14.35 12.13
C GLY C 1076 -62.31 15.86 12.16
N VAL C 1077 -62.97 16.45 11.16
CA VAL C 1077 -63.02 17.89 10.98
C VAL C 1077 -64.48 18.31 10.84
N PHE C 1078 -64.74 19.57 11.21
CA PHE C 1078 -66.01 20.22 10.96
C PHE C 1078 -65.93 20.95 9.62
N VAL C 1079 -66.81 20.58 8.70
CA VAL C 1079 -66.86 21.20 7.38
C VAL C 1079 -68.26 21.76 7.15
N SER C 1080 -68.38 22.56 6.10
CA SER C 1080 -69.67 23.11 5.70
C SER C 1080 -69.75 23.15 4.19
N ASN C 1081 -70.90 22.74 3.65
CA ASN C 1081 -71.12 22.76 2.21
C ASN C 1081 -71.66 24.09 1.72
N GLY C 1082 -71.82 25.07 2.60
CA GLY C 1082 -72.30 26.38 2.21
C GLY C 1082 -73.44 26.88 3.08
N THR C 1083 -74.30 25.97 3.53
CA THR C 1083 -75.46 26.35 4.31
C THR C 1083 -75.58 25.54 5.60
N HIS C 1084 -75.00 24.34 5.61
CA HIS C 1084 -75.11 23.43 6.74
C HIS C 1084 -73.73 22.91 7.12
N TRP C 1085 -73.58 22.57 8.39
CA TRP C 1085 -72.32 22.05 8.91
C TRP C 1085 -72.42 20.56 9.17
N PHE C 1086 -71.33 19.85 8.91
CA PHE C 1086 -71.23 18.42 9.13
C PHE C 1086 -69.85 18.11 9.72
N VAL C 1087 -69.70 16.87 10.18
CA VAL C 1087 -68.42 16.36 10.67
C VAL C 1087 -68.01 15.18 9.80
N THR C 1088 -66.76 15.17 9.35
CA THR C 1088 -66.29 14.14 8.45
C THR C 1088 -64.90 13.69 8.87
N GLN C 1089 -64.52 12.50 8.41
CA GLN C 1089 -63.22 11.95 8.75
C GLN C 1089 -62.12 12.65 7.95
N ARG C 1090 -60.89 12.17 8.12
CA ARG C 1090 -59.72 12.90 7.61
C ARG C 1090 -59.50 12.66 6.12
N ASN C 1091 -59.25 11.41 5.72
CA ASN C 1091 -58.75 11.10 4.39
C ASN C 1091 -59.86 10.76 3.40
N PHE C 1092 -61.12 10.85 3.80
CA PHE C 1092 -62.23 10.57 2.89
C PHE C 1092 -63.41 11.45 3.26
N TYR C 1093 -64.17 11.87 2.25
CA TYR C 1093 -65.32 12.75 2.47
C TYR C 1093 -66.50 11.88 2.89
N GLU C 1094 -66.77 11.86 4.20
CA GLU C 1094 -67.88 11.10 4.77
C GLU C 1094 -68.67 12.01 5.70
N PRO C 1095 -69.46 12.93 5.14
CA PRO C 1095 -70.20 13.87 5.99
C PRO C 1095 -71.21 13.15 6.88
N GLN C 1096 -71.34 13.66 8.11
CA GLN C 1096 -72.28 13.12 9.07
C GLN C 1096 -72.88 14.28 9.88
N ILE C 1097 -74.06 14.04 10.43
CA ILE C 1097 -74.74 15.07 11.23
C ILE C 1097 -73.97 15.28 12.54
N ILE C 1098 -73.80 16.54 12.91
CA ILE C 1098 -73.13 16.87 14.16
C ILE C 1098 -73.97 16.36 15.33
N THR C 1099 -73.35 15.61 16.22
CA THR C 1099 -74.06 14.88 17.27
C THR C 1099 -73.27 14.95 18.56
N THR C 1100 -73.97 14.82 19.68
CA THR C 1100 -73.31 14.73 20.98
C THR C 1100 -72.51 13.45 21.14
N ASP C 1101 -72.71 12.46 20.26
CA ASP C 1101 -72.00 11.20 20.36
C ASP C 1101 -70.64 11.22 19.66
N ASN C 1102 -70.47 12.04 18.64
CA ASN C 1102 -69.19 12.17 17.96
C ASN C 1102 -68.47 13.49 18.30
N THR C 1103 -68.93 14.19 19.33
CA THR C 1103 -68.30 15.42 19.79
C THR C 1103 -68.25 15.41 21.30
N PHE C 1104 -67.31 16.17 21.85
CA PHE C 1104 -67.18 16.34 23.29
C PHE C 1104 -67.18 17.82 23.64
N VAL C 1105 -67.30 18.12 24.93
CA VAL C 1105 -67.46 19.48 25.42
C VAL C 1105 -66.33 19.80 26.39
N SER C 1106 -65.83 21.04 26.32
CA SER C 1106 -64.75 21.47 27.21
C SER C 1106 -64.83 22.98 27.37
N GLY C 1107 -65.40 23.42 28.48
CA GLY C 1107 -65.35 24.83 28.85
C GLY C 1107 -66.24 25.71 28.01
N ASN C 1108 -66.26 26.99 28.38
CA ASN C 1108 -67.00 28.01 27.65
C ASN C 1108 -66.27 28.35 26.35
N CYS C 1109 -67.03 28.88 25.39
CA CYS C 1109 -66.49 29.19 24.06
C CYS C 1109 -66.17 30.67 23.88
N ASP C 1110 -65.86 31.37 24.98
CA ASP C 1110 -65.38 32.74 24.87
C ASP C 1110 -63.88 32.81 24.58
N VAL C 1111 -63.17 31.70 24.74
CA VAL C 1111 -61.72 31.68 24.57
C VAL C 1111 -61.33 31.16 23.18
N VAL C 1112 -62.08 30.20 22.65
CA VAL C 1112 -61.75 29.64 21.34
C VAL C 1112 -61.92 30.71 20.28
N ILE C 1113 -60.91 30.84 19.41
CA ILE C 1113 -60.88 31.88 18.38
C ILE C 1113 -61.47 31.31 17.10
N GLY C 1114 -62.41 32.05 16.51
CA GLY C 1114 -62.99 31.63 15.25
C GLY C 1114 -64.12 30.64 15.38
N ILE C 1115 -64.78 30.56 16.53
CA ILE C 1115 -65.84 29.58 16.72
C ILE C 1115 -67.12 30.06 16.05
N VAL C 1116 -67.95 29.10 15.62
CA VAL C 1116 -69.09 29.38 14.75
C VAL C 1116 -70.37 28.91 15.42
N ASN C 1117 -71.41 29.74 15.34
CA ASN C 1117 -72.71 29.42 15.90
C ASN C 1117 -73.38 28.30 15.13
N ASN C 1118 -73.93 27.33 15.85
CA ASN C 1118 -74.66 26.22 15.22
C ASN C 1118 -75.47 25.50 16.30
N THR C 1119 -76.19 24.46 15.87
CA THR C 1119 -77.01 23.64 16.73
C THR C 1119 -76.47 22.21 16.75
N VAL C 1120 -76.39 21.62 17.93
CA VAL C 1120 -75.89 20.26 18.11
C VAL C 1120 -77.08 19.36 18.37
N TYR C 1121 -77.22 18.30 17.56
CA TYR C 1121 -78.35 17.39 17.68
C TYR C 1121 -78.08 16.32 18.73
N ASP C 1122 -79.16 15.90 19.40
CA ASP C 1122 -79.11 14.86 20.41
C ASP C 1122 -80.07 13.74 20.03
N PRO C 1123 -79.60 12.52 19.76
CA PRO C 1123 -80.51 11.42 19.43
C PRO C 1123 -81.37 10.96 20.60
N LEU C 1124 -81.07 11.41 21.82
CA LEU C 1124 -81.84 10.97 22.97
C LEU C 1124 -83.20 11.65 23.04
N GLN C 1125 -83.34 12.82 22.43
CA GLN C 1125 -84.61 13.56 22.52
C GLN C 1125 -85.79 12.84 21.88
N PRO C 1126 -85.70 12.27 20.68
CA PRO C 1126 -86.91 11.66 20.08
C PRO C 1126 -87.54 10.55 20.90
N GLU C 1127 -86.76 9.75 21.61
CA GLU C 1127 -87.34 8.63 22.35
C GLU C 1127 -88.24 9.10 23.48
N LEU C 1128 -88.00 10.29 24.01
CA LEU C 1128 -88.82 10.83 25.08
C LEU C 1128 -89.88 11.79 24.53
#